data_9VL4
#
_entry.id   9VL4
#
_cell.length_a   1.00
_cell.length_b   1.00
_cell.length_c   1.00
_cell.angle_alpha   90.00
_cell.angle_beta   90.00
_cell.angle_gamma   90.00
#
_symmetry.space_group_name_H-M   'P 1'
#
_entity_poly.entity_id   1
_entity_poly.type   'polypeptide(L)'
_entity_poly.pdbx_seq_one_letter_code
;MSNLREYQNRIADIAKRSKAVLGWASTAQFGTDNQFIKDDAARAASILEAARKDPVFAGISDNATAQIATAWASALADYA
AAHKSMPRPEILASCHQTLENCLIESTRNSMDATNKAMLESVAAEMMSVSDGVMRLPLFLAMILPVQLGAATADACTFIP
VTRDQSDIYEVFNVAGSSFGSYAAGDVLDMQSVGVYSQLRRRYVLVASSDGTSKTATFKMEDFEGQNVPIRKGRTNIYVN
RIKSVVDNGSGSLLHSFTNAAGEQITVTCSLNYNIGQIALSFSKAPDKGTEIAIETEINIEAAPELIPLINHEMKKYTLF
PSQFVIAAEHTVQAAYEAQREFGLDLGSLQFRTLKEYLSHEQDMLRLRIMIWRTLATDTFDIALPVNQSFDVWATIIRGK
FQTVYRDIIERVKSSGAMGMFAGADAASFFKQLPKDFFQPAEDYIQTPYVHYIGTLFGNVKVYEVPAGICKNLTTENIQF
SSMDVLCYVRDENPGKAGFVTGDAVPAIPFQHPTTPALVNRTTLWGSAINDMHPRNGADYFTRVTLTMAKKGGLNFISGD
TIDAGDSE
;
_entity_poly.pdbx_strand_id   B,C,D,E,F,A
#
# COMPACT_ATOMS: atom_id res chain seq x y z
N GLU A 125 -7.51 -52.23 -59.66
CA GLU A 125 -7.37 -53.58 -60.17
C GLU A 125 -6.26 -53.63 -61.23
N MET A 126 -6.14 -52.54 -61.99
CA MET A 126 -5.12 -52.40 -63.02
C MET A 126 -3.87 -51.76 -62.42
N MET A 127 -2.71 -52.14 -62.96
CA MET A 127 -1.45 -51.60 -62.47
C MET A 127 -1.22 -50.15 -62.89
N SER A 128 -1.82 -49.71 -64.00
CA SER A 128 -1.55 -48.37 -64.52
C SER A 128 -2.14 -47.30 -63.61
N VAL A 129 -3.34 -47.54 -63.07
CA VAL A 129 -4.04 -46.52 -62.29
C VAL A 129 -3.40 -46.27 -60.94
N SER A 130 -2.36 -47.04 -60.59
CA SER A 130 -1.52 -46.82 -59.42
C SER A 130 -2.25 -47.06 -58.10
N ASP A 131 -3.40 -47.73 -58.12
CA ASP A 131 -4.04 -48.18 -56.90
C ASP A 131 -4.15 -49.69 -56.80
N GLY A 132 -3.81 -50.42 -57.87
CA GLY A 132 -3.81 -51.87 -57.84
C GLY A 132 -2.61 -52.49 -57.14
N VAL A 133 -1.61 -51.68 -56.79
CA VAL A 133 -0.47 -52.20 -56.04
C VAL A 133 -0.94 -52.60 -54.65
N MET A 134 -0.39 -53.70 -54.14
CA MET A 134 -0.88 -54.25 -52.87
C MET A 134 -0.34 -53.46 -51.68
N ARG A 135 0.89 -52.94 -51.79
CA ARG A 135 1.59 -52.23 -50.71
C ARG A 135 1.94 -53.17 -49.56
N LEU A 136 3.03 -52.87 -48.86
CA LEU A 136 3.44 -53.63 -47.69
C LEU A 136 3.83 -52.68 -46.58
N PRO A 137 3.56 -53.05 -45.33
CA PRO A 137 3.82 -52.14 -44.21
C PRO A 137 5.29 -52.14 -43.80
N LEU A 138 5.59 -51.37 -42.77
CA LEU A 138 6.93 -51.26 -42.21
C LEU A 138 6.85 -51.45 -40.70
N PHE A 139 7.96 -51.92 -40.11
CA PHE A 139 7.97 -52.26 -38.70
C PHE A 139 8.22 -51.05 -37.80
N LEU A 140 9.08 -50.13 -38.24
CA LEU A 140 9.46 -48.94 -37.48
C LEU A 140 10.05 -49.38 -36.15
N ALA A 141 9.46 -48.99 -35.00
CA ALA A 141 10.07 -49.28 -33.72
C ALA A 141 9.09 -49.98 -32.76
N MET A 142 9.58 -50.33 -31.57
CA MET A 142 8.79 -51.01 -30.56
C MET A 142 8.99 -50.32 -29.22
N ILE A 143 7.92 -50.21 -28.43
CA ILE A 143 7.93 -49.50 -27.16
C ILE A 143 7.82 -50.51 -26.03
N LEU A 144 8.66 -50.35 -25.01
CA LEU A 144 8.67 -51.19 -23.83
C LEU A 144 8.16 -50.41 -22.63
N PRO A 145 7.60 -51.09 -21.64
CA PRO A 145 7.08 -50.38 -20.45
C PRO A 145 8.18 -49.66 -19.69
N VAL A 146 7.81 -48.55 -19.06
CA VAL A 146 8.75 -47.73 -18.29
C VAL A 146 8.95 -48.34 -16.92
N GLN A 147 9.97 -47.88 -16.20
CA GLN A 147 10.30 -48.43 -14.90
C GLN A 147 9.38 -47.88 -13.82
N LEU A 148 9.41 -48.53 -12.65
CA LEU A 148 8.58 -48.17 -11.52
C LEU A 148 9.44 -47.95 -10.29
N GLY A 149 8.97 -47.08 -9.40
CA GLY A 149 9.69 -46.82 -8.17
C GLY A 149 9.09 -45.65 -7.43
N ALA A 150 9.66 -45.38 -6.26
CA ALA A 150 9.23 -44.28 -5.41
C ALA A 150 10.36 -43.92 -4.46
N ALA A 151 10.28 -42.73 -3.88
CA ALA A 151 11.29 -42.21 -2.96
C ALA A 151 10.62 -41.91 -1.62
N THR A 152 10.57 -42.91 -0.74
CA THR A 152 9.96 -42.76 0.57
C THR A 152 10.85 -43.28 1.69
N ALA A 153 12.13 -43.51 1.43
CA ALA A 153 13.03 -44.07 2.44
C ALA A 153 13.64 -43.03 3.35
N ASP A 154 13.36 -41.74 3.13
CA ASP A 154 13.96 -40.69 3.95
C ASP A 154 13.41 -40.74 5.38
N ALA A 155 12.12 -41.05 5.53
CA ALA A 155 11.47 -41.00 6.83
C ALA A 155 11.68 -42.25 7.67
N CYS A 156 12.23 -43.32 7.10
CA CYS A 156 12.37 -44.59 7.79
C CYS A 156 13.76 -44.71 8.41
N THR A 157 13.86 -45.63 9.37
CA THR A 157 15.13 -45.96 10.03
C THR A 157 15.40 -47.44 9.86
N PHE A 158 16.66 -47.79 9.59
CA PHE A 158 17.06 -49.15 9.31
C PHE A 158 17.64 -49.78 10.58
N ILE A 159 17.14 -50.95 10.94
CA ILE A 159 17.68 -51.70 12.07
C ILE A 159 17.82 -53.16 11.66
N PRO A 160 18.83 -53.87 12.14
CA PRO A 160 18.97 -55.28 11.78
C PRO A 160 17.88 -56.14 12.42
N VAL A 161 17.44 -57.16 11.70
CA VAL A 161 16.47 -58.12 12.18
C VAL A 161 17.00 -59.52 11.93
N THR A 162 17.17 -60.30 13.00
CA THR A 162 17.67 -61.65 12.89
C THR A 162 16.75 -62.71 13.51
N ARG A 163 15.88 -62.34 14.45
CA ARG A 163 14.94 -63.26 15.07
C ARG A 163 13.54 -62.66 15.00
N ASP A 164 12.56 -63.45 15.43
CA ASP A 164 11.17 -63.04 15.26
C ASP A 164 10.78 -61.97 16.28
N GLN A 165 11.35 -62.00 17.48
CA GLN A 165 10.99 -61.05 18.52
C GLN A 165 12.22 -60.31 19.01
N SER A 166 12.00 -59.05 19.39
CA SER A 166 13.06 -58.21 19.96
C SER A 166 12.46 -57.37 21.07
N ASP A 167 13.20 -57.22 22.16
CA ASP A 167 12.72 -56.56 23.36
C ASP A 167 13.47 -55.26 23.59
N ILE A 168 12.77 -54.26 24.12
CA ILE A 168 13.34 -52.96 24.46
C ILE A 168 12.90 -52.61 25.88
N TYR A 169 13.81 -52.04 26.65
CA TYR A 169 13.54 -51.68 28.03
C TYR A 169 13.93 -50.23 28.29
N GLU A 170 13.29 -49.63 29.29
CA GLU A 170 13.62 -48.28 29.72
C GLU A 170 13.33 -48.14 31.21
N VAL A 171 13.90 -47.11 31.81
CA VAL A 171 13.78 -46.84 33.24
C VAL A 171 13.19 -45.46 33.43
N PHE A 172 12.30 -45.34 34.41
CA PHE A 172 11.64 -44.07 34.72
C PHE A 172 11.95 -43.65 36.15
N ASN A 173 12.04 -42.34 36.35
CA ASN A 173 12.18 -41.79 37.70
C ASN A 173 10.81 -41.64 38.34
N VAL A 174 10.68 -42.12 39.57
CA VAL A 174 9.39 -42.19 40.25
C VAL A 174 9.55 -41.62 41.66
N ALA A 175 8.60 -40.77 42.05
CA ALA A 175 8.57 -40.22 43.40
C ALA A 175 8.21 -41.35 44.37
N GLY A 176 9.17 -41.71 45.24
CA GLY A 176 8.95 -42.84 46.13
C GLY A 176 7.86 -42.59 47.16
N SER A 177 7.84 -41.41 47.75
CA SER A 177 6.92 -41.11 48.84
C SER A 177 5.82 -40.16 48.39
N SER A 178 4.62 -40.37 48.92
CA SER A 178 3.48 -39.51 48.64
C SER A 178 3.52 -38.33 49.62
N PHE A 179 4.15 -37.25 49.19
CA PHE A 179 4.35 -36.08 50.03
C PHE A 179 4.34 -34.83 49.17
N GLY A 180 3.81 -33.74 49.72
CA GLY A 180 3.72 -32.51 48.97
C GLY A 180 2.80 -32.64 47.78
N SER A 181 3.16 -31.97 46.69
CA SER A 181 2.34 -32.01 45.48
C SER A 181 2.28 -33.40 44.88
N TYR A 182 3.42 -34.10 44.85
CA TYR A 182 3.48 -35.38 44.18
C TYR A 182 2.87 -36.49 45.05
N ALA A 183 2.52 -37.59 44.39
CA ALA A 183 2.04 -38.79 45.04
C ALA A 183 2.93 -39.97 44.64
N ALA A 184 2.67 -41.11 45.27
CA ALA A 184 3.46 -42.30 44.97
C ALA A 184 3.21 -42.76 43.54
N GLY A 185 4.29 -43.14 42.85
CA GLY A 185 4.21 -43.62 41.49
C GLY A 185 4.25 -42.55 40.42
N ASP A 186 4.29 -41.27 40.80
CA ASP A 186 4.32 -40.21 39.82
C ASP A 186 5.70 -40.09 39.18
N VAL A 187 5.72 -39.77 37.89
CA VAL A 187 6.96 -39.66 37.13
C VAL A 187 7.53 -38.26 37.28
N LEU A 188 8.85 -38.18 37.45
CA LEU A 188 9.57 -36.91 37.52
C LEU A 188 10.44 -36.78 36.28
N ASP A 189 10.34 -35.64 35.61
CA ASP A 189 11.03 -35.44 34.33
C ASP A 189 11.41 -33.97 34.21
N MET A 190 11.75 -33.57 32.98
CA MET A 190 12.22 -32.22 32.71
C MET A 190 11.18 -31.17 33.04
N GLN A 191 9.92 -31.43 32.72
CA GLN A 191 8.84 -30.45 32.88
C GLN A 191 8.08 -30.61 34.18
N SER A 192 8.56 -31.47 35.08
CA SER A 192 7.86 -31.69 36.34
C SER A 192 8.01 -30.47 37.24
N VAL A 193 6.87 -29.97 37.75
CA VAL A 193 6.83 -28.82 38.62
C VAL A 193 6.01 -29.18 39.86
N GLY A 194 6.56 -28.89 41.03
CA GLY A 194 5.85 -29.17 42.26
C GLY A 194 6.78 -28.97 43.44
N VAL A 195 6.17 -28.97 44.63
CA VAL A 195 6.92 -28.83 45.87
C VAL A 195 7.32 -30.21 46.36
N TYR A 196 8.60 -30.37 46.68
CA TYR A 196 9.17 -31.64 47.09
C TYR A 196 10.54 -31.38 47.69
N SER A 197 10.83 -32.05 48.80
CA SER A 197 12.10 -31.91 49.52
C SER A 197 12.36 -30.50 50.02
N GLN A 198 11.39 -29.61 49.91
CA GLN A 198 11.50 -28.23 50.38
C GLN A 198 10.58 -28.03 51.56
N LEU A 199 11.11 -27.42 52.62
CA LEU A 199 10.38 -27.27 53.86
C LEU A 199 9.53 -26.00 53.93
N ARG A 200 9.98 -24.91 53.35
CA ARG A 200 9.22 -23.67 53.37
C ARG A 200 8.15 -23.72 52.28
N ARG A 201 6.89 -23.69 52.69
CA ARG A 201 5.76 -23.82 51.78
C ARG A 201 4.69 -22.80 52.13
N ARG A 202 3.80 -22.55 51.18
CA ARG A 202 2.71 -21.61 51.34
C ARG A 202 1.41 -22.24 50.86
N TYR A 203 0.32 -21.90 51.55
CA TYR A 203 -1.00 -22.45 51.23
C TYR A 203 -2.01 -21.31 51.15
N VAL A 204 -3.01 -21.50 50.30
CA VAL A 204 -4.09 -20.53 50.15
C VAL A 204 -5.23 -20.96 51.06
N LEU A 205 -5.59 -20.10 52.01
CA LEU A 205 -6.62 -20.44 53.00
C LEU A 205 -8.01 -20.16 52.47
N VAL A 206 -8.29 -18.92 52.10
CA VAL A 206 -9.60 -18.51 51.59
C VAL A 206 -9.42 -17.96 50.19
N ALA A 207 -10.00 -18.63 49.19
CA ALA A 207 -9.93 -18.16 47.82
C ALA A 207 -10.69 -16.85 47.65
N SER A 208 -11.88 -16.76 48.26
CA SER A 208 -12.70 -15.56 48.17
C SER A 208 -13.57 -15.46 49.42
N SER A 209 -13.49 -14.32 50.09
CA SER A 209 -14.25 -14.11 51.32
C SER A 209 -15.73 -13.98 51.01
N ASP A 210 -16.57 -14.28 52.00
CA ASP A 210 -18.00 -14.10 51.88
C ASP A 210 -18.47 -12.73 52.31
N GLY A 211 -17.59 -11.92 52.90
CA GLY A 211 -17.94 -10.59 53.34
C GLY A 211 -18.62 -10.50 54.69
N THR A 212 -18.86 -11.63 55.35
CA THR A 212 -19.54 -11.64 56.64
C THR A 212 -18.89 -12.55 57.68
N SER A 213 -17.72 -13.11 57.40
CA SER A 213 -17.04 -14.01 58.33
C SER A 213 -15.95 -13.25 59.07
N LYS A 214 -15.86 -13.49 60.37
CA LYS A 214 -14.86 -12.85 61.22
C LYS A 214 -13.75 -13.80 61.66
N THR A 215 -13.85 -15.08 61.35
CA THR A 215 -12.88 -16.07 61.80
C THR A 215 -12.50 -17.00 60.65
N ALA A 216 -11.29 -17.56 60.75
CA ALA A 216 -10.82 -18.55 59.78
C ALA A 216 -9.74 -19.38 60.46
N THR A 217 -9.79 -20.70 60.26
CA THR A 217 -8.88 -21.62 60.90
C THR A 217 -8.10 -22.40 59.85
N PHE A 218 -6.80 -22.55 60.06
CA PHE A 218 -5.91 -23.27 59.16
C PHE A 218 -5.30 -24.46 59.91
N LYS A 219 -5.53 -25.66 59.38
CA LYS A 219 -5.01 -26.88 59.98
C LYS A 219 -4.19 -27.63 58.94
N MET A 220 -3.04 -28.17 59.37
CA MET A 220 -2.22 -28.97 58.48
C MET A 220 -2.88 -30.29 58.10
N GLU A 221 -3.90 -30.70 58.86
CA GLU A 221 -4.62 -31.93 58.53
C GLU A 221 -5.38 -31.84 57.22
N ASP A 222 -5.57 -30.63 56.69
CA ASP A 222 -6.33 -30.48 55.45
C ASP A 222 -5.42 -30.51 54.24
N PHE A 223 -4.41 -29.63 54.20
CA PHE A 223 -3.47 -29.57 53.09
C PHE A 223 -2.41 -30.66 53.17
N GLU A 224 -2.31 -31.37 54.29
CA GLU A 224 -1.41 -32.50 54.43
C GLU A 224 -2.15 -33.65 55.08
N GLY A 225 -1.57 -34.85 54.99
CA GLY A 225 -2.25 -36.04 55.47
C GLY A 225 -2.49 -36.02 56.97
N GLN A 226 -1.49 -35.58 57.74
CA GLN A 226 -1.54 -35.67 59.19
C GLN A 226 -0.97 -34.41 59.81
N ASN A 227 -0.87 -34.42 61.14
CA ASN A 227 -0.31 -33.29 61.86
C ASN A 227 1.18 -33.14 61.58
N VAL A 228 1.62 -31.90 61.39
CA VAL A 228 3.03 -31.62 61.12
C VAL A 228 3.51 -30.49 62.03
N PRO A 229 4.61 -30.68 62.76
CA PRO A 229 5.14 -29.58 63.57
C PRO A 229 5.67 -28.44 62.71
N ILE A 230 5.64 -27.24 63.28
CA ILE A 230 6.09 -26.04 62.60
C ILE A 230 7.17 -25.38 63.45
N ARG A 231 8.23 -24.90 62.78
CA ARG A 231 9.27 -24.16 63.47
C ARG A 231 8.72 -22.83 63.99
N LYS A 232 9.27 -22.39 65.12
CA LYS A 232 8.82 -21.16 65.74
C LYS A 232 9.49 -19.94 65.10
N GLY A 233 8.74 -18.84 65.05
CA GLY A 233 9.27 -17.59 64.52
C GLY A 233 9.60 -17.63 63.05
N ARG A 234 8.86 -18.41 62.26
CA ARG A 234 9.13 -18.49 60.82
C ARG A 234 7.83 -18.52 60.01
N THR A 235 6.78 -17.88 60.51
CA THR A 235 5.48 -17.88 59.85
C THR A 235 5.11 -16.46 59.43
N ASN A 236 4.36 -16.37 58.35
CA ASN A 236 3.93 -15.09 57.81
C ASN A 236 2.50 -15.21 57.30
N ILE A 237 1.82 -14.08 57.19
CA ILE A 237 0.44 -14.01 56.74
C ILE A 237 0.37 -13.10 55.52
N TYR A 238 -0.25 -13.60 54.45
CA TYR A 238 -0.45 -12.84 53.23
C TYR A 238 -1.91 -12.43 53.12
N VAL A 239 -2.15 -11.13 52.94
CA VAL A 239 -3.47 -10.60 52.69
C VAL A 239 -3.41 -9.88 51.34
N ASN A 240 -4.19 -10.37 50.37
CA ASN A 240 -4.18 -9.85 49.00
C ASN A 240 -2.76 -9.82 48.44
N ARG A 241 -2.02 -10.90 48.67
CA ARG A 241 -0.64 -11.05 48.22
C ARG A 241 0.25 -9.93 48.76
N ILE A 242 0.02 -9.53 50.00
CA ILE A 242 0.86 -8.58 50.71
C ILE A 242 1.24 -9.20 52.04
N LYS A 243 2.53 -9.39 52.27
CA LYS A 243 3.00 -10.11 53.43
C LYS A 243 3.16 -9.17 54.63
N SER A 244 3.19 -9.76 55.82
CA SER A 244 3.31 -9.04 57.08
C SER A 244 4.59 -9.49 57.79
N VAL A 245 4.76 -8.98 59.02
CA VAL A 245 5.92 -9.35 59.82
C VAL A 245 5.77 -10.78 60.33
N VAL A 246 6.89 -11.33 60.81
CA VAL A 246 6.86 -12.68 61.36
C VAL A 246 6.11 -12.68 62.69
N ASP A 247 5.69 -13.88 63.11
CA ASP A 247 4.91 -14.01 64.33
C ASP A 247 5.79 -13.80 65.55
N ASN A 248 5.13 -13.55 66.68
CA ASN A 248 5.82 -13.51 67.96
C ASN A 248 6.37 -14.90 68.29
N GLY A 249 7.42 -14.91 69.11
CA GLY A 249 8.08 -16.17 69.40
C GLY A 249 7.17 -17.15 70.12
N SER A 250 6.53 -16.71 71.20
CA SER A 250 5.76 -17.62 72.04
C SER A 250 4.54 -18.20 71.33
N GLY A 251 3.51 -17.38 71.10
CA GLY A 251 2.30 -17.91 70.51
C GLY A 251 1.44 -17.01 69.64
N SER A 252 1.88 -15.79 69.34
CA SER A 252 0.97 -14.78 68.80
C SER A 252 1.50 -14.15 67.52
N LEU A 253 0.62 -13.42 66.84
CA LEU A 253 0.93 -12.66 65.65
C LEU A 253 -0.01 -11.47 65.57
N LEU A 254 0.52 -10.31 65.22
CA LEU A 254 -0.26 -9.09 65.08
C LEU A 254 -0.08 -8.51 63.69
N HIS A 255 -1.19 -8.13 63.06
CA HIS A 255 -1.15 -7.54 61.73
C HIS A 255 -2.37 -6.67 61.53
N SER A 256 -2.21 -5.62 60.74
CA SER A 256 -3.28 -4.68 60.45
C SER A 256 -3.18 -4.23 58.99
N PHE A 257 -4.33 -4.08 58.35
CA PHE A 257 -4.38 -3.64 56.96
C PHE A 257 -5.54 -2.67 56.79
N THR A 258 -5.44 -1.87 55.73
CA THR A 258 -6.41 -0.80 55.49
C THR A 258 -7.57 -1.33 54.63
N ASN A 259 -8.78 -1.00 55.04
CA ASN A 259 -9.96 -1.37 54.27
C ASN A 259 -9.99 -0.61 52.94
N ALA A 260 -10.74 -1.15 51.98
CA ALA A 260 -10.89 -0.49 50.70
C ALA A 260 -11.57 0.87 50.86
N ALA A 261 -12.57 0.95 51.72
CA ALA A 261 -13.21 2.23 52.01
C ALA A 261 -12.32 3.16 52.82
N GLY A 262 -11.24 2.65 53.39
CA GLY A 262 -10.31 3.46 54.15
C GLY A 262 -10.26 3.16 55.64
N GLU A 263 -11.06 2.23 56.15
CA GLU A 263 -11.05 1.93 57.57
C GLU A 263 -9.85 1.04 57.92
N GLN A 264 -9.68 0.78 59.22
CA GLN A 264 -8.56 -0.01 59.72
C GLN A 264 -9.09 -1.30 60.32
N ILE A 265 -8.45 -2.42 59.96
CA ILE A 265 -8.85 -3.73 60.43
C ILE A 265 -7.63 -4.41 61.02
N THR A 266 -7.79 -4.99 62.21
CA THR A 266 -6.72 -5.67 62.92
C THR A 266 -6.95 -7.17 62.90
N VAL A 267 -5.87 -7.93 62.73
CA VAL A 267 -5.94 -9.40 62.66
C VAL A 267 -5.10 -9.98 63.79
N THR A 268 -5.69 -10.87 64.57
CA THR A 268 -5.02 -11.55 65.66
C THR A 268 -4.93 -13.04 65.35
N CYS A 269 -3.79 -13.64 65.67
CA CYS A 269 -3.53 -15.04 65.35
C CYS A 269 -3.01 -15.77 66.58
N SER A 270 -3.52 -16.98 66.82
CA SER A 270 -3.03 -17.87 67.85
C SER A 270 -2.47 -19.12 67.20
N LEU A 271 -1.28 -19.53 67.62
CA LEU A 271 -0.55 -20.59 66.95
C LEU A 271 -0.32 -21.77 67.88
N ASN A 272 -0.30 -22.96 67.29
CA ASN A 272 0.01 -24.21 68.00
C ASN A 272 1.07 -24.93 67.16
N TYR A 273 2.31 -24.93 67.66
CA TYR A 273 3.41 -25.47 66.87
C TYR A 273 3.38 -27.00 66.79
N ASN A 274 2.87 -27.66 67.83
CA ASN A 274 2.95 -29.12 67.88
C ASN A 274 2.14 -29.77 66.76
N ILE A 275 0.93 -29.27 66.51
CA ILE A 275 0.04 -29.85 65.51
C ILE A 275 -0.16 -28.96 64.30
N GLY A 276 0.44 -27.78 64.28
CA GLY A 276 0.31 -26.89 63.13
C GLY A 276 -1.08 -26.35 62.91
N GLN A 277 -1.68 -25.78 63.95
CA GLN A 277 -2.99 -25.16 63.87
C GLN A 277 -2.89 -23.68 64.16
N ILE A 278 -3.49 -22.85 63.30
CA ILE A 278 -3.48 -21.40 63.44
C ILE A 278 -4.91 -20.91 63.32
N ALA A 279 -5.34 -20.07 64.26
CA ALA A 279 -6.68 -19.51 64.26
C ALA A 279 -6.59 -18.01 64.01
N LEU A 280 -7.47 -17.49 63.16
CA LEU A 280 -7.49 -16.09 62.79
C LEU A 280 -8.81 -15.45 63.22
N SER A 281 -8.73 -14.23 63.73
CA SER A 281 -9.90 -13.46 64.12
C SER A 281 -9.76 -12.05 63.59
N PHE A 282 -10.86 -11.49 63.11
CA PHE A 282 -10.88 -10.15 62.53
C PHE A 282 -11.71 -9.22 63.39
N SER A 283 -11.29 -7.95 63.45
CA SER A 283 -12.09 -6.94 64.13
C SER A 283 -13.44 -6.76 63.46
N LYS A 284 -13.45 -6.76 62.13
CA LYS A 284 -14.70 -6.72 61.37
C LYS A 284 -14.52 -7.54 60.10
N ALA A 285 -15.63 -7.94 59.52
CA ALA A 285 -15.60 -8.79 58.33
C ALA A 285 -14.93 -8.05 57.18
N PRO A 286 -14.01 -8.71 56.45
CA PRO A 286 -13.38 -8.04 55.30
C PRO A 286 -14.34 -7.85 54.15
N ASP A 287 -13.84 -7.31 53.03
CA ASP A 287 -14.67 -7.07 51.87
C ASP A 287 -15.04 -8.38 51.19
N LYS A 288 -15.84 -8.29 50.13
CA LYS A 288 -16.28 -9.48 49.42
C LYS A 288 -15.12 -10.17 48.72
N GLY A 289 -14.34 -9.42 47.95
CA GLY A 289 -13.20 -10.00 47.27
C GLY A 289 -11.91 -9.86 48.05
N THR A 290 -11.54 -10.92 48.77
CA THR A 290 -10.30 -10.91 49.54
C THR A 290 -9.82 -12.35 49.69
N GLU A 291 -8.51 -12.54 49.62
CA GLU A 291 -7.89 -13.85 49.78
C GLU A 291 -6.83 -13.81 50.87
N ILE A 292 -6.69 -14.93 51.58
CA ILE A 292 -5.75 -15.06 52.68
C ILE A 292 -4.81 -16.21 52.37
N ALA A 293 -3.52 -15.99 52.54
CA ALA A 293 -2.50 -17.02 52.33
C ALA A 293 -1.56 -17.06 53.51
N ILE A 294 -1.05 -18.25 53.79
CA ILE A 294 -0.20 -18.49 54.96
C ILE A 294 1.10 -19.16 54.49
N GLU A 295 2.23 -18.64 54.95
CA GLU A 295 3.54 -19.18 54.62
C GLU A 295 4.21 -19.67 55.89
N THR A 296 4.63 -20.93 55.89
CA THR A 296 5.30 -21.54 57.03
C THR A 296 6.40 -22.46 56.52
N GLU A 297 7.07 -23.14 57.44
CA GLU A 297 8.05 -24.16 57.10
C GLU A 297 7.94 -25.32 58.07
N ILE A 298 8.26 -26.51 57.56
CA ILE A 298 8.10 -27.74 58.33
C ILE A 298 9.30 -27.96 59.22
N ASN A 299 9.04 -28.29 60.49
CA ASN A 299 10.10 -28.60 61.45
C ASN A 299 10.47 -30.07 61.26
N ILE A 300 11.37 -30.33 60.30
CA ILE A 300 11.81 -31.70 60.05
C ILE A 300 12.55 -32.27 61.25
N GLU A 301 13.13 -31.41 62.09
CA GLU A 301 13.86 -31.89 63.26
C GLU A 301 12.93 -32.62 64.23
N ALA A 302 11.73 -32.08 64.45
CA ALA A 302 10.80 -32.71 65.39
C ALA A 302 10.31 -34.05 64.87
N ALA A 303 10.11 -34.16 63.56
CA ALA A 303 9.62 -35.39 62.94
C ALA A 303 10.67 -35.90 61.96
N PRO A 304 11.54 -36.82 62.37
CA PRO A 304 12.56 -37.34 61.44
C PRO A 304 11.99 -38.08 60.25
N GLU A 305 10.75 -38.53 60.32
CA GLU A 305 10.11 -39.21 59.20
C GLU A 305 9.60 -38.17 58.21
N LEU A 306 8.77 -38.61 57.26
CA LEU A 306 8.19 -37.77 56.20
C LEU A 306 9.24 -37.25 55.23
N ILE A 307 10.43 -37.82 55.25
CA ILE A 307 11.49 -37.45 54.31
C ILE A 307 11.19 -38.11 52.97
N PRO A 308 11.13 -37.35 51.88
CA PRO A 308 10.76 -37.93 50.59
C PRO A 308 11.81 -38.90 50.07
N LEU A 309 11.37 -39.79 49.19
CA LEU A 309 12.23 -40.82 48.61
C LEU A 309 12.09 -40.80 47.08
N ILE A 310 12.97 -41.55 46.42
CA ILE A 310 12.99 -41.65 44.97
C ILE A 310 13.18 -43.12 44.59
N ASN A 311 12.41 -43.57 43.61
CA ASN A 311 12.44 -44.97 43.17
C ASN A 311 12.47 -45.00 41.64
N HIS A 312 12.33 -46.20 41.07
CA HIS A 312 12.41 -46.37 39.63
C HIS A 312 11.48 -47.51 39.21
N GLU A 313 11.30 -47.65 37.89
CA GLU A 313 10.43 -48.65 37.31
C GLU A 313 10.95 -49.03 35.93
N MET A 314 10.40 -50.10 35.37
CA MET A 314 10.80 -50.61 34.06
C MET A 314 9.58 -51.01 33.24
N LYS A 315 9.76 -50.98 31.91
CA LYS A 315 8.73 -51.39 30.95
C LYS A 315 9.37 -52.34 29.93
N LYS A 316 8.57 -52.72 28.92
CA LYS A 316 9.06 -53.59 27.86
C LYS A 316 8.23 -53.40 26.60
N TYR A 317 8.83 -53.75 25.46
CA TYR A 317 8.16 -53.65 24.17
C TYR A 317 8.66 -54.78 23.28
N THR A 318 7.92 -55.04 22.20
CA THR A 318 8.20 -56.16 21.31
C THR A 318 8.05 -55.72 19.85
N LEU A 319 8.57 -56.56 18.95
CA LEU A 319 8.51 -56.30 17.52
C LEU A 319 8.52 -57.63 16.77
N PHE A 320 8.01 -57.61 15.53
CA PHE A 320 8.02 -58.79 14.68
C PHE A 320 7.78 -58.41 13.22
N PRO A 321 8.40 -59.11 12.26
CA PRO A 321 8.22 -58.78 10.84
C PRO A 321 7.05 -59.49 10.18
N SER A 322 6.89 -59.27 8.87
CA SER A 322 5.83 -59.92 8.09
C SER A 322 6.41 -60.51 6.81
N GLN A 323 5.57 -61.07 5.95
CA GLN A 323 6.02 -61.77 4.75
C GLN A 323 5.33 -61.22 3.51
N PHE A 324 5.79 -61.67 2.35
CA PHE A 324 5.21 -61.33 1.06
C PHE A 324 5.54 -62.45 0.07
N VAL A 325 4.76 -62.53 -1.00
CA VAL A 325 4.92 -63.59 -2.00
C VAL A 325 4.25 -63.15 -3.31
N ILE A 326 4.85 -63.55 -4.43
CA ILE A 326 4.32 -63.21 -5.75
C ILE A 326 4.83 -64.26 -6.73
N ALA A 327 4.18 -64.33 -7.90
CA ALA A 327 4.53 -65.33 -8.90
C ALA A 327 4.12 -64.83 -10.28
N ALA A 328 4.62 -65.52 -11.31
CA ALA A 328 4.32 -65.20 -12.70
C ALA A 328 4.15 -66.50 -13.48
N GLU A 329 3.47 -66.40 -14.62
CA GLU A 329 3.11 -67.57 -15.42
C GLU A 329 3.27 -67.26 -16.90
N HIS A 330 3.75 -68.27 -17.65
CA HIS A 330 3.82 -68.19 -19.10
C HIS A 330 3.92 -69.60 -19.65
N THR A 331 3.58 -69.75 -20.93
CA THR A 331 3.53 -71.04 -21.60
C THR A 331 4.64 -71.17 -22.62
N VAL A 332 4.91 -72.42 -23.02
CA VAL A 332 6.00 -72.70 -23.95
C VAL A 332 5.68 -72.19 -25.34
N GLN A 333 4.47 -72.48 -25.84
CA GLN A 333 4.13 -72.11 -27.22
C GLN A 333 4.10 -70.60 -27.40
N ALA A 334 3.55 -69.87 -26.43
CA ALA A 334 3.53 -68.41 -26.52
C ALA A 334 4.95 -67.85 -26.53
N ALA A 335 5.82 -68.39 -25.68
CA ALA A 335 7.20 -67.92 -25.66
C ALA A 335 7.91 -68.19 -26.97
N TYR A 336 7.70 -69.38 -27.56
CA TYR A 336 8.31 -69.70 -28.83
C TYR A 336 7.80 -68.80 -29.94
N GLU A 337 6.49 -68.52 -29.95
CA GLU A 337 5.93 -67.64 -30.96
C GLU A 337 6.48 -66.22 -30.82
N ALA A 338 6.58 -65.72 -29.59
CA ALA A 338 7.13 -64.39 -29.37
C ALA A 338 8.59 -64.33 -29.80
N GLN A 339 9.36 -65.37 -29.50
CA GLN A 339 10.76 -65.39 -29.91
C GLN A 339 10.89 -65.43 -31.44
N ARG A 340 10.04 -66.20 -32.10
CA ARG A 340 10.11 -66.29 -33.55
C ARG A 340 9.70 -64.99 -34.23
N GLU A 341 8.67 -64.32 -33.69
CA GLU A 341 8.15 -63.11 -34.33
C GLU A 341 8.95 -61.87 -33.94
N PHE A 342 9.18 -61.65 -32.65
CA PHE A 342 9.82 -60.43 -32.18
C PHE A 342 11.20 -60.65 -31.57
N GLY A 343 11.59 -61.88 -31.29
CA GLY A 343 12.88 -62.14 -30.67
C GLY A 343 12.99 -61.60 -29.26
N LEU A 344 11.96 -61.82 -28.44
CA LEU A 344 11.94 -61.37 -27.06
C LEU A 344 12.00 -62.57 -26.13
N ASP A 345 12.57 -62.35 -24.94
CA ASP A 345 12.65 -63.38 -23.91
C ASP A 345 11.63 -63.06 -22.82
N LEU A 346 10.67 -63.96 -22.61
CA LEU A 346 9.61 -63.71 -21.65
C LEU A 346 10.07 -63.91 -20.21
N GLY A 347 10.96 -64.88 -19.97
CA GLY A 347 11.38 -65.16 -18.60
C GLY A 347 12.08 -63.97 -17.95
N SER A 348 13.02 -63.36 -18.65
CA SER A 348 13.71 -62.19 -18.11
C SER A 348 12.73 -61.03 -17.92
N LEU A 349 11.80 -60.86 -18.85
CA LEU A 349 10.80 -59.80 -18.73
C LEU A 349 9.99 -59.95 -17.44
N GLN A 350 9.45 -61.15 -17.21
CA GLN A 350 8.66 -61.39 -16.01
C GLN A 350 9.51 -61.26 -14.75
N PHE A 351 10.74 -61.77 -14.80
CA PHE A 351 11.62 -61.68 -13.64
C PHE A 351 11.87 -60.23 -13.25
N ARG A 352 12.25 -59.40 -14.21
CA ARG A 352 12.52 -58.00 -13.92
C ARG A 352 11.25 -57.27 -13.49
N THR A 353 10.11 -57.61 -14.10
CA THR A 353 8.86 -56.99 -13.70
C THR A 353 8.54 -57.28 -12.24
N LEU A 354 8.69 -58.53 -11.82
CA LEU A 354 8.45 -58.89 -10.42
C LEU A 354 9.42 -58.17 -9.49
N LYS A 355 10.71 -58.14 -9.88
CA LYS A 355 11.71 -57.49 -9.03
C LYS A 355 11.38 -56.02 -8.83
N GLU A 356 10.99 -55.32 -9.90
CA GLU A 356 10.64 -53.91 -9.77
C GLU A 356 9.38 -53.72 -8.94
N TYR A 357 8.34 -54.53 -9.22
CA TYR A 357 7.06 -54.35 -8.57
C TYR A 357 7.14 -54.58 -7.06
N LEU A 358 8.00 -55.52 -6.63
CA LEU A 358 8.15 -55.75 -5.20
C LEU A 358 8.58 -54.49 -4.47
N SER A 359 9.66 -53.85 -4.94
CA SER A 359 10.14 -52.63 -4.30
C SER A 359 9.14 -51.50 -4.43
N HIS A 360 8.48 -51.39 -5.59
CA HIS A 360 7.49 -50.34 -5.78
C HIS A 360 6.38 -50.44 -4.74
N GLU A 361 5.82 -51.65 -4.57
CA GLU A 361 4.75 -51.80 -3.60
C GLU A 361 5.25 -51.69 -2.17
N GLN A 362 6.51 -52.07 -1.89
CA GLN A 362 7.04 -51.85 -0.55
C GLN A 362 7.07 -50.37 -0.21
N ASP A 363 7.53 -49.53 -1.15
CA ASP A 363 7.53 -48.09 -0.91
C ASP A 363 6.12 -47.56 -0.75
N MET A 364 5.19 -48.01 -1.59
CA MET A 364 3.81 -47.55 -1.49
C MET A 364 3.20 -47.94 -0.15
N LEU A 365 3.50 -49.15 0.32
CA LEU A 365 2.99 -49.60 1.61
C LEU A 365 3.58 -48.77 2.75
N ARG A 366 4.87 -48.43 2.66
CA ARG A 366 5.46 -47.55 3.65
C ARG A 366 4.70 -46.22 3.72
N LEU A 367 4.44 -45.63 2.55
CA LEU A 367 3.70 -44.36 2.51
C LEU A 367 2.31 -44.53 3.11
N ARG A 368 1.63 -45.63 2.78
CA ARG A 368 0.29 -45.85 3.30
C ARG A 368 0.30 -45.98 4.83
N ILE A 369 1.28 -46.70 5.38
CA ILE A 369 1.36 -46.85 6.83
C ILE A 369 1.59 -45.49 7.48
N MET A 370 2.56 -44.72 6.95
CA MET A 370 2.86 -43.43 7.53
C MET A 370 1.66 -42.50 7.49
N ILE A 371 0.91 -42.50 6.39
CA ILE A 371 -0.24 -41.60 6.31
C ILE A 371 -1.39 -42.10 7.18
N TRP A 372 -1.55 -43.43 7.33
CA TRP A 372 -2.70 -43.94 8.07
C TRP A 372 -2.52 -43.79 9.58
N ARG A 373 -1.32 -44.03 10.10
CA ARG A 373 -1.17 -44.09 11.55
C ARG A 373 -1.01 -42.72 12.21
N THR A 374 -1.04 -41.63 11.45
CA THR A 374 -0.91 -40.30 12.03
C THR A 374 -2.11 -39.97 12.90
N LEU A 375 -1.88 -39.19 13.95
CA LEU A 375 -2.93 -38.78 14.87
C LEU A 375 -3.03 -37.28 15.08
N ALA A 376 -1.95 -36.53 14.93
CA ALA A 376 -1.94 -35.10 15.16
C ALA A 376 -2.47 -34.35 13.94
N THR A 377 -3.23 -33.29 14.19
CA THR A 377 -3.83 -32.49 13.14
C THR A 377 -3.61 -31.02 13.42
N ASP A 378 -3.57 -30.22 12.34
CA ASP A 378 -3.44 -28.78 12.44
C ASP A 378 -3.93 -28.17 11.14
N THR A 379 -4.41 -26.93 11.23
CA THR A 379 -4.93 -26.21 10.08
C THR A 379 -4.29 -24.84 9.98
N PHE A 380 -4.17 -24.35 8.75
CA PHE A 380 -3.58 -23.04 8.49
C PHE A 380 -3.98 -22.52 7.12
N ASP A 381 -4.71 -21.41 7.08
CA ASP A 381 -5.08 -20.81 5.80
C ASP A 381 -3.84 -20.24 5.12
N ILE A 382 -3.75 -20.44 3.81
CA ILE A 382 -2.57 -20.06 3.04
C ILE A 382 -2.86 -19.00 1.99
N ALA A 383 -4.11 -18.57 1.83
CA ALA A 383 -4.43 -17.57 0.83
C ALA A 383 -3.65 -16.28 1.07
N LEU A 384 -3.06 -15.74 0.02
CA LEU A 384 -2.24 -14.55 0.13
C LEU A 384 -3.12 -13.31 0.28
N PRO A 385 -2.85 -12.42 1.23
CA PRO A 385 -3.57 -11.15 1.29
C PRO A 385 -3.33 -10.33 0.04
N VAL A 386 -4.34 -9.54 -0.33
CA VAL A 386 -4.31 -8.84 -1.62
C VAL A 386 -3.18 -7.81 -1.65
N ASN A 387 -3.00 -7.05 -0.59
CA ASN A 387 -2.08 -5.91 -0.57
C ASN A 387 -0.80 -6.22 0.21
N GLN A 388 -0.29 -7.43 0.10
CA GLN A 388 0.92 -7.83 0.81
C GLN A 388 1.93 -8.45 -0.14
N SER A 389 3.20 -8.14 0.09
CA SER A 389 4.29 -8.76 -0.64
C SER A 389 4.57 -10.16 -0.09
N PHE A 390 5.44 -10.88 -0.80
CA PHE A 390 5.69 -12.28 -0.46
C PHE A 390 6.57 -12.44 0.79
N ASP A 391 7.34 -11.42 1.16
CA ASP A 391 8.26 -11.57 2.28
C ASP A 391 7.51 -11.78 3.60
N VAL A 392 6.47 -10.99 3.84
CA VAL A 392 5.73 -11.09 5.10
C VAL A 392 5.03 -12.43 5.20
N TRP A 393 4.39 -12.85 4.10
CA TRP A 393 3.70 -14.14 4.11
C TRP A 393 4.68 -15.29 4.29
N ALA A 394 5.85 -15.20 3.66
CA ALA A 394 6.86 -16.23 3.85
C ALA A 394 7.34 -16.28 5.30
N THR A 395 7.50 -15.12 5.92
CA THR A 395 7.90 -15.09 7.33
C THR A 395 6.83 -15.72 8.21
N ILE A 396 5.55 -15.43 7.94
CA ILE A 396 4.48 -16.02 8.73
C ILE A 396 4.44 -17.53 8.56
N ILE A 397 4.61 -18.01 7.33
CA ILE A 397 4.61 -19.44 7.07
C ILE A 397 5.78 -20.11 7.78
N ARG A 398 6.96 -19.49 7.73
CA ARG A 398 8.12 -20.02 8.43
C ARG A 398 7.86 -20.11 9.92
N GLY A 399 7.26 -19.07 10.49
CA GLY A 399 6.94 -19.10 11.91
C GLY A 399 5.99 -20.23 12.26
N LYS A 400 4.94 -20.41 11.45
CA LYS A 400 3.97 -21.47 11.72
C LYS A 400 4.63 -22.85 11.66
N PHE A 401 5.47 -23.07 10.64
CA PHE A 401 6.12 -24.38 10.53
C PHE A 401 7.13 -24.61 11.64
N GLN A 402 7.84 -23.55 12.06
CA GLN A 402 8.74 -23.70 13.19
C GLN A 402 7.99 -24.03 14.47
N THR A 403 6.81 -23.43 14.67
CA THR A 403 5.98 -23.80 15.82
C THR A 403 5.55 -25.25 15.75
N VAL A 404 5.17 -25.72 14.56
CA VAL A 404 4.75 -27.11 14.41
C VAL A 404 5.90 -28.06 14.76
N TYR A 405 7.09 -27.78 14.24
CA TYR A 405 8.23 -28.63 14.53
C TYR A 405 8.66 -28.54 15.99
N ARG A 406 8.51 -27.36 16.61
CA ARG A 406 8.77 -27.25 18.03
C ARG A 406 7.81 -28.13 18.83
N ASP A 407 6.54 -28.16 18.42
CA ASP A 407 5.58 -29.04 19.10
C ASP A 407 5.97 -30.51 18.93
N ILE A 408 6.39 -30.90 17.73
CA ILE A 408 6.76 -32.29 17.51
C ILE A 408 8.00 -32.65 18.33
N ILE A 409 8.95 -31.72 18.45
CA ILE A 409 10.14 -31.99 19.26
C ILE A 409 9.77 -32.09 20.74
N GLU A 410 8.88 -31.22 21.19
CA GLU A 410 8.45 -31.25 22.60
C GLU A 410 7.76 -32.57 22.92
N ARG A 411 6.90 -33.06 22.03
CA ARG A 411 6.24 -34.33 22.26
C ARG A 411 7.24 -35.49 22.24
N VAL A 412 8.14 -35.48 21.24
CA VAL A 412 9.11 -36.56 21.12
C VAL A 412 10.16 -36.49 22.23
N LYS A 413 10.59 -35.28 22.58
CA LYS A 413 11.68 -35.07 23.54
C LYS A 413 12.99 -35.67 23.04
N SER A 414 13.28 -35.46 21.76
CA SER A 414 14.54 -35.88 21.16
C SER A 414 14.77 -35.06 19.91
N SER A 415 16.02 -35.06 19.45
CA SER A 415 16.42 -34.34 18.24
C SER A 415 16.60 -35.30 17.08
N GLY A 416 16.55 -34.75 15.88
CA GLY A 416 16.71 -35.56 14.68
C GLY A 416 16.61 -34.73 13.43
N ALA A 417 16.52 -35.44 12.32
CA ALA A 417 16.45 -34.81 11.00
C ALA A 417 15.08 -34.14 10.80
N MET A 418 15.03 -33.27 9.80
CA MET A 418 13.82 -32.52 9.46
C MET A 418 13.31 -32.99 8.11
N GLY A 419 12.03 -33.39 8.07
CA GLY A 419 11.42 -33.90 6.86
C GLY A 419 10.07 -33.25 6.60
N MET A 420 9.51 -33.57 5.43
CA MET A 420 8.24 -32.99 5.00
C MET A 420 7.71 -33.76 3.81
N PHE A 421 6.39 -34.01 3.83
CA PHE A 421 5.68 -34.57 2.69
C PHE A 421 4.57 -33.61 2.29
N ALA A 422 4.51 -33.27 1.00
CA ALA A 422 3.60 -32.26 0.52
C ALA A 422 2.90 -32.72 -0.75
N GLY A 423 1.72 -32.15 -1.00
CA GLY A 423 0.96 -32.45 -2.19
C GLY A 423 1.42 -31.62 -3.38
N ALA A 424 0.71 -31.80 -4.49
CA ALA A 424 1.07 -31.09 -5.72
C ALA A 424 0.88 -29.59 -5.59
N ASP A 425 -0.31 -29.17 -5.12
CA ASP A 425 -0.58 -27.74 -5.00
C ASP A 425 0.24 -27.11 -3.88
N ALA A 426 0.47 -27.83 -2.79
CA ALA A 426 1.31 -27.32 -1.72
C ALA A 426 2.74 -27.10 -2.21
N ALA A 427 3.28 -28.06 -2.98
CA ALA A 427 4.62 -27.89 -3.54
C ALA A 427 4.64 -26.73 -4.53
N SER A 428 3.58 -26.57 -5.33
CA SER A 428 3.51 -25.47 -6.26
C SER A 428 3.54 -24.12 -5.53
N PHE A 429 2.78 -24.01 -4.45
CA PHE A 429 2.80 -22.77 -3.67
C PHE A 429 4.17 -22.55 -3.03
N PHE A 430 4.80 -23.62 -2.54
CA PHE A 430 6.12 -23.48 -1.93
C PHE A 430 7.15 -23.01 -2.94
N LYS A 431 7.05 -23.47 -4.19
CA LYS A 431 7.99 -23.05 -5.23
C LYS A 431 7.90 -21.56 -5.50
N GLN A 432 6.75 -20.94 -5.22
CA GLN A 432 6.57 -19.52 -5.46
C GLN A 432 7.36 -18.64 -4.49
N LEU A 433 7.92 -19.23 -3.43
CA LEU A 433 8.62 -18.45 -2.42
C LEU A 433 9.93 -17.88 -2.97
N PRO A 434 10.45 -16.83 -2.34
CA PRO A 434 11.72 -16.24 -2.80
C PRO A 434 12.91 -17.15 -2.59
N LYS A 435 14.11 -16.64 -2.92
CA LYS A 435 15.29 -17.48 -3.00
C LYS A 435 15.69 -18.00 -1.62
N ASP A 436 15.96 -17.10 -0.67
CA ASP A 436 16.53 -17.53 0.60
C ASP A 436 15.55 -18.33 1.43
N PHE A 437 14.24 -18.25 1.12
CA PHE A 437 13.28 -19.06 1.86
C PHE A 437 13.21 -20.49 1.32
N PHE A 438 13.42 -20.67 0.01
CA PHE A 438 13.29 -21.97 -0.62
C PHE A 438 14.41 -22.16 -1.64
N GLN A 439 15.21 -23.19 -1.44
CA GLN A 439 16.31 -23.51 -2.35
C GLN A 439 15.89 -24.65 -3.27
N PRO A 440 15.72 -24.41 -4.57
CA PRO A 440 15.32 -25.49 -5.48
C PRO A 440 16.46 -26.48 -5.70
N ALA A 441 16.07 -27.70 -6.04
CA ALA A 441 17.05 -28.74 -6.37
C ALA A 441 17.73 -28.42 -7.69
N GLU A 442 19.02 -28.74 -7.78
CA GLU A 442 19.77 -28.47 -9.00
C GLU A 442 19.34 -29.43 -10.10
N ASP A 443 19.21 -28.89 -11.32
CA ASP A 443 18.83 -29.65 -12.50
C ASP A 443 17.52 -30.41 -12.27
N TYR A 444 16.61 -29.78 -11.55
CA TYR A 444 15.35 -30.42 -11.20
C TYR A 444 14.41 -30.41 -12.39
N ILE A 445 13.84 -31.58 -12.71
CA ILE A 445 12.90 -31.74 -13.80
C ILE A 445 11.63 -32.38 -13.26
N GLN A 446 10.52 -32.14 -13.95
CA GLN A 446 9.23 -32.63 -13.50
C GLN A 446 9.06 -34.10 -13.87
N THR A 447 8.64 -34.90 -12.90
CA THR A 447 8.42 -36.32 -13.09
C THR A 447 7.09 -36.72 -12.47
N PRO A 448 6.44 -37.76 -13.01
CA PRO A 448 5.19 -38.24 -12.41
C PRO A 448 5.43 -39.13 -11.19
N TYR A 449 6.68 -39.24 -10.77
CA TYR A 449 7.04 -40.04 -9.62
C TYR A 449 6.95 -39.21 -8.34
N VAL A 450 7.23 -39.86 -7.22
CA VAL A 450 7.45 -39.16 -5.95
C VAL A 450 8.92 -38.88 -5.82
N HIS A 451 9.30 -37.60 -5.82
CA HIS A 451 10.69 -37.21 -5.92
C HIS A 451 11.00 -36.03 -5.00
N TYR A 452 12.28 -35.88 -4.69
CA TYR A 452 12.74 -34.75 -3.89
C TYR A 452 12.95 -33.54 -4.79
N ILE A 453 12.41 -32.40 -4.37
CA ILE A 453 12.42 -31.20 -5.20
C ILE A 453 13.22 -30.05 -4.61
N GLY A 454 13.59 -30.10 -3.34
CA GLY A 454 14.40 -29.05 -2.77
C GLY A 454 14.21 -28.96 -1.27
N THR A 455 14.92 -27.99 -0.69
CA THR A 455 14.85 -27.73 0.74
C THR A 455 14.42 -26.27 0.96
N LEU A 456 13.69 -26.05 2.05
CA LEU A 456 13.24 -24.71 2.41
C LEU A 456 13.66 -24.42 3.85
N PHE A 457 13.92 -23.14 4.12
CA PHE A 457 14.44 -22.64 5.39
C PHE A 457 15.83 -23.17 5.70
N GLY A 458 16.43 -23.95 4.80
CA GLY A 458 17.77 -24.46 4.98
C GLY A 458 17.87 -25.75 5.76
N ASN A 459 16.78 -26.24 6.35
CA ASN A 459 16.81 -27.45 7.16
C ASN A 459 15.89 -28.53 6.62
N VAL A 460 14.64 -28.19 6.29
CA VAL A 460 13.63 -29.19 5.97
C VAL A 460 13.74 -29.59 4.51
N LYS A 461 13.70 -30.90 4.25
CA LYS A 461 13.66 -31.43 2.90
C LYS A 461 12.22 -31.84 2.58
N VAL A 462 11.78 -31.52 1.37
CA VAL A 462 10.38 -31.71 0.97
C VAL A 462 10.33 -32.73 -0.16
N TYR A 463 9.26 -33.50 -0.21
CA TYR A 463 8.98 -34.44 -1.29
C TYR A 463 7.59 -34.18 -1.85
N GLU A 464 7.46 -34.21 -3.17
CA GLU A 464 6.22 -33.88 -3.84
C GLU A 464 5.46 -35.15 -4.23
N VAL A 465 4.16 -35.14 -4.01
CA VAL A 465 3.27 -36.25 -4.36
C VAL A 465 2.40 -35.80 -5.52
N PRO A 466 2.40 -36.53 -6.65
CA PRO A 466 1.56 -36.12 -7.78
C PRO A 466 0.08 -36.22 -7.47
N ALA A 467 -0.72 -35.45 -8.23
CA ALA A 467 -2.15 -35.40 -7.99
C ALA A 467 -2.81 -36.77 -8.23
N GLY A 468 -2.34 -37.50 -9.23
CA GLY A 468 -2.91 -38.81 -9.50
C GLY A 468 -2.74 -39.76 -8.33
N ILE A 469 -1.58 -39.73 -7.69
CA ILE A 469 -1.36 -40.57 -6.51
C ILE A 469 -2.30 -40.14 -5.38
N CYS A 470 -2.52 -38.83 -5.24
CA CYS A 470 -3.44 -38.35 -4.20
C CYS A 470 -4.86 -38.85 -4.45
N LYS A 471 -5.33 -38.77 -5.70
CA LYS A 471 -6.69 -39.22 -5.98
C LYS A 471 -6.81 -40.74 -5.82
N ASN A 472 -5.77 -41.48 -6.22
CA ASN A 472 -5.79 -42.92 -6.03
C ASN A 472 -5.82 -43.28 -4.54
N LEU A 473 -5.09 -42.54 -3.72
CA LEU A 473 -5.14 -42.76 -2.28
C LEU A 473 -6.53 -42.46 -1.73
N THR A 474 -7.14 -41.36 -2.20
CA THR A 474 -8.47 -41.02 -1.71
C THR A 474 -9.51 -42.05 -2.11
N THR A 475 -9.30 -42.71 -3.26
CA THR A 475 -10.22 -43.76 -3.67
C THR A 475 -10.20 -44.94 -2.70
N GLU A 476 -9.06 -45.17 -2.06
CA GLU A 476 -8.89 -46.29 -1.14
C GLU A 476 -9.07 -45.91 0.33
N ASN A 477 -9.94 -44.93 0.61
CA ASN A 477 -10.26 -44.52 1.99
C ASN A 477 -9.03 -44.02 2.73
N ILE A 478 -8.09 -43.45 1.98
CA ILE A 478 -6.91 -42.79 2.54
C ILE A 478 -7.03 -41.31 2.21
N GLN A 479 -7.37 -40.51 3.21
CA GLN A 479 -7.69 -39.09 2.99
C GLN A 479 -6.40 -38.31 2.82
N PHE A 480 -6.12 -37.89 1.59
CA PHE A 480 -4.97 -37.05 1.28
C PHE A 480 -5.22 -36.34 -0.04
N SER A 481 -5.40 -35.03 0.03
CA SER A 481 -5.61 -34.19 -1.13
C SER A 481 -4.35 -33.38 -1.41
N SER A 482 -4.37 -32.68 -2.54
CA SER A 482 -3.21 -31.87 -2.93
C SER A 482 -2.97 -30.72 -1.95
N MET A 483 -4.00 -30.35 -1.16
CA MET A 483 -3.83 -29.27 -0.21
C MET A 483 -3.24 -29.75 1.11
N ASP A 484 -3.14 -31.06 1.30
CA ASP A 484 -2.68 -31.59 2.58
C ASP A 484 -1.16 -31.67 2.62
N VAL A 485 -0.61 -31.55 3.83
CA VAL A 485 0.82 -31.57 4.07
C VAL A 485 1.11 -32.47 5.26
N LEU A 486 2.10 -33.35 5.11
CA LEU A 486 2.50 -34.27 6.17
C LEU A 486 3.93 -33.96 6.59
N CYS A 487 4.15 -33.81 7.90
CA CYS A 487 5.44 -33.47 8.45
C CYS A 487 5.92 -34.60 9.34
N TYR A 488 7.25 -34.79 9.39
CA TYR A 488 7.84 -35.86 10.17
C TYR A 488 9.23 -35.45 10.62
N VAL A 489 9.72 -36.15 11.65
CA VAL A 489 11.07 -36.00 12.16
C VAL A 489 11.68 -37.38 12.31
N ARG A 490 12.86 -37.57 11.73
CA ARG A 490 13.57 -38.85 11.80
C ARG A 490 14.62 -38.78 12.91
N ASP A 491 14.60 -39.79 13.79
CA ASP A 491 15.50 -39.86 14.92
C ASP A 491 16.72 -40.71 14.60
N GLU A 492 17.81 -40.46 15.32
CA GLU A 492 19.05 -41.21 15.14
C GLU A 492 19.63 -41.76 16.44
N ASN A 493 18.98 -41.54 17.58
CA ASN A 493 19.47 -42.09 18.82
C ASN A 493 19.38 -43.61 18.80
N PRO A 494 20.31 -44.31 19.47
CA PRO A 494 20.36 -45.78 19.35
C PRO A 494 19.09 -46.49 19.78
N GLY A 495 18.40 -46.00 20.81
CA GLY A 495 17.29 -46.75 21.37
C GLY A 495 15.91 -46.30 20.96
N LYS A 496 15.81 -45.18 20.25
CA LYS A 496 14.50 -44.62 19.93
C LYS A 496 14.46 -44.21 18.46
N ALA A 497 13.31 -44.45 17.84
CA ALA A 497 13.09 -44.07 16.46
C ALA A 497 11.59 -43.94 16.22
N GLY A 498 11.23 -43.18 15.18
CA GLY A 498 9.83 -42.97 14.85
C GLY A 498 9.25 -44.05 13.97
N PHE A 499 9.86 -44.27 12.82
CA PHE A 499 9.44 -45.29 11.87
C PHE A 499 10.54 -46.34 11.74
N VAL A 500 10.13 -47.61 11.65
CA VAL A 500 11.05 -48.73 11.65
C VAL A 500 10.87 -49.53 10.36
N THR A 501 11.96 -49.76 9.65
CA THR A 501 11.97 -50.62 8.48
C THR A 501 13.20 -51.52 8.53
N GLY A 502 13.10 -52.69 7.91
CA GLY A 502 14.20 -53.64 7.91
C GLY A 502 13.88 -54.83 7.04
N ASP A 503 14.92 -55.57 6.67
CA ASP A 503 14.79 -56.75 5.82
C ASP A 503 15.20 -57.98 6.64
N ALA A 504 14.20 -58.75 7.07
CA ALA A 504 14.50 -59.96 7.84
C ALA A 504 15.10 -61.04 6.95
N VAL A 505 14.50 -61.28 5.79
CA VAL A 505 14.98 -62.29 4.86
C VAL A 505 14.85 -61.75 3.43
N PRO A 506 15.94 -61.68 2.66
CA PRO A 506 15.83 -61.23 1.28
C PRO A 506 15.06 -62.22 0.43
N ALA A 507 14.45 -61.71 -0.63
CA ALA A 507 13.64 -62.55 -1.50
C ALA A 507 14.48 -63.64 -2.15
N ILE A 508 13.96 -64.86 -2.13
CA ILE A 508 14.63 -66.03 -2.69
C ILE A 508 13.86 -66.46 -3.94
N PRO A 509 14.48 -66.41 -5.12
CA PRO A 509 13.76 -66.81 -6.34
C PRO A 509 13.59 -68.31 -6.42
N PHE A 510 12.35 -68.76 -6.61
CA PHE A 510 12.02 -70.17 -6.77
C PHE A 510 11.54 -70.42 -8.19
N GLN A 511 12.19 -71.37 -8.86
CA GLN A 511 11.87 -71.70 -10.25
C GLN A 511 11.32 -73.12 -10.30
N HIS A 512 10.13 -73.28 -10.89
CA HIS A 512 9.53 -74.60 -10.98
C HIS A 512 9.86 -75.26 -12.31
N PRO A 513 10.01 -76.57 -12.32
CA PRO A 513 10.28 -77.28 -13.58
C PRO A 513 9.06 -77.28 -14.49
N THR A 514 9.32 -77.58 -15.77
CA THR A 514 8.25 -77.59 -16.76
C THR A 514 7.28 -78.73 -16.48
N THR A 515 6.10 -78.39 -15.95
CA THR A 515 5.07 -79.36 -15.66
C THR A 515 4.38 -79.81 -16.95
N PRO A 516 3.65 -80.93 -16.92
CA PRO A 516 2.82 -81.29 -18.07
C PRO A 516 1.87 -80.18 -18.47
N ALA A 517 1.33 -80.26 -19.69
CA ALA A 517 0.55 -79.22 -20.35
C ALA A 517 1.40 -78.00 -20.71
N LEU A 518 2.72 -78.09 -20.53
CA LEU A 518 3.67 -77.09 -21.03
C LEU A 518 3.38 -75.69 -20.47
N VAL A 519 3.52 -75.57 -19.15
CA VAL A 519 3.38 -74.29 -18.46
C VAL A 519 4.57 -74.12 -17.54
N ASN A 520 5.14 -72.92 -17.52
CA ASN A 520 6.29 -72.58 -16.69
C ASN A 520 5.96 -71.41 -15.78
N ARG A 521 6.42 -71.48 -14.54
CA ARG A 521 6.17 -70.42 -13.57
C ARG A 521 7.34 -70.30 -12.61
N THR A 522 7.46 -69.12 -12.02
CA THR A 522 8.46 -68.83 -10.99
C THR A 522 7.78 -68.14 -9.83
N THR A 523 8.39 -68.27 -8.65
CA THR A 523 7.81 -67.74 -7.42
C THR A 523 8.88 -67.01 -6.62
N LEU A 524 8.47 -65.94 -5.95
CA LEU A 524 9.34 -65.17 -5.07
C LEU A 524 8.71 -65.13 -3.68
N TRP A 525 9.54 -65.31 -2.65
CA TRP A 525 9.08 -65.27 -1.28
C TRP A 525 10.13 -64.59 -0.41
N GLY A 526 9.68 -63.87 0.61
CA GLY A 526 10.58 -63.17 1.49
C GLY A 526 9.84 -62.56 2.65
N SER A 527 10.61 -62.07 3.62
CA SER A 527 10.07 -61.49 4.84
C SER A 527 10.78 -60.19 5.16
N ALA A 528 10.03 -59.23 5.69
CA ALA A 528 10.58 -57.94 6.07
C ALA A 528 9.65 -57.30 7.10
N ILE A 529 10.11 -56.22 7.71
CA ILE A 529 9.35 -55.50 8.73
C ILE A 529 9.15 -54.06 8.27
N ASN A 530 7.89 -53.61 8.29
CA ASN A 530 7.54 -52.24 7.92
C ASN A 530 6.39 -51.81 8.84
N ASP A 531 6.74 -51.16 9.95
CA ASP A 531 5.74 -50.73 10.91
C ASP A 531 6.34 -49.66 11.81
N MET A 532 5.47 -48.97 12.54
CA MET A 532 5.93 -47.94 13.46
C MET A 532 6.52 -48.57 14.72
N HIS A 533 7.32 -47.76 15.42
CA HIS A 533 7.95 -48.23 16.65
C HIS A 533 6.89 -48.49 17.71
N PRO A 534 7.03 -49.55 18.50
CA PRO A 534 6.02 -49.84 19.53
C PRO A 534 5.91 -48.77 20.60
N ARG A 535 6.99 -48.04 20.87
CA ARG A 535 6.99 -47.02 21.91
C ARG A 535 6.77 -45.65 21.28
N ASN A 536 5.55 -45.13 21.40
CA ASN A 536 5.15 -43.80 20.96
C ASN A 536 5.68 -43.45 19.57
N GLY A 537 5.73 -44.45 18.68
CA GLY A 537 6.25 -44.21 17.34
C GLY A 537 5.39 -43.25 16.54
N ALA A 538 4.08 -43.29 16.74
CA ALA A 538 3.15 -42.47 15.98
C ALA A 538 3.23 -40.99 16.32
N ASP A 539 3.95 -40.62 17.37
CA ASP A 539 4.04 -39.23 17.79
C ASP A 539 5.09 -38.43 17.02
N TYR A 540 5.77 -39.05 16.07
CA TYR A 540 6.78 -38.39 15.26
C TYR A 540 6.22 -37.73 14.01
N PHE A 541 4.90 -37.76 13.82
CA PHE A 541 4.29 -37.27 12.60
C PHE A 541 3.18 -36.27 12.95
N THR A 542 2.84 -35.45 11.96
CA THR A 542 1.77 -34.47 12.11
C THR A 542 1.21 -34.16 10.73
N ARG A 543 -0.12 -34.18 10.60
CA ARG A 543 -0.79 -33.87 9.36
C ARG A 543 -1.33 -32.45 9.39
N VAL A 544 -0.95 -31.65 8.40
CA VAL A 544 -1.39 -30.26 8.28
C VAL A 544 -2.16 -30.12 6.99
N THR A 545 -3.38 -29.60 7.08
CA THR A 545 -4.22 -29.34 5.92
C THR A 545 -4.33 -27.83 5.71
N LEU A 546 -4.17 -27.40 4.46
CA LEU A 546 -4.16 -25.99 4.11
C LEU A 546 -5.45 -25.61 3.40
N THR A 547 -6.05 -24.52 3.84
CA THR A 547 -7.30 -24.04 3.28
C THR A 547 -7.10 -22.64 2.72
N MET A 548 -8.00 -22.24 1.83
CA MET A 548 -7.97 -20.92 1.20
C MET A 548 -9.38 -20.35 1.26
N ALA A 549 -9.69 -19.64 2.35
CA ALA A 549 -11.02 -19.09 2.54
C ALA A 549 -11.00 -17.68 3.13
N LYS A 550 -9.84 -17.05 3.27
CA LYS A 550 -9.78 -15.71 3.82
C LYS A 550 -10.47 -14.73 2.88
N LYS A 551 -11.36 -13.90 3.43
CA LYS A 551 -11.91 -12.80 2.66
C LYS A 551 -10.83 -11.75 2.41
N GLY A 552 -10.85 -11.16 1.23
CA GLY A 552 -9.73 -10.34 0.81
C GLY A 552 -8.46 -11.12 0.58
N GLY A 553 -8.56 -12.27 -0.08
CA GLY A 553 -7.40 -13.09 -0.37
C GLY A 553 -7.34 -13.42 -1.86
N LEU A 554 -6.24 -14.08 -2.23
CA LEU A 554 -5.96 -14.42 -3.62
C LEU A 554 -5.98 -15.93 -3.80
N ASN A 555 -6.63 -16.39 -4.87
CA ASN A 555 -6.65 -17.79 -5.24
C ASN A 555 -5.76 -17.96 -6.47
N PHE A 556 -4.56 -18.52 -6.26
CA PHE A 556 -3.63 -18.70 -7.37
C PHE A 556 -4.15 -19.71 -8.38
N ILE A 557 -5.04 -20.61 -7.98
CA ILE A 557 -5.61 -21.56 -8.93
C ILE A 557 -6.56 -20.86 -9.90
N SER A 558 -7.43 -20.00 -9.38
CA SER A 558 -8.42 -19.30 -10.19
C SER A 558 -7.96 -17.92 -10.62
N GLY A 559 -7.20 -17.22 -9.78
CA GLY A 559 -6.73 -15.89 -10.10
C GLY A 559 -7.65 -14.76 -9.71
N ASP A 560 -8.66 -15.00 -8.89
CA ASP A 560 -9.61 -13.98 -8.47
C ASP A 560 -9.65 -13.88 -6.95
N THR A 561 -10.27 -12.81 -6.46
CA THR A 561 -10.38 -12.59 -5.02
C THR A 561 -11.33 -13.59 -4.38
N ILE A 562 -11.16 -13.79 -3.08
CA ILE A 562 -11.95 -14.75 -2.32
C ILE A 562 -13.10 -14.00 -1.67
N ASP A 563 -14.22 -13.91 -2.39
CA ASP A 563 -15.47 -13.35 -1.88
C ASP A 563 -15.26 -11.95 -1.30
N ALA A 564 -14.46 -11.15 -2.01
CA ALA A 564 -14.16 -9.78 -1.60
C ALA A 564 -13.61 -9.71 -0.18
N GLU B 125 1.15 -77.32 15.54
CA GLU B 125 1.51 -78.32 16.54
C GLU B 125 2.78 -79.06 16.15
N MET B 126 2.71 -79.83 15.06
CA MET B 126 3.85 -80.58 14.59
C MET B 126 4.94 -79.64 14.08
N MET B 127 6.20 -80.00 14.33
CA MET B 127 7.33 -79.16 13.95
C MET B 127 7.57 -79.13 12.46
N SER B 128 6.90 -79.98 11.68
CA SER B 128 7.12 -80.00 10.23
C SER B 128 6.69 -78.68 9.59
N VAL B 129 5.50 -78.20 9.91
CA VAL B 129 5.00 -76.94 9.37
C VAL B 129 5.41 -75.82 10.32
N SER B 130 5.32 -74.59 9.82
CA SER B 130 5.65 -73.42 10.63
C SER B 130 4.66 -73.29 11.80
N ASP B 131 5.00 -72.38 12.71
CA ASP B 131 4.26 -72.08 13.94
C ASP B 131 4.46 -73.20 14.97
N GLY B 132 4.98 -74.36 14.56
CA GLY B 132 5.24 -75.46 15.45
C GLY B 132 6.58 -75.43 16.14
N VAL B 133 7.35 -74.35 16.00
CA VAL B 133 8.66 -74.20 16.61
C VAL B 133 8.60 -73.05 17.60
N MET B 134 9.23 -73.24 18.75
CA MET B 134 9.30 -72.18 19.75
C MET B 134 10.24 -71.08 19.30
N ARG B 135 10.02 -69.88 19.81
CA ARG B 135 10.76 -68.70 19.41
C ARG B 135 11.55 -68.16 20.58
N LEU B 136 12.74 -67.63 20.29
CA LEU B 136 13.64 -67.10 21.30
C LEU B 136 13.64 -65.58 21.25
N PRO B 137 13.16 -64.89 22.29
CA PRO B 137 13.24 -63.43 22.31
C PRO B 137 14.68 -62.96 22.34
N LEU B 138 14.91 -61.78 21.77
CA LEU B 138 16.24 -61.20 21.67
C LEU B 138 16.26 -59.83 22.34
N PHE B 139 17.26 -59.60 23.18
CA PHE B 139 17.40 -58.31 23.84
C PHE B 139 18.08 -57.32 22.90
N LEU B 140 17.38 -56.22 22.60
CA LEU B 140 17.84 -55.29 21.57
C LEU B 140 18.57 -54.08 22.14
N ALA B 141 17.91 -53.32 23.02
CA ALA B 141 18.50 -52.08 23.52
C ALA B 141 17.88 -51.74 24.87
N MET B 142 18.55 -50.84 25.58
CA MET B 142 18.11 -50.33 26.86
C MET B 142 18.16 -48.80 26.85
N ILE B 143 17.15 -48.18 27.45
CA ILE B 143 17.01 -46.73 27.46
C ILE B 143 17.10 -46.24 28.90
N LEU B 144 17.87 -45.20 29.13
CA LEU B 144 18.07 -44.61 30.44
C LEU B 144 17.35 -43.26 30.54
N PRO B 145 17.01 -42.83 31.76
CA PRO B 145 16.33 -41.54 31.91
C PRO B 145 17.18 -40.39 31.41
N VAL B 146 16.49 -39.36 30.91
CA VAL B 146 17.15 -38.21 30.30
C VAL B 146 17.53 -37.19 31.38
N GLN B 147 18.43 -36.27 31.04
CA GLN B 147 18.91 -35.28 32.00
C GLN B 147 17.84 -34.23 32.27
N LEU B 148 17.78 -33.79 33.53
CA LEU B 148 16.86 -32.75 33.96
C LEU B 148 17.63 -31.47 34.24
N GLY B 149 16.94 -30.34 34.13
CA GLY B 149 17.56 -29.07 34.43
C GLY B 149 16.66 -27.92 34.04
N ALA B 150 17.13 -26.71 34.40
CA ALA B 150 16.42 -25.48 34.10
C ALA B 150 17.42 -24.33 34.17
N ALA B 151 17.02 -23.19 33.61
CA ALA B 151 17.88 -22.00 33.58
C ALA B 151 17.03 -20.78 33.96
N THR B 152 16.97 -20.49 35.26
CA THR B 152 16.24 -19.34 35.77
C THR B 152 17.11 -18.47 36.67
N ALA B 153 18.43 -18.55 36.55
CA ALA B 153 19.33 -17.85 37.46
C ALA B 153 19.60 -16.40 37.05
N ASP B 154 19.09 -15.96 35.91
CA ASP B 154 19.40 -14.61 35.43
C ASP B 154 18.82 -13.56 36.37
N ALA B 155 17.58 -13.75 36.82
CA ALA B 155 16.93 -12.73 37.65
C ALA B 155 17.52 -12.71 39.06
N CYS B 156 18.11 -13.83 39.49
CA CYS B 156 18.59 -13.94 40.86
C CYS B 156 19.83 -13.10 41.08
N THR B 157 19.91 -12.48 42.26
CA THR B 157 21.11 -11.79 42.72
C THR B 157 21.67 -12.53 43.93
N PHE B 158 22.99 -12.73 43.92
CA PHE B 158 23.66 -13.57 44.91
C PHE B 158 24.20 -12.70 46.04
N ILE B 159 23.90 -13.09 47.27
CA ILE B 159 24.38 -12.39 48.46
C ILE B 159 25.03 -13.40 49.40
N PRO B 160 25.99 -12.99 50.23
CA PRO B 160 26.59 -13.93 51.18
C PRO B 160 25.74 -14.02 52.45
N VAL B 161 25.53 -15.25 52.92
CA VAL B 161 24.76 -15.50 54.14
C VAL B 161 25.68 -16.27 55.09
N THR B 162 26.23 -15.55 56.07
CA THR B 162 27.11 -16.17 57.06
C THR B 162 26.36 -16.61 58.31
N ARG B 163 25.69 -15.68 58.98
CA ARG B 163 24.92 -15.97 60.17
C ARG B 163 23.44 -16.06 59.82
N ASP B 164 22.60 -16.30 60.84
CA ASP B 164 21.20 -16.61 60.60
C ASP B 164 20.40 -15.40 60.14
N GLN B 165 20.57 -14.25 60.80
CA GLN B 165 19.73 -13.10 60.54
C GLN B 165 20.57 -11.88 60.22
N SER B 166 20.06 -11.05 59.31
CA SER B 166 20.74 -9.84 58.87
C SER B 166 19.75 -8.69 58.83
N ASP B 167 20.27 -7.47 58.93
CA ASP B 167 19.44 -6.27 59.03
C ASP B 167 19.89 -5.23 58.04
N ILE B 168 18.95 -4.37 57.62
CA ILE B 168 19.22 -3.27 56.70
C ILE B 168 18.45 -2.05 57.20
N TYR B 169 19.11 -0.90 57.21
CA TYR B 169 18.50 0.35 57.65
C TYR B 169 18.53 1.37 56.52
N GLU B 170 17.65 2.37 56.62
CA GLU B 170 17.61 3.46 55.66
C GLU B 170 17.08 4.71 56.35
N VAL B 171 17.33 5.86 55.73
CA VAL B 171 16.97 7.16 56.26
C VAL B 171 16.19 7.93 55.20
N PHE B 172 15.18 8.67 55.63
CA PHE B 172 14.33 9.45 54.74
C PHE B 172 14.38 10.92 55.11
N ASN B 173 14.07 11.76 54.13
CA ASN B 173 13.85 13.19 54.37
C ASN B 173 12.36 13.46 54.53
N VAL B 174 11.99 13.99 55.68
CA VAL B 174 10.58 14.20 56.02
C VAL B 174 10.39 15.64 56.46
N ALA B 175 9.30 16.24 56.00
CA ALA B 175 8.98 17.61 56.37
C ALA B 175 8.72 17.71 57.86
N GLY B 176 9.27 18.75 58.48
CA GLY B 176 9.17 18.92 59.92
C GLY B 176 7.87 19.50 60.40
N SER B 177 7.54 20.71 59.95
CA SER B 177 6.37 21.44 60.41
C SER B 177 5.29 21.45 59.34
N SER B 178 4.05 21.19 59.76
CA SER B 178 2.92 21.24 58.84
C SER B 178 2.63 22.68 58.45
N PHE B 179 2.91 23.02 57.19
CA PHE B 179 2.76 24.39 56.71
C PHE B 179 2.67 24.35 55.20
N GLY B 180 1.92 25.31 54.65
CA GLY B 180 1.75 25.36 53.21
C GLY B 180 1.07 24.12 52.68
N SER B 181 1.65 23.55 51.62
CA SER B 181 1.05 22.38 50.99
C SER B 181 1.28 21.10 51.80
N TYR B 182 2.43 20.98 52.44
CA TYR B 182 2.80 19.76 53.12
C TYR B 182 2.24 19.72 54.54
N ALA B 183 2.35 18.54 55.16
CA ALA B 183 1.98 18.33 56.54
C ALA B 183 3.08 17.54 57.23
N ALA B 184 3.12 17.64 58.56
CA ALA B 184 4.14 16.95 59.33
C ALA B 184 4.04 15.44 59.12
N GLY B 185 5.18 14.82 58.85
CA GLY B 185 5.23 13.40 58.62
C GLY B 185 5.22 12.97 57.16
N ASP B 186 5.34 13.90 56.22
CA ASP B 186 5.33 13.59 54.80
C ASP B 186 6.76 13.57 54.27
N VAL B 187 7.03 12.62 53.38
CA VAL B 187 8.37 12.44 52.85
C VAL B 187 8.63 13.45 51.74
N LEU B 188 9.82 14.04 51.76
CA LEU B 188 10.29 14.92 50.69
C LEU B 188 11.26 14.12 49.82
N ASP B 189 10.98 14.05 48.53
CA ASP B 189 11.70 13.11 47.67
C ASP B 189 12.01 13.68 46.29
N MET B 190 12.34 12.78 45.37
CA MET B 190 12.70 13.18 44.00
C MET B 190 11.60 13.98 43.33
N GLN B 191 10.36 13.56 43.48
CA GLN B 191 9.23 14.13 42.76
C GLN B 191 8.34 15.00 43.64
N SER B 192 8.85 15.51 44.76
CA SER B 192 8.04 16.31 45.66
C SER B 192 7.75 17.66 45.03
N VAL B 193 6.47 17.92 44.75
CA VAL B 193 6.03 19.20 44.19
C VAL B 193 5.05 19.81 45.18
N GLY B 194 5.35 21.03 45.62
CA GLY B 194 4.49 21.71 46.57
C GLY B 194 5.11 23.03 46.98
N VAL B 195 4.31 23.83 47.68
CA VAL B 195 4.76 25.12 48.18
C VAL B 195 5.12 24.97 49.65
N TYR B 196 6.40 25.15 49.97
CA TYR B 196 6.89 24.96 51.33
C TYR B 196 8.20 25.72 51.47
N SER B 197 8.18 26.81 52.25
CA SER B 197 9.26 27.77 52.48
C SER B 197 9.38 28.82 51.36
N GLN B 198 8.42 28.91 50.45
CA GLN B 198 8.34 30.03 49.52
C GLN B 198 7.25 30.98 50.03
N LEU B 199 7.61 32.26 50.17
CA LEU B 199 6.76 33.22 50.87
C LEU B 199 5.75 33.91 49.97
N ARG B 200 5.81 33.72 48.66
CA ARG B 200 4.85 34.31 47.74
C ARG B 200 3.96 33.22 47.16
N ARG B 201 2.65 33.37 47.32
CA ARG B 201 1.71 32.33 46.96
C ARG B 201 0.48 32.94 46.32
N ARG B 202 -0.24 32.11 45.58
CA ARG B 202 -1.51 32.50 44.95
C ARG B 202 -2.59 31.53 45.40
N TYR B 203 -3.80 32.06 45.57
CA TYR B 203 -4.94 31.26 46.02
C TYR B 203 -6.13 31.51 45.10
N VAL B 204 -6.91 30.46 44.89
CA VAL B 204 -8.10 30.52 44.05
C VAL B 204 -9.30 30.70 44.97
N LEU B 205 -10.03 31.80 44.80
CA LEU B 205 -11.18 32.09 45.64
C LEU B 205 -12.47 31.54 45.03
N VAL B 206 -12.78 31.93 43.80
CA VAL B 206 -13.97 31.48 43.10
C VAL B 206 -13.53 30.57 41.97
N ALA B 207 -13.88 29.28 42.07
CA ALA B 207 -13.59 28.35 40.99
C ALA B 207 -14.49 28.60 39.80
N SER B 208 -15.79 28.80 40.04
CA SER B 208 -16.75 29.12 38.99
C SER B 208 -17.81 30.03 39.58
N SER B 209 -18.05 31.16 38.93
CA SER B 209 -19.00 32.14 39.45
C SER B 209 -20.43 31.63 39.33
N ASP B 210 -21.29 32.17 40.18
CA ASP B 210 -22.71 31.83 40.15
C ASP B 210 -23.53 32.72 39.23
N GLY B 211 -22.99 33.87 38.83
CA GLY B 211 -23.67 34.77 37.92
C GLY B 211 -24.71 35.67 38.56
N THR B 212 -24.84 35.65 39.88
CA THR B 212 -25.84 36.48 40.54
C THR B 212 -25.34 37.15 41.82
N SER B 213 -24.07 37.00 42.18
CA SER B 213 -23.52 37.61 43.38
C SER B 213 -22.53 38.71 43.01
N LYS B 214 -22.38 39.68 43.92
CA LYS B 214 -21.51 40.82 43.68
C LYS B 214 -20.48 41.01 44.79
N THR B 215 -20.36 40.07 45.73
CA THR B 215 -19.42 40.19 46.82
C THR B 215 -18.64 38.89 46.99
N ALA B 216 -17.43 39.01 47.53
CA ALA B 216 -16.57 37.87 47.80
C ALA B 216 -15.48 38.32 48.77
N THR B 217 -15.16 37.46 49.73
CA THR B 217 -14.21 37.79 50.78
C THR B 217 -13.07 36.79 50.81
N PHE B 218 -11.87 37.28 51.06
CA PHE B 218 -10.68 36.45 51.21
C PHE B 218 -10.25 36.45 52.66
N LYS B 219 -10.07 35.26 53.23
CA LYS B 219 -9.71 35.09 54.64
C LYS B 219 -8.66 34.00 54.73
N MET B 220 -7.51 34.32 55.32
CA MET B 220 -6.39 33.38 55.34
C MET B 220 -6.64 32.18 56.24
N GLU B 221 -7.60 32.27 57.18
CA GLU B 221 -7.92 31.13 58.02
C GLU B 221 -8.51 29.97 57.23
N ASP B 222 -8.99 30.21 56.01
CA ASP B 222 -9.55 29.13 55.21
C ASP B 222 -8.46 28.36 54.47
N PHE B 223 -7.53 29.05 53.83
CA PHE B 223 -6.46 28.39 53.09
C PHE B 223 -5.28 28.03 53.97
N GLU B 224 -4.99 28.84 54.99
CA GLU B 224 -3.98 28.51 55.98
C GLU B 224 -4.65 28.03 57.26
N GLY B 225 -3.83 27.73 58.27
CA GLY B 225 -4.36 27.21 59.52
C GLY B 225 -4.89 28.25 60.47
N GLN B 226 -4.45 29.49 60.35
CA GLN B 226 -4.81 30.54 61.31
C GLN B 226 -4.60 31.90 60.64
N ASN B 227 -4.73 32.96 61.43
CA ASN B 227 -4.49 34.31 60.93
C ASN B 227 -3.01 34.50 60.64
N VAL B 228 -2.73 35.17 59.53
CA VAL B 228 -1.36 35.39 59.07
C VAL B 228 -1.20 36.83 58.61
N PRO B 229 -0.18 37.56 59.10
CA PRO B 229 0.04 38.92 58.60
C PRO B 229 0.41 38.92 57.13
N ILE B 230 0.04 40.00 56.44
CA ILE B 230 0.26 40.13 55.00
C ILE B 230 1.09 41.38 54.75
N ARG B 231 2.14 41.22 53.95
CA ARG B 231 2.98 42.36 53.59
C ARG B 231 2.21 43.33 52.71
N LYS B 232 2.34 44.62 53.00
CA LYS B 232 1.57 45.63 52.30
C LYS B 232 2.28 46.10 51.03
N GLY B 233 1.48 46.57 50.07
CA GLY B 233 2.04 47.12 48.85
C GLY B 233 2.58 46.10 47.87
N ARG B 234 2.19 44.83 48.00
CA ARG B 234 2.77 43.80 47.14
C ARG B 234 1.74 42.78 46.67
N THR B 235 0.45 43.05 46.82
CA THR B 235 -0.57 42.07 46.46
C THR B 235 -1.11 42.32 45.05
N ASN B 236 -1.67 41.26 44.46
CA ASN B 236 -2.25 41.33 43.14
C ASN B 236 -3.50 40.45 43.11
N ILE B 237 -4.40 40.76 42.19
CA ILE B 237 -5.66 40.03 42.04
C ILE B 237 -5.80 39.61 40.58
N TYR B 238 -6.12 38.35 40.36
CA TYR B 238 -6.28 37.80 39.02
C TYR B 238 -7.76 37.56 38.74
N VAL B 239 -8.22 38.05 37.59
CA VAL B 239 -9.55 37.74 37.07
C VAL B 239 -9.37 37.10 35.71
N ASN B 240 -9.88 35.88 35.55
CA ASN B 240 -9.70 35.09 34.33
C ASN B 240 -8.22 34.98 33.96
N ARG B 241 -7.37 34.79 34.98
CA ARG B 241 -5.93 34.64 34.81
C ARG B 241 -5.32 35.84 34.07
N ILE B 242 -5.71 37.04 34.48
CA ILE B 242 -5.12 38.28 33.99
C ILE B 242 -4.74 39.12 35.20
N LYS B 243 -3.47 39.51 35.26
CA LYS B 243 -2.98 40.26 36.42
C LYS B 243 -3.45 41.70 36.39
N SER B 244 -3.57 42.29 37.58
CA SER B 244 -3.94 43.68 37.75
C SER B 244 -2.74 44.45 38.30
N VAL B 245 -2.96 45.73 38.59
CA VAL B 245 -1.94 46.57 39.20
C VAL B 245 -1.83 46.23 40.68
N VAL B 246 -0.73 46.62 41.31
CA VAL B 246 -0.58 46.38 42.74
C VAL B 246 -1.51 47.30 43.52
N ASP B 247 -1.70 46.97 44.80
CA ASP B 247 -2.59 47.74 45.64
C ASP B 247 -1.97 49.06 46.03
N ASN B 248 -2.80 49.93 46.60
CA ASN B 248 -2.33 51.22 47.11
C ASN B 248 -1.44 51.00 48.32
N GLY B 249 -0.85 52.10 48.80
CA GLY B 249 0.01 52.03 49.98
C GLY B 249 -0.72 51.61 51.24
N SER B 250 -2.04 51.79 51.28
CA SER B 250 -2.81 51.44 52.47
C SER B 250 -4.25 51.13 52.09
N GLY B 251 -4.64 49.87 52.27
CA GLY B 251 -6.04 49.47 52.21
C GLY B 251 -6.76 49.29 50.88
N SER B 252 -6.63 50.26 49.98
CA SER B 252 -7.46 50.30 48.79
C SER B 252 -6.77 49.65 47.59
N LEU B 253 -7.60 49.20 46.64
CA LEU B 253 -7.13 48.65 45.38
C LEU B 253 -8.23 48.82 44.35
N LEU B 254 -7.90 49.42 43.22
CA LEU B 254 -8.88 49.68 42.17
C LEU B 254 -8.48 48.91 40.91
N HIS B 255 -9.44 48.22 40.31
CA HIS B 255 -9.20 47.46 39.09
C HIS B 255 -10.50 47.36 38.31
N SER B 256 -10.38 47.33 36.98
CA SER B 256 -11.53 47.22 36.10
C SER B 256 -11.22 46.25 34.97
N PHE B 257 -12.28 45.69 34.39
CA PHE B 257 -12.14 44.76 33.28
C PHE B 257 -13.38 44.88 32.39
N THR B 258 -13.38 44.11 31.31
CA THR B 258 -14.42 44.19 30.28
C THR B 258 -15.24 42.92 30.27
N ASN B 259 -16.55 43.08 30.24
CA ASN B 259 -17.48 41.95 30.16
C ASN B 259 -17.48 41.36 28.75
N ALA B 260 -18.03 40.15 28.64
CA ALA B 260 -18.17 39.53 27.32
C ALA B 260 -19.09 40.35 26.42
N ALA B 261 -20.16 40.90 26.97
CA ALA B 261 -21.07 41.72 26.19
C ALA B 261 -20.48 43.08 25.83
N GLY B 262 -19.39 43.50 26.48
CA GLY B 262 -18.66 44.69 26.09
C GLY B 262 -18.72 45.85 27.05
N GLU B 263 -19.44 45.72 28.18
CA GLU B 263 -19.52 46.83 29.13
C GLU B 263 -18.34 46.78 30.08
N GLN B 264 -18.38 47.62 31.12
CA GLN B 264 -17.29 47.77 32.06
C GLN B 264 -17.74 47.38 33.47
N ILE B 265 -16.85 46.75 34.21
CA ILE B 265 -17.09 46.39 35.61
C ILE B 265 -15.92 46.90 36.44
N THR B 266 -16.23 47.57 37.55
CA THR B 266 -15.22 48.13 38.44
C THR B 266 -15.17 47.30 39.72
N VAL B 267 -13.96 46.97 40.16
CA VAL B 267 -13.74 46.16 41.35
C VAL B 267 -12.99 47.00 42.37
N THR B 268 -13.54 47.09 43.58
CA THR B 268 -12.92 47.80 44.69
C THR B 268 -12.64 46.82 45.82
N CYS B 269 -11.43 46.90 46.38
CA CYS B 269 -10.98 45.96 47.39
C CYS B 269 -10.49 46.70 48.63
N SER B 270 -10.83 46.16 49.79
CA SER B 270 -10.35 46.67 51.07
C SER B 270 -9.47 45.60 51.72
N LEU B 271 -8.35 46.04 52.29
CA LEU B 271 -7.34 45.14 52.81
C LEU B 271 -7.14 45.33 54.30
N ASN B 272 -6.81 44.24 54.98
CA ASN B 272 -6.47 44.26 56.40
C ASN B 272 -5.13 43.54 56.56
N TYR B 273 -4.04 44.30 56.60
CA TYR B 273 -2.71 43.71 56.57
C TYR B 273 -2.39 42.90 57.83
N ASN B 274 -2.96 43.30 58.98
CA ASN B 274 -2.63 42.63 60.23
C ASN B 274 -3.08 41.18 60.24
N ILE B 275 -4.27 40.90 59.71
CA ILE B 275 -4.82 39.55 59.74
C ILE B 275 -4.93 38.93 58.36
N GLY B 276 -4.70 39.68 57.29
CA GLY B 276 -4.80 39.13 55.95
C GLY B 276 -6.23 38.86 55.53
N GLN B 277 -7.02 39.92 55.43
CA GLN B 277 -8.42 39.83 55.05
C GLN B 277 -8.70 40.78 53.90
N ILE B 278 -9.36 40.27 52.87
CA ILE B 278 -9.65 41.03 51.65
C ILE B 278 -11.13 40.88 51.34
N ALA B 279 -11.78 42.00 51.01
CA ALA B 279 -13.18 42.02 50.63
C ALA B 279 -13.31 42.59 49.23
N LEU B 280 -14.12 41.94 48.40
CA LEU B 280 -14.30 42.33 47.00
C LEU B 280 -15.73 42.83 46.79
N SER B 281 -15.85 43.85 45.93
CA SER B 281 -17.13 44.40 45.55
C SER B 281 -17.15 44.66 44.06
N PHE B 282 -18.27 44.35 43.41
CA PHE B 282 -18.42 44.49 41.98
C PHE B 282 -19.53 45.49 41.65
N SER B 283 -19.36 46.19 40.54
CA SER B 283 -20.43 47.05 40.03
C SER B 283 -21.65 46.21 39.65
N LYS B 284 -21.42 45.06 39.02
CA LYS B 284 -22.49 44.14 38.66
C LYS B 284 -21.96 42.72 38.74
N ALA B 285 -22.89 41.77 38.82
CA ALA B 285 -22.50 40.37 38.91
C ALA B 285 -21.81 39.93 37.61
N PRO B 286 -20.67 39.25 37.71
CA PRO B 286 -19.97 38.81 36.49
C PRO B 286 -20.67 37.66 35.79
N ASP B 287 -20.07 37.14 34.74
CA ASP B 287 -20.67 36.06 33.97
C ASP B 287 -20.65 34.76 34.77
N LYS B 288 -21.25 33.72 34.19
CA LYS B 288 -21.31 32.42 34.86
C LYS B 288 -19.92 31.82 35.00
N GLY B 289 -19.16 31.77 33.91
CA GLY B 289 -17.81 31.24 33.97
C GLY B 289 -16.78 32.31 34.29
N THR B 290 -16.40 32.40 35.57
CA THR B 290 -15.42 33.37 36.01
C THR B 290 -14.60 32.77 37.13
N GLU B 291 -13.30 33.09 37.13
CA GLU B 291 -12.39 32.60 38.15
C GLU B 291 -11.64 33.79 38.75
N ILE B 292 -11.60 33.85 40.07
CA ILE B 292 -10.96 34.95 40.80
C ILE B 292 -9.83 34.37 41.63
N ALA B 293 -8.65 34.96 41.49
CA ALA B 293 -7.47 34.50 42.24
C ALA B 293 -6.80 35.70 42.88
N ILE B 294 -6.15 35.45 44.02
CA ILE B 294 -5.46 36.48 44.78
C ILE B 294 -4.02 36.04 45.01
N GLU B 295 -3.07 36.90 44.68
CA GLU B 295 -1.65 36.62 44.86
C GLU B 295 -1.09 37.61 45.87
N THR B 296 -0.59 37.10 46.98
CA THR B 296 0.01 37.90 48.04
C THR B 296 1.30 37.22 48.50
N GLU B 297 1.94 37.81 49.50
CA GLU B 297 3.10 37.20 50.13
C GLU B 297 3.05 37.42 51.63
N ILE B 298 3.65 36.50 52.37
CA ILE B 298 3.59 36.49 53.83
C ILE B 298 4.66 37.44 54.37
N ASN B 299 4.28 38.25 55.36
CA ASN B 299 5.22 39.13 56.06
C ASN B 299 5.87 38.33 57.18
N ILE B 300 7.00 37.70 56.86
CA ILE B 300 7.67 36.83 57.82
C ILE B 300 8.22 37.64 58.98
N GLU B 301 8.68 38.86 58.73
CA GLU B 301 9.26 39.67 59.81
C GLU B 301 8.20 40.06 60.84
N ALA B 302 6.92 40.04 60.47
CA ALA B 302 5.86 40.32 61.42
C ALA B 302 5.62 39.13 62.34
N ALA B 303 5.77 37.91 61.81
CA ALA B 303 5.58 36.68 62.58
C ALA B 303 6.85 35.86 62.55
N PRO B 304 7.73 36.00 63.56
CA PRO B 304 8.99 35.25 63.54
C PRO B 304 8.81 33.74 63.52
N GLU B 305 7.70 33.23 64.02
CA GLU B 305 7.42 31.79 63.99
C GLU B 305 6.91 31.40 62.61
N LEU B 306 6.39 30.19 62.49
CA LEU B 306 5.88 29.57 61.27
C LEU B 306 6.98 29.22 60.28
N ILE B 307 8.25 29.33 60.66
CA ILE B 307 9.36 28.96 59.79
C ILE B 307 9.40 27.45 59.66
N PRO B 308 9.47 26.91 58.45
CA PRO B 308 9.43 25.45 58.28
C PRO B 308 10.70 24.78 58.80
N LEU B 309 10.56 23.47 59.07
CA LEU B 309 11.65 22.66 59.58
C LEU B 309 11.76 21.37 58.77
N ILE B 310 12.85 20.64 59.00
CA ILE B 310 13.15 19.41 58.29
C ILE B 310 13.66 18.37 59.28
N ASN B 311 13.20 17.12 59.14
CA ASN B 311 13.60 16.05 60.04
C ASN B 311 13.99 14.79 59.27
N HIS B 312 14.21 13.69 59.98
CA HIS B 312 14.56 12.41 59.36
C HIS B 312 14.01 11.28 60.21
N GLU B 313 13.88 10.11 59.58
CA GLU B 313 13.39 8.91 60.25
C GLU B 313 14.17 7.69 59.75
N MET B 314 13.98 6.56 60.43
CA MET B 314 14.69 5.33 60.13
C MET B 314 13.73 4.15 60.08
N LYS B 315 14.22 3.04 59.53
CA LYS B 315 13.46 1.79 59.46
C LYS B 315 14.43 0.63 59.39
N LYS B 316 13.90 -0.59 59.54
CA LYS B 316 14.73 -1.79 59.60
C LYS B 316 14.04 -2.92 58.83
N TYR B 317 14.86 -3.88 58.39
CA TYR B 317 14.40 -5.06 57.68
C TYR B 317 15.21 -6.27 58.12
N THR B 318 14.75 -7.46 57.76
CA THR B 318 15.35 -8.69 58.25
C THR B 318 15.24 -9.79 57.20
N LEU B 319 16.24 -10.68 57.17
CA LEU B 319 16.26 -11.83 56.28
C LEU B 319 16.64 -13.09 57.07
N PHE B 320 16.27 -14.24 56.52
CA PHE B 320 16.63 -15.52 57.11
C PHE B 320 16.48 -16.62 56.06
N PRO B 321 17.31 -17.66 56.10
CA PRO B 321 17.23 -18.74 55.11
C PRO B 321 16.30 -19.87 55.51
N SER B 322 16.23 -20.90 54.67
CA SER B 322 15.41 -22.08 54.94
C SER B 322 16.22 -23.36 54.77
N GLN B 323 15.56 -24.51 54.80
CA GLN B 323 16.23 -25.81 54.75
C GLN B 323 15.57 -26.71 53.72
N PHE B 324 16.29 -27.76 53.34
CA PHE B 324 15.78 -28.77 52.42
C PHE B 324 16.44 -30.11 52.76
N VAL B 325 15.76 -31.20 52.39
CA VAL B 325 16.23 -32.54 52.72
C VAL B 325 15.58 -33.53 51.75
N ILE B 326 16.35 -34.55 51.38
CA ILE B 326 15.86 -35.60 50.49
C ILE B 326 16.65 -36.87 50.79
N ALA B 327 16.13 -38.02 50.35
CA ALA B 327 16.75 -39.30 50.66
C ALA B 327 16.38 -40.33 49.62
N ALA B 328 17.13 -41.43 49.60
CA ALA B 328 16.85 -42.58 48.75
C ALA B 328 17.42 -43.81 49.41
N GLU B 329 16.88 -44.98 49.04
CA GLU B 329 17.28 -46.22 49.67
C GLU B 329 16.95 -47.40 48.75
N HIS B 330 17.59 -48.53 49.02
CA HIS B 330 17.36 -49.75 48.25
C HIS B 330 17.84 -50.93 49.08
N THR B 331 17.51 -52.13 48.61
CA THR B 331 17.86 -53.37 49.30
C THR B 331 19.03 -54.06 48.60
N VAL B 332 19.65 -55.00 49.32
CA VAL B 332 20.80 -55.72 48.79
C VAL B 332 20.36 -56.69 47.68
N GLN B 333 19.26 -57.41 47.90
CA GLN B 333 18.80 -58.39 46.93
C GLN B 333 18.48 -57.73 45.60
N ALA B 334 17.81 -56.57 45.63
CA ALA B 334 17.50 -55.86 44.39
C ALA B 334 18.76 -55.43 43.66
N ALA B 335 19.75 -54.94 44.41
CA ALA B 335 21.00 -54.52 43.79
C ALA B 335 21.71 -55.70 43.13
N TYR B 336 21.78 -56.84 43.81
CA TYR B 336 22.43 -58.00 43.23
C TYR B 336 21.66 -58.52 42.02
N GLU B 337 20.33 -58.51 42.08
CA GLU B 337 19.53 -58.95 40.94
C GLU B 337 19.77 -58.06 39.73
N ALA B 338 19.79 -56.74 39.95
CA ALA B 338 20.05 -55.82 38.84
C ALA B 338 21.44 -56.00 38.28
N GLN B 339 22.42 -56.23 39.16
CA GLN B 339 23.79 -56.46 38.70
C GLN B 339 23.89 -57.72 37.85
N ARG B 340 23.19 -58.79 38.26
CA ARG B 340 23.29 -60.05 37.52
C ARG B 340 22.53 -59.98 36.21
N GLU B 341 21.35 -59.36 36.19
CA GLU B 341 20.50 -59.37 35.01
C GLU B 341 21.02 -58.42 33.93
N PHE B 342 21.09 -57.13 34.25
CA PHE B 342 21.47 -56.12 33.27
C PHE B 342 22.80 -55.46 33.55
N GLY B 343 23.41 -55.70 34.71
CA GLY B 343 24.68 -55.09 35.03
C GLY B 343 24.61 -53.70 35.60
N LEU B 344 23.42 -53.19 35.88
CA LEU B 344 23.28 -51.85 36.44
C LEU B 344 23.62 -51.85 37.92
N ASP B 345 24.02 -50.68 38.41
CA ASP B 345 24.30 -50.47 39.83
C ASP B 345 23.33 -49.43 40.37
N LEU B 346 22.63 -49.80 41.45
CA LEU B 346 21.58 -48.92 41.98
C LEU B 346 22.15 -47.71 42.71
N GLY B 347 23.26 -47.88 43.44
CA GLY B 347 23.75 -46.81 44.29
C GLY B 347 24.13 -45.58 43.50
N SER B 348 24.91 -45.76 42.44
CA SER B 348 25.35 -44.61 41.64
C SER B 348 24.17 -43.94 40.96
N LEU B 349 23.23 -44.72 40.44
CA LEU B 349 22.05 -44.15 39.79
C LEU B 349 21.23 -43.32 40.76
N GLN B 350 20.99 -43.86 41.97
CA GLN B 350 20.22 -43.12 42.97
C GLN B 350 20.94 -41.84 43.39
N PHE B 351 22.26 -41.93 43.60
CA PHE B 351 23.03 -40.76 44.00
C PHE B 351 22.95 -39.68 42.94
N ARG B 352 23.14 -40.06 41.67
CA ARG B 352 23.07 -39.08 40.59
C ARG B 352 21.68 -38.47 40.47
N THR B 353 20.64 -39.29 40.58
CA THR B 353 19.28 -38.77 40.46
C THR B 353 18.99 -37.77 41.57
N LEU B 354 19.39 -38.08 42.80
CA LEU B 354 19.21 -37.12 43.89
C LEU B 354 19.96 -35.81 43.59
N LYS B 355 21.21 -35.94 43.12
CA LYS B 355 22.03 -34.76 42.89
C LYS B 355 21.40 -33.84 41.85
N GLU B 356 20.90 -34.39 40.74
CA GLU B 356 20.27 -33.53 39.74
C GLU B 356 18.92 -33.00 40.24
N TYR B 357 18.13 -33.85 40.92
CA TYR B 357 16.77 -33.45 41.27
C TYR B 357 16.77 -32.30 42.27
N LEU B 358 17.71 -32.29 43.23
CA LEU B 358 17.76 -31.19 44.18
C LEU B 358 17.90 -29.85 43.47
N SER B 359 18.89 -29.74 42.58
CA SER B 359 19.10 -28.50 41.85
C SER B 359 17.91 -28.16 40.96
N HIS B 360 17.35 -29.17 40.27
CA HIS B 360 16.22 -28.91 39.39
C HIS B 360 15.05 -28.32 40.17
N GLU B 361 14.76 -28.91 41.34
CA GLU B 361 13.65 -28.40 42.15
C GLU B 361 13.95 -27.00 42.67
N GLN B 362 15.21 -26.72 43.02
CA GLN B 362 15.54 -25.37 43.48
C GLN B 362 15.27 -24.34 42.38
N ASP B 363 15.73 -24.62 41.15
CA ASP B 363 15.49 -23.69 40.05
C ASP B 363 14.00 -23.53 39.76
N MET B 364 13.23 -24.63 39.80
CA MET B 364 11.80 -24.49 39.56
C MET B 364 11.12 -23.67 40.66
N LEU B 365 11.54 -23.87 41.91
CA LEU B 365 10.97 -23.11 43.02
C LEU B 365 11.26 -21.63 42.87
N ARG B 366 12.45 -21.29 42.37
CA ARG B 366 12.75 -19.89 42.12
C ARG B 366 11.72 -19.25 41.20
N LEU B 367 11.45 -19.90 40.06
CA LEU B 367 10.49 -19.36 39.10
C LEU B 367 9.10 -19.30 39.69
N ARG B 368 8.70 -20.32 40.46
CA ARG B 368 7.42 -20.29 41.14
C ARG B 368 7.31 -19.06 42.04
N ILE B 369 8.37 -18.79 42.80
CA ILE B 369 8.36 -17.64 43.70
C ILE B 369 8.22 -16.36 42.92
N MET B 370 8.99 -16.21 41.83
CA MET B 370 8.89 -14.96 41.06
C MET B 370 7.50 -14.77 40.48
N ILE B 371 6.91 -15.84 39.92
CA ILE B 371 5.62 -15.67 39.25
C ILE B 371 4.50 -15.41 40.26
N TRP B 372 4.59 -16.00 41.46
CA TRP B 372 3.46 -15.95 42.38
C TRP B 372 3.25 -14.55 42.95
N ARG B 373 4.32 -13.78 43.13
CA ARG B 373 4.26 -12.55 43.92
C ARG B 373 4.39 -11.29 43.08
N THR B 374 3.76 -11.23 41.90
CA THR B 374 3.73 -10.03 41.09
C THR B 374 2.35 -9.40 41.14
N LEU B 375 2.33 -8.06 41.07
CA LEU B 375 1.07 -7.32 41.16
C LEU B 375 0.87 -6.42 39.95
N ALA B 376 1.96 -5.89 39.41
CA ALA B 376 1.87 -5.00 38.26
C ALA B 376 1.38 -5.76 37.03
N THR B 377 0.53 -5.11 36.25
CA THR B 377 -0.07 -5.72 35.08
C THR B 377 -0.08 -4.74 33.92
N ASP B 378 -0.11 -5.28 32.71
CA ASP B 378 -0.19 -4.47 31.50
C ASP B 378 -0.77 -5.36 30.39
N THR B 379 -1.31 -4.70 29.37
CA THR B 379 -1.95 -5.38 28.26
C THR B 379 -1.48 -4.78 26.93
N PHE B 380 -1.55 -5.59 25.89
CA PHE B 380 -1.17 -5.15 24.55
C PHE B 380 -1.76 -6.11 23.52
N ASP B 381 -1.87 -5.63 22.30
CA ASP B 381 -2.36 -6.43 21.18
C ASP B 381 -1.23 -6.64 20.18
N ILE B 382 -0.98 -7.90 19.84
CA ILE B 382 0.20 -8.28 19.08
C ILE B 382 -0.08 -8.55 17.61
N ALA B 383 -1.35 -8.65 17.21
CA ALA B 383 -1.67 -9.00 15.84
C ALA B 383 -1.23 -7.91 14.86
N LEU B 384 -0.66 -8.34 13.74
CA LEU B 384 -0.20 -7.40 12.73
C LEU B 384 -1.39 -6.74 12.03
N PRO B 385 -1.28 -5.47 11.64
CA PRO B 385 -2.27 -4.89 10.74
C PRO B 385 -2.22 -5.58 9.38
N VAL B 386 -3.37 -5.55 8.69
CA VAL B 386 -3.52 -6.33 7.46
C VAL B 386 -2.59 -5.85 6.34
N ASN B 387 -2.29 -4.55 6.27
CA ASN B 387 -1.53 -3.98 5.17
C ASN B 387 -0.34 -3.17 5.70
N GLN B 388 0.42 -3.77 6.62
CA GLN B 388 1.57 -3.09 7.20
C GLN B 388 2.78 -4.01 7.17
N SER B 389 3.96 -3.39 7.07
CA SER B 389 5.23 -4.10 7.07
C SER B 389 5.68 -4.37 8.50
N PHE B 390 6.81 -5.07 8.62
CA PHE B 390 7.27 -5.53 9.93
C PHE B 390 8.08 -4.46 10.66
N ASP B 391 8.68 -3.52 9.92
CA ASP B 391 9.55 -2.52 10.57
C ASP B 391 8.74 -1.60 11.47
N VAL B 392 7.59 -1.11 10.97
CA VAL B 392 6.76 -0.21 11.76
C VAL B 392 6.23 -0.92 13.01
N TRP B 393 5.75 -2.15 12.84
CA TRP B 393 5.25 -2.90 13.98
C TRP B 393 6.36 -3.17 14.99
N ALA B 394 7.56 -3.47 14.51
CA ALA B 394 8.69 -3.68 15.41
C ALA B 394 9.02 -2.41 16.19
N THR B 395 8.97 -1.25 15.53
CA THR B 395 9.22 0.00 16.24
C THR B 395 8.16 0.25 17.31
N ILE B 396 6.90 -0.05 17.00
CA ILE B 396 5.84 0.12 18.00
C ILE B 396 6.07 -0.81 19.18
N ILE B 397 6.45 -2.07 18.90
CA ILE B 397 6.73 -3.02 19.98
C ILE B 397 7.87 -2.51 20.84
N ARG B 398 8.93 -2.00 20.21
CA ARG B 398 10.08 -1.50 20.95
C ARG B 398 9.69 -0.33 21.83
N GLY B 399 8.88 0.60 21.32
CA GLY B 399 8.44 1.72 22.12
C GLY B 399 7.59 1.30 23.31
N LYS B 400 6.65 0.38 23.07
CA LYS B 400 5.80 -0.11 24.16
C LYS B 400 6.63 -0.78 25.24
N PHE B 401 7.57 -1.64 24.85
CA PHE B 401 8.40 -2.32 25.84
C PHE B 401 9.34 -1.36 26.55
N GLN B 402 9.83 -0.34 25.86
CA GLN B 402 10.66 0.67 26.52
C GLN B 402 9.86 1.42 27.57
N THR B 403 8.61 1.77 27.27
CA THR B 403 7.78 2.42 28.28
C THR B 403 7.52 1.49 29.46
N VAL B 404 7.26 0.21 29.19
CA VAL B 404 7.00 -0.75 30.25
C VAL B 404 8.21 -0.85 31.17
N TYR B 405 9.41 -0.94 30.59
CA TYR B 405 10.62 -1.01 31.41
C TYR B 405 10.89 0.31 32.12
N ARG B 406 10.51 1.44 31.52
CA ARG B 406 10.70 2.73 32.17
C ARG B 406 9.85 2.84 33.43
N ASP B 407 8.64 2.27 33.40
CA ASP B 407 7.79 2.31 34.58
C ASP B 407 8.45 1.64 35.79
N ILE B 408 9.16 0.53 35.56
CA ILE B 408 9.83 -0.17 36.65
C ILE B 408 10.89 0.73 37.29
N ILE B 409 11.71 1.37 36.46
CA ILE B 409 12.74 2.26 36.97
C ILE B 409 12.11 3.44 37.71
N GLU B 410 10.99 3.95 37.19
CA GLU B 410 10.29 5.03 37.88
C GLU B 410 9.84 4.59 39.27
N ARG B 411 9.32 3.37 39.39
CA ARG B 411 8.82 2.91 40.68
C ARG B 411 9.95 2.63 41.66
N VAL B 412 11.02 1.95 41.21
CA VAL B 412 12.08 1.55 42.14
C VAL B 412 13.17 2.60 42.29
N LYS B 413 13.26 3.56 41.38
CA LYS B 413 14.24 4.65 41.45
C LYS B 413 15.66 4.12 41.54
N SER B 414 16.01 3.22 40.63
CA SER B 414 17.35 2.66 40.55
C SER B 414 17.60 2.21 39.12
N SER B 415 18.67 1.46 38.92
CA SER B 415 19.03 0.96 37.60
C SER B 415 19.75 -0.38 37.75
N GLY B 416 19.81 -1.11 36.65
CA GLY B 416 20.44 -2.41 36.66
C GLY B 416 20.25 -3.13 35.34
N ALA B 417 20.46 -4.45 35.38
CA ALA B 417 20.36 -5.27 34.18
C ALA B 417 18.92 -5.32 33.67
N MET B 418 18.75 -5.97 32.53
CA MET B 418 17.45 -6.08 31.88
C MET B 418 17.22 -7.52 31.45
N GLY B 419 15.98 -7.96 31.59
CA GLY B 419 15.63 -9.33 31.24
C GLY B 419 14.14 -9.48 31.12
N MET B 420 13.72 -10.67 30.69
CA MET B 420 12.31 -10.92 30.43
C MET B 420 12.07 -12.41 30.33
N PHE B 421 10.86 -12.84 30.71
CA PHE B 421 10.42 -14.21 30.55
C PHE B 421 9.23 -14.24 29.61
N ALA B 422 9.26 -15.15 28.64
CA ALA B 422 8.27 -15.20 27.58
C ALA B 422 7.73 -16.61 27.42
N GLY B 423 6.47 -16.69 26.97
CA GLY B 423 5.86 -17.96 26.66
C GLY B 423 6.28 -18.48 25.30
N ALA B 424 5.73 -19.65 24.95
CA ALA B 424 6.08 -20.27 23.67
C ALA B 424 5.62 -19.43 22.49
N ASP B 425 4.35 -19.00 22.50
CA ASP B 425 3.83 -18.21 21.40
C ASP B 425 4.49 -16.84 21.33
N ALA B 426 4.76 -16.22 22.48
CA ALA B 426 5.44 -14.94 22.49
C ALA B 426 6.84 -15.06 21.90
N ALA B 427 7.57 -16.12 22.25
CA ALA B 427 8.88 -16.34 21.67
C ALA B 427 8.79 -16.61 20.18
N SER B 428 7.77 -17.35 19.76
CA SER B 428 7.58 -17.61 18.33
C SER B 428 7.36 -16.32 17.57
N PHE B 429 6.54 -15.42 18.11
CA PHE B 429 6.37 -14.10 17.49
C PHE B 429 7.67 -13.32 17.48
N PHE B 430 8.40 -13.32 18.60
CA PHE B 430 9.63 -12.54 18.67
C PHE B 430 10.67 -13.05 17.68
N LYS B 431 10.65 -14.34 17.35
CA LYS B 431 11.57 -14.89 16.38
C LYS B 431 11.29 -14.41 14.96
N GLN B 432 10.13 -13.79 14.71
CA GLN B 432 9.78 -13.31 13.38
C GLN B 432 10.22 -11.87 13.13
N LEU B 433 10.80 -11.20 14.12
CA LEU B 433 11.21 -9.82 13.95
C LEU B 433 12.41 -9.72 13.01
N PRO B 434 12.62 -8.56 12.41
CA PRO B 434 13.79 -8.37 11.55
C PRO B 434 15.09 -8.52 12.32
N LYS B 435 16.19 -8.59 11.57
CA LYS B 435 17.48 -8.99 12.13
C LYS B 435 17.99 -7.96 13.15
N ASP B 436 17.83 -6.67 12.87
CA ASP B 436 18.42 -5.66 13.74
C ASP B 436 17.67 -5.55 15.06
N PHE B 437 16.35 -5.79 15.04
CA PHE B 437 15.59 -5.76 16.29
C PHE B 437 15.88 -6.96 17.18
N PHE B 438 15.95 -8.16 16.60
CA PHE B 438 16.12 -9.38 17.37
C PHE B 438 17.41 -10.08 16.94
N GLN B 439 18.25 -10.39 17.91
CA GLN B 439 19.51 -11.07 17.65
C GLN B 439 19.42 -12.50 18.18
N PRO B 440 19.23 -13.50 17.33
CA PRO B 440 19.09 -14.88 17.81
C PRO B 440 20.39 -15.40 18.43
N ALA B 441 20.22 -16.35 19.35
CA ALA B 441 21.36 -17.00 19.95
C ALA B 441 22.14 -17.81 18.92
N GLU B 442 23.46 -17.85 19.08
CA GLU B 442 24.34 -18.52 18.14
C GLU B 442 24.15 -20.02 18.24
N ASP B 443 23.89 -20.67 17.09
CA ASP B 443 23.72 -22.12 17.02
C ASP B 443 22.63 -22.61 17.98
N TYR B 444 21.55 -21.85 18.07
CA TYR B 444 20.47 -22.21 18.98
C TYR B 444 19.68 -23.39 18.42
N ILE B 445 19.51 -24.43 19.23
CA ILE B 445 18.70 -25.60 18.88
C ILE B 445 17.61 -25.74 19.94
N GLN B 446 16.37 -25.92 19.49
CA GLN B 446 15.25 -25.96 20.40
C GLN B 446 15.33 -27.17 21.33
N THR B 447 15.04 -26.93 22.61
CA THR B 447 14.96 -27.96 23.63
C THR B 447 13.72 -27.73 24.47
N PRO B 448 13.15 -28.79 25.03
CA PRO B 448 11.95 -28.63 25.87
C PRO B 448 12.21 -28.11 27.28
N TYR B 449 13.41 -27.60 27.56
CA TYR B 449 13.72 -26.99 28.84
C TYR B 449 13.39 -25.51 28.81
N VAL B 450 13.67 -24.83 29.91
CA VAL B 450 13.62 -23.37 29.96
C VAL B 450 15.01 -22.86 29.56
N HIS B 451 15.13 -22.34 28.35
CA HIS B 451 16.42 -22.03 27.76
C HIS B 451 16.45 -20.59 27.27
N TYR B 452 17.65 -20.17 26.85
CA TYR B 452 17.90 -18.81 26.38
C TYR B 452 17.96 -18.83 24.86
N ILE B 453 17.13 -18.00 24.22
CA ILE B 453 17.03 -18.00 22.77
C ILE B 453 17.70 -16.80 22.10
N GLY B 454 18.11 -15.80 22.86
CA GLY B 454 18.81 -14.66 22.30
C GLY B 454 18.44 -13.39 23.03
N THR B 455 18.75 -12.27 22.39
CA THR B 455 18.47 -10.95 22.94
C THR B 455 17.87 -10.08 21.85
N LEU B 456 17.07 -9.10 22.28
CA LEU B 456 16.44 -8.16 21.37
C LEU B 456 16.68 -6.74 21.88
N PHE B 457 16.75 -5.80 20.94
CA PHE B 457 17.07 -4.40 21.19
C PHE B 457 18.49 -4.19 21.71
N GLY B 458 19.26 -5.27 21.85
CA GLY B 458 20.63 -5.18 22.32
C GLY B 458 20.80 -5.11 23.82
N ASN B 459 19.72 -5.03 24.58
CA ASN B 459 19.79 -4.94 26.04
C ASN B 459 19.06 -6.07 26.75
N VAL B 460 17.84 -6.38 26.33
CA VAL B 460 17.00 -7.32 27.05
C VAL B 460 17.37 -8.75 26.64
N LYS B 461 17.68 -9.57 27.63
CA LYS B 461 17.88 -11.01 27.40
C LYS B 461 16.58 -11.74 27.69
N VAL B 462 16.25 -12.71 26.83
CA VAL B 462 14.95 -13.35 26.87
C VAL B 462 15.14 -14.85 27.12
N TYR B 463 14.11 -15.45 27.72
CA TYR B 463 14.05 -16.88 27.96
C TYR B 463 12.67 -17.39 27.59
N GLU B 464 12.63 -18.59 27.01
CA GLU B 464 11.39 -19.17 26.51
C GLU B 464 10.90 -20.24 27.47
N VAL B 465 9.63 -20.15 27.85
CA VAL B 465 9.00 -21.12 28.74
C VAL B 465 8.18 -22.07 27.89
N PRO B 466 8.43 -23.38 27.93
CA PRO B 466 7.68 -24.32 27.10
C PRO B 466 6.21 -24.37 27.49
N ALA B 467 5.38 -24.77 26.52
CA ALA B 467 3.94 -24.84 26.76
C ALA B 467 3.60 -25.86 27.83
N GLY B 468 4.30 -26.99 27.85
CA GLY B 468 4.02 -28.00 28.85
C GLY B 468 4.29 -27.52 30.26
N ILE B 469 5.41 -26.81 30.46
CA ILE B 469 5.71 -26.25 31.78
C ILE B 469 4.66 -25.23 32.17
N CYS B 470 4.22 -24.42 31.21
CA CYS B 470 3.18 -23.43 31.49
C CYS B 470 1.88 -24.10 31.91
N LYS B 471 1.50 -25.17 31.23
CA LYS B 471 0.27 -25.88 31.59
C LYS B 471 0.40 -26.55 32.96
N ASN B 472 1.58 -27.13 33.25
CA ASN B 472 1.79 -27.73 34.56
C ASN B 472 1.79 -26.69 35.67
N LEU B 473 2.22 -25.46 35.36
CA LEU B 473 2.04 -24.37 36.32
C LEU B 473 0.57 -24.01 36.46
N THR B 474 -0.17 -23.99 35.35
CA THR B 474 -1.56 -23.57 35.37
C THR B 474 -2.45 -24.53 36.13
N THR B 475 -2.16 -25.84 36.08
CA THR B 475 -2.98 -26.79 36.84
C THR B 475 -2.81 -26.61 38.33
N GLU B 476 -1.76 -25.93 38.77
CA GLU B 476 -1.65 -25.50 40.16
C GLU B 476 -2.46 -24.22 40.38
N ASN B 477 -2.25 -23.60 41.53
CA ASN B 477 -2.87 -22.30 41.79
C ASN B 477 -2.15 -21.17 41.07
N ILE B 478 -0.91 -21.41 40.61
CA ILE B 478 -0.20 -20.40 39.86
C ILE B 478 -0.83 -20.24 38.48
N GLN B 479 -1.09 -18.99 38.10
CA GLN B 479 -1.76 -18.68 36.84
C GLN B 479 -0.74 -18.20 35.82
N PHE B 480 -0.74 -18.82 34.64
CA PHE B 480 0.16 -18.45 33.56
C PHE B 480 -0.33 -19.04 32.24
N SER B 481 -0.24 -18.26 31.16
CA SER B 481 -0.66 -18.72 29.85
C SER B 481 0.50 -18.55 28.86
N SER B 482 0.37 -19.23 27.71
CA SER B 482 1.41 -19.16 26.70
C SER B 482 1.56 -17.76 26.11
N MET B 483 0.55 -16.91 26.28
CA MET B 483 0.62 -15.52 25.83
C MET B 483 1.13 -14.57 26.90
N ASP B 484 1.38 -15.06 28.11
CA ASP B 484 1.82 -14.18 29.19
C ASP B 484 3.32 -13.91 29.08
N VAL B 485 3.72 -12.74 29.58
CA VAL B 485 5.10 -12.29 29.56
C VAL B 485 5.44 -11.70 30.91
N LEU B 486 6.60 -12.06 31.45
CA LEU B 486 7.08 -11.54 32.72
C LEU B 486 8.35 -10.71 32.48
N CYS B 487 8.36 -9.49 32.99
CA CYS B 487 9.49 -8.59 32.86
C CYS B 487 10.12 -8.33 34.23
N TYR B 488 11.43 -8.19 34.25
CA TYR B 488 12.15 -8.00 35.50
C TYR B 488 13.40 -7.17 35.27
N VAL B 489 13.91 -6.58 36.34
CA VAL B 489 15.13 -5.80 36.33
C VAL B 489 16.02 -6.31 37.46
N ARG B 490 17.24 -6.73 37.13
CA ARG B 490 18.19 -7.18 38.12
C ARG B 490 19.04 -6.00 38.58
N ASP B 491 19.13 -5.82 39.90
CA ASP B 491 19.84 -4.70 40.50
C ASP B 491 21.07 -5.22 41.23
N GLU B 492 22.21 -4.57 41.00
CA GLU B 492 23.48 -4.96 41.59
C GLU B 492 23.97 -3.99 42.66
N ASN B 493 23.15 -3.02 43.05
CA ASN B 493 23.56 -2.04 44.04
C ASN B 493 23.82 -2.72 45.38
N PRO B 494 24.73 -2.16 46.20
CA PRO B 494 25.14 -2.85 47.43
C PRO B 494 23.99 -3.14 48.39
N GLY B 495 23.02 -2.24 48.50
CA GLY B 495 21.96 -2.43 49.48
C GLY B 495 20.59 -2.72 48.89
N LYS B 496 20.45 -2.56 47.58
CA LYS B 496 19.17 -2.70 46.91
C LYS B 496 19.23 -3.85 45.90
N ALA B 497 18.23 -4.71 45.93
CA ALA B 497 18.13 -5.82 44.99
C ALA B 497 16.68 -6.26 44.90
N GLY B 498 16.32 -6.79 43.74
CA GLY B 498 14.96 -7.26 43.51
C GLY B 498 14.71 -8.63 44.10
N PHE B 499 15.43 -9.64 43.60
CA PHE B 499 15.32 -11.01 44.09
C PHE B 499 16.68 -11.46 44.57
N VAL B 500 16.72 -12.04 45.78
CA VAL B 500 17.97 -12.44 46.41
C VAL B 500 18.01 -13.96 46.52
N THR B 501 19.23 -14.50 46.49
CA THR B 501 19.45 -15.93 46.65
C THR B 501 20.83 -16.13 47.25
N GLY B 502 21.03 -17.31 47.83
CA GLY B 502 22.29 -17.61 48.46
C GLY B 502 22.31 -19.04 48.96
N ASP B 503 23.45 -19.44 49.49
CA ASP B 503 23.68 -20.80 49.99
C ASP B 503 24.32 -20.68 51.38
N ALA B 504 23.50 -20.84 52.42
CA ALA B 504 24.03 -20.78 53.78
C ALA B 504 24.89 -21.99 54.09
N VAL B 505 24.40 -23.19 53.77
CA VAL B 505 25.12 -24.43 54.01
C VAL B 505 24.95 -25.33 52.80
N PRO B 506 26.02 -25.72 52.11
CA PRO B 506 25.89 -26.59 50.95
C PRO B 506 25.43 -27.99 51.34
N ALA B 507 24.94 -28.72 50.36
CA ALA B 507 24.45 -30.07 50.60
C ALA B 507 25.54 -30.97 51.15
N ILE B 508 25.21 -31.74 52.17
CA ILE B 508 26.15 -32.63 52.85
C ILE B 508 25.65 -34.06 52.66
N PRO B 509 26.31 -34.87 51.82
CA PRO B 509 25.90 -36.26 51.68
C PRO B 509 26.15 -37.06 52.95
N PHE B 510 25.23 -37.97 53.24
CA PHE B 510 25.35 -38.87 54.39
C PHE B 510 25.15 -40.30 53.91
N GLN B 511 26.12 -41.17 54.21
CA GLN B 511 26.05 -42.57 53.84
C GLN B 511 25.93 -43.40 55.11
N HIS B 512 24.90 -44.25 55.17
CA HIS B 512 24.70 -45.09 56.33
C HIS B 512 25.16 -46.52 56.05
N PRO B 513 25.72 -47.20 57.04
CA PRO B 513 26.13 -48.59 56.84
C PRO B 513 24.94 -49.50 56.66
N THR B 514 25.23 -50.72 56.23
CA THR B 514 24.19 -51.69 55.95
C THR B 514 23.39 -52.00 57.21
N THR B 515 22.08 -51.81 57.14
CA THR B 515 21.21 -52.12 58.27
C THR B 515 21.17 -53.63 58.49
N PRO B 516 21.05 -54.08 59.74
CA PRO B 516 20.84 -55.51 59.99
C PRO B 516 19.67 -56.11 59.22
N ALA B 517 18.80 -55.29 58.63
CA ALA B 517 17.77 -55.76 57.72
C ALA B 517 18.22 -55.71 56.27
N LEU B 518 19.52 -55.50 56.03
CA LEU B 518 20.10 -55.48 54.68
C LEU B 518 19.48 -54.37 53.83
N VAL B 519 19.63 -53.13 54.31
CA VAL B 519 19.12 -51.95 53.63
C VAL B 519 20.23 -50.91 53.54
N ASN B 520 20.40 -50.32 52.37
CA ASN B 520 21.34 -49.22 52.15
C ASN B 520 20.55 -47.93 51.95
N ARG B 521 20.93 -46.88 52.66
CA ARG B 521 20.20 -45.62 52.64
C ARG B 521 21.18 -44.46 52.54
N THR B 522 20.79 -43.43 51.78
CA THR B 522 21.57 -42.23 51.61
C THR B 522 20.68 -41.00 51.78
N THR B 523 21.22 -39.97 52.44
CA THR B 523 20.47 -38.77 52.74
C THR B 523 21.27 -37.54 52.34
N LEU B 524 20.56 -36.47 52.01
CA LEU B 524 21.15 -35.18 51.70
C LEU B 524 20.47 -34.11 52.53
N TRP B 525 21.26 -33.14 53.01
CA TRP B 525 20.73 -32.07 53.83
C TRP B 525 21.53 -30.80 53.57
N GLY B 526 20.87 -29.66 53.74
CA GLY B 526 21.52 -28.38 53.52
C GLY B 526 20.54 -27.26 53.77
N SER B 527 21.07 -26.04 53.71
CA SER B 527 20.29 -24.83 53.94
C SER B 527 20.60 -23.81 52.86
N ALA B 528 19.58 -23.03 52.49
CA ALA B 528 19.74 -22.00 51.47
C ALA B 528 18.63 -20.98 51.65
N ILE B 529 18.80 -19.83 51.00
CA ILE B 529 17.81 -18.75 51.03
C ILE B 529 17.35 -18.50 49.60
N ASN B 530 16.03 -18.50 49.41
CA ASN B 530 15.42 -18.23 48.10
C ASN B 530 14.10 -17.51 48.36
N ASP B 531 14.15 -16.18 48.34
CA ASP B 531 12.97 -15.36 48.61
C ASP B 531 13.22 -13.97 48.03
N MET B 532 12.18 -13.14 48.09
CA MET B 532 12.25 -11.79 47.56
C MET B 532 12.70 -10.83 48.65
N HIS B 533 13.33 -9.73 48.23
CA HIS B 533 13.95 -8.82 49.18
C HIS B 533 12.90 -8.19 50.07
N PRO B 534 13.13 -8.14 51.40
CA PRO B 534 12.09 -7.62 52.30
C PRO B 534 11.73 -6.17 52.05
N ARG B 535 12.69 -5.33 51.64
CA ARG B 535 12.44 -3.91 51.45
C ARG B 535 12.15 -3.66 49.97
N ASN B 536 10.87 -3.42 49.66
CA ASN B 536 10.44 -3.07 48.31
C ASN B 536 10.92 -4.15 47.32
N GLY B 537 10.32 -5.33 47.42
CA GLY B 537 10.71 -6.44 46.58
C GLY B 537 9.97 -6.52 45.26
N ALA B 538 8.65 -6.68 45.31
CA ALA B 538 7.85 -7.03 44.14
C ALA B 538 7.78 -5.92 43.10
N ASP B 539 8.23 -4.69 43.42
CA ASP B 539 8.11 -3.60 42.47
C ASP B 539 9.05 -3.74 41.28
N TYR B 540 9.98 -4.69 41.33
CA TYR B 540 10.91 -4.93 40.24
C TYR B 540 10.33 -5.79 39.13
N PHE B 541 9.10 -6.29 39.28
CA PHE B 541 8.53 -7.22 38.33
C PHE B 541 7.18 -6.69 37.84
N THR B 542 6.93 -6.89 36.54
CA THR B 542 5.62 -6.62 35.94
C THR B 542 5.23 -7.80 35.06
N ARG B 543 3.94 -8.07 35.01
CA ARG B 543 3.38 -9.14 34.19
C ARG B 543 2.60 -8.52 33.04
N VAL B 544 2.97 -8.91 31.81
CA VAL B 544 2.36 -8.38 30.60
C VAL B 544 1.72 -9.53 29.85
N THR B 545 0.45 -9.36 29.47
CA THR B 545 -0.27 -10.35 28.69
C THR B 545 -0.62 -9.74 27.33
N LEU B 546 -0.63 -10.59 26.30
CA LEU B 546 -0.86 -10.15 24.93
C LEU B 546 -2.16 -10.74 24.41
N THR B 547 -3.00 -9.88 23.84
CA THR B 547 -4.24 -10.32 23.22
C THR B 547 -4.07 -10.36 21.70
N MET B 548 -4.98 -11.07 21.05
CA MET B 548 -4.88 -11.39 19.63
C MET B 548 -6.21 -11.13 18.92
N ALA B 549 -6.82 -9.98 19.20
CA ALA B 549 -8.15 -9.67 18.66
C ALA B 549 -8.23 -8.19 18.35
N LYS B 550 -8.15 -7.85 17.05
CA LYS B 550 -8.31 -6.48 16.60
C LYS B 550 -8.87 -6.50 15.18
N LYS B 551 -9.61 -5.47 14.82
CA LYS B 551 -10.20 -5.39 13.49
C LYS B 551 -9.12 -5.26 12.44
N GLY B 552 -9.28 -5.99 11.34
CA GLY B 552 -8.34 -5.91 10.24
C GLY B 552 -6.94 -6.40 10.56
N GLY B 553 -6.84 -7.54 11.25
CA GLY B 553 -5.56 -8.11 11.61
C GLY B 553 -5.46 -9.57 11.24
N LEU B 554 -4.24 -10.10 11.35
CA LEU B 554 -3.96 -11.51 11.07
C LEU B 554 -3.35 -12.15 12.29
N ASN B 555 -3.83 -13.35 12.63
CA ASN B 555 -3.27 -14.15 13.70
C ASN B 555 -2.42 -15.26 13.09
N PHE B 556 -1.13 -15.27 13.44
CA PHE B 556 -0.23 -16.26 12.82
C PHE B 556 -0.53 -17.68 13.26
N ILE B 557 -1.31 -17.85 14.34
CA ILE B 557 -1.69 -19.19 14.76
C ILE B 557 -2.54 -19.87 13.70
N SER B 558 -3.51 -19.14 13.14
CA SER B 558 -4.38 -19.68 12.11
C SER B 558 -4.20 -19.02 10.76
N GLY B 559 -3.59 -17.84 10.69
CA GLY B 559 -3.40 -17.16 9.43
C GLY B 559 -4.69 -16.73 8.77
N ASP B 560 -5.61 -16.14 9.55
CA ASP B 560 -6.90 -15.71 9.04
C ASP B 560 -7.18 -14.29 9.50
N THR B 561 -7.94 -13.56 8.68
CA THR B 561 -8.33 -12.20 9.01
C THR B 561 -9.32 -12.22 10.16
N ILE B 562 -9.30 -11.14 10.95
CA ILE B 562 -10.13 -11.03 12.15
C ILE B 562 -11.23 -10.02 11.85
N ASP B 563 -12.43 -10.51 11.56
CA ASP B 563 -13.61 -9.68 11.37
C ASP B 563 -13.39 -8.60 10.31
N ALA B 564 -12.71 -8.96 9.23
CA ALA B 564 -12.43 -8.03 8.15
C ALA B 564 -12.10 -8.77 6.86
N GLU C 125 17.41 -28.04 73.82
CA GLU C 125 18.33 -27.11 74.46
C GLU C 125 19.72 -27.72 74.62
N MET C 126 20.27 -28.20 73.51
CA MET C 126 21.61 -28.79 73.47
C MET C 126 22.45 -28.12 72.39
N MET C 127 23.75 -28.00 72.64
CA MET C 127 24.61 -27.20 71.78
C MET C 127 25.08 -27.97 70.53
N SER C 128 24.92 -29.29 70.51
CA SER C 128 25.55 -30.07 69.43
C SER C 128 24.85 -29.85 68.09
N VAL C 129 23.52 -29.89 68.09
CA VAL C 129 22.77 -29.84 66.83
C VAL C 129 22.70 -28.44 66.24
N SER C 130 23.14 -27.41 66.97
CA SER C 130 23.29 -26.04 66.49
C SER C 130 21.96 -25.36 66.19
N ASP C 131 20.92 -25.61 67.00
CA ASP C 131 19.69 -24.83 66.90
C ASP C 131 19.37 -24.02 68.15
N GLY C 132 19.80 -24.47 69.33
CA GLY C 132 19.52 -23.78 70.57
C GLY C 132 20.30 -22.51 70.81
N VAL C 133 21.20 -22.15 69.88
CA VAL C 133 21.98 -20.93 70.04
C VAL C 133 21.06 -19.72 69.94
N MET C 134 21.47 -18.62 70.59
CA MET C 134 20.63 -17.42 70.60
C MET C 134 20.69 -16.68 69.28
N ARG C 135 21.80 -16.82 68.54
CA ARG C 135 22.14 -16.21 67.25
C ARG C 135 22.21 -14.69 67.35
N LEU C 136 23.07 -14.08 66.54
CA LEU C 136 23.32 -12.64 66.55
C LEU C 136 23.15 -12.09 65.15
N PRO C 137 22.51 -10.93 65.01
CA PRO C 137 22.35 -10.32 63.70
C PRO C 137 23.64 -9.65 63.21
N LEU C 138 23.56 -9.09 62.00
CA LEU C 138 24.67 -8.36 61.41
C LEU C 138 24.19 -7.02 60.87
N PHE C 139 25.15 -6.12 60.63
CA PHE C 139 24.83 -4.77 60.18
C PHE C 139 24.44 -4.73 58.71
N LEU C 140 25.14 -5.48 57.86
CA LEU C 140 25.01 -5.39 56.40
C LEU C 140 25.24 -3.95 55.98
N ALA C 141 24.25 -3.24 55.44
CA ALA C 141 24.51 -1.97 54.78
C ALA C 141 23.65 -0.82 55.31
N MET C 142 24.12 0.41 55.08
CA MET C 142 23.39 1.63 55.39
C MET C 142 22.91 2.26 54.10
N ILE C 143 21.74 2.90 54.15
CA ILE C 143 21.13 3.52 52.99
C ILE C 143 20.83 4.98 53.32
N LEU C 144 21.23 5.88 52.44
CA LEU C 144 21.02 7.31 52.57
C LEU C 144 20.14 7.83 51.44
N PRO C 145 19.42 8.93 51.65
CA PRO C 145 18.55 9.46 50.60
C PRO C 145 19.34 9.93 49.40
N VAL C 146 18.71 9.86 48.22
CA VAL C 146 19.31 10.30 46.98
C VAL C 146 19.15 11.80 46.85
N GLN C 147 19.89 12.41 45.92
CA GLN C 147 19.84 13.85 45.74
C GLN C 147 18.57 14.27 44.99
N LEU C 148 18.26 15.56 45.08
CA LEU C 148 17.08 16.13 44.45
C LEU C 148 17.50 17.23 43.48
N GLY C 149 16.71 17.39 42.42
CA GLY C 149 17.00 18.43 41.45
C GLY C 149 16.00 18.39 40.30
N ALA C 150 16.11 19.39 39.44
CA ALA C 150 15.27 19.49 38.25
C ALA C 150 15.98 20.38 37.24
N ALA C 151 15.58 20.25 35.98
CA ALA C 151 16.17 20.98 34.86
C ALA C 151 15.09 21.80 34.18
N THR C 152 14.86 23.02 34.68
CA THR C 152 13.85 23.92 34.12
C THR C 152 14.43 25.28 33.74
N ALA C 153 15.75 25.43 33.75
CA ALA C 153 16.37 26.73 33.50
C ALA C 153 16.49 27.07 32.03
N ASP C 154 16.18 26.15 31.12
CA ASP C 154 16.31 26.45 29.70
C ASP C 154 15.34 27.55 29.26
N ALA C 155 14.11 27.52 29.78
CA ALA C 155 13.12 28.53 29.45
C ALA C 155 13.34 29.85 30.16
N CYS C 156 14.37 29.95 30.99
CA CYS C 156 14.55 31.08 31.89
C CYS C 156 15.50 32.10 31.27
N THR C 157 15.35 33.36 31.68
CA THR C 157 16.25 34.43 31.32
C THR C 157 16.77 35.10 32.57
N PHE C 158 18.08 35.36 32.60
CA PHE C 158 18.74 35.91 33.78
C PHE C 158 19.01 37.39 33.56
N ILE C 159 18.56 38.21 34.49
CA ILE C 159 18.80 39.66 34.43
C ILE C 159 19.28 40.13 35.79
N PRO C 160 20.16 41.13 35.85
CA PRO C 160 20.61 41.63 37.15
C PRO C 160 19.53 42.45 37.84
N VAL C 161 19.37 42.22 39.14
CA VAL C 161 18.46 42.98 39.98
C VAL C 161 19.23 43.52 41.17
N THR C 162 19.15 44.83 41.39
CA THR C 162 19.89 45.47 42.48
C THR C 162 19.01 46.30 43.41
N ARG C 163 17.81 46.69 43.00
CA ARG C 163 16.92 47.50 43.82
C ARG C 163 15.52 46.89 43.79
N ASP C 164 14.64 47.47 44.60
CA ASP C 164 13.31 46.88 44.78
C ASP C 164 12.43 47.07 43.55
N GLN C 165 12.56 48.22 42.87
CA GLN C 165 11.73 48.52 41.72
C GLN C 165 12.58 48.89 40.51
N SER C 166 12.16 48.42 39.35
CA SER C 166 12.78 48.76 38.07
C SER C 166 11.68 49.15 37.10
N ASP C 167 12.01 50.01 36.14
CA ASP C 167 11.03 50.56 35.21
C ASP C 167 11.47 50.32 33.77
N ILE C 168 10.48 50.11 32.90
CA ILE C 168 10.71 49.94 31.47
C ILE C 168 9.67 50.77 30.72
N TYR C 169 10.12 51.48 29.69
CA TYR C 169 9.25 52.33 28.89
C TYR C 169 9.30 51.89 27.43
N GLU C 170 8.30 52.32 26.67
CA GLU C 170 8.29 52.07 25.23
C GLU C 170 7.39 53.08 24.54
N VAL C 171 7.57 53.19 23.22
CA VAL C 171 6.88 54.19 22.41
C VAL C 171 6.08 53.48 21.32
N PHE C 172 4.99 54.11 20.90
CA PHE C 172 4.12 53.56 19.87
C PHE C 172 3.95 54.57 18.73
N ASN C 173 3.46 54.06 17.59
CA ASN C 173 3.04 54.93 16.50
C ASN C 173 1.51 54.99 16.46
N VAL C 174 0.97 56.20 16.50
CA VAL C 174 -0.46 56.41 16.62
C VAL C 174 -0.92 57.35 15.51
N ALA C 175 -2.02 57.00 14.84
CA ALA C 175 -2.61 57.85 13.81
C ALA C 175 -3.21 59.08 14.48
N GLY C 176 -2.69 60.26 14.12
CA GLY C 176 -3.14 61.48 14.76
C GLY C 176 -4.57 61.85 14.43
N SER C 177 -4.97 61.68 13.17
CA SER C 177 -6.28 62.14 12.71
C SER C 177 -7.21 60.97 12.43
N SER C 178 -8.50 61.21 12.60
CA SER C 178 -9.53 60.21 12.32
C SER C 178 -9.98 60.40 10.87
N PHE C 179 -9.17 59.87 9.95
CA PHE C 179 -9.42 60.01 8.52
C PHE C 179 -9.22 58.66 7.85
N GLY C 180 -9.95 58.45 6.76
CA GLY C 180 -9.83 57.19 6.03
C GLY C 180 -10.28 56.02 6.87
N SER C 181 -9.59 54.90 6.69
CA SER C 181 -9.96 53.68 7.43
C SER C 181 -9.74 53.84 8.92
N TYR C 182 -8.64 54.46 9.32
CA TYR C 182 -8.28 54.53 10.73
C TYR C 182 -9.01 55.67 11.43
N ALA C 183 -9.08 55.56 12.75
CA ALA C 183 -9.57 56.60 13.63
C ALA C 183 -8.45 57.03 14.57
N ALA C 184 -8.61 58.22 15.16
CA ALA C 184 -7.58 58.75 16.04
C ALA C 184 -7.36 57.82 17.23
N GLY C 185 -6.09 57.58 17.55
CA GLY C 185 -5.72 56.72 18.65
C GLY C 185 -5.35 55.31 18.27
N ASP C 186 -5.59 54.90 17.02
CA ASP C 186 -5.22 53.56 16.58
C ASP C 186 -3.71 53.45 16.42
N VAL C 187 -3.21 52.23 16.49
CA VAL C 187 -1.78 51.96 16.40
C VAL C 187 -1.45 51.49 14.99
N LEU C 188 -0.29 51.93 14.49
CA LEU C 188 0.20 51.54 13.18
C LEU C 188 1.45 50.69 13.37
N ASP C 189 1.50 49.55 12.67
CA ASP C 189 2.58 48.59 12.85
C ASP C 189 2.87 47.91 11.52
N MET C 190 3.59 46.79 11.60
CA MET C 190 4.00 46.06 10.40
C MET C 190 2.80 45.55 9.61
N GLN C 191 1.77 45.05 10.30
CA GLN C 191 0.62 44.43 9.67
C GLN C 191 -0.54 45.40 9.48
N SER C 192 -0.30 46.70 9.62
CA SER C 192 -1.37 47.68 9.46
C SER C 192 -1.71 47.84 7.98
N VAL C 193 -2.99 47.67 7.66
CA VAL C 193 -3.49 47.79 6.29
C VAL C 193 -4.68 48.73 6.28
N GLY C 194 -4.69 49.67 5.36
CA GLY C 194 -5.79 50.59 5.23
C GLY C 194 -5.41 51.75 4.34
N VAL C 195 -6.40 52.61 4.09
CA VAL C 195 -6.20 53.81 3.29
C VAL C 195 -5.96 55.00 4.22
N TYR C 196 -4.88 55.72 3.98
CA TYR C 196 -4.48 56.85 4.82
C TYR C 196 -3.44 57.65 4.06
N SER C 197 -3.75 58.92 3.81
CA SER C 197 -2.91 59.84 3.03
C SER C 197 -2.87 59.50 1.54
N GLN C 198 -3.74 58.61 1.08
CA GLN C 198 -3.87 58.34 -0.35
C GLN C 198 -5.21 58.88 -0.83
N LEU C 199 -5.16 59.68 -1.90
CA LEU C 199 -6.34 60.40 -2.38
C LEU C 199 -7.23 59.56 -3.27
N ARG C 200 -6.68 58.73 -4.15
CA ARG C 200 -7.48 57.93 -5.06
C ARG C 200 -8.03 56.71 -4.34
N ARG C 201 -9.35 56.64 -4.18
CA ARG C 201 -9.99 55.57 -3.44
C ARG C 201 -11.20 55.07 -4.21
N ARG C 202 -11.62 53.86 -3.90
CA ARG C 202 -12.79 53.24 -4.51
C ARG C 202 -13.78 52.84 -3.43
N TYR C 203 -15.07 53.02 -3.73
CA TYR C 203 -16.13 52.69 -2.79
C TYR C 203 -17.17 51.83 -3.48
N VAL C 204 -17.80 50.95 -2.70
CA VAL C 204 -18.85 50.07 -3.20
C VAL C 204 -20.20 50.73 -2.91
N LEU C 205 -20.99 50.94 -3.96
CA LEU C 205 -22.27 51.63 -3.82
C LEU C 205 -23.38 50.66 -3.43
N VAL C 206 -23.58 49.60 -4.20
CA VAL C 206 -24.60 48.60 -3.94
C VAL C 206 -23.94 47.22 -4.03
N ALA C 207 -24.12 46.40 -2.99
CA ALA C 207 -23.57 45.06 -3.00
C ALA C 207 -24.37 44.14 -3.92
N SER C 208 -25.70 44.24 -3.85
CA SER C 208 -26.57 43.40 -4.68
C SER C 208 -27.85 44.17 -4.98
N SER C 209 -28.21 44.22 -6.25
CA SER C 209 -29.39 44.96 -6.67
C SER C 209 -30.67 44.22 -6.30
N ASP C 210 -31.75 44.97 -6.14
CA ASP C 210 -33.06 44.37 -5.88
C ASP C 210 -33.80 44.01 -7.16
N GLY C 211 -33.30 44.41 -8.33
CA GLY C 211 -33.94 44.11 -9.59
C GLY C 211 -35.07 45.05 -9.98
N THR C 212 -35.37 46.07 -9.16
CA THR C 212 -36.46 46.98 -9.43
C THR C 212 -36.07 48.45 -9.32
N SER C 213 -34.83 48.76 -8.95
CA SER C 213 -34.39 50.14 -8.76
C SER C 213 -33.54 50.57 -9.95
N LYS C 214 -33.95 51.66 -10.59
CA LYS C 214 -33.21 52.23 -11.71
C LYS C 214 -32.27 53.35 -11.30
N THR C 215 -32.25 53.73 -10.01
CA THR C 215 -31.47 54.87 -9.56
C THR C 215 -30.69 54.50 -8.30
N ALA C 216 -29.53 55.13 -8.14
CA ALA C 216 -28.72 55.00 -6.93
C ALA C 216 -27.89 56.27 -6.79
N THR C 217 -27.79 56.77 -5.56
CA THR C 217 -27.06 58.00 -5.28
C THR C 217 -25.87 57.70 -4.38
N PHE C 218 -24.68 58.07 -4.83
CA PHE C 218 -23.46 57.96 -4.05
C PHE C 218 -23.15 59.30 -3.41
N LYS C 219 -23.30 59.38 -2.09
CA LYS C 219 -23.04 60.59 -1.35
C LYS C 219 -21.81 60.35 -0.48
N MET C 220 -20.77 61.18 -0.67
CA MET C 220 -19.58 61.00 0.14
C MET C 220 -19.83 61.35 1.61
N GLU C 221 -20.96 61.97 1.92
CA GLU C 221 -21.37 62.15 3.32
C GLU C 221 -21.66 60.81 3.99
N ASP C 222 -21.80 59.73 3.22
CA ASP C 222 -22.08 58.42 3.80
C ASP C 222 -20.79 57.72 4.21
N PHE C 223 -19.85 57.61 3.28
CA PHE C 223 -18.57 56.94 3.54
C PHE C 223 -17.55 57.84 4.22
N GLU C 224 -17.85 59.14 4.38
CA GLU C 224 -16.97 60.08 5.05
C GLU C 224 -17.80 61.08 5.83
N GLY C 225 -17.15 61.74 6.79
CA GLY C 225 -17.87 62.62 7.70
C GLY C 225 -18.50 63.81 7.02
N GLN C 226 -17.76 64.48 6.16
CA GLN C 226 -18.22 65.74 5.56
C GLN C 226 -18.09 65.64 4.04
N ASN C 227 -18.64 66.63 3.36
CA ASN C 227 -18.49 66.74 1.91
C ASN C 227 -17.07 67.12 1.55
N VAL C 228 -16.59 66.62 0.42
CA VAL C 228 -15.27 66.96 -0.10
C VAL C 228 -15.36 67.24 -1.59
N PRO C 229 -14.55 68.15 -2.13
CA PRO C 229 -14.51 68.34 -3.58
C PRO C 229 -13.91 67.13 -4.26
N ILE C 230 -14.31 66.93 -5.52
CA ILE C 230 -13.83 65.82 -6.33
C ILE C 230 -13.20 66.39 -7.60
N ARG C 231 -12.01 65.90 -7.92
CA ARG C 231 -11.31 66.37 -9.11
C ARG C 231 -12.05 65.96 -10.37
N LYS C 232 -12.11 66.88 -11.33
CA LYS C 232 -12.82 66.65 -12.57
C LYS C 232 -11.98 65.80 -13.53
N GLY C 233 -12.67 64.97 -14.30
CA GLY C 233 -12.01 64.14 -15.29
C GLY C 233 -11.16 63.03 -14.72
N ARG C 234 -11.41 62.62 -13.47
CA ARG C 234 -10.60 61.59 -12.83
C ARG C 234 -11.47 60.56 -12.12
N THR C 235 -12.68 60.30 -12.61
CA THR C 235 -13.60 59.39 -11.97
C THR C 235 -13.92 58.23 -12.91
N ASN C 236 -14.31 57.11 -12.31
CA ASN C 236 -14.68 55.92 -13.05
C ASN C 236 -15.71 55.14 -12.25
N ILE C 237 -16.46 54.30 -12.97
CA ILE C 237 -17.47 53.44 -12.35
C ILE C 237 -17.15 52.00 -12.69
N TYR C 238 -17.56 51.09 -11.82
CA TYR C 238 -17.34 49.66 -12.00
C TYR C 238 -18.66 48.93 -11.96
N VAL C 239 -18.93 48.13 -13.00
CA VAL C 239 -20.10 47.25 -13.04
C VAL C 239 -19.59 45.81 -13.12
N ASN C 240 -19.95 45.00 -12.12
CA ASN C 240 -19.43 43.64 -11.99
C ASN C 240 -17.90 43.63 -12.04
N ARG C 241 -17.30 44.60 -11.34
CA ARG C 241 -15.84 44.77 -11.31
C ARG C 241 -15.25 44.90 -12.71
N ILE C 242 -15.95 45.63 -13.57
CA ILE C 242 -15.44 46.00 -14.89
C ILE C 242 -15.56 47.50 -15.01
N LYS C 243 -14.44 48.18 -15.27
CA LYS C 243 -14.40 49.63 -15.30
C LYS C 243 -14.75 50.16 -16.68
N SER C 244 -15.10 51.44 -16.72
CA SER C 244 -15.53 52.12 -17.94
C SER C 244 -14.61 53.30 -18.22
N VAL C 245 -14.98 54.08 -19.23
CA VAL C 245 -14.18 55.25 -19.60
C VAL C 245 -14.33 56.33 -18.54
N VAL C 246 -13.41 57.30 -18.58
CA VAL C 246 -13.45 58.40 -17.62
C VAL C 246 -14.65 59.30 -17.92
N ASP C 247 -15.06 60.05 -16.90
CA ASP C 247 -16.21 60.92 -17.03
C ASP C 247 -15.89 62.11 -17.93
N ASN C 248 -16.95 62.69 -18.50
CA ASN C 248 -16.81 63.94 -19.22
C ASN C 248 -16.38 65.04 -18.25
N GLY C 249 -15.59 65.98 -18.77
CA GLY C 249 -15.06 67.03 -17.92
C GLY C 249 -16.14 67.89 -17.31
N SER C 250 -17.10 68.32 -18.12
CA SER C 250 -18.10 69.27 -17.64
C SER C 250 -19.01 68.70 -16.56
N GLY C 251 -19.90 67.77 -16.91
CA GLY C 251 -20.81 67.26 -15.90
C GLY C 251 -21.32 65.84 -16.03
N SER C 252 -20.83 65.04 -16.97
CA SER C 252 -21.53 63.82 -17.36
C SER C 252 -20.60 62.62 -17.46
N LEU C 253 -21.21 61.44 -17.59
CA LEU C 253 -20.52 60.18 -17.82
C LEU C 253 -21.49 59.25 -18.55
N LEU C 254 -21.03 58.64 -19.64
CA LEU C 254 -21.84 57.71 -20.42
C LEU C 254 -21.16 56.35 -20.45
N HIS C 255 -21.94 55.30 -20.24
CA HIS C 255 -21.43 53.94 -20.23
C HIS C 255 -22.56 52.98 -20.58
N SER C 256 -22.20 51.85 -21.19
CA SER C 256 -23.15 50.84 -21.58
C SER C 256 -22.57 49.46 -21.33
N PHE C 257 -23.42 48.53 -20.92
CA PHE C 257 -23.00 47.15 -20.65
C PHE C 257 -24.14 46.22 -21.05
N THR C 258 -23.77 44.96 -21.30
CA THR C 258 -24.70 43.98 -21.84
C THR C 258 -25.40 43.22 -20.73
N ASN C 259 -26.72 43.10 -20.84
CA ASN C 259 -27.49 42.32 -19.90
C ASN C 259 -27.16 40.82 -20.05
N ALA C 260 -27.28 40.09 -18.94
CA ALA C 260 -26.95 38.67 -18.95
C ALA C 260 -27.84 37.90 -19.93
N ALA C 261 -29.13 38.22 -19.96
CA ALA C 261 -30.03 37.56 -20.91
C ALA C 261 -29.76 37.96 -22.34
N GLY C 262 -29.12 39.12 -22.56
CA GLY C 262 -28.76 39.56 -23.90
C GLY C 262 -29.17 40.97 -24.24
N GLU C 263 -29.88 41.68 -23.37
CA GLU C 263 -30.31 43.05 -23.68
C GLU C 263 -29.15 44.02 -23.49
N GLN C 264 -29.46 45.31 -23.66
CA GLN C 264 -28.47 46.38 -23.53
C GLN C 264 -29.01 47.45 -22.59
N ILE C 265 -28.16 47.95 -21.71
CA ILE C 265 -28.52 48.99 -20.75
C ILE C 265 -27.54 50.14 -20.91
N THR C 266 -28.06 51.35 -20.93
CA THR C 266 -27.25 52.56 -21.03
C THR C 266 -27.24 53.29 -19.69
N VAL C 267 -26.08 53.81 -19.31
CA VAL C 267 -25.88 54.42 -18.01
C VAL C 267 -25.53 55.89 -18.19
N THR C 268 -26.28 56.76 -17.50
CA THR C 268 -26.01 58.19 -17.49
C THR C 268 -25.77 58.64 -16.06
N CYS C 269 -24.90 59.63 -15.89
CA CYS C 269 -24.48 60.10 -14.57
C CYS C 269 -24.55 61.62 -14.51
N SER C 270 -24.98 62.14 -13.37
CA SER C 270 -24.93 63.57 -13.08
C SER C 270 -23.97 63.81 -11.94
N LEU C 271 -23.03 64.73 -12.14
CA LEU C 271 -21.92 64.93 -11.21
C LEU C 271 -22.00 66.30 -10.56
N ASN C 272 -21.64 66.35 -9.28
CA ASN C 272 -21.53 67.59 -8.52
C ASN C 272 -20.14 67.60 -7.87
N TYR C 273 -19.17 68.19 -8.57
CA TYR C 273 -17.79 68.15 -8.10
C TYR C 273 -17.61 68.90 -6.79
N ASN C 274 -18.41 69.95 -6.55
CA ASN C 274 -18.19 70.81 -5.40
C ASN C 274 -18.36 70.07 -4.08
N ILE C 275 -19.39 69.22 -3.98
CA ILE C 275 -19.69 68.50 -2.76
C ILE C 275 -19.60 66.99 -2.92
N GLY C 276 -19.02 66.50 -4.01
CA GLY C 276 -18.82 65.08 -4.18
C GLY C 276 -20.09 64.27 -4.25
N GLN C 277 -21.06 64.73 -5.03
CA GLN C 277 -22.34 64.06 -5.18
C GLN C 277 -22.51 63.63 -6.64
N ILE C 278 -22.79 62.34 -6.84
CA ILE C 278 -23.03 61.78 -8.16
C ILE C 278 -24.30 60.95 -8.10
N ALA C 279 -25.22 61.21 -9.04
CA ALA C 279 -26.46 60.47 -9.15
C ALA C 279 -26.36 59.48 -10.30
N LEU C 280 -26.82 58.26 -10.07
CA LEU C 280 -26.76 57.19 -11.06
C LEU C 280 -28.17 56.89 -11.56
N SER C 281 -28.32 56.81 -12.87
CA SER C 281 -29.60 56.53 -13.51
C SER C 281 -29.43 55.41 -14.51
N PHE C 282 -30.36 54.47 -14.52
CA PHE C 282 -30.33 53.31 -15.41
C PHE C 282 -31.45 53.39 -16.42
N SER C 283 -31.18 52.91 -17.63
CA SER C 283 -32.24 52.79 -18.63
C SER C 283 -33.27 51.76 -18.19
N LYS C 284 -32.83 50.65 -17.60
CA LYS C 284 -33.72 49.66 -17.04
C LYS C 284 -33.06 49.05 -15.82
N ALA C 285 -33.87 48.44 -14.97
CA ALA C 285 -33.35 47.84 -13.75
C ALA C 285 -32.45 46.65 -14.10
N PRO C 286 -31.20 46.62 -13.61
CA PRO C 286 -30.32 45.49 -13.92
C PRO C 286 -30.78 44.20 -13.27
N ASP C 287 -30.00 43.13 -13.44
CA ASP C 287 -30.33 41.85 -12.83
C ASP C 287 -30.16 41.93 -11.32
N LYS C 288 -30.73 40.94 -10.63
CA LYS C 288 -30.72 40.95 -9.17
C LYS C 288 -29.29 40.81 -8.62
N GLY C 289 -28.47 39.97 -9.24
CA GLY C 289 -27.10 39.84 -8.78
C GLY C 289 -26.15 40.73 -9.56
N THR C 290 -25.85 41.90 -9.00
CA THR C 290 -24.92 42.85 -9.61
C THR C 290 -24.44 43.79 -8.52
N GLU C 291 -23.24 44.34 -8.71
CA GLU C 291 -22.67 45.32 -7.80
C GLU C 291 -22.07 46.48 -8.57
N ILE C 292 -22.08 47.65 -7.96
CA ILE C 292 -21.59 48.89 -8.57
C ILE C 292 -20.56 49.50 -7.65
N ALA C 293 -19.41 49.88 -8.22
CA ALA C 293 -18.34 50.51 -7.47
C ALA C 293 -17.92 51.80 -8.14
N ILE C 294 -17.54 52.78 -7.32
CA ILE C 294 -17.17 54.11 -7.79
C ILE C 294 -15.72 54.37 -7.40
N GLU C 295 -14.92 54.81 -8.36
CA GLU C 295 -13.51 55.13 -8.13
C GLU C 295 -13.30 56.62 -8.39
N THR C 296 -12.89 57.35 -7.36
CA THR C 296 -12.66 58.79 -7.46
C THR C 296 -11.43 59.15 -6.66
N GLU C 297 -11.06 60.43 -6.69
CA GLU C 297 -9.98 60.96 -5.88
C GLU C 297 -10.39 62.32 -5.33
N ILE C 298 -9.82 62.66 -4.18
CA ILE C 298 -10.23 63.86 -3.45
C ILE C 298 -9.41 65.06 -3.92
N ASN C 299 -10.10 66.15 -4.22
CA ASN C 299 -9.45 67.40 -4.63
C ASN C 299 -8.87 68.05 -3.40
N ILE C 300 -7.67 67.61 -3.00
CA ILE C 300 -7.05 68.09 -1.78
C ILE C 300 -6.65 69.57 -1.90
N GLU C 301 -6.28 70.03 -3.09
CA GLU C 301 -5.86 71.42 -3.24
C GLU C 301 -7.04 72.37 -3.00
N ALA C 302 -8.26 71.92 -3.28
CA ALA C 302 -9.42 72.76 -3.05
C ALA C 302 -9.71 72.91 -1.56
N ALA C 303 -9.48 71.86 -0.78
CA ALA C 303 -9.69 71.88 0.66
C ALA C 303 -8.36 71.62 1.36
N PRO C 304 -7.65 72.66 1.78
CA PRO C 304 -6.31 72.44 2.37
C PRO C 304 -6.31 71.64 3.64
N GLU C 305 -7.44 71.53 4.34
CA GLU C 305 -7.52 70.78 5.58
C GLU C 305 -7.64 69.29 5.27
N LEU C 306 -7.98 68.49 6.29
CA LEU C 306 -8.14 67.05 6.21
C LEU C 306 -6.84 66.33 5.88
N ILE C 307 -5.69 66.92 6.25
CA ILE C 307 -4.39 66.27 6.08
C ILE C 307 -4.18 65.35 7.27
N PRO C 308 -3.88 64.07 7.05
CA PRO C 308 -3.67 63.16 8.18
C PRO C 308 -2.41 63.51 8.97
N LEU C 309 -2.34 62.98 10.18
CA LEU C 309 -1.27 63.30 11.12
C LEU C 309 -0.75 62.02 11.77
N ILE C 310 0.39 62.15 12.45
CA ILE C 310 1.06 61.04 13.12
C ILE C 310 1.47 61.50 14.52
N ASN C 311 1.25 60.64 15.51
CA ASN C 311 1.56 60.96 16.89
C ASN C 311 2.21 59.74 17.54
N HIS C 312 2.43 59.81 18.86
CA HIS C 312 3.09 58.75 19.60
C HIS C 312 2.51 58.67 21.00
N GLU C 313 2.94 57.65 21.75
CA GLU C 313 2.49 57.41 23.11
C GLU C 313 3.62 56.80 23.93
N MET C 314 3.34 56.52 25.19
CA MET C 314 4.32 55.95 26.11
C MET C 314 3.63 55.17 27.21
N LYS C 315 4.32 54.15 27.72
CA LYS C 315 3.83 53.27 28.79
C LYS C 315 4.92 53.06 29.83
N LYS C 316 4.61 52.23 30.83
CA LYS C 316 5.56 51.94 31.90
C LYS C 316 5.19 50.63 32.57
N TYR C 317 6.20 49.94 33.10
CA TYR C 317 6.02 48.68 33.80
C TYR C 317 7.04 48.60 34.94
N THR C 318 6.78 47.70 35.89
CA THR C 318 7.59 47.59 37.10
C THR C 318 7.91 46.14 37.42
N LEU C 319 8.80 45.95 38.40
CA LEU C 319 9.22 44.64 38.87
C LEU C 319 9.58 44.72 40.35
N PHE C 320 9.57 43.56 41.01
CA PHE C 320 10.01 43.43 42.40
C PHE C 320 10.20 41.96 42.75
N PRO C 321 11.19 41.63 43.60
CA PRO C 321 11.43 40.22 43.94
C PRO C 321 10.67 39.75 45.17
N SER C 322 10.91 38.49 45.58
CA SER C 322 10.28 37.91 46.76
C SER C 322 11.33 37.30 47.68
N GLN C 323 10.91 36.68 48.77
CA GLN C 323 11.81 36.13 49.78
C GLN C 323 11.47 34.69 50.09
N PHE C 324 12.33 34.06 50.89
CA PHE C 324 12.16 32.68 51.33
C PHE C 324 12.97 32.46 52.60
N VAL C 325 12.61 31.42 53.36
CA VAL C 325 13.27 31.13 54.63
C VAL C 325 12.99 29.68 55.01
N ILE C 326 13.98 29.06 55.68
CA ILE C 326 13.85 27.69 56.15
C ILE C 326 14.80 27.50 57.32
N ALA C 327 14.58 26.45 58.11
CA ALA C 327 15.41 26.19 59.28
C ALA C 327 15.41 24.70 59.58
N ALA C 328 16.35 24.29 60.44
CA ALA C 328 16.50 22.90 60.85
C ALA C 328 16.72 22.83 62.35
N GLU C 329 16.36 21.70 62.94
CA GLU C 329 16.39 21.52 64.38
C GLU C 329 17.01 20.18 64.75
N HIS C 330 17.80 20.18 65.83
CA HIS C 330 18.36 18.96 66.40
C HIS C 330 18.90 19.29 67.78
N THR C 331 19.07 18.24 68.59
CA THR C 331 19.51 18.37 69.98
C THR C 331 20.89 17.76 70.18
N VAL C 332 21.51 18.14 71.29
CA VAL C 332 22.87 17.68 71.58
C VAL C 332 22.89 16.18 71.88
N GLN C 333 21.97 15.72 72.75
CA GLN C 333 21.97 14.31 73.14
C GLN C 333 21.70 13.41 71.96
N ALA C 334 20.74 13.78 71.10
CA ALA C 334 20.45 12.98 69.93
C ALA C 334 21.64 12.94 68.99
N ALA C 335 22.33 14.07 68.81
CA ALA C 335 23.51 14.10 67.96
C ALA C 335 24.61 13.20 68.49
N TYR C 336 24.85 13.24 69.81
CA TYR C 336 25.87 12.38 70.39
C TYR C 336 25.50 10.91 70.26
N GLU C 337 24.22 10.57 70.47
CA GLU C 337 23.79 9.19 70.33
C GLU C 337 23.96 8.70 68.90
N ALA C 338 23.60 9.54 67.92
CA ALA C 338 23.78 9.16 66.53
C ALA C 338 25.26 8.99 66.19
N GLN C 339 26.12 9.87 66.72
CA GLN C 339 27.55 9.74 66.50
C GLN C 339 28.07 8.43 67.07
N ARG C 340 27.64 8.08 68.28
CA ARG C 340 28.12 6.86 68.92
C ARG C 340 27.63 5.62 68.18
N GLU C 341 26.36 5.61 67.76
CA GLU C 341 25.75 4.40 67.22
C GLU C 341 26.16 4.11 65.78
N PHE C 342 26.03 5.10 64.89
CA PHE C 342 26.28 4.89 63.48
C PHE C 342 27.37 5.77 62.90
N GLY C 343 27.94 6.69 63.69
CA GLY C 343 28.99 7.55 63.19
C GLY C 343 28.52 8.53 62.13
N LEU C 344 27.37 9.14 62.35
CA LEU C 344 26.81 10.13 61.44
C LEU C 344 26.80 11.51 62.09
N ASP C 345 27.08 12.52 61.28
CA ASP C 345 27.04 13.91 61.74
C ASP C 345 25.70 14.50 61.35
N LEU C 346 24.86 14.80 62.34
CA LEU C 346 23.53 15.31 62.08
C LEU C 346 23.55 16.71 61.47
N GLY C 347 24.45 17.58 61.94
CA GLY C 347 24.45 18.96 61.48
C GLY C 347 24.74 19.08 60.00
N SER C 348 25.77 18.38 59.52
CA SER C 348 26.11 18.42 58.10
C SER C 348 24.97 17.84 57.27
N LEU C 349 24.35 16.76 57.74
CA LEU C 349 23.22 16.18 57.03
C LEU C 349 22.10 17.20 56.86
N GLN C 350 21.70 17.85 57.96
CA GLN C 350 20.64 18.84 57.89
C GLN C 350 21.02 20.01 56.99
N PHE C 351 22.27 20.47 57.08
CA PHE C 351 22.72 21.57 56.25
C PHE C 351 22.59 21.24 54.77
N ARG C 352 23.14 20.09 54.37
CA ARG C 352 23.08 19.69 52.97
C ARG C 352 21.64 19.47 52.51
N THR C 353 20.79 18.94 53.39
CA THR C 353 19.38 18.77 53.04
C THR C 353 18.73 20.11 52.74
N LEU C 354 19.00 21.12 53.58
CA LEU C 354 18.45 22.45 53.34
C LEU C 354 18.93 23.02 52.02
N LYS C 355 20.24 22.92 51.76
CA LYS C 355 20.79 23.48 50.53
C LYS C 355 20.17 22.82 49.31
N GLU C 356 19.99 21.50 49.34
CA GLU C 356 19.39 20.81 48.20
C GLU C 356 17.92 21.19 48.03
N TYR C 357 17.16 21.20 49.13
CA TYR C 357 15.73 21.46 49.05
C TYR C 357 15.44 22.87 48.55
N LEU C 358 16.27 23.85 48.90
CA LEU C 358 16.04 25.21 48.42
C LEU C 358 16.01 25.25 46.89
N SER C 359 17.04 24.71 46.25
CA SER C 359 17.10 24.73 44.79
C SER C 359 16.00 23.86 44.19
N HIS C 360 15.71 22.72 44.80
CA HIS C 360 14.66 21.86 44.26
C HIS C 360 13.32 22.59 44.24
N GLU C 361 12.97 23.25 45.34
CA GLU C 361 11.72 23.99 45.38
C GLU C 361 11.74 25.17 44.43
N GLN C 362 12.89 25.83 44.26
CA GLN C 362 12.93 26.95 43.31
C GLN C 362 12.63 26.47 41.89
N ASP C 363 13.20 25.34 41.49
CA ASP C 363 12.91 24.81 40.16
C ASP C 363 11.43 24.42 40.04
N MET C 364 10.89 23.76 41.07
CA MET C 364 9.49 23.37 41.03
C MET C 364 8.57 24.58 40.93
N LEU C 365 8.90 25.66 41.66
CA LEU C 365 8.10 26.88 41.58
C LEU C 365 8.17 27.50 40.20
N ARG C 366 9.37 27.52 39.60
CA ARG C 366 9.49 28.01 38.23
C ARG C 366 8.56 27.25 37.30
N LEU C 367 8.59 25.92 37.36
CA LEU C 367 7.75 25.11 36.49
C LEU C 367 6.27 25.39 36.74
N ARG C 368 5.88 25.50 38.02
CA ARG C 368 4.48 25.74 38.35
C ARG C 368 4.01 27.09 37.80
N ILE C 369 4.83 28.13 37.94
CA ILE C 369 4.46 29.44 37.40
C ILE C 369 4.28 29.34 35.89
N MET C 370 5.24 28.71 35.21
CA MET C 370 5.18 28.63 33.75
C MET C 370 3.94 27.89 33.28
N ILE C 371 3.58 26.79 33.94
CA ILE C 371 2.39 26.08 33.49
C ILE C 371 1.12 26.85 33.85
N TRP C 372 1.07 27.48 35.02
CA TRP C 372 -0.17 28.11 35.46
C TRP C 372 -0.51 29.36 34.67
N ARG C 373 0.51 30.15 34.28
CA ARG C 373 0.20 31.43 33.66
C ARG C 373 -0.08 31.34 32.17
N THR C 374 0.00 30.15 31.57
CA THR C 374 -0.22 30.02 30.13
C THR C 374 -1.68 30.25 29.78
N LEU C 375 -1.93 30.83 28.61
CA LEU C 375 -3.28 31.12 28.14
C LEU C 375 -3.57 30.65 26.73
N ALA C 376 -2.56 30.19 25.98
CA ALA C 376 -2.73 29.77 24.59
C ALA C 376 -2.96 28.27 24.53
N THR C 377 -3.90 27.86 23.67
CA THR C 377 -4.26 26.46 23.52
C THR C 377 -4.18 26.05 22.05
N ASP C 378 -3.97 24.75 21.84
CA ASP C 378 -3.97 24.16 20.51
C ASP C 378 -4.17 22.66 20.65
N THR C 379 -4.69 22.05 19.58
CA THR C 379 -4.98 20.62 19.57
C THR C 379 -4.47 20.01 18.28
N PHE C 380 -4.22 18.70 18.34
CA PHE C 380 -3.72 17.94 17.19
C PHE C 380 -3.86 16.44 17.42
N ASP C 381 -4.24 15.70 16.39
CA ASP C 381 -4.35 14.25 16.51
C ASP C 381 -3.09 13.58 16.00
N ILE C 382 -2.57 12.64 16.80
CA ILE C 382 -1.26 12.06 16.56
C ILE C 382 -1.32 10.58 16.21
N ALA C 383 -2.50 9.96 16.20
CA ALA C 383 -2.59 8.54 15.91
C ALA C 383 -2.12 8.23 14.49
N LEU C 384 -1.33 7.18 14.35
CA LEU C 384 -0.80 6.81 13.04
C LEU C 384 -1.90 6.20 12.18
N PRO C 385 -1.97 6.55 10.90
CA PRO C 385 -2.91 5.85 10.00
C PRO C 385 -2.52 4.38 9.86
N VAL C 386 -3.50 3.56 9.47
CA VAL C 386 -3.29 2.12 9.42
C VAL C 386 -2.19 1.76 8.42
N ASN C 387 -2.22 2.37 7.23
CA ASN C 387 -1.36 1.98 6.14
C ASN C 387 -0.40 3.09 5.71
N GLN C 388 0.23 3.74 6.69
CA GLN C 388 1.16 4.83 6.41
C GLN C 388 2.49 4.57 7.10
N SER C 389 3.56 5.02 6.45
CA SER C 389 4.90 4.91 7.03
C SER C 389 5.17 6.09 7.96
N PHE C 390 6.29 5.99 8.70
CA PHE C 390 6.61 7.00 9.69
C PHE C 390 7.15 8.29 9.09
N ASP C 391 7.67 8.25 7.87
CA ASP C 391 8.26 9.46 7.27
C ASP C 391 7.20 10.51 6.97
N VAL C 392 6.08 10.11 6.37
CA VAL C 392 5.02 11.06 6.05
C VAL C 392 4.45 11.66 7.34
N TRP C 393 4.20 10.81 8.33
CA TRP C 393 3.65 11.30 9.59
C TRP C 393 4.62 12.24 10.30
N ALA C 394 5.91 11.92 10.24
CA ALA C 394 6.92 12.79 10.83
C ALA C 394 6.95 14.15 10.11
N THR C 395 6.83 14.13 8.79
CA THR C 395 6.78 15.39 8.04
C THR C 395 5.56 16.21 8.45
N ILE C 396 4.40 15.56 8.61
CA ILE C 396 3.19 16.26 9.00
C ILE C 396 3.35 16.87 10.39
N ILE C 397 3.92 16.11 11.32
CA ILE C 397 4.13 16.62 12.68
C ILE C 397 5.10 17.80 12.66
N ARG C 398 6.17 17.69 11.86
CA ARG C 398 7.11 18.80 11.74
C ARG C 398 6.41 20.05 11.20
N GLY C 399 5.57 19.89 10.19
CA GLY C 399 4.84 21.03 9.67
C GLY C 399 3.92 21.66 10.70
N LYS C 400 3.22 20.83 11.47
CA LYS C 400 2.32 21.34 12.50
C LYS C 400 3.09 22.14 13.54
N PHE C 401 4.23 21.62 13.98
CA PHE C 401 5.01 22.33 14.99
C PHE C 401 5.63 23.60 14.43
N GLN C 402 6.03 23.59 13.15
CA GLN C 402 6.49 24.82 12.51
C GLN C 402 5.38 25.87 12.47
N THR C 403 4.15 25.44 12.19
CA THR C 403 3.03 26.38 12.22
C THR C 403 2.81 26.94 13.62
N VAL C 404 2.93 26.09 14.64
CA VAL C 404 2.75 26.56 16.02
C VAL C 404 3.80 27.61 16.37
N TYR C 405 5.06 27.34 16.03
CA TYR C 405 6.11 28.30 16.31
C TYR C 405 5.96 29.57 15.47
N ARG C 406 5.47 29.45 14.24
CA ARG C 406 5.14 30.62 13.45
C ARG C 406 4.10 31.47 14.15
N ASP C 407 3.08 30.83 14.70
CA ASP C 407 2.02 31.56 15.39
C ASP C 407 2.56 32.30 16.61
N ILE C 408 3.37 31.63 17.42
CA ILE C 408 3.88 32.30 18.62
C ILE C 408 4.83 33.43 18.25
N ILE C 409 5.68 33.22 17.23
CA ILE C 409 6.58 34.28 16.79
C ILE C 409 5.80 35.47 16.27
N GLU C 410 4.72 35.22 15.52
CA GLU C 410 3.87 36.30 15.04
C GLU C 410 3.25 37.06 16.20
N ARG C 411 2.82 36.34 17.24
CA ARG C 411 2.22 37.00 18.40
C ARG C 411 3.23 37.89 19.11
N VAL C 412 4.48 37.41 19.26
CA VAL C 412 5.45 38.16 20.05
C VAL C 412 6.15 39.22 19.18
N LYS C 413 6.31 38.93 17.89
CA LYS C 413 7.03 39.81 16.96
C LYS C 413 8.48 39.99 17.41
N SER C 414 9.15 38.87 17.69
CA SER C 414 10.55 38.88 18.09
C SER C 414 11.12 37.49 17.84
N SER C 415 12.45 37.40 17.87
CA SER C 415 13.15 36.15 17.61
C SER C 415 13.89 35.67 18.85
N GLY C 416 14.26 34.40 18.84
CA GLY C 416 14.98 33.82 19.94
C GLY C 416 15.06 32.31 19.79
N ALA C 417 15.54 31.67 20.86
CA ALA C 417 15.66 30.23 20.87
C ALA C 417 14.29 29.59 21.11
N MET C 418 14.19 28.31 20.79
CA MET C 418 12.96 27.54 20.93
C MET C 418 13.20 26.34 21.82
N GLY C 419 12.21 26.02 22.67
CA GLY C 419 12.27 24.88 23.56
C GLY C 419 10.99 24.07 23.50
N MET C 420 10.89 23.10 24.41
CA MET C 420 9.77 22.18 24.42
C MET C 420 9.69 21.46 25.76
N PHE C 421 8.50 21.43 26.35
CA PHE C 421 8.23 20.67 27.55
C PHE C 421 7.18 19.62 27.22
N ALA C 422 7.52 18.35 27.45
CA ALA C 422 6.68 17.24 27.00
C ALA C 422 6.42 16.28 28.15
N GLY C 423 5.28 15.62 28.09
CA GLY C 423 4.93 14.58 29.04
C GLY C 423 5.59 13.26 28.72
N ALA C 424 5.28 12.26 29.55
CA ALA C 424 5.88 10.94 29.40
C ALA C 424 5.46 10.29 28.08
N ASP C 425 4.15 10.27 27.80
CA ASP C 425 3.67 9.63 26.58
C ASP C 425 4.12 10.40 25.34
N ALA C 426 4.10 11.73 25.40
CA ALA C 426 4.55 12.52 24.25
C ALA C 426 6.03 12.28 23.96
N ALA C 427 6.86 12.22 25.00
CA ALA C 427 8.27 11.94 24.80
C ALA C 427 8.47 10.52 24.27
N SER C 428 7.69 9.57 24.77
CA SER C 428 7.80 8.20 24.28
C SER C 428 7.46 8.13 22.79
N PHE C 429 6.42 8.84 22.36
CA PHE C 429 6.08 8.88 20.94
C PHE C 429 7.18 9.57 20.14
N PHE C 430 7.73 10.66 20.68
CA PHE C 430 8.78 11.39 19.96
C PHE C 430 10.02 10.54 19.77
N LYS C 431 10.33 9.67 20.74
CA LYS C 431 11.50 8.80 20.61
C LYS C 431 11.35 7.83 19.44
N GLN C 432 10.12 7.53 19.04
CA GLN C 432 9.88 6.58 17.96
C GLN C 432 10.18 7.15 16.58
N LEU C 433 10.40 8.46 16.47
CA LEU C 433 10.61 9.08 15.17
C LEU C 433 11.96 8.65 14.58
N PRO C 434 12.10 8.71 13.24
CA PRO C 434 13.35 8.25 12.62
C PRO C 434 14.55 9.11 12.97
N LYS C 435 15.72 8.75 12.43
CA LYS C 435 16.98 9.39 12.84
C LYS C 435 17.01 10.87 12.46
N ASP C 436 16.71 11.19 11.20
CA ASP C 436 16.92 12.56 10.73
C ASP C 436 15.92 13.54 11.34
N PHE C 437 14.77 13.05 11.80
CA PHE C 437 13.80 13.96 12.42
C PHE C 437 14.13 14.20 13.88
N PHE C 438 14.56 13.18 14.61
CA PHE C 438 14.83 13.29 16.04
C PHE C 438 16.21 12.71 16.34
N GLN C 439 17.04 13.51 17.00
CA GLN C 439 18.38 13.07 17.40
C GLN C 439 18.42 12.85 18.90
N PRO C 440 18.53 11.62 19.37
CA PRO C 440 18.59 11.38 20.82
C PRO C 440 19.88 11.92 21.42
N ALA C 441 19.81 12.26 22.70
CA ALA C 441 20.97 12.74 23.41
C ALA C 441 22.03 11.66 23.52
N GLU C 442 23.29 12.04 23.32
CA GLU C 442 24.39 11.09 23.43
C GLU C 442 24.53 10.61 24.87
N ASP C 443 24.93 9.34 25.03
CA ASP C 443 25.04 8.65 26.31
C ASP C 443 23.89 9.00 27.25
N TYR C 444 22.68 9.02 26.71
CA TYR C 444 21.50 9.34 27.50
C TYR C 444 21.09 8.15 28.35
N ILE C 445 20.84 8.40 29.63
CA ILE C 445 20.46 7.36 30.58
C ILE C 445 19.08 7.68 31.13
N GLN C 446 18.33 6.63 31.47
CA GLN C 446 16.97 6.80 31.97
C GLN C 446 17.00 7.18 33.44
N THR C 447 16.28 8.25 33.78
CA THR C 447 16.18 8.74 35.14
C THR C 447 14.75 9.18 35.43
N PRO C 448 14.33 9.11 36.69
CA PRO C 448 12.98 9.61 37.04
C PRO C 448 12.97 11.12 37.28
N TYR C 449 14.03 11.80 36.88
CA TYR C 449 14.12 13.24 37.00
C TYR C 449 13.42 13.94 35.83
N VAL C 450 13.35 15.26 35.92
CA VAL C 450 13.02 16.09 34.77
C VAL C 450 14.31 16.39 34.03
N HIS C 451 14.51 15.76 32.87
CA HIS C 451 15.81 15.75 32.24
C HIS C 451 15.68 16.02 30.75
N TYR C 452 16.75 16.57 30.19
CA TYR C 452 16.84 16.77 28.75
C TYR C 452 17.08 15.43 28.06
N ILE C 453 16.37 15.21 26.96
CA ILE C 453 16.41 13.92 26.29
C ILE C 453 16.93 14.00 24.85
N GLY C 454 16.93 15.17 24.22
CA GLY C 454 17.43 15.27 22.87
C GLY C 454 16.79 16.44 22.15
N THR C 455 17.24 16.64 20.91
CA THR C 455 16.73 17.69 20.05
C THR C 455 16.12 17.09 18.81
N LEU C 456 14.97 17.62 18.40
CA LEU C 456 14.29 17.19 17.19
C LEU C 456 14.20 18.36 16.22
N PHE C 457 14.24 18.04 14.92
CA PHE C 457 14.29 19.00 13.83
C PHE C 457 15.57 19.84 13.83
N GLY C 458 16.50 19.55 14.74
CA GLY C 458 17.76 20.27 14.81
C GLY C 458 17.74 21.56 15.58
N ASN C 459 16.56 22.07 15.96
CA ASN C 459 16.46 23.34 16.66
C ASN C 459 15.83 23.21 18.03
N VAL C 460 14.71 22.51 18.14
CA VAL C 460 13.96 22.46 19.39
C VAL C 460 14.56 21.42 20.33
N LYS C 461 14.73 21.81 21.59
CA LYS C 461 15.22 20.91 22.63
C LYS C 461 14.04 20.43 23.45
N VAL C 462 14.09 19.17 23.89
CA VAL C 462 12.97 18.50 24.53
C VAL C 462 13.36 18.12 25.96
N TYR C 463 12.49 18.43 26.91
CA TYR C 463 12.63 18.00 28.29
C TYR C 463 11.40 17.17 28.68
N GLU C 464 11.65 16.04 29.34
CA GLU C 464 10.59 15.09 29.65
C GLU C 464 10.17 15.21 31.11
N VAL C 465 8.87 15.11 31.36
CA VAL C 465 8.29 15.20 32.68
C VAL C 465 7.75 13.83 33.06
N PRO C 466 8.19 13.24 34.18
CA PRO C 466 7.70 11.91 34.56
C PRO C 466 6.22 11.93 34.90
N ALA C 467 5.61 10.73 34.81
CA ALA C 467 4.17 10.62 35.05
C ALA C 467 3.80 10.96 36.48
N GLY C 468 4.64 10.57 37.45
CA GLY C 468 4.35 10.87 38.83
C GLY C 468 4.27 12.35 39.11
N ILE C 469 5.17 13.12 38.50
CA ILE C 469 5.12 14.57 38.66
C ILE C 469 3.85 15.14 38.05
N CYS C 470 3.42 14.59 36.92
CA CYS C 470 2.16 15.01 36.33
C CYS C 470 0.99 14.73 37.27
N LYS C 471 0.97 13.55 37.89
CA LYS C 471 -0.10 13.22 38.83
C LYS C 471 -0.09 14.17 40.01
N ASN C 472 1.09 14.45 40.57
CA ASN C 472 1.19 15.36 41.69
C ASN C 472 0.72 16.76 41.31
N LEU C 473 1.08 17.22 40.10
CA LEU C 473 0.61 18.52 39.64
C LEU C 473 -0.90 18.55 39.51
N THR C 474 -1.49 17.48 38.96
CA THR C 474 -2.95 17.43 38.83
C THR C 474 -3.63 17.46 40.19
N THR C 475 -3.05 16.77 41.17
CA THR C 475 -3.63 16.78 42.51
C THR C 475 -3.62 18.18 43.12
N GLU C 476 -2.67 19.02 42.69
CA GLU C 476 -2.53 20.37 43.22
C GLU C 476 -3.26 21.42 42.38
N ASN C 477 -4.35 21.04 41.71
CA ASN C 477 -5.18 21.96 40.94
C ASN C 477 -4.38 22.67 39.84
N ILE C 478 -3.44 21.94 39.24
CA ILE C 478 -2.71 22.40 38.07
C ILE C 478 -2.77 21.29 37.03
N GLN C 479 -3.42 21.56 35.91
CA GLN C 479 -3.78 20.52 34.94
C GLN C 479 -2.58 20.24 34.04
N PHE C 480 -2.13 18.99 34.03
CA PHE C 480 -1.08 18.54 33.12
C PHE C 480 -1.10 17.02 33.08
N SER C 481 -1.24 16.46 31.89
CA SER C 481 -1.28 15.02 31.71
C SER C 481 -0.12 14.60 30.82
N SER C 482 0.09 13.28 30.76
CA SER C 482 1.18 12.74 29.95
C SER C 482 0.94 12.96 28.46
N MET C 483 -0.31 13.28 28.07
CA MET C 483 -0.59 13.56 26.67
C MET C 483 -0.40 15.03 26.34
N ASP C 484 -0.37 15.89 27.35
CA ASP C 484 -0.16 17.32 27.11
C ASP C 484 1.29 17.59 26.76
N VAL C 485 1.52 18.73 26.11
CA VAL C 485 2.85 19.18 25.73
C VAL C 485 2.86 20.69 25.74
N LEU C 486 4.00 21.29 26.08
CA LEU C 486 4.11 22.73 26.23
C LEU C 486 5.28 23.24 25.38
N CYS C 487 5.02 24.30 24.61
CA CYS C 487 6.00 24.91 23.73
C CYS C 487 6.28 26.33 24.19
N TYR C 488 7.53 26.77 24.04
CA TYR C 488 7.94 28.09 24.49
C TYR C 488 9.08 28.60 23.63
N VAL C 489 9.34 29.90 23.74
CA VAL C 489 10.44 30.56 23.05
C VAL C 489 11.15 31.46 24.04
N ARG C 490 12.47 31.35 24.10
CA ARG C 490 13.29 32.17 24.98
C ARG C 490 13.88 33.33 24.19
N ASP C 491 13.71 34.54 24.71
CA ASP C 491 14.18 35.75 24.05
C ASP C 491 15.51 36.20 24.64
N GLU C 492 16.31 36.87 23.82
CA GLU C 492 17.61 37.36 24.23
C GLU C 492 17.81 38.85 24.03
N ASN C 493 16.84 39.55 23.43
CA ASN C 493 16.97 40.98 23.24
C ASN C 493 17.00 41.69 24.58
N PRO C 494 17.72 42.81 24.69
CA PRO C 494 17.91 43.46 26.00
C PRO C 494 16.61 43.90 26.67
N GLY C 495 15.62 44.34 25.89
CA GLY C 495 14.45 44.96 26.49
C GLY C 495 13.26 44.05 26.72
N LYS C 496 13.29 42.83 26.19
CA LYS C 496 12.15 41.94 26.28
C LYS C 496 12.61 40.53 26.63
N ALA C 497 11.75 39.82 27.36
CA ALA C 497 12.02 38.44 27.74
C ALA C 497 10.71 37.77 28.08
N GLY C 498 10.71 36.43 28.05
CA GLY C 498 9.53 35.67 28.38
C GLY C 498 9.37 35.39 29.85
N PHE C 499 10.38 34.78 30.46
CA PHE C 499 10.39 34.47 31.88
C PHE C 499 11.63 35.10 32.51
N VAL C 500 11.44 35.73 33.66
CA VAL C 500 12.48 36.55 34.29
C VAL C 500 12.86 35.93 35.62
N THR C 501 14.16 35.68 35.80
CA THR C 501 14.70 35.18 37.06
C THR C 501 15.96 35.95 37.42
N GLY C 502 16.20 36.09 38.72
CA GLY C 502 17.39 36.75 39.20
C GLY C 502 17.54 36.54 40.69
N ASP C 503 18.76 36.72 41.18
CA ASP C 503 19.10 36.51 42.58
C ASP C 503 19.40 37.88 43.19
N ALA C 504 18.40 38.46 43.85
CA ALA C 504 18.60 39.76 44.48
C ALA C 504 19.54 39.66 45.67
N VAL C 505 19.31 38.70 46.55
CA VAL C 505 20.17 38.47 47.70
C VAL C 505 20.42 36.98 47.84
N PRO C 506 21.67 36.52 47.73
CA PRO C 506 21.94 35.09 47.89
C PRO C 506 21.65 34.62 49.31
N ALA C 507 21.38 33.32 49.43
CA ALA C 507 21.05 32.76 50.73
C ALA C 507 22.17 32.99 51.74
N ILE C 508 21.79 33.40 52.94
CA ILE C 508 22.74 33.75 53.99
C ILE C 508 22.63 32.70 55.09
N PRO C 509 23.70 31.96 55.39
CA PRO C 509 23.64 30.96 56.46
C PRO C 509 23.73 31.62 57.83
N PHE C 510 22.73 31.39 58.66
CA PHE C 510 22.69 31.88 60.03
C PHE C 510 22.76 30.69 60.98
N GLN C 511 23.70 30.75 61.93
CA GLN C 511 23.89 29.70 62.92
C GLN C 511 23.61 30.27 64.30
N HIS C 512 22.81 29.57 65.07
CA HIS C 512 22.49 30.01 66.42
C HIS C 512 23.30 29.22 67.44
N PRO C 513 23.91 29.90 68.41
CA PRO C 513 24.71 29.20 69.41
C PRO C 513 23.84 28.33 70.31
N THR C 514 24.51 27.41 71.02
CA THR C 514 23.81 26.46 71.86
C THR C 514 23.08 27.17 73.00
N THR C 515 21.77 27.07 73.01
CA THR C 515 20.95 27.71 74.03
C THR C 515 20.82 26.78 75.24
N PRO C 516 20.33 27.30 76.37
CA PRO C 516 19.92 26.42 77.46
C PRO C 516 18.88 25.41 76.97
N ALA C 517 18.81 24.25 77.63
CA ALA C 517 18.09 23.05 77.19
C ALA C 517 18.79 22.35 76.05
N LEU C 518 19.94 22.85 75.61
CA LEU C 518 20.84 22.15 74.69
C LEU C 518 20.14 21.79 73.36
N VAL C 519 19.73 22.82 72.64
CA VAL C 519 19.14 22.67 71.32
C VAL C 519 19.83 23.62 70.35
N ASN C 520 20.26 23.09 69.20
CA ASN C 520 20.96 23.86 68.19
C ASN C 520 20.11 23.96 66.93
N ARG C 521 20.18 25.09 66.25
CA ARG C 521 19.45 25.27 65.01
C ARG C 521 20.21 26.22 64.09
N THR C 522 19.90 26.15 62.80
CA THR C 522 20.44 27.03 61.78
C THR C 522 19.30 27.52 60.90
N THR C 523 19.51 28.68 60.28
CA THR C 523 18.49 29.31 59.46
C THR C 523 19.10 29.80 58.15
N LEU C 524 18.32 29.73 57.08
CA LEU C 524 18.71 30.25 55.77
C LEU C 524 17.69 31.27 55.32
N TRP C 525 18.16 32.41 54.82
CA TRP C 525 17.29 33.48 54.36
C TRP C 525 17.87 34.10 53.11
N GLY C 526 16.99 34.55 52.22
CA GLY C 526 17.43 35.14 50.97
C GLY C 526 16.24 35.65 50.18
N SER C 527 16.55 36.30 49.06
CA SER C 527 15.55 36.90 48.20
C SER C 527 15.89 36.64 46.74
N ALA C 528 14.85 36.56 45.92
CA ALA C 528 15.00 36.33 44.48
C ALA C 528 13.71 36.72 43.79
N ILE C 529 13.76 36.74 42.46
CA ILE C 529 12.62 37.09 41.63
C ILE C 529 12.32 35.93 40.69
N ASN C 530 11.06 35.51 40.65
CA ASN C 530 10.62 34.39 39.81
C ASN C 530 9.18 34.69 39.36
N ASP C 531 9.03 35.31 38.20
CA ASP C 531 7.72 35.72 37.74
C ASP C 531 7.80 35.99 36.24
N MET C 532 6.62 36.07 35.62
CA MET C 532 6.52 36.44 34.21
C MET C 532 6.93 37.88 34.00
N HIS C 533 7.36 38.20 32.78
CA HIS C 533 7.69 39.57 32.46
C HIS C 533 6.44 40.43 32.50
N PRO C 534 6.52 41.65 33.05
CA PRO C 534 5.32 42.48 33.14
C PRO C 534 4.72 42.84 31.80
N ARG C 535 5.54 43.01 30.77
CA ARG C 535 5.08 43.32 29.42
C ARG C 535 4.86 42.02 28.67
N ASN C 536 3.59 41.71 28.39
CA ASN C 536 3.13 40.58 27.57
C ASN C 536 3.97 39.32 27.75
N GLY C 537 4.34 39.02 28.99
CA GLY C 537 5.21 37.87 29.24
C GLY C 537 4.55 36.55 28.92
N ALA C 538 3.24 36.44 29.17
CA ALA C 538 2.53 35.19 28.97
C ALA C 538 2.37 34.81 27.50
N ASP C 539 2.68 35.72 26.58
CA ASP C 539 2.55 35.43 25.15
C ASP C 539 3.71 34.61 24.61
N TYR C 540 4.71 34.29 25.42
CA TYR C 540 5.85 33.49 25.00
C TYR C 540 5.60 32.00 25.15
N PHE C 541 4.40 31.58 25.52
CA PHE C 541 4.12 30.18 25.79
C PHE C 541 2.83 29.77 25.10
N THR C 542 2.69 28.46 24.88
CA THR C 542 1.51 27.89 24.26
C THR C 542 1.42 26.42 24.64
N ARG C 543 0.29 26.02 25.19
CA ARG C 543 0.06 24.63 25.58
C ARG C 543 -0.68 23.91 24.47
N VAL C 544 -0.16 22.75 24.06
CA VAL C 544 -0.77 21.94 23.02
C VAL C 544 -1.17 20.60 23.63
N THR C 545 -2.42 20.21 23.42
CA THR C 545 -2.95 18.95 23.91
C THR C 545 -3.13 18.01 22.73
N LEU C 546 -2.63 16.78 22.88
CA LEU C 546 -2.72 15.77 21.83
C LEU C 546 -3.94 14.89 22.09
N THR C 547 -4.83 14.87 21.11
CA THR C 547 -5.99 13.99 21.15
C THR C 547 -5.72 12.82 20.22
N MET C 548 -6.22 11.65 20.60
CA MET C 548 -5.90 10.41 19.88
C MET C 548 -7.22 9.64 19.71
N ALA C 549 -7.93 9.95 18.62
CA ALA C 549 -9.26 9.40 18.41
C ALA C 549 -9.58 9.06 16.96
N LYS C 550 -8.62 9.13 16.05
CA LYS C 550 -8.90 8.94 14.63
C LYS C 550 -9.49 7.57 14.37
N LYS C 551 -10.54 7.54 13.54
CA LYS C 551 -11.00 6.28 12.99
C LYS C 551 -10.03 5.81 11.92
N GLY C 552 -9.79 4.50 11.87
CA GLY C 552 -8.74 4.00 11.01
C GLY C 552 -7.36 4.45 11.46
N GLY C 553 -7.09 4.39 12.77
CA GLY C 553 -5.80 4.74 13.30
C GLY C 553 -5.26 3.65 14.20
N LEU C 554 -3.98 3.81 14.56
CA LEU C 554 -3.28 2.84 15.40
C LEU C 554 -3.08 3.42 16.79
N ASN C 555 -3.44 2.64 17.81
CA ASN C 555 -3.29 3.06 19.19
C ASN C 555 -2.05 2.39 19.76
N PHE C 556 -0.92 3.09 19.74
CA PHE C 556 0.33 2.49 20.17
C PHE C 556 0.36 2.18 21.67
N ILE C 557 -0.51 2.80 22.45
CA ILE C 557 -0.57 2.51 23.88
C ILE C 557 -1.16 1.12 24.11
N SER C 558 -2.22 0.77 23.37
CA SER C 558 -2.89 -0.51 23.52
C SER C 558 -2.56 -1.50 22.41
N GLY C 559 -2.33 -1.00 21.19
CA GLY C 559 -1.97 -1.86 20.09
C GLY C 559 -3.10 -2.28 19.17
N ASP C 560 -4.28 -1.70 19.31
CA ASP C 560 -5.43 -2.05 18.48
C ASP C 560 -5.91 -0.83 17.70
N THR C 561 -6.67 -1.08 16.64
CA THR C 561 -7.25 -0.02 15.85
C THR C 561 -8.29 0.74 16.65
N ILE C 562 -8.36 2.05 16.41
CA ILE C 562 -9.22 2.94 17.18
C ILE C 562 -10.60 2.92 16.52
N ASP C 563 -11.44 2.00 16.99
CA ASP C 563 -12.83 1.90 16.54
C ASP C 563 -12.95 1.80 15.03
N ALA C 564 -12.09 0.97 14.44
CA ALA C 564 -12.07 0.74 12.99
C ALA C 564 -11.91 2.05 12.21
N GLU D 125 6.95 52.02 60.81
CA GLU D 125 7.01 53.45 60.48
C GLU D 125 8.31 54.05 61.01
N MET D 126 9.22 53.18 61.44
CA MET D 126 10.52 53.58 61.96
C MET D 126 11.62 52.81 61.23
N MET D 127 12.82 53.40 61.20
CA MET D 127 13.93 52.84 60.46
C MET D 127 14.39 51.48 60.99
N SER D 128 13.84 51.01 62.10
CA SER D 128 14.26 49.74 62.67
C SER D 128 13.74 48.53 61.91
N VAL D 129 12.73 48.70 61.06
CA VAL D 129 12.13 47.61 60.31
C VAL D 129 12.30 47.89 58.82
N SER D 130 12.04 46.86 58.01
CA SER D 130 12.19 46.98 56.56
C SER D 130 11.19 47.98 55.98
N ASP D 131 10.05 48.17 56.65
CA ASP D 131 9.04 49.10 56.15
C ASP D 131 9.43 50.56 56.36
N GLY D 132 10.32 50.84 57.32
CA GLY D 132 10.67 52.23 57.60
C GLY D 132 11.37 52.92 56.45
N VAL D 133 12.31 52.23 55.81
CA VAL D 133 13.06 52.82 54.71
C VAL D 133 12.21 52.78 53.44
N MET D 134 12.28 53.85 52.66
CA MET D 134 11.53 53.94 51.41
C MET D 134 12.41 53.47 50.25
N ARG D 135 11.80 53.35 49.08
CA ARG D 135 12.47 52.90 47.88
C ARG D 135 12.62 54.04 46.90
N LEU D 136 13.26 53.76 45.77
CA LEU D 136 13.37 54.70 44.66
C LEU D 136 13.49 53.93 43.36
N PRO D 137 12.74 54.30 42.33
CA PRO D 137 12.77 53.55 41.07
C PRO D 137 14.16 53.53 40.43
N LEU D 138 14.30 52.63 39.46
CA LEU D 138 15.51 52.50 38.66
C LEU D 138 15.14 52.39 37.19
N PHE D 139 15.84 53.14 36.35
CA PHE D 139 15.56 53.17 34.91
C PHE D 139 16.38 52.07 34.24
N LEU D 140 15.68 51.07 33.69
CA LEU D 140 16.37 49.95 33.07
C LEU D 140 16.65 50.21 31.59
N ALA D 141 15.59 50.37 30.79
CA ALA D 141 15.74 50.58 29.36
C ALA D 141 14.42 51.04 28.78
N MET D 142 14.47 51.47 27.53
CA MET D 142 13.28 51.90 26.79
C MET D 142 13.28 51.23 25.42
N ILE D 143 12.07 51.01 24.88
CA ILE D 143 11.89 50.27 23.64
C ILE D 143 11.36 51.21 22.58
N LEU D 144 11.95 51.15 21.39
CA LEU D 144 11.55 51.97 20.25
C LEU D 144 10.71 51.16 19.28
N PRO D 145 9.85 51.83 18.50
CA PRO D 145 8.99 51.09 17.56
C PRO D 145 9.80 50.36 16.50
N VAL D 146 9.28 49.22 16.06
CA VAL D 146 9.95 48.40 15.06
C VAL D 146 9.70 48.96 13.67
N GLN D 147 10.66 48.74 12.78
CA GLN D 147 10.56 49.26 11.41
C GLN D 147 9.41 48.60 10.66
N LEU D 148 8.88 49.33 9.68
CA LEU D 148 7.78 48.87 8.84
C LEU D 148 8.30 48.52 7.45
N GLY D 149 7.49 47.80 6.69
CA GLY D 149 7.84 47.48 5.33
C GLY D 149 7.00 46.34 4.78
N ALA D 150 7.27 46.02 3.52
CA ALA D 150 6.60 44.93 2.82
C ALA D 150 7.42 44.57 1.60
N ALA D 151 6.93 43.63 0.81
CA ALA D 151 7.61 43.21 -0.41
C ALA D 151 6.56 42.79 -1.43
N THR D 152 6.16 43.72 -2.29
CA THR D 152 5.19 43.44 -3.35
C THR D 152 5.64 43.99 -4.70
N ALA D 153 6.91 44.39 -4.84
CA ALA D 153 7.36 44.98 -6.08
C ALA D 153 7.73 43.95 -7.14
N ASP D 154 7.68 42.65 -6.79
CA ASP D 154 8.06 41.62 -7.74
C ASP D 154 7.06 41.53 -8.90
N ALA D 155 5.82 41.94 -8.68
CA ALA D 155 4.77 41.81 -9.68
C ALA D 155 4.50 43.10 -10.44
N CYS D 156 5.32 44.12 -10.27
CA CYS D 156 5.13 45.41 -10.93
C CYS D 156 6.23 45.67 -11.95
N THR D 157 5.83 46.29 -13.06
CA THR D 157 6.75 46.68 -14.12
C THR D 157 6.89 48.20 -14.10
N PHE D 158 8.11 48.68 -13.87
CA PHE D 158 8.35 50.12 -13.78
C PHE D 158 8.43 50.74 -15.17
N ILE D 159 7.68 51.82 -15.36
CA ILE D 159 7.71 52.58 -16.60
C ILE D 159 7.96 54.05 -16.26
N PRO D 160 8.53 54.81 -17.20
CA PRO D 160 8.78 56.23 -16.93
C PRO D 160 7.58 57.10 -17.29
N VAL D 161 7.19 57.93 -16.32
CA VAL D 161 6.08 58.86 -16.49
C VAL D 161 6.64 60.27 -16.37
N THR D 162 6.51 61.06 -17.44
CA THR D 162 6.97 62.43 -17.45
C THR D 162 5.90 63.42 -17.87
N ARG D 163 4.71 62.96 -18.22
CA ARG D 163 3.64 63.84 -18.67
C ARG D 163 2.33 63.28 -18.14
N ASP D 164 1.31 64.14 -18.12
CA ASP D 164 0.04 63.77 -17.50
C ASP D 164 -0.63 62.62 -18.24
N GLN D 165 -0.64 62.67 -19.57
CA GLN D 165 -1.33 61.67 -20.37
C GLN D 165 -0.35 60.96 -21.29
N SER D 166 -0.58 59.65 -21.45
CA SER D 166 0.21 58.82 -22.35
C SER D 166 -0.74 57.98 -23.21
N ASP D 167 -0.35 57.73 -24.45
CA ASP D 167 -1.19 57.04 -25.42
C ASP D 167 -0.42 55.91 -26.08
N ILE D 168 -1.08 54.77 -26.25
CA ILE D 168 -0.50 53.60 -26.89
C ILE D 168 -1.49 53.06 -27.90
N TYR D 169 -1.00 52.71 -29.09
CA TYR D 169 -1.82 52.25 -30.19
C TYR D 169 -1.47 50.81 -30.56
N GLU D 170 -2.40 50.13 -31.22
CA GLU D 170 -2.21 48.74 -31.58
C GLU D 170 -2.91 48.47 -32.92
N VAL D 171 -2.29 47.62 -33.74
CA VAL D 171 -2.81 47.29 -35.06
C VAL D 171 -3.27 45.84 -35.07
N PHE D 172 -4.28 45.54 -35.87
CA PHE D 172 -4.86 44.21 -35.97
C PHE D 172 -4.86 43.76 -37.43
N ASN D 173 -5.15 42.49 -37.64
CA ASN D 173 -5.39 41.93 -38.97
C ASN D 173 -6.87 41.62 -39.12
N VAL D 174 -7.47 42.11 -40.20
CA VAL D 174 -8.91 42.01 -40.40
C VAL D 174 -9.18 41.43 -41.78
N ALA D 175 -10.09 40.45 -41.83
CA ALA D 175 -10.50 39.87 -43.11
C ALA D 175 -11.18 40.94 -43.97
N GLY D 176 -10.66 41.15 -45.17
CA GLY D 176 -11.16 42.22 -46.01
C GLY D 176 -12.58 41.98 -46.51
N SER D 177 -12.88 40.74 -46.92
CA SER D 177 -14.14 40.43 -47.58
C SER D 177 -14.83 39.29 -46.84
N SER D 178 -16.17 39.32 -46.89
CA SER D 178 -17.01 38.28 -46.30
C SER D 178 -17.12 37.14 -47.29
N PHE D 179 -16.10 36.28 -47.30
CA PHE D 179 -16.05 35.15 -48.22
C PHE D 179 -15.67 33.90 -47.44
N GLY D 180 -16.12 32.75 -47.94
CA GLY D 180 -15.83 31.49 -47.27
C GLY D 180 -16.47 31.45 -45.90
N SER D 181 -15.67 31.08 -44.89
CA SER D 181 -16.14 30.92 -43.53
C SER D 181 -15.96 32.17 -42.67
N TYR D 182 -15.45 33.25 -43.25
CA TYR D 182 -15.22 34.49 -42.53
C TYR D 182 -16.19 35.57 -42.98
N ALA D 183 -16.30 36.61 -42.16
CA ALA D 183 -17.12 37.78 -42.46
C ALA D 183 -16.27 39.03 -42.30
N ALA D 184 -16.69 40.10 -42.99
CA ALA D 184 -15.96 41.35 -42.92
C ALA D 184 -15.93 41.88 -41.49
N GLY D 185 -14.74 42.30 -41.05
CA GLY D 185 -14.55 42.80 -39.70
C GLY D 185 -14.02 41.80 -38.70
N ASP D 186 -13.90 40.52 -39.09
CA ASP D 186 -13.34 39.54 -38.19
C ASP D 186 -11.83 39.70 -38.07
N VAL D 187 -11.26 39.11 -37.03
CA VAL D 187 -9.84 39.23 -36.73
C VAL D 187 -9.14 37.94 -37.12
N LEU D 188 -7.85 38.05 -37.40
CA LEU D 188 -7.01 36.90 -37.74
C LEU D 188 -5.83 36.86 -36.78
N ASP D 189 -5.56 35.67 -36.24
CA ASP D 189 -4.46 35.49 -35.30
C ASP D 189 -3.88 34.09 -35.49
N MET D 190 -3.00 33.70 -34.57
CA MET D 190 -2.35 32.40 -34.67
C MET D 190 -3.30 31.25 -34.42
N GLN D 191 -4.40 31.48 -33.71
CA GLN D 191 -5.35 30.43 -33.38
C GLN D 191 -6.58 30.45 -34.28
N SER D 192 -6.58 31.26 -35.34
CA SER D 192 -7.73 31.33 -36.23
C SER D 192 -7.74 30.11 -37.15
N VAL D 193 -8.89 29.44 -37.23
CA VAL D 193 -9.08 28.27 -38.08
C VAL D 193 -10.29 28.53 -38.97
N GLY D 194 -10.13 28.26 -40.26
CA GLY D 194 -11.22 28.43 -41.20
C GLY D 194 -10.73 28.22 -42.61
N VAL D 195 -11.69 28.23 -43.53
CA VAL D 195 -11.41 28.08 -44.95
C VAL D 195 -11.42 29.46 -45.60
N TYR D 196 -10.38 29.77 -46.36
CA TYR D 196 -10.19 31.10 -46.92
C TYR D 196 -9.10 31.04 -47.97
N SER D 197 -9.35 31.69 -49.10
CA SER D 197 -8.40 31.81 -50.20
C SER D 197 -8.04 30.44 -50.80
N GLN D 198 -8.76 29.40 -50.44
CA GLN D 198 -8.56 28.06 -50.97
C GLN D 198 -9.80 27.67 -51.78
N LEU D 199 -9.58 27.31 -53.05
CA LEU D 199 -10.69 27.10 -53.97
C LEU D 199 -11.34 25.73 -53.84
N ARG D 200 -10.69 24.76 -53.19
CA ARG D 200 -11.24 23.43 -53.03
C ARG D 200 -11.85 23.30 -51.65
N ARG D 201 -13.14 22.97 -51.59
CA ARG D 201 -13.88 22.93 -50.33
C ARG D 201 -14.82 21.74 -50.34
N ARG D 202 -15.30 21.38 -49.15
CA ARG D 202 -16.27 20.30 -48.99
C ARG D 202 -17.42 20.79 -48.13
N TYR D 203 -18.62 20.28 -48.41
CA TYR D 203 -19.82 20.65 -47.68
C TYR D 203 -20.59 19.40 -47.31
N VAL D 204 -21.27 19.45 -46.17
CA VAL D 204 -22.14 18.37 -45.70
C VAL D 204 -23.55 18.65 -46.20
N LEU D 205 -24.07 17.76 -47.04
CA LEU D 205 -25.38 17.97 -47.63
C LEU D 205 -26.49 17.71 -46.62
N VAL D 206 -26.56 16.48 -46.10
CA VAL D 206 -27.52 16.11 -45.07
C VAL D 206 -26.76 15.47 -43.92
N ALA D 207 -27.03 15.95 -42.70
CA ALA D 207 -26.33 15.42 -41.53
C ALA D 207 -26.80 14.00 -41.21
N SER D 208 -28.09 13.84 -40.93
CA SER D 208 -28.68 12.54 -40.67
C SER D 208 -29.92 12.37 -41.53
N SER D 209 -29.99 11.28 -42.27
CA SER D 209 -31.14 11.02 -43.12
C SER D 209 -32.37 10.72 -42.28
N ASP D 210 -33.52 11.20 -42.76
CA ASP D 210 -34.79 10.95 -42.09
C ASP D 210 -35.31 9.54 -42.26
N GLY D 211 -34.68 8.75 -43.13
CA GLY D 211 -35.08 7.37 -43.37
C GLY D 211 -36.15 7.20 -44.43
N THR D 212 -36.70 8.29 -44.96
CA THR D 212 -37.74 8.21 -45.97
C THR D 212 -37.46 9.04 -47.22
N SER D 213 -36.79 10.18 -47.09
CA SER D 213 -36.53 11.07 -48.21
C SER D 213 -35.65 10.36 -49.23
N LYS D 214 -36.14 10.24 -50.45
CA LYS D 214 -35.44 9.54 -51.53
C LYS D 214 -34.72 10.48 -52.48
N THR D 215 -34.80 11.79 -52.27
CA THR D 215 -34.23 12.77 -53.19
C THR D 215 -33.56 13.88 -52.39
N ALA D 216 -32.43 14.36 -52.92
CA ALA D 216 -31.71 15.46 -52.31
C ALA D 216 -31.21 16.39 -53.40
N THR D 217 -30.89 17.62 -53.02
CA THR D 217 -30.37 18.60 -53.95
C THR D 217 -29.29 19.43 -53.27
N PHE D 218 -28.37 19.96 -54.09
CA PHE D 218 -27.26 20.77 -53.60
C PHE D 218 -27.33 22.13 -54.27
N LYS D 219 -27.85 23.11 -53.54
CA LYS D 219 -27.86 24.51 -53.97
C LYS D 219 -26.78 25.22 -53.18
N MET D 220 -25.66 25.52 -53.85
CA MET D 220 -24.53 26.14 -53.17
C MET D 220 -24.80 27.58 -52.77
N GLU D 221 -25.88 28.19 -53.26
CA GLU D 221 -26.29 29.49 -52.74
C GLU D 221 -26.82 29.39 -51.31
N ASP D 222 -27.14 28.18 -50.85
CA ASP D 222 -27.48 27.99 -49.44
C ASP D 222 -26.24 27.90 -48.57
N PHE D 223 -25.08 27.64 -49.19
CA PHE D 223 -23.82 27.55 -48.46
C PHE D 223 -22.95 28.80 -48.61
N GLU D 224 -23.16 29.58 -49.67
CA GLU D 224 -22.43 30.81 -49.89
C GLU D 224 -23.43 31.93 -50.23
N GLY D 225 -22.90 33.15 -50.33
CA GLY D 225 -23.78 34.30 -50.55
C GLY D 225 -24.57 34.20 -51.84
N GLN D 226 -23.93 33.81 -52.93
CA GLN D 226 -24.59 33.77 -54.23
C GLN D 226 -24.14 32.58 -55.07
N ASN D 227 -24.57 32.54 -56.32
CA ASN D 227 -24.16 31.50 -57.26
C ASN D 227 -22.77 31.79 -57.80
N VAL D 228 -21.97 30.75 -57.94
CA VAL D 228 -20.62 30.87 -58.49
C VAL D 228 -20.27 29.57 -59.19
N PRO D 229 -19.76 29.61 -60.42
CA PRO D 229 -19.51 28.37 -61.16
C PRO D 229 -18.34 27.59 -60.60
N ILE D 230 -18.32 26.29 -60.94
CA ILE D 230 -17.30 25.37 -60.49
C ILE D 230 -16.64 24.72 -61.71
N ARG D 231 -15.45 24.19 -61.50
CA ARG D 231 -14.70 23.56 -62.57
C ARG D 231 -15.30 22.19 -62.91
N LYS D 232 -14.71 21.55 -63.92
CA LYS D 232 -15.23 20.30 -64.45
C LYS D 232 -14.30 19.14 -64.09
N GLY D 233 -14.90 18.05 -63.61
CA GLY D 233 -14.14 16.84 -63.34
C GLY D 233 -13.30 16.87 -62.09
N ARG D 234 -13.70 17.62 -61.06
CA ARG D 234 -12.94 17.74 -59.82
C ARG D 234 -13.87 17.63 -58.61
N THR D 235 -14.94 16.85 -58.75
CA THR D 235 -15.92 16.68 -57.68
C THR D 235 -16.01 15.21 -57.29
N ASN D 236 -16.45 14.98 -56.05
CA ASN D 236 -16.56 13.63 -55.51
C ASN D 236 -17.81 13.53 -54.66
N ILE D 237 -18.30 12.30 -54.49
CA ILE D 237 -19.48 12.00 -53.68
C ILE D 237 -19.02 11.25 -52.44
N TYR D 238 -19.49 11.70 -51.28
CA TYR D 238 -19.15 11.08 -50.01
C TYR D 238 -20.39 10.44 -49.39
N VAL D 239 -20.27 9.17 -49.03
CA VAL D 239 -21.31 8.45 -48.30
C VAL D 239 -20.68 7.88 -47.04
N ASN D 240 -21.10 8.38 -45.89
CA ASN D 240 -20.53 8.00 -44.59
C ASN D 240 -19.01 8.18 -44.59
N ARG D 241 -18.56 9.35 -45.04
CA ARG D 241 -17.15 9.71 -45.09
C ARG D 241 -16.34 8.72 -45.93
N ILE D 242 -16.91 8.27 -47.04
CA ILE D 242 -16.25 7.39 -47.99
C ILE D 242 -16.26 8.07 -49.36
N LYS D 243 -15.09 8.26 -49.94
CA LYS D 243 -14.98 8.99 -51.20
C LYS D 243 -15.22 8.06 -52.38
N SER D 244 -16.02 8.54 -53.34
CA SER D 244 -16.34 7.81 -54.55
C SER D 244 -15.42 8.25 -55.69
N VAL D 245 -15.72 7.77 -56.90
CA VAL D 245 -14.90 8.12 -58.05
C VAL D 245 -15.21 9.55 -58.50
N VAL D 246 -14.33 10.11 -59.33
CA VAL D 246 -14.50 11.47 -59.80
C VAL D 246 -15.70 11.55 -60.74
N ASP D 247 -16.24 12.75 -60.88
CA ASP D 247 -17.41 12.95 -61.72
C ASP D 247 -17.06 12.79 -63.20
N ASN D 248 -18.08 12.47 -63.99
CA ASN D 248 -17.91 12.32 -65.43
C ASN D 248 -17.53 13.66 -66.04
N GLY D 249 -17.07 13.61 -67.31
CA GLY D 249 -16.69 14.83 -68.00
C GLY D 249 -17.82 15.83 -68.10
N SER D 250 -19.06 15.34 -68.19
CA SER D 250 -20.23 16.21 -68.23
C SER D 250 -21.46 15.43 -67.81
N GLY D 251 -22.51 16.17 -67.45
CA GLY D 251 -23.81 15.59 -67.20
C GLY D 251 -24.10 15.12 -65.79
N SER D 252 -23.54 13.98 -65.38
CA SER D 252 -23.94 13.36 -64.13
C SER D 252 -22.84 12.45 -63.61
N LEU D 253 -23.10 11.89 -62.42
CA LEU D 253 -22.21 10.94 -61.76
C LEU D 253 -23.04 9.74 -61.30
N LEU D 254 -22.41 8.57 -61.28
CA LEU D 254 -23.04 7.34 -60.82
C LEU D 254 -22.17 6.69 -59.76
N HIS D 255 -22.79 6.13 -58.74
CA HIS D 255 -22.08 5.49 -57.64
C HIS D 255 -22.96 4.41 -57.04
N SER D 256 -22.34 3.46 -56.35
CA SER D 256 -23.05 2.37 -55.71
C SER D 256 -22.38 2.05 -54.38
N PHE D 257 -23.19 1.48 -53.47
CA PHE D 257 -22.70 1.05 -52.16
C PHE D 257 -23.72 0.09 -51.57
N THR D 258 -23.40 -0.43 -50.39
CA THR D 258 -24.25 -1.39 -49.70
C THR D 258 -24.83 -0.77 -48.43
N ASN D 259 -25.92 -1.36 -47.96
CA ASN D 259 -26.58 -0.93 -46.74
C ASN D 259 -26.25 -1.89 -45.60
N ALA D 260 -26.85 -1.63 -44.43
CA ALA D 260 -26.61 -2.48 -43.27
C ALA D 260 -27.11 -3.90 -43.52
N ALA D 261 -28.27 -4.04 -44.16
CA ALA D 261 -28.83 -5.36 -44.44
C ALA D 261 -28.17 -6.05 -45.62
N GLY D 262 -27.33 -5.35 -46.39
CA GLY D 262 -26.60 -5.94 -47.48
C GLY D 262 -27.14 -5.63 -48.87
N GLU D 263 -28.31 -5.00 -48.97
CA GLU D 263 -28.86 -4.68 -50.28
C GLU D 263 -28.05 -3.57 -50.94
N GLN D 264 -28.21 -3.45 -52.25
CA GLN D 264 -27.44 -2.51 -53.05
C GLN D 264 -28.24 -1.25 -53.32
N ILE D 265 -27.57 -0.11 -53.29
CA ILE D 265 -28.17 1.19 -53.56
C ILE D 265 -27.43 1.81 -54.74
N THR D 266 -28.13 2.63 -55.52
CA THR D 266 -27.56 3.32 -56.67
C THR D 266 -27.72 4.82 -56.49
N VAL D 267 -26.73 5.58 -56.96
CA VAL D 267 -26.68 7.02 -56.77
C VAL D 267 -26.74 7.68 -58.14
N THR D 268 -27.65 8.65 -58.28
CA THR D 268 -27.80 9.43 -59.50
C THR D 268 -27.67 10.91 -59.18
N CYS D 269 -26.96 11.63 -60.04
CA CYS D 269 -26.68 13.05 -59.83
C CYS D 269 -26.97 13.83 -61.10
N SER D 270 -26.81 15.14 -61.01
CA SER D 270 -26.92 16.04 -62.15
C SER D 270 -26.02 17.24 -61.89
N LEU D 271 -25.27 17.65 -62.91
CA LEU D 271 -24.27 18.70 -62.77
C LEU D 271 -24.57 19.85 -63.72
N ASN D 272 -24.55 21.07 -63.16
CA ASN D 272 -24.71 22.31 -63.93
C ASN D 272 -23.54 23.20 -63.50
N TYR D 273 -22.44 23.12 -64.25
CA TYR D 273 -21.21 23.80 -63.84
C TYR D 273 -21.37 25.31 -63.85
N ASN D 274 -22.19 25.85 -64.75
CA ASN D 274 -22.31 27.29 -64.88
C ASN D 274 -22.91 27.93 -63.62
N ILE D 275 -23.88 27.28 -62.98
CA ILE D 275 -24.56 27.85 -61.83
C ILE D 275 -24.14 27.11 -60.57
N GLY D 276 -23.63 25.89 -60.73
CA GLY D 276 -23.13 25.12 -59.61
C GLY D 276 -24.21 24.56 -58.70
N GLN D 277 -25.07 23.70 -59.23
CA GLN D 277 -26.08 23.01 -58.45
C GLN D 277 -26.10 21.54 -58.81
N ILE D 278 -26.35 20.69 -57.82
CA ILE D 278 -26.38 19.25 -57.99
C ILE D 278 -27.66 18.71 -57.37
N ALA D 279 -28.32 17.78 -58.07
CA ALA D 279 -29.53 17.12 -57.59
C ALA D 279 -29.25 15.63 -57.40
N LEU D 280 -29.63 15.11 -56.24
CA LEU D 280 -29.33 13.73 -55.86
C LEU D 280 -30.61 12.92 -55.77
N SER D 281 -30.63 11.77 -56.41
CA SER D 281 -31.75 10.83 -56.33
C SER D 281 -31.20 9.43 -56.06
N PHE D 282 -31.96 8.63 -55.31
CA PHE D 282 -31.54 7.32 -54.88
C PHE D 282 -32.51 6.25 -55.37
N SER D 283 -32.00 5.03 -55.52
CA SER D 283 -32.87 3.90 -55.86
C SER D 283 -33.85 3.62 -54.73
N LYS D 284 -33.38 3.68 -53.48
CA LYS D 284 -34.23 3.51 -52.32
C LYS D 284 -33.72 4.40 -51.19
N ALA D 285 -34.59 4.67 -50.24
CA ALA D 285 -34.22 5.53 -49.11
C ALA D 285 -33.16 4.84 -48.26
N PRO D 286 -32.12 5.56 -47.84
CA PRO D 286 -31.09 4.94 -46.99
C PRO D 286 -31.56 4.76 -45.55
N ASP D 287 -30.65 4.32 -44.68
CA ASP D 287 -31.01 4.06 -43.30
C ASP D 287 -31.14 5.37 -42.51
N LYS D 288 -31.58 5.23 -41.25
CA LYS D 288 -31.75 6.40 -40.40
C LYS D 288 -30.42 7.12 -40.19
N GLY D 289 -29.37 6.37 -39.91
CA GLY D 289 -28.05 6.98 -39.75
C GLY D 289 -27.30 7.02 -41.06
N THR D 290 -27.35 8.16 -41.75
CA THR D 290 -26.68 8.32 -43.03
C THR D 290 -26.29 9.77 -43.20
N GLU D 291 -25.06 10.01 -43.64
CA GLU D 291 -24.56 11.35 -43.91
C GLU D 291 -24.01 11.40 -45.32
N ILE D 292 -24.46 12.39 -46.10
CA ILE D 292 -24.03 12.58 -47.47
C ILE D 292 -23.28 13.91 -47.54
N ALA D 293 -22.07 13.88 -48.08
CA ALA D 293 -21.23 15.06 -48.18
C ALA D 293 -20.81 15.27 -49.64
N ILE D 294 -20.56 16.53 -49.98
CA ILE D 294 -20.20 16.92 -51.34
C ILE D 294 -18.84 17.62 -51.28
N GLU D 295 -18.01 17.36 -52.27
CA GLU D 295 -16.70 17.99 -52.39
C GLU D 295 -16.55 18.56 -53.80
N THR D 296 -16.04 19.78 -53.89
CA THR D 296 -15.88 20.44 -55.18
C THR D 296 -14.83 21.55 -55.05
N GLU D 297 -14.43 22.08 -56.20
CA GLU D 297 -13.41 23.13 -56.26
C GLU D 297 -13.91 24.25 -57.15
N ILE D 298 -13.87 25.47 -56.65
CA ILE D 298 -14.50 26.62 -57.30
C ILE D 298 -13.69 27.03 -58.52
N ASN D 299 -14.38 27.40 -59.59
CA ASN D 299 -13.74 27.87 -60.82
C ASN D 299 -13.48 29.36 -60.70
N ILE D 300 -12.27 29.71 -60.24
CA ILE D 300 -11.92 31.10 -60.07
C ILE D 300 -11.72 31.79 -61.42
N GLU D 301 -11.36 31.03 -62.45
CA GLU D 301 -11.11 31.63 -63.76
C GLU D 301 -12.39 32.11 -64.43
N ALA D 302 -13.52 31.46 -64.16
CA ALA D 302 -14.78 31.89 -64.76
C ALA D 302 -15.27 33.18 -64.13
N ALA D 303 -15.07 33.34 -62.82
CA ALA D 303 -15.50 34.54 -62.09
C ALA D 303 -14.27 35.25 -61.53
N PRO D 304 -13.78 36.29 -62.19
CA PRO D 304 -12.58 36.98 -61.68
C PRO D 304 -12.78 37.60 -60.31
N GLU D 305 -14.01 37.91 -59.93
CA GLU D 305 -14.29 38.49 -58.62
C GLU D 305 -14.29 37.40 -57.56
N LEU D 306 -14.80 37.73 -56.38
CA LEU D 306 -14.84 36.88 -55.19
C LEU D 306 -13.45 36.61 -54.60
N ILE D 307 -12.42 37.29 -55.08
CA ILE D 307 -11.07 37.14 -54.52
C ILE D 307 -11.03 37.85 -53.17
N PRO D 308 -10.63 37.17 -52.10
CA PRO D 308 -10.68 37.78 -50.77
C PRO D 308 -9.62 38.86 -50.59
N LEU D 309 -9.82 39.68 -49.56
CA LEU D 309 -8.95 40.81 -49.25
C LEU D 309 -8.53 40.74 -47.79
N ILE D 310 -7.65 41.66 -47.40
CA ILE D 310 -7.15 41.75 -46.03
C ILE D 310 -7.03 43.22 -45.65
N ASN D 311 -7.45 43.57 -44.44
CA ASN D 311 -7.42 44.94 -43.96
C ASN D 311 -6.86 44.98 -42.54
N HIS D 312 -6.82 46.18 -41.97
CA HIS D 312 -6.26 46.38 -40.64
C HIS D 312 -7.06 47.46 -39.91
N GLU D 313 -6.84 47.55 -38.60
CA GLU D 313 -7.52 48.53 -37.76
C GLU D 313 -6.57 49.00 -36.66
N MET D 314 -6.98 50.05 -35.96
CA MET D 314 -6.16 50.66 -34.90
C MET D 314 -7.04 51.08 -33.74
N LYS D 315 -6.41 51.17 -32.56
CA LYS D 315 -7.08 51.58 -31.33
C LYS D 315 -6.17 52.50 -30.53
N LYS D 316 -6.67 52.98 -29.39
CA LYS D 316 -5.93 53.93 -28.56
C LYS D 316 -6.30 53.74 -27.10
N TYR D 317 -5.34 54.05 -26.22
CA TYR D 317 -5.49 53.85 -24.78
C TYR D 317 -4.92 55.06 -24.05
N THR D 318 -5.15 55.10 -22.73
CA THR D 318 -4.82 56.29 -21.93
C THR D 318 -4.33 55.87 -20.55
N LEU D 319 -3.58 56.77 -19.90
CA LEU D 319 -3.06 56.56 -18.56
C LEU D 319 -2.90 57.91 -17.87
N PHE D 320 -2.98 57.90 -16.53
CA PHE D 320 -2.83 59.13 -15.75
C PHE D 320 -2.54 58.77 -14.30
N PRO D 321 -1.65 59.53 -13.63
CA PRO D 321 -1.28 59.21 -12.24
C PRO D 321 -2.16 59.88 -11.19
N SER D 322 -1.81 59.67 -9.91
CA SER D 322 -2.49 60.31 -8.79
C SER D 322 -1.47 60.88 -7.80
N GLN D 323 -1.92 61.31 -6.62
CA GLN D 323 -1.04 61.98 -5.67
C GLN D 323 -1.33 61.52 -4.24
N PHE D 324 -0.55 62.08 -3.31
CA PHE D 324 -0.63 61.74 -1.89
C PHE D 324 -0.02 62.88 -1.06
N VAL D 325 -0.33 62.88 0.23
CA VAL D 325 0.14 63.95 1.12
C VAL D 325 0.05 63.48 2.57
N ILE D 326 1.06 63.80 3.36
CA ILE D 326 1.10 63.47 4.79
C ILE D 326 1.61 64.70 5.54
N ALA D 327 1.39 64.71 6.85
CA ALA D 327 1.84 65.82 7.68
C ALA D 327 2.06 65.33 9.11
N ALA D 328 2.86 66.09 9.86
CA ALA D 328 3.12 65.83 11.26
C ALA D 328 3.25 67.16 12.00
N GLU D 329 3.03 67.12 13.31
CA GLU D 329 3.01 68.33 14.11
C GLU D 329 3.44 68.03 15.54
N HIS D 330 4.11 69.00 16.15
CA HIS D 330 4.53 68.91 17.55
C HIS D 330 4.81 70.32 18.05
N THR D 331 4.78 70.49 19.36
CA THR D 331 4.98 71.79 19.99
C THR D 331 6.35 71.87 20.67
N VAL D 332 6.76 73.11 20.96
CA VAL D 332 8.07 73.33 21.57
C VAL D 332 8.09 72.85 23.01
N GLN D 333 7.01 73.10 23.75
CA GLN D 333 6.94 72.70 25.16
C GLN D 333 7.13 71.20 25.31
N ALA D 334 6.37 70.40 24.55
CA ALA D 334 6.49 68.95 24.64
C ALA D 334 7.86 68.47 24.19
N ALA D 335 8.41 69.10 23.13
CA ALA D 335 9.72 68.71 22.65
C ALA D 335 10.79 68.90 23.73
N TYR D 336 10.82 70.07 24.35
CA TYR D 336 11.80 70.32 25.41
C TYR D 336 11.57 69.42 26.61
N GLU D 337 10.30 69.21 26.99
CA GLU D 337 10.02 68.35 28.13
C GLU D 337 10.52 66.94 27.89
N ALA D 338 10.26 66.40 26.70
CA ALA D 338 10.72 65.05 26.38
C ALA D 338 12.24 64.99 26.30
N GLN D 339 12.86 66.02 25.73
CA GLN D 339 14.31 66.04 25.63
C GLN D 339 14.96 66.04 27.01
N ARG D 340 14.42 66.83 27.94
CA ARG D 340 14.95 66.85 29.29
C ARG D 340 14.72 65.52 30.00
N GLU D 341 13.49 65.01 29.98
CA GLU D 341 13.15 63.86 30.81
C GLU D 341 13.75 62.57 30.27
N PHE D 342 13.79 62.40 28.95
CA PHE D 342 14.18 61.12 28.35
C PHE D 342 15.32 61.22 27.35
N GLY D 343 15.68 62.40 26.89
CA GLY D 343 16.75 62.54 25.92
C GLY D 343 16.36 62.17 24.51
N LEU D 344 15.09 62.29 24.15
CA LEU D 344 14.64 61.95 22.81
C LEU D 344 14.78 63.15 21.87
N ASP D 345 14.21 63.02 20.68
CA ASP D 345 14.25 64.10 19.68
C ASP D 345 13.01 63.93 18.80
N LEU D 346 12.01 64.78 19.03
CA LEU D 346 10.71 64.58 18.40
C LEU D 346 10.77 64.74 16.88
N GLY D 347 11.53 65.74 16.40
CA GLY D 347 11.53 66.02 14.98
C GLY D 347 12.05 64.86 14.15
N SER D 348 13.18 64.28 14.56
CA SER D 348 13.74 63.15 13.83
C SER D 348 12.79 61.96 13.86
N LEU D 349 12.18 61.70 15.01
CA LEU D 349 11.22 60.60 15.12
C LEU D 349 10.06 60.78 14.14
N GLN D 350 9.48 61.98 14.13
CA GLN D 350 8.35 62.23 13.24
C GLN D 350 8.76 62.12 11.78
N PHE D 351 9.91 62.68 11.42
CA PHE D 351 10.39 62.60 10.05
C PHE D 351 10.57 61.16 9.62
N ARG D 352 11.20 60.34 10.46
CA ARG D 352 11.42 58.94 10.13
C ARG D 352 10.09 58.20 10.01
N THR D 353 9.14 58.47 10.90
CA THR D 353 7.85 57.77 10.84
C THR D 353 7.12 58.10 9.54
N LEU D 354 7.10 59.37 9.15
CA LEU D 354 6.47 59.74 7.88
C LEU D 354 7.17 59.06 6.71
N LYS D 355 8.51 59.08 6.72
CA LYS D 355 9.25 58.50 5.61
C LYS D 355 8.98 57.01 5.46
N GLU D 356 8.88 56.29 6.59
CA GLU D 356 8.58 54.87 6.52
C GLU D 356 7.15 54.60 6.07
N TYR D 357 6.19 55.31 6.67
CA TYR D 357 4.79 55.05 6.36
C TYR D 357 4.46 55.35 4.91
N LEU D 358 5.11 56.35 4.32
CA LEU D 358 4.83 56.70 2.93
C LEU D 358 5.07 55.51 2.00
N SER D 359 6.19 54.81 2.19
CA SER D 359 6.46 53.63 1.37
C SER D 359 5.60 52.45 1.81
N HIS D 360 5.38 52.31 3.12
CA HIS D 360 4.65 51.16 3.63
C HIS D 360 3.23 51.09 3.07
N GLU D 361 2.50 52.21 3.12
CA GLU D 361 1.12 52.17 2.68
C GLU D 361 1.03 51.93 1.17
N GLN D 362 1.94 52.52 0.39
CA GLN D 362 1.93 52.26 -1.05
C GLN D 362 2.21 50.80 -1.35
N ASP D 363 3.14 50.20 -0.60
CA ASP D 363 3.44 48.78 -0.80
C ASP D 363 2.21 47.92 -0.51
N MET D 364 1.46 48.25 0.53
CA MET D 364 0.23 47.50 0.79
C MET D 364 -0.85 47.80 -0.24
N LEU D 365 -0.91 49.03 -0.72
CA LEU D 365 -1.95 49.42 -1.68
C LEU D 365 -1.78 48.67 -3.00
N ARG D 366 -0.53 48.44 -3.42
CA ARG D 366 -0.29 47.65 -4.62
C ARG D 366 -0.97 46.29 -4.50
N LEU D 367 -0.70 45.57 -3.40
CA LEU D 367 -1.27 44.25 -3.20
C LEU D 367 -2.79 44.31 -3.12
N ARG D 368 -3.32 45.35 -2.46
CA ARG D 368 -4.77 45.52 -2.41
C ARG D 368 -5.36 45.61 -3.81
N ILE D 369 -4.72 46.40 -4.67
CA ILE D 369 -5.21 46.58 -6.04
C ILE D 369 -5.19 45.25 -6.79
N MET D 370 -4.06 44.53 -6.72
CA MET D 370 -3.96 43.27 -7.44
C MET D 370 -5.00 42.27 -6.95
N ILE D 371 -5.21 42.19 -5.64
CA ILE D 371 -6.20 41.26 -5.10
C ILE D 371 -7.60 41.64 -5.56
N TRP D 372 -7.93 42.93 -5.52
CA TRP D 372 -9.31 43.34 -5.81
C TRP D 372 -9.63 43.20 -7.29
N ARG D 373 -8.67 43.46 -8.17
CA ARG D 373 -8.97 43.57 -9.60
C ARG D 373 -9.00 42.23 -10.32
N THR D 374 -8.70 41.12 -9.64
CA THR D 374 -8.66 39.83 -10.32
C THR D 374 -10.04 39.39 -10.77
N LEU D 375 -10.08 38.61 -11.85
CA LEU D 375 -11.33 38.09 -12.39
C LEU D 375 -11.31 36.61 -12.73
N ALA D 376 -10.14 35.97 -12.79
CA ALA D 376 -10.02 34.57 -13.13
C ALA D 376 -9.93 33.75 -11.84
N THR D 377 -10.75 32.70 -11.75
CA THR D 377 -10.84 31.87 -10.55
C THR D 377 -10.63 30.41 -10.89
N ASP D 378 -10.02 29.69 -9.96
CA ASP D 378 -9.80 28.25 -10.09
C ASP D 378 -9.91 27.63 -8.70
N THR D 379 -10.18 26.32 -8.68
CA THR D 379 -10.34 25.58 -7.45
C THR D 379 -9.55 24.29 -7.52
N PHE D 380 -9.11 23.81 -6.35
CA PHE D 380 -8.35 22.57 -6.27
C PHE D 380 -8.49 22.00 -4.86
N ASP D 381 -8.57 20.68 -4.78
CA ASP D 381 -8.62 19.96 -3.52
C ASP D 381 -7.22 19.46 -3.19
N ILE D 382 -6.62 20.02 -2.16
CA ILE D 382 -5.21 19.80 -1.84
C ILE D 382 -5.01 18.79 -0.74
N ALA D 383 -6.07 18.22 -0.18
CA ALA D 383 -5.93 17.26 0.90
C ALA D 383 -5.19 16.02 0.43
N LEU D 384 -4.24 15.57 1.26
CA LEU D 384 -3.41 14.41 0.94
C LEU D 384 -4.23 13.12 1.05
N PRO D 385 -4.18 12.26 0.04
CA PRO D 385 -4.85 10.96 0.15
C PRO D 385 -4.30 10.14 1.31
N VAL D 386 -5.12 9.21 1.80
CA VAL D 386 -4.82 8.51 3.03
C VAL D 386 -3.63 7.57 2.90
N ASN D 387 -3.32 7.09 1.69
CA ASN D 387 -2.23 6.14 1.51
C ASN D 387 -1.16 6.60 0.52
N GLN D 388 -1.45 7.58 -0.33
CA GLN D 388 -0.50 7.99 -1.35
C GLN D 388 0.72 8.66 -0.73
N SER D 389 1.88 8.47 -1.37
CA SER D 389 3.12 9.08 -0.94
C SER D 389 3.15 10.55 -1.35
N PHE D 390 4.16 11.26 -0.85
CA PHE D 390 4.24 12.69 -1.08
C PHE D 390 4.68 13.03 -2.51
N ASP D 391 5.49 12.18 -3.13
CA ASP D 391 6.02 12.50 -4.46
C ASP D 391 4.92 12.47 -5.54
N VAL D 392 3.98 11.53 -5.44
CA VAL D 392 2.86 11.51 -6.38
C VAL D 392 2.04 12.80 -6.26
N TRP D 393 1.75 13.20 -5.02
CA TRP D 393 0.99 14.43 -4.80
C TRP D 393 1.76 15.64 -5.31
N ALA D 394 3.09 15.63 -5.13
CA ALA D 394 3.91 16.73 -5.64
C ALA D 394 3.83 16.82 -7.16
N THR D 395 3.92 15.68 -7.84
CA THR D 395 3.79 15.68 -9.29
C THR D 395 2.43 16.20 -9.72
N ILE D 396 1.37 15.77 -9.03
CA ILE D 396 0.02 16.21 -9.38
C ILE D 396 -0.12 17.72 -9.20
N ILE D 397 0.40 18.24 -8.09
CA ILE D 397 0.32 19.68 -7.82
C ILE D 397 1.11 20.46 -8.85
N ARG D 398 2.30 19.97 -9.20
CA ARG D 398 3.10 20.64 -10.22
C ARG D 398 2.37 20.67 -11.56
N GLY D 399 1.74 19.54 -11.93
CA GLY D 399 0.98 19.53 -13.16
C GLY D 399 -0.19 20.51 -13.15
N LYS D 400 -0.92 20.55 -12.04
CA LYS D 400 -2.06 21.47 -11.93
C LYS D 400 -1.61 22.92 -12.07
N PHE D 401 -0.54 23.29 -11.36
CA PHE D 401 -0.08 24.67 -11.42
C PHE D 401 0.50 25.01 -12.79
N GLN D 402 1.17 24.04 -13.43
CA GLN D 402 1.66 24.26 -14.78
C GLN D 402 0.52 24.49 -15.74
N THR D 403 -0.58 23.73 -15.59
CA THR D 403 -1.75 23.96 -16.43
C THR D 403 -2.34 25.34 -16.20
N VAL D 404 -2.40 25.78 -14.93
CA VAL D 404 -2.94 27.09 -14.63
C VAL D 404 -2.11 28.19 -15.30
N TYR D 405 -0.79 28.09 -15.17
CA TYR D 405 0.08 29.10 -15.76
C TYR D 405 0.04 29.04 -17.29
N ARG D 406 -0.10 27.84 -17.86
CA ARG D 406 -0.25 27.71 -19.30
C ARG D 406 -1.53 28.38 -19.78
N ASP D 407 -2.61 28.22 -19.03
CA ASP D 407 -3.86 28.90 -19.38
C ASP D 407 -3.69 30.41 -19.31
N ILE D 408 -2.97 30.90 -18.30
CA ILE D 408 -2.73 32.34 -18.19
C ILE D 408 -1.94 32.83 -19.41
N ILE D 409 -0.89 32.10 -19.78
CA ILE D 409 -0.08 32.50 -20.94
C ILE D 409 -0.92 32.48 -22.20
N GLU D 410 -1.76 31.46 -22.37
CA GLU D 410 -2.63 31.40 -23.55
C GLU D 410 -3.59 32.58 -23.58
N ARG D 411 -4.13 32.97 -22.44
CA ARG D 411 -5.01 34.14 -22.38
C ARG D 411 -4.25 35.41 -22.78
N VAL D 412 -3.01 35.54 -22.32
CA VAL D 412 -2.27 36.77 -22.55
C VAL D 412 -1.59 36.75 -23.92
N LYS D 413 -1.09 35.59 -24.34
CA LYS D 413 -0.37 35.43 -25.60
C LYS D 413 0.94 36.22 -25.61
N SER D 414 1.70 36.13 -24.52
CA SER D 414 3.03 36.71 -24.47
C SER D 414 3.82 36.03 -23.36
N SER D 415 5.14 36.13 -23.43
CA SER D 415 6.02 35.54 -22.45
C SER D 415 6.20 36.50 -21.27
N GLY D 416 6.88 36.02 -20.23
CA GLY D 416 7.12 36.84 -19.07
C GLY D 416 7.69 36.03 -17.92
N ALA D 417 7.61 36.63 -16.74
CA ALA D 417 8.16 36.04 -15.53
C ALA D 417 7.13 35.18 -14.83
N MET D 418 7.57 34.54 -13.74
CA MET D 418 6.72 33.65 -12.97
C MET D 418 6.65 34.15 -11.54
N GLY D 419 5.48 34.00 -10.92
CA GLY D 419 5.31 34.50 -9.58
C GLY D 419 4.11 33.88 -8.90
N MET D 420 4.02 34.09 -7.59
CA MET D 420 2.96 33.51 -6.78
C MET D 420 2.80 34.29 -5.49
N PHE D 421 1.55 34.42 -5.04
CA PHE D 421 1.24 34.95 -3.72
C PHE D 421 0.43 33.89 -2.98
N ALA D 422 0.88 33.54 -1.77
CA ALA D 422 0.30 32.43 -1.03
C ALA D 422 -0.01 32.85 0.40
N GLY D 423 -1.05 32.22 0.98
CA GLY D 423 -1.39 32.45 2.37
C GLY D 423 -0.48 31.69 3.33
N ALA D 424 -0.79 31.81 4.62
CA ALA D 424 0.03 31.18 5.64
C ALA D 424 -0.04 29.65 5.55
N ASP D 425 -1.25 29.10 5.50
CA ASP D 425 -1.39 27.64 5.46
C ASP D 425 -0.91 27.08 4.12
N ALA D 426 -1.16 27.81 3.03
CA ALA D 426 -0.66 27.37 1.73
C ALA D 426 0.87 27.34 1.72
N ALA D 427 1.51 28.37 2.29
CA ALA D 427 2.96 28.36 2.39
C ALA D 427 3.45 27.23 3.28
N SER D 428 2.75 26.96 4.38
CA SER D 428 3.14 25.88 5.26
C SER D 428 3.09 24.54 4.54
N PHE D 429 2.04 24.31 3.74
CA PHE D 429 2.00 23.10 2.93
C PHE D 429 3.10 23.08 1.89
N PHE D 430 3.37 24.21 1.25
CA PHE D 430 4.40 24.26 0.23
C PHE D 430 5.78 23.95 0.81
N LYS D 431 5.99 24.28 2.08
CA LYS D 431 7.26 23.94 2.72
C LYS D 431 7.40 22.44 2.93
N GLN D 432 6.29 21.70 2.88
CA GLN D 432 6.32 20.26 3.15
C GLN D 432 6.71 19.43 1.94
N LEU D 433 6.82 20.03 0.76
CA LEU D 433 7.16 19.28 -0.43
C LEU D 433 8.60 18.78 -0.37
N PRO D 434 8.93 17.71 -1.11
CA PRO D 434 10.30 17.19 -1.10
C PRO D 434 11.32 18.20 -1.60
N LYS D 435 12.61 17.84 -1.48
CA LYS D 435 13.68 18.82 -1.65
C LYS D 435 13.73 19.37 -3.07
N ASP D 436 13.59 18.50 -4.08
CA ASP D 436 13.79 18.96 -5.44
C ASP D 436 12.61 19.80 -5.96
N PHE D 437 11.41 19.56 -5.43
CA PHE D 437 10.25 20.33 -5.89
C PHE D 437 10.29 21.76 -5.38
N PHE D 438 10.77 21.97 -4.16
CA PHE D 438 10.78 23.29 -3.54
C PHE D 438 12.12 23.54 -2.87
N GLN D 439 12.77 24.64 -3.25
CA GLN D 439 14.05 25.03 -2.66
C GLN D 439 13.83 26.23 -1.74
N PRO D 440 13.98 26.07 -0.43
CA PRO D 440 13.76 27.20 0.48
C PRO D 440 14.82 28.28 0.29
N ALA D 441 14.45 29.51 0.65
CA ALA D 441 15.38 30.62 0.56
C ALA D 441 16.54 30.41 1.54
N GLU D 442 17.73 30.84 1.12
CA GLU D 442 18.93 30.68 1.94
C GLU D 442 18.83 31.55 3.19
N ASP D 443 19.13 30.96 4.34
CA ASP D 443 19.10 31.64 5.64
C ASP D 443 17.74 32.28 5.88
N TYR D 444 16.69 31.53 5.55
CA TYR D 444 15.32 32.02 5.69
C TYR D 444 14.97 32.17 7.15
N ILE D 445 14.48 33.35 7.53
CA ILE D 445 14.06 33.64 8.89
C ILE D 445 12.58 34.01 8.86
N GLN D 446 11.77 33.30 9.65
CA GLN D 446 10.34 33.56 9.66
C GLN D 446 10.04 34.88 10.35
N THR D 447 9.37 35.78 9.63
CA THR D 447 9.08 37.11 10.11
C THR D 447 7.61 37.45 9.86
N PRO D 448 7.03 38.33 10.68
CA PRO D 448 5.62 38.71 10.47
C PRO D 448 5.40 39.61 9.26
N TYR D 449 6.44 39.91 8.49
CA TYR D 449 6.29 40.71 7.28
C TYR D 449 5.75 39.86 6.14
N VAL D 450 5.57 40.50 4.98
CA VAL D 450 5.32 39.81 3.73
C VAL D 450 6.67 39.65 3.03
N HIS D 451 7.23 38.45 3.08
CA HIS D 451 8.60 38.22 2.66
C HIS D 451 8.65 37.13 1.60
N TYR D 452 9.88 36.81 1.19
CA TYR D 452 10.14 35.80 0.16
C TYR D 452 10.72 34.57 0.84
N ILE D 453 10.15 33.40 0.54
CA ILE D 453 10.53 32.18 1.24
C ILE D 453 11.26 31.18 0.34
N GLY D 454 11.22 31.36 -0.98
CA GLY D 454 11.92 30.45 -1.87
C GLY D 454 11.17 30.29 -3.17
N THR D 455 11.73 29.46 -4.04
CA THR D 455 11.14 29.14 -5.32
C THR D 455 10.80 27.66 -5.39
N LEU D 456 9.73 27.34 -6.11
CA LEU D 456 9.30 25.97 -6.30
C LEU D 456 9.25 25.67 -7.80
N PHE D 457 9.56 24.43 -8.15
CA PHE D 457 9.68 23.95 -9.53
C PHE D 457 10.83 24.60 -10.28
N GLY D 458 11.63 25.43 -9.62
CA GLY D 458 12.77 26.08 -10.23
C GLY D 458 12.45 27.34 -11.00
N ASN D 459 11.19 27.66 -11.23
CA ASN D 459 10.79 28.86 -11.96
C ASN D 459 9.96 29.81 -11.13
N VAL D 460 8.90 29.32 -10.49
CA VAL D 460 7.95 30.18 -9.81
C VAL D 460 8.53 30.63 -8.47
N LYS D 461 8.57 31.94 -8.25
CA LYS D 461 8.94 32.52 -6.98
C LYS D 461 7.67 32.82 -6.19
N VAL D 462 7.69 32.50 -4.90
CA VAL D 462 6.50 32.59 -4.05
C VAL D 462 6.79 33.52 -2.88
N TYR D 463 5.73 34.17 -2.39
CA TYR D 463 5.80 35.04 -1.22
C TYR D 463 4.70 34.64 -0.24
N GLU D 464 4.96 34.88 1.04
CA GLU D 464 4.08 34.47 2.12
C GLU D 464 3.36 35.67 2.70
N VAL D 465 2.08 35.49 3.01
CA VAL D 465 1.24 36.52 3.62
C VAL D 465 0.80 36.03 4.99
N PRO D 466 1.09 36.75 6.06
CA PRO D 466 0.72 36.28 7.40
C PRO D 466 -0.79 36.24 7.59
N ALA D 467 -1.21 35.44 8.57
CA ALA D 467 -2.64 35.28 8.85
C ALA D 467 -3.27 36.59 9.33
N GLY D 468 -2.53 37.36 10.14
CA GLY D 468 -3.06 38.63 10.59
C GLY D 468 -3.36 39.59 9.45
N ILE D 469 -2.47 39.63 8.45
CA ILE D 469 -2.71 40.47 7.29
C ILE D 469 -3.94 39.99 6.52
N CYS D 470 -4.10 38.67 6.41
CA CYS D 470 -5.28 38.13 5.74
C CYS D 470 -6.57 38.53 6.46
N LYS D 471 -6.57 38.43 7.78
CA LYS D 471 -7.78 38.79 8.52
C LYS D 471 -8.04 40.30 8.45
N ASN D 472 -6.96 41.09 8.40
CA ASN D 472 -7.13 42.53 8.21
C ASN D 472 -7.74 42.85 6.85
N LEU D 473 -7.28 42.14 5.81
CA LEU D 473 -7.88 42.32 4.49
C LEU D 473 -9.34 41.92 4.48
N THR D 474 -9.68 40.77 5.08
CA THR D 474 -11.07 40.33 5.10
C THR D 474 -11.94 41.27 5.92
N THR D 475 -11.37 41.95 6.92
CA THR D 475 -12.13 42.91 7.70
C THR D 475 -12.59 44.08 6.84
N GLU D 476 -11.78 44.48 5.85
CA GLU D 476 -12.08 45.64 5.03
C GLU D 476 -12.69 45.27 3.68
N ASN D 477 -13.53 44.24 3.64
CA ASN D 477 -14.25 43.79 2.44
C ASN D 477 -13.32 43.33 1.33
N ILE D 478 -12.05 43.11 1.63
CA ILE D 478 -11.09 42.56 0.68
C ILE D 478 -11.01 41.07 0.93
N GLN D 479 -11.66 40.28 0.08
CA GLN D 479 -11.81 38.85 0.31
C GLN D 479 -10.50 38.13 -0.03
N PHE D 480 -9.77 37.72 1.00
CA PHE D 480 -8.54 36.95 0.82
C PHE D 480 -8.34 36.10 2.08
N SER D 481 -8.67 34.82 1.98
CA SER D 481 -8.48 33.92 3.11
C SER D 481 -7.03 33.43 3.16
N SER D 482 -6.70 32.78 4.28
CA SER D 482 -5.35 32.23 4.43
C SER D 482 -5.14 30.99 3.57
N MET D 483 -6.20 30.44 2.98
CA MET D 483 -6.07 29.27 2.13
C MET D 483 -5.95 29.64 0.64
N ASP D 484 -6.07 30.91 0.31
CA ASP D 484 -6.08 31.34 -1.08
C ASP D 484 -4.66 31.49 -1.62
N VAL D 485 -4.52 31.31 -2.93
CA VAL D 485 -3.25 31.48 -3.62
C VAL D 485 -3.49 32.34 -4.86
N LEU D 486 -2.66 33.37 -5.03
CA LEU D 486 -2.76 34.29 -6.15
C LEU D 486 -1.53 34.13 -7.03
N CYS D 487 -1.76 33.93 -8.33
CA CYS D 487 -0.71 33.74 -9.30
C CYS D 487 -0.69 34.90 -10.30
N TYR D 488 0.50 35.25 -10.76
CA TYR D 488 0.66 36.36 -11.68
C TYR D 488 1.80 36.07 -12.64
N VAL D 489 1.81 36.82 -13.75
CA VAL D 489 2.88 36.75 -14.74
C VAL D 489 3.33 38.18 -15.03
N ARG D 490 4.62 38.45 -14.84
CA ARG D 490 5.18 39.76 -15.08
C ARG D 490 5.75 39.82 -16.50
N ASP D 491 5.32 40.82 -17.26
CA ASP D 491 5.73 40.93 -18.65
C ASP D 491 7.06 41.66 -18.78
N GLU D 492 7.72 41.46 -19.91
CA GLU D 492 8.98 42.13 -20.22
C GLU D 492 9.01 42.81 -21.58
N ASN D 493 8.03 42.57 -22.45
CA ASN D 493 7.99 43.21 -23.74
C ASN D 493 7.78 44.72 -23.59
N PRO D 494 8.23 45.52 -24.55
CA PRO D 494 8.16 46.98 -24.38
C PRO D 494 6.75 47.51 -24.21
N GLY D 495 5.85 47.19 -25.16
CA GLY D 495 4.53 47.79 -25.14
C GLY D 495 3.53 47.12 -24.22
N LYS D 496 3.81 45.90 -23.76
CA LYS D 496 2.86 45.11 -22.99
C LYS D 496 3.33 44.95 -21.56
N ALA D 497 2.40 45.08 -20.62
CA ALA D 497 2.70 44.91 -19.20
C ALA D 497 1.40 44.57 -18.47
N GLY D 498 1.55 43.95 -17.31
CA GLY D 498 0.40 43.58 -16.51
C GLY D 498 0.03 44.61 -15.46
N PHE D 499 0.99 44.99 -14.63
CA PHE D 499 0.81 45.99 -13.60
C PHE D 499 1.81 47.12 -13.82
N VAL D 500 1.34 48.35 -13.72
CA VAL D 500 2.14 49.53 -14.04
C VAL D 500 2.43 50.28 -12.75
N THR D 501 3.72 50.57 -12.53
CA THR D 501 4.16 51.36 -11.39
C THR D 501 5.16 52.40 -11.88
N GLY D 502 5.05 53.61 -11.33
CA GLY D 502 5.95 54.68 -11.69
C GLY D 502 5.87 55.87 -10.76
N ASP D 503 6.87 56.74 -10.81
CA ASP D 503 6.96 57.91 -9.94
C ASP D 503 6.92 59.16 -10.80
N ALA D 504 5.78 59.86 -10.77
CA ALA D 504 5.67 61.11 -11.51
C ALA D 504 6.47 62.22 -10.84
N VAL D 505 6.22 62.46 -9.56
CA VAL D 505 6.97 63.44 -8.78
C VAL D 505 7.34 62.83 -7.44
N PRO D 506 8.63 62.68 -7.13
CA PRO D 506 9.02 62.13 -5.84
C PRO D 506 8.62 63.04 -4.69
N ALA D 507 8.38 62.44 -3.53
CA ALA D 507 7.96 63.20 -2.37
C ALA D 507 9.02 64.23 -1.98
N ILE D 508 8.57 65.43 -1.64
CA ILE D 508 9.44 66.54 -1.28
C ILE D 508 9.01 67.05 0.10
N PRO D 509 9.92 67.53 0.93
CA PRO D 509 9.53 68.01 2.26
C PRO D 509 9.28 69.51 2.31
N PHE D 510 8.39 69.89 3.22
CA PHE D 510 8.15 71.29 3.55
C PHE D 510 8.21 71.46 5.07
N GLN D 511 9.05 72.39 5.50
CA GLN D 511 9.17 72.73 6.92
C GLN D 511 8.75 74.17 7.13
N HIS D 512 7.71 74.38 7.92
CA HIS D 512 7.26 75.74 8.13
C HIS D 512 7.90 76.33 9.38
N PRO D 513 8.10 77.65 9.43
CA PRO D 513 8.66 78.26 10.64
C PRO D 513 7.66 78.21 11.79
N THR D 514 8.19 78.38 12.99
CA THR D 514 7.38 78.29 14.20
C THR D 514 6.35 79.42 14.22
N THR D 515 5.08 79.05 14.33
CA THR D 515 4.01 80.02 14.37
C THR D 515 4.01 80.76 15.71
N PRO D 516 3.38 81.93 15.78
CA PRO D 516 3.24 82.63 17.07
C PRO D 516 2.70 81.74 18.19
N ALA D 517 1.94 80.70 17.87
CA ALA D 517 1.46 79.76 18.86
C ALA D 517 2.52 78.75 19.27
N LEU D 518 3.74 78.86 18.74
CA LEU D 518 4.88 78.02 19.10
C LEU D 518 4.59 76.54 18.81
N VAL D 519 4.31 76.26 17.54
CA VAL D 519 4.10 74.90 17.05
C VAL D 519 4.96 74.70 15.81
N ASN D 520 5.27 73.44 15.52
CA ASN D 520 6.06 73.06 14.35
C ASN D 520 5.27 72.08 13.50
N ARG D 521 5.42 72.19 12.19
CA ARG D 521 4.73 71.30 11.26
C ARG D 521 5.63 70.98 10.08
N THR D 522 5.54 69.72 9.62
CA THR D 522 6.21 69.29 8.41
C THR D 522 5.20 68.57 7.52
N THR D 523 5.38 68.71 6.21
CA THR D 523 4.43 68.19 5.24
C THR D 523 5.18 67.57 4.06
N LEU D 524 4.69 66.42 3.60
CA LEU D 524 5.24 65.74 2.44
C LEU D 524 4.17 65.67 1.36
N TRP D 525 4.56 65.92 0.11
CA TRP D 525 3.66 65.83 -1.02
C TRP D 525 4.38 65.21 -2.20
N GLY D 526 3.64 64.44 -2.99
CA GLY D 526 4.22 63.78 -4.16
C GLY D 526 3.14 63.09 -4.95
N SER D 527 3.49 62.73 -6.18
CA SER D 527 2.57 62.08 -7.10
C SER D 527 3.23 60.84 -7.68
N ALA D 528 2.40 59.84 -7.96
CA ALA D 528 2.87 58.57 -8.52
C ALA D 528 1.69 57.89 -9.19
N ILE D 529 1.98 56.83 -9.95
CA ILE D 529 0.96 56.05 -10.64
C ILE D 529 1.02 54.62 -10.12
N ASN D 530 -0.11 54.13 -9.64
CA ASN D 530 -0.21 52.75 -9.15
C ASN D 530 -1.58 52.22 -9.59
N ASP D 531 -1.60 51.59 -10.76
CA ASP D 531 -2.83 51.07 -11.32
C ASP D 531 -2.49 50.00 -12.35
N MET D 532 -3.50 49.21 -12.70
CA MET D 532 -3.35 48.13 -13.67
C MET D 532 -3.32 48.69 -15.08
N HIS D 533 -2.65 47.96 -15.97
CA HIS D 533 -2.51 48.42 -17.34
C HIS D 533 -3.87 48.47 -18.03
N PRO D 534 -4.16 49.53 -18.80
CA PRO D 534 -5.48 49.64 -19.43
C PRO D 534 -5.79 48.53 -20.41
N ARG D 535 -4.76 47.92 -21.03
CA ARG D 535 -4.96 46.88 -22.04
C ARG D 535 -4.76 45.52 -21.40
N ASN D 536 -5.88 44.82 -21.15
CA ASN D 536 -5.88 43.46 -20.60
C ASN D 536 -5.07 43.34 -19.31
N GLY D 537 -5.21 44.31 -18.39
CA GLY D 537 -4.48 44.22 -17.14
C GLY D 537 -4.91 43.04 -16.29
N ALA D 538 -6.22 42.75 -16.26
CA ALA D 538 -6.73 41.70 -15.40
C ALA D 538 -6.36 40.30 -15.87
N ASP D 539 -6.20 40.10 -17.18
CA ASP D 539 -5.90 38.78 -17.71
C ASP D 539 -4.52 38.27 -17.31
N TYR D 540 -3.65 39.14 -16.79
CA TYR D 540 -2.34 38.71 -16.33
C TYR D 540 -2.38 38.02 -14.98
N PHE D 541 -3.53 38.02 -14.30
CA PHE D 541 -3.65 37.49 -12.96
C PHE D 541 -4.74 36.42 -12.90
N THR D 542 -4.63 35.56 -11.88
CA THR D 542 -5.65 34.56 -11.60
C THR D 542 -5.59 34.20 -10.12
N ARG D 543 -6.70 33.67 -9.62
CA ARG D 543 -6.83 33.29 -8.22
C ARG D 543 -7.19 31.82 -8.10
N VAL D 544 -6.53 31.12 -7.19
CA VAL D 544 -6.78 29.71 -6.91
C VAL D 544 -7.11 29.56 -5.44
N THR D 545 -8.21 28.86 -5.14
CA THR D 545 -8.63 28.60 -3.78
C THR D 545 -8.50 27.12 -3.49
N LEU D 546 -7.85 26.80 -2.36
CA LEU D 546 -7.60 25.44 -1.95
C LEU D 546 -8.63 25.00 -0.92
N THR D 547 -9.08 23.76 -1.04
CA THR D 547 -10.09 23.19 -0.16
C THR D 547 -9.68 21.79 0.24
N MET D 548 -10.20 21.34 1.39
CA MET D 548 -9.94 20.02 1.93
C MET D 548 -11.28 19.33 2.16
N ALA D 549 -11.80 18.69 1.11
CA ALA D 549 -13.11 18.05 1.20
C ALA D 549 -13.16 16.69 0.50
N LYS D 550 -12.03 16.16 0.03
CA LYS D 550 -12.05 14.87 -0.65
C LYS D 550 -12.35 13.75 0.33
N LYS D 551 -13.06 12.73 -0.13
CA LYS D 551 -13.41 11.61 0.72
C LYS D 551 -12.16 10.77 1.03
N GLY D 552 -11.93 10.52 2.30
CA GLY D 552 -10.79 9.72 2.71
C GLY D 552 -9.46 10.46 2.65
N GLY D 553 -9.47 11.77 2.88
CA GLY D 553 -8.26 12.56 2.86
C GLY D 553 -7.71 12.81 4.26
N LEU D 554 -6.56 13.48 4.30
CA LEU D 554 -5.86 13.82 5.54
C LEU D 554 -5.83 15.33 5.69
N ASN D 555 -6.29 15.82 6.84
CA ASN D 555 -6.24 17.24 7.17
C ASN D 555 -4.97 17.48 7.99
N PHE D 556 -4.01 18.21 7.43
CA PHE D 556 -2.75 18.45 8.12
C PHE D 556 -2.89 19.45 9.27
N ILE D 557 -4.03 20.13 9.39
CA ILE D 557 -4.21 21.05 10.51
C ILE D 557 -4.67 20.29 11.74
N SER D 558 -5.71 19.46 11.61
CA SER D 558 -6.23 18.68 12.72
C SER D 558 -5.58 17.31 12.86
N GLY D 559 -4.99 16.79 11.78
CA GLY D 559 -4.29 15.53 11.85
C GLY D 559 -5.15 14.29 11.81
N ASP D 560 -6.43 14.42 11.43
CA ASP D 560 -7.34 13.28 11.43
C ASP D 560 -7.86 13.09 10.00
N THR D 561 -8.28 11.87 9.68
CA THR D 561 -8.93 11.61 8.41
C THR D 561 -10.26 12.35 8.36
N ILE D 562 -10.47 13.06 7.25
CA ILE D 562 -11.60 13.99 7.13
C ILE D 562 -12.83 13.19 6.72
N ASP D 563 -13.88 13.29 7.54
CA ASP D 563 -15.20 12.71 7.25
C ASP D 563 -15.11 11.26 6.77
N ALA D 564 -14.28 10.48 7.45
CA ALA D 564 -14.07 9.06 7.12
C ALA D 564 -13.68 8.86 5.65
N GLU E 125 -10.94 76.58 -13.75
CA GLU E 125 -11.15 77.76 -14.60
C GLU E 125 -9.95 78.70 -14.56
N MET E 126 -9.74 79.32 -13.40
CA MET E 126 -8.65 80.27 -13.25
C MET E 126 -7.30 79.54 -13.28
N MET E 127 -6.31 80.17 -13.89
CA MET E 127 -4.98 79.59 -14.04
C MET E 127 -4.22 79.50 -12.74
N SER E 128 -4.68 80.17 -11.68
CA SER E 128 -3.93 80.18 -10.42
C SER E 128 -3.81 78.79 -9.81
N VAL E 129 -4.90 78.03 -9.81
CA VAL E 129 -4.91 76.71 -9.20
C VAL E 129 -4.92 75.66 -10.30
N SER E 130 -4.63 74.42 -9.93
CA SER E 130 -4.65 73.31 -10.87
C SER E 130 -6.05 73.14 -11.46
N ASP E 131 -6.13 72.31 -12.51
CA ASP E 131 -7.30 72.07 -13.35
C ASP E 131 -7.62 73.26 -14.24
N GLY E 132 -6.91 74.38 -14.09
CA GLY E 132 -7.06 75.52 -14.96
C GLY E 132 -6.02 75.61 -16.06
N VAL E 133 -5.20 74.57 -16.25
CA VAL E 133 -4.20 74.52 -17.30
C VAL E 133 -4.50 73.31 -18.18
N MET E 134 -4.45 73.52 -19.49
CA MET E 134 -4.76 72.45 -20.43
C MET E 134 -3.66 71.41 -20.44
N ARG E 135 -4.00 70.21 -20.91
CA ARG E 135 -3.09 69.07 -20.92
C ARG E 135 -2.74 68.70 -22.35
N LEU E 136 -1.48 68.33 -22.56
CA LEU E 136 -1.00 67.91 -23.86
C LEU E 136 -0.62 66.43 -23.81
N PRO E 137 -1.27 65.58 -24.60
CA PRO E 137 -0.96 64.14 -24.53
C PRO E 137 0.41 63.82 -25.09
N LEU E 138 0.91 62.64 -24.76
CA LEU E 138 2.22 62.17 -25.19
C LEU E 138 2.08 60.79 -25.83
N PHE E 139 2.65 60.64 -27.02
CA PHE E 139 2.63 59.34 -27.69
C PHE E 139 3.69 58.43 -27.08
N LEU E 140 3.26 57.28 -26.55
CA LEU E 140 4.15 56.42 -25.78
C LEU E 140 4.78 55.32 -26.62
N ALA E 141 3.96 54.44 -27.19
CA ALA E 141 4.48 53.27 -27.87
C ALA E 141 3.51 52.83 -28.96
N MET E 142 4.00 51.97 -29.85
CA MET E 142 3.23 51.40 -30.94
C MET E 142 3.29 49.88 -30.87
N ILE E 143 2.20 49.23 -31.25
CA ILE E 143 2.07 47.78 -31.16
C ILE E 143 1.70 47.23 -32.53
N LEU E 144 2.43 46.21 -32.97
CA LEU E 144 2.23 45.56 -34.26
C LEU E 144 1.66 44.16 -34.05
N PRO E 145 0.92 43.64 -35.03
CA PRO E 145 0.38 42.28 -34.90
C PRO E 145 1.49 41.24 -34.78
N VAL E 146 1.19 40.19 -34.02
CA VAL E 146 2.17 39.16 -33.68
C VAL E 146 2.31 38.18 -34.84
N GLN E 147 3.36 37.36 -34.80
CA GLN E 147 3.63 36.38 -35.83
C GLN E 147 2.57 35.28 -35.83
N LEU E 148 2.24 34.78 -37.03
CA LEU E 148 1.31 33.68 -37.21
C LEU E 148 2.05 32.46 -37.73
N GLY E 149 1.53 31.28 -37.42
CA GLY E 149 2.12 30.05 -37.92
C GLY E 149 1.60 28.84 -37.17
N ALA E 150 2.09 27.69 -37.60
CA ALA E 150 1.73 26.41 -37.00
C ALA E 150 2.77 25.38 -37.41
N ALA E 151 2.60 24.15 -36.93
CA ALA E 151 3.53 23.05 -37.22
C ALA E 151 2.74 21.76 -37.34
N THR E 152 2.40 21.38 -38.59
CA THR E 152 1.70 20.13 -38.86
C THR E 152 2.37 19.35 -39.98
N ALA E 153 3.60 19.72 -40.36
CA ALA E 153 4.27 19.09 -41.50
C ALA E 153 4.85 17.73 -41.19
N ASP E 154 4.82 17.29 -39.93
CA ASP E 154 5.43 16.01 -39.57
C ASP E 154 4.74 14.85 -40.27
N ALA E 155 3.40 14.86 -40.29
CA ALA E 155 2.67 13.74 -40.85
C ALA E 155 2.72 13.74 -42.38
N CYS E 156 2.87 14.91 -42.98
CA CYS E 156 2.81 15.03 -44.43
C CYS E 156 4.02 14.37 -45.09
N THR E 157 3.78 13.79 -46.25
CA THR E 157 4.84 13.26 -47.10
C THR E 157 4.93 14.07 -48.38
N PHE E 158 6.17 14.38 -48.79
CA PHE E 158 6.42 15.29 -49.90
C PHE E 158 6.73 14.49 -51.15
N ILE E 159 5.98 14.74 -52.21
CA ILE E 159 6.14 14.05 -53.49
C ILE E 159 6.32 15.08 -54.59
N PRO E 160 6.98 14.74 -55.70
CA PRO E 160 7.11 15.71 -56.80
C PRO E 160 5.87 15.70 -57.68
N VAL E 161 5.46 16.89 -58.13
CA VAL E 161 4.31 17.06 -59.02
C VAL E 161 4.79 17.89 -60.20
N THR E 162 5.09 17.21 -61.31
CA THR E 162 5.55 17.90 -62.51
C THR E 162 4.43 18.17 -63.49
N ARG E 163 3.50 17.23 -63.64
CA ARG E 163 2.37 17.38 -64.56
C ARG E 163 1.07 17.32 -63.74
N ASP E 164 -0.06 17.42 -64.45
CA ASP E 164 -1.34 17.56 -63.79
C ASP E 164 -1.80 16.25 -63.14
N GLN E 165 -1.65 15.12 -63.82
CA GLN E 165 -2.19 13.86 -63.34
C GLN E 165 -1.11 12.79 -63.36
N SER E 166 -1.19 11.89 -62.37
CA SER E 166 -0.27 10.77 -62.24
C SER E 166 -1.07 9.51 -61.94
N ASP E 167 -0.50 8.37 -62.32
CA ASP E 167 -1.17 7.08 -62.20
C ASP E 167 -0.30 6.11 -61.43
N ILE E 168 -0.95 5.22 -60.66
CA ILE E 168 -0.27 4.19 -59.88
C ILE E 168 -0.97 2.86 -60.12
N TYR E 169 -0.20 1.83 -60.46
CA TYR E 169 -0.72 0.50 -60.70
C TYR E 169 -0.19 -0.46 -59.65
N GLU E 170 -1.00 -1.49 -59.35
CA GLU E 170 -0.61 -2.49 -58.37
C GLU E 170 -1.32 -3.79 -58.72
N VAL E 171 -0.68 -4.90 -58.37
CA VAL E 171 -1.11 -6.24 -58.79
C VAL E 171 -1.48 -7.06 -57.56
N PHE E 172 -2.52 -7.89 -57.69
CA PHE E 172 -2.95 -8.82 -56.66
C PHE E 172 -2.68 -10.25 -57.11
N ASN E 173 -2.83 -11.18 -56.17
CA ASN E 173 -2.93 -12.60 -56.47
C ASN E 173 -4.34 -13.08 -56.20
N VAL E 174 -4.94 -13.74 -57.19
CA VAL E 174 -6.33 -14.15 -57.11
C VAL E 174 -6.45 -15.59 -57.62
N ALA E 175 -7.28 -16.38 -56.95
CA ALA E 175 -7.47 -17.77 -57.32
C ALA E 175 -8.15 -17.88 -58.68
N GLY E 176 -7.72 -18.85 -59.47
CA GLY E 176 -8.25 -19.04 -60.81
C GLY E 176 -9.63 -19.65 -60.85
N SER E 177 -9.88 -20.67 -60.04
CA SER E 177 -11.13 -21.41 -60.06
C SER E 177 -11.74 -21.48 -58.67
N SER E 178 -13.07 -21.55 -58.62
CA SER E 178 -13.79 -21.68 -57.35
C SER E 178 -13.73 -23.13 -56.90
N PHE E 179 -12.96 -23.39 -55.85
CA PHE E 179 -12.78 -24.75 -55.35
C PHE E 179 -12.40 -24.69 -53.88
N GLY E 180 -12.80 -25.73 -53.15
CA GLY E 180 -12.50 -25.78 -51.72
C GLY E 180 -13.17 -24.64 -50.97
N SER E 181 -12.40 -24.00 -50.09
CA SER E 181 -12.94 -22.92 -49.28
C SER E 181 -13.10 -21.62 -50.07
N TYR E 182 -12.20 -21.38 -51.03
CA TYR E 182 -12.20 -20.13 -51.77
C TYR E 182 -13.14 -20.20 -52.96
N ALA E 183 -13.34 -19.04 -53.59
CA ALA E 183 -14.16 -18.91 -54.78
C ALA E 183 -13.40 -18.09 -55.83
N ALA E 184 -13.81 -18.25 -57.08
CA ALA E 184 -13.17 -17.52 -58.17
C ALA E 184 -13.35 -16.01 -57.95
N GLY E 185 -12.25 -15.27 -58.10
CA GLY E 185 -12.26 -13.85 -57.90
C GLY E 185 -11.87 -13.38 -56.53
N ASP E 186 -11.33 -14.26 -55.69
CA ASP E 186 -10.95 -13.92 -54.31
C ASP E 186 -9.44 -13.74 -54.22
N VAL E 187 -9.02 -12.70 -53.51
CA VAL E 187 -7.61 -12.40 -53.34
C VAL E 187 -7.02 -13.31 -52.28
N LEU E 188 -5.79 -13.78 -52.50
CA LEU E 188 -5.07 -14.60 -51.55
C LEU E 188 -3.87 -13.79 -51.04
N ASP E 189 -3.75 -13.69 -49.71
CA ASP E 189 -2.74 -12.83 -49.13
C ASP E 189 -2.05 -13.46 -47.92
N MET E 190 -1.31 -12.64 -47.17
CA MET E 190 -0.50 -13.13 -46.07
C MET E 190 -1.36 -13.76 -44.97
N GLN E 191 -2.59 -13.29 -44.81
CA GLN E 191 -3.49 -13.78 -43.77
C GLN E 191 -4.56 -14.72 -44.32
N SER E 192 -4.41 -15.20 -45.55
CA SER E 192 -5.41 -16.06 -46.14
C SER E 192 -5.34 -17.45 -45.50
N VAL E 193 -6.47 -17.88 -44.94
CA VAL E 193 -6.58 -19.20 -44.31
C VAL E 193 -7.73 -19.94 -44.99
N GLY E 194 -7.42 -21.08 -45.60
CA GLY E 194 -8.43 -21.86 -46.28
C GLY E 194 -7.81 -23.11 -46.88
N VAL E 195 -8.70 -23.99 -47.33
CA VAL E 195 -8.28 -25.23 -47.99
C VAL E 195 -8.36 -25.02 -49.49
N TYR E 196 -7.21 -25.11 -50.17
CA TYR E 196 -7.16 -24.84 -51.60
C TYR E 196 -5.91 -25.50 -52.17
N SER E 197 -6.08 -26.64 -52.84
CA SER E 197 -5.07 -27.55 -53.38
C SER E 197 -4.56 -28.56 -52.36
N GLN E 198 -5.19 -28.69 -51.20
CA GLN E 198 -4.90 -29.78 -50.27
C GLN E 198 -5.95 -30.86 -50.46
N LEU E 199 -5.50 -32.08 -50.74
CA LEU E 199 -6.39 -33.16 -51.15
C LEU E 199 -7.10 -33.85 -50.00
N ARG E 200 -6.64 -33.69 -48.77
CA ARG E 200 -7.27 -34.31 -47.61
C ARG E 200 -8.04 -33.25 -46.83
N ARG E 201 -9.33 -33.51 -46.59
CA ARG E 201 -10.21 -32.56 -45.97
C ARG E 201 -11.11 -33.26 -44.96
N ARG E 202 -11.61 -32.50 -44.00
CA ARG E 202 -12.55 -32.98 -43.01
C ARG E 202 -13.81 -32.13 -43.06
N TYR E 203 -14.97 -32.79 -42.96
CA TYR E 203 -16.26 -32.13 -43.02
C TYR E 203 -17.09 -32.50 -41.80
N VAL E 204 -17.80 -31.52 -41.26
CA VAL E 204 -18.68 -31.71 -40.12
C VAL E 204 -20.09 -31.92 -40.65
N LEU E 205 -20.77 -32.97 -40.17
CA LEU E 205 -22.09 -33.32 -40.68
C LEU E 205 -23.20 -32.77 -39.78
N VAL E 206 -23.17 -33.12 -38.50
CA VAL E 206 -24.17 -32.67 -37.54
C VAL E 206 -23.44 -31.91 -36.43
N ALA E 207 -23.77 -30.63 -36.29
CA ALA E 207 -23.18 -29.84 -35.20
C ALA E 207 -23.72 -30.26 -33.85
N SER E 208 -25.04 -30.41 -33.73
CA SER E 208 -25.67 -30.83 -32.50
C SER E 208 -26.73 -31.88 -32.82
N SER E 209 -26.65 -33.02 -32.14
CA SER E 209 -27.59 -34.11 -32.39
C SER E 209 -28.96 -33.79 -31.80
N ASP E 210 -29.95 -34.55 -32.24
CA ASP E 210 -31.30 -34.43 -31.70
C ASP E 210 -31.59 -35.39 -30.56
N GLY E 211 -30.79 -36.45 -30.41
CA GLY E 211 -30.97 -37.39 -29.32
C GLY E 211 -32.05 -38.43 -29.53
N THR E 212 -32.70 -38.46 -30.70
CA THR E 212 -33.77 -39.41 -30.94
C THR E 212 -33.75 -40.04 -32.32
N SER E 213 -32.73 -39.76 -33.14
CA SER E 213 -32.63 -40.33 -34.47
C SER E 213 -31.42 -41.27 -34.55
N LYS E 214 -31.51 -42.24 -35.46
CA LYS E 214 -30.46 -43.24 -35.63
C LYS E 214 -29.97 -43.34 -37.07
N THR E 215 -30.33 -42.40 -37.94
CA THR E 215 -29.93 -42.44 -39.34
C THR E 215 -29.31 -41.12 -39.74
N ALA E 216 -28.30 -41.20 -40.60
CA ALA E 216 -27.62 -40.02 -41.13
C ALA E 216 -26.87 -40.42 -42.39
N THR E 217 -26.84 -39.51 -43.37
CA THR E 217 -26.18 -39.75 -44.64
C THR E 217 -25.26 -38.58 -44.98
N PHE E 218 -24.10 -38.90 -45.55
CA PHE E 218 -23.16 -37.90 -46.03
C PHE E 218 -23.17 -37.88 -47.55
N LYS E 219 -23.48 -36.71 -48.12
CA LYS E 219 -23.49 -36.53 -49.56
C LYS E 219 -22.56 -35.38 -49.89
N MET E 220 -21.57 -35.63 -50.75
CA MET E 220 -20.55 -34.63 -51.06
C MET E 220 -21.15 -33.41 -51.77
N GLU E 221 -22.27 -33.57 -52.47
CA GLU E 221 -22.87 -32.46 -53.19
C GLU E 221 -23.33 -31.34 -52.27
N ASP E 222 -23.55 -31.62 -50.98
CA ASP E 222 -23.93 -30.56 -50.06
C ASP E 222 -22.74 -29.67 -49.71
N PHE E 223 -21.57 -30.25 -49.49
CA PHE E 223 -20.39 -29.49 -49.11
C PHE E 223 -19.58 -29.00 -50.29
N GLU E 224 -19.48 -29.81 -51.35
CA GLU E 224 -18.84 -29.40 -52.58
C GLU E 224 -19.89 -28.92 -53.58
N GLY E 225 -19.44 -28.38 -54.71
CA GLY E 225 -20.35 -27.91 -55.73
C GLY E 225 -20.97 -29.01 -56.56
N GLN E 226 -20.48 -30.23 -56.44
CA GLN E 226 -20.96 -31.35 -57.23
C GLN E 226 -20.55 -32.64 -56.53
N ASN E 227 -20.66 -33.76 -57.23
CA ASN E 227 -20.20 -35.04 -56.71
C ASN E 227 -18.78 -35.33 -57.21
N VAL E 228 -17.93 -35.79 -56.30
CA VAL E 228 -16.52 -36.01 -56.61
C VAL E 228 -16.12 -37.41 -56.18
N PRO E 229 -15.39 -38.16 -57.00
CA PRO E 229 -14.94 -39.49 -56.59
C PRO E 229 -14.03 -39.42 -55.38
N ILE E 230 -14.11 -40.45 -54.54
CA ILE E 230 -13.40 -40.51 -53.27
C ILE E 230 -12.50 -41.73 -53.27
N ARG E 231 -11.23 -41.51 -52.91
CA ARG E 231 -10.27 -42.60 -52.84
C ARG E 231 -10.67 -43.59 -51.76
N LYS E 232 -10.52 -44.88 -52.05
CA LYS E 232 -10.96 -45.92 -51.13
C LYS E 232 -9.84 -46.31 -50.17
N GLY E 233 -10.24 -46.81 -49.00
CA GLY E 233 -9.28 -47.29 -48.03
C GLY E 233 -8.54 -46.22 -47.27
N ARG E 234 -9.02 -44.98 -47.29
CA ARG E 234 -8.29 -43.90 -46.64
C ARG E 234 -9.20 -42.93 -45.89
N THR E 235 -10.46 -43.28 -45.66
CA THR E 235 -11.37 -42.38 -44.98
C THR E 235 -11.45 -42.70 -43.49
N ASN E 236 -12.00 -41.74 -42.73
CA ASN E 236 -12.15 -41.88 -41.30
C ASN E 236 -13.37 -41.07 -40.86
N ILE E 237 -13.89 -41.42 -39.69
CA ILE E 237 -15.08 -40.79 -39.14
C ILE E 237 -14.78 -40.32 -37.72
N TYR E 238 -15.15 -39.09 -37.42
CA TYR E 238 -14.98 -38.50 -36.09
C TYR E 238 -16.33 -38.44 -35.38
N VAL E 239 -16.36 -38.96 -34.15
CA VAL E 239 -17.50 -38.79 -33.25
C VAL E 239 -16.97 -38.14 -31.97
N ASN E 240 -17.50 -36.96 -31.65
CA ASN E 240 -17.03 -36.16 -30.51
C ASN E 240 -15.53 -35.90 -30.61
N ARG E 241 -15.01 -35.88 -31.83
CA ARG E 241 -13.60 -35.62 -32.11
C ARG E 241 -12.69 -36.71 -31.54
N ILE E 242 -13.01 -37.96 -31.87
CA ILE E 242 -12.11 -39.09 -31.63
C ILE E 242 -12.00 -39.87 -32.93
N LYS E 243 -10.77 -40.09 -33.40
CA LYS E 243 -10.55 -40.85 -34.62
C LYS E 243 -10.91 -42.32 -34.44
N SER E 244 -11.36 -42.93 -35.52
CA SER E 244 -11.70 -44.34 -35.56
C SER E 244 -10.75 -45.08 -36.50
N VAL E 245 -10.96 -46.38 -36.64
CA VAL E 245 -10.17 -47.22 -37.51
C VAL E 245 -10.56 -46.90 -38.96
N VAL E 246 -9.59 -47.01 -39.88
CA VAL E 246 -9.87 -46.73 -41.29
C VAL E 246 -10.88 -47.75 -41.83
N ASP E 247 -11.50 -47.38 -42.95
CA ASP E 247 -12.55 -48.19 -43.54
C ASP E 247 -11.98 -49.48 -44.11
N ASN E 248 -12.86 -50.45 -44.31
CA ASN E 248 -12.52 -51.67 -45.03
C ASN E 248 -12.20 -51.32 -46.49
N GLY E 249 -11.40 -52.19 -47.12
CA GLY E 249 -10.98 -51.96 -48.49
C GLY E 249 -12.13 -51.83 -49.48
N SER E 250 -13.31 -52.33 -49.14
CA SER E 250 -14.45 -52.26 -50.05
C SER E 250 -15.74 -52.10 -49.25
N GLY E 251 -16.36 -50.94 -49.37
CA GLY E 251 -17.74 -50.74 -48.90
C GLY E 251 -18.08 -50.50 -47.44
N SER E 252 -17.50 -51.27 -46.53
CA SER E 252 -17.96 -51.30 -45.15
C SER E 252 -17.02 -50.52 -44.23
N LEU E 253 -17.58 -50.11 -43.09
CA LEU E 253 -16.82 -49.44 -42.03
C LEU E 253 -17.59 -49.65 -40.72
N LEU E 254 -16.96 -50.27 -39.75
CA LEU E 254 -17.58 -50.57 -38.46
C LEU E 254 -16.84 -49.82 -37.36
N HIS E 255 -17.60 -49.09 -36.53
CA HIS E 255 -17.04 -48.37 -35.40
C HIS E 255 -18.04 -48.40 -34.26
N SER E 256 -17.52 -48.51 -33.03
CA SER E 256 -18.35 -48.53 -31.83
C SER E 256 -17.77 -47.58 -30.81
N PHE E 257 -18.63 -47.08 -29.93
CA PHE E 257 -18.23 -46.15 -28.88
C PHE E 257 -19.15 -46.33 -27.68
N THR E 258 -18.69 -45.85 -26.52
CA THR E 258 -19.43 -45.95 -25.27
C THR E 258 -20.33 -44.73 -25.12
N ASN E 259 -21.46 -44.93 -24.44
CA ASN E 259 -22.41 -43.85 -24.21
C ASN E 259 -22.14 -43.19 -22.85
N ALA E 260 -22.94 -42.16 -22.55
CA ALA E 260 -22.83 -41.50 -21.26
C ALA E 260 -23.19 -42.46 -20.12
N ALA E 261 -24.22 -43.27 -20.32
CA ALA E 261 -24.64 -44.22 -19.30
C ALA E 261 -23.71 -45.43 -19.19
N GLY E 262 -22.81 -45.63 -20.15
CA GLY E 262 -21.79 -46.65 -20.07
C GLY E 262 -22.02 -47.88 -20.93
N GLU E 263 -23.07 -47.90 -21.76
CA GLU E 263 -23.32 -49.05 -22.62
C GLU E 263 -22.50 -48.91 -23.90
N GLN E 264 -22.77 -49.77 -24.88
CA GLN E 264 -22.05 -49.80 -26.14
C GLN E 264 -23.01 -49.56 -27.30
N ILE E 265 -22.59 -48.73 -28.23
CA ILE E 265 -23.36 -48.43 -29.44
C ILE E 265 -22.44 -48.60 -30.64
N THR E 266 -22.87 -49.40 -31.61
CA THR E 266 -22.09 -49.68 -32.80
C THR E 266 -22.65 -48.89 -33.98
N VAL E 267 -21.77 -48.44 -34.86
CA VAL E 267 -22.14 -47.67 -36.05
C VAL E 267 -21.65 -48.42 -37.27
N THR E 268 -22.56 -48.67 -38.21
CA THR E 268 -22.25 -49.34 -39.47
C THR E 268 -22.35 -48.34 -40.61
N CYS E 269 -21.33 -48.32 -41.47
CA CYS E 269 -21.25 -47.33 -42.55
C CYS E 269 -21.09 -48.04 -43.89
N SER E 270 -21.82 -47.54 -44.89
CA SER E 270 -21.68 -48.00 -46.26
C SER E 270 -21.11 -46.86 -47.10
N LEU E 271 -20.21 -47.20 -48.02
CA LEU E 271 -19.46 -46.21 -48.77
C LEU E 271 -19.72 -46.36 -50.26
N ASN E 272 -19.71 -45.23 -50.96
CA ASN E 272 -19.83 -45.20 -52.42
C ASN E 272 -18.70 -44.33 -52.95
N TYR E 273 -17.62 -44.97 -53.40
CA TYR E 273 -16.43 -44.24 -53.80
C TYR E 273 -16.62 -43.46 -55.10
N ASN E 274 -17.49 -43.95 -56.00
CA ASN E 274 -17.64 -43.31 -57.30
C ASN E 274 -18.20 -41.90 -57.18
N ILE E 275 -19.20 -41.72 -56.32
CA ILE E 275 -19.84 -40.42 -56.16
C ILE E 275 -19.53 -39.77 -54.82
N GLY E 276 -18.92 -40.48 -53.88
CA GLY E 276 -18.63 -39.91 -52.58
C GLY E 276 -19.86 -39.74 -51.72
N GLN E 277 -20.53 -40.85 -51.41
CA GLN E 277 -21.72 -40.84 -50.59
C GLN E 277 -21.54 -41.82 -49.42
N ILE E 278 -21.72 -41.32 -48.21
CA ILE E 278 -21.52 -42.10 -46.99
C ILE E 278 -22.86 -42.25 -46.29
N ALA E 279 -23.23 -43.48 -45.97
CA ALA E 279 -24.47 -43.78 -45.26
C ALA E 279 -24.14 -44.34 -43.88
N LEU E 280 -24.77 -43.79 -42.85
CA LEU E 280 -24.50 -44.18 -41.48
C LEU E 280 -25.78 -44.65 -40.79
N SER E 281 -25.63 -45.61 -39.89
CA SER E 281 -26.74 -46.13 -39.10
C SER E 281 -26.29 -46.31 -37.66
N PHE E 282 -27.21 -46.11 -36.73
CA PHE E 282 -26.92 -46.19 -35.31
C PHE E 282 -27.75 -47.31 -34.67
N SER E 283 -27.09 -48.12 -33.83
CA SER E 283 -27.81 -49.14 -33.10
C SER E 283 -28.81 -48.52 -32.14
N LYS E 284 -28.42 -47.45 -31.47
CA LYS E 284 -29.32 -46.71 -30.59
C LYS E 284 -29.11 -45.22 -30.82
N ALA E 285 -30.13 -44.44 -30.49
CA ALA E 285 -30.06 -43.00 -30.69
C ALA E 285 -28.98 -42.41 -29.78
N PRO E 286 -28.11 -41.54 -30.31
CA PRO E 286 -27.08 -40.92 -29.46
C PRO E 286 -27.66 -39.90 -28.49
N ASP E 287 -26.80 -39.26 -27.70
CA ASP E 287 -27.25 -38.28 -26.73
C ASP E 287 -27.62 -36.98 -27.45
N LYS E 288 -28.06 -36.00 -26.65
CA LYS E 288 -28.44 -34.70 -27.21
C LYS E 288 -27.24 -33.99 -27.83
N GLY E 289 -26.14 -33.90 -27.09
CA GLY E 289 -24.95 -33.24 -27.58
C GLY E 289 -23.97 -34.20 -28.23
N THR E 290 -24.00 -34.28 -29.56
CA THR E 290 -23.09 -35.15 -30.30
C THR E 290 -22.74 -34.48 -31.62
N GLU E 291 -21.45 -34.55 -31.96
CA GLU E 291 -20.95 -33.98 -33.20
C GLU E 291 -20.24 -35.06 -33.99
N ILE E 292 -20.61 -35.21 -35.26
CA ILE E 292 -20.06 -36.24 -36.13
C ILE E 292 -19.36 -35.56 -37.31
N ALA E 293 -18.13 -35.99 -37.58
CA ALA E 293 -17.35 -35.43 -38.67
C ALA E 293 -16.76 -36.56 -39.49
N ILE E 294 -16.47 -36.27 -40.76
CA ILE E 294 -15.94 -37.24 -41.70
C ILE E 294 -14.67 -36.68 -42.31
N GLU E 295 -13.61 -37.49 -42.33
CA GLU E 295 -12.32 -37.10 -42.90
C GLU E 295 -12.01 -38.03 -44.07
N THR E 296 -11.92 -37.46 -45.27
CA THR E 296 -11.62 -38.19 -46.49
C THR E 296 -10.56 -37.44 -47.28
N GLU E 297 -10.22 -37.98 -48.45
CA GLU E 297 -9.35 -37.30 -49.39
C GLU E 297 -9.89 -37.51 -50.80
N ILE E 298 -9.59 -36.55 -51.68
CA ILE E 298 -10.13 -36.55 -53.03
C ILE E 298 -9.22 -37.35 -53.94
N ASN E 299 -9.79 -38.32 -54.66
CA ASN E 299 -9.05 -39.11 -55.64
C ASN E 299 -8.89 -38.27 -56.91
N ILE E 300 -7.81 -37.48 -56.92
CA ILE E 300 -7.55 -36.59 -58.05
C ILE E 300 -7.24 -37.40 -59.30
N GLU E 301 -6.75 -38.62 -59.15
CA GLU E 301 -6.40 -39.45 -60.31
C GLU E 301 -7.63 -39.79 -61.14
N ALA E 302 -8.77 -40.03 -60.50
CA ALA E 302 -9.99 -40.36 -61.24
C ALA E 302 -10.46 -39.20 -62.10
N ALA E 303 -10.39 -37.99 -61.58
CA ALA E 303 -10.83 -36.79 -62.30
C ALA E 303 -9.65 -35.85 -62.50
N PRO E 304 -9.04 -35.83 -63.68
CA PRO E 304 -7.93 -34.89 -63.94
C PRO E 304 -8.30 -33.44 -63.71
N GLU E 305 -9.58 -33.08 -63.83
CA GLU E 305 -10.02 -31.70 -63.69
C GLU E 305 -10.10 -31.33 -62.21
N LEU E 306 -10.73 -30.19 -61.92
CA LEU E 306 -10.83 -29.56 -60.60
C LEU E 306 -9.47 -29.19 -60.01
N ILE E 307 -8.42 -29.12 -60.83
CA ILE E 307 -7.11 -28.66 -60.37
C ILE E 307 -7.17 -27.15 -60.19
N PRO E 308 -6.75 -26.62 -59.04
CA PRO E 308 -6.86 -25.16 -58.82
C PRO E 308 -5.91 -24.38 -59.71
N LEU E 309 -6.22 -23.10 -59.86
CA LEU E 309 -5.47 -22.19 -60.71
C LEU E 309 -5.18 -20.89 -59.95
N ILE E 310 -4.30 -20.08 -60.53
CA ILE E 310 -3.87 -18.83 -59.92
C ILE E 310 -3.84 -17.74 -61.00
N ASN E 311 -4.38 -16.57 -60.67
CA ASN E 311 -4.40 -15.45 -61.61
C ASN E 311 -3.92 -14.16 -60.94
N HIS E 312 -3.94 -13.05 -61.67
CA HIS E 312 -3.51 -11.77 -61.13
C HIS E 312 -4.35 -10.66 -61.74
N GLU E 313 -4.64 -9.64 -60.93
CA GLU E 313 -5.48 -8.51 -61.33
C GLU E 313 -4.65 -7.23 -61.31
N MET E 314 -5.24 -6.15 -61.81
CA MET E 314 -4.60 -4.84 -61.85
C MET E 314 -5.62 -3.75 -61.53
N LYS E 315 -5.12 -2.64 -60.99
CA LYS E 315 -5.94 -1.48 -60.69
C LYS E 315 -5.14 -0.21 -60.98
N LYS E 316 -5.83 0.93 -60.93
CA LYS E 316 -5.21 2.22 -61.22
C LYS E 316 -5.77 3.27 -60.27
N TYR E 317 -4.98 4.31 -60.05
CA TYR E 317 -5.36 5.45 -59.20
C TYR E 317 -4.86 6.74 -59.83
N THR E 318 -5.39 7.86 -59.36
CA THR E 318 -5.07 9.16 -59.95
C THR E 318 -4.89 10.21 -58.87
N LEU E 319 -4.16 11.27 -59.20
CA LEU E 319 -3.97 12.42 -58.32
C LEU E 319 -3.99 13.70 -59.15
N PHE E 320 -4.34 14.81 -58.51
CA PHE E 320 -4.36 16.11 -59.17
C PHE E 320 -4.34 17.20 -58.11
N PRO E 321 -3.69 18.34 -58.38
CA PRO E 321 -3.60 19.41 -57.38
C PRO E 321 -4.75 20.41 -57.43
N SER E 322 -4.67 21.45 -56.59
CA SER E 322 -5.69 22.50 -56.54
C SER E 322 -5.04 23.87 -56.67
N GLN E 323 -5.82 24.94 -56.45
CA GLN E 323 -5.35 26.31 -56.64
C GLN E 323 -5.72 27.17 -55.44
N PHE E 324 -5.09 28.34 -55.36
CA PHE E 324 -5.37 29.31 -54.31
C PHE E 324 -5.04 30.70 -54.83
N VAL E 325 -5.65 31.71 -54.19
CA VAL E 325 -5.48 33.09 -54.63
C VAL E 325 -5.92 34.01 -53.49
N ILE E 326 -5.21 35.14 -53.33
CA ILE E 326 -5.54 36.15 -52.34
C ILE E 326 -5.14 37.50 -52.90
N ALA E 327 -5.61 38.58 -52.27
CA ALA E 327 -5.34 39.92 -52.76
C ALA E 327 -5.46 40.92 -51.62
N ALA E 328 -4.97 42.14 -51.88
CA ALA E 328 -5.05 43.24 -50.93
C ALA E 328 -4.99 44.56 -51.70
N GLU E 329 -5.47 45.63 -51.07
CA GLU E 329 -5.50 46.93 -51.71
C GLU E 329 -5.26 48.02 -50.67
N HIS E 330 -4.92 49.20 -51.16
CA HIS E 330 -4.86 50.41 -50.34
C HIS E 330 -4.93 51.62 -51.26
N THR E 331 -5.24 52.77 -50.68
CA THR E 331 -5.39 54.00 -51.44
C THR E 331 -4.21 54.94 -51.21
N VAL E 332 -4.03 55.87 -52.15
CA VAL E 332 -2.91 56.80 -52.07
C VAL E 332 -3.08 57.74 -50.87
N GLN E 333 -4.30 58.24 -50.65
CA GLN E 333 -4.54 59.17 -49.55
C GLN E 333 -4.28 58.50 -48.22
N ALA E 334 -4.75 57.27 -48.04
CA ALA E 334 -4.51 56.55 -46.79
C ALA E 334 -3.02 56.29 -46.58
N ALA E 335 -2.30 55.93 -47.64
CA ALA E 335 -0.88 55.69 -47.52
C ALA E 335 -0.14 56.96 -47.10
N TYR E 336 -0.46 58.09 -47.73
CA TYR E 336 0.19 59.34 -47.38
C TYR E 336 -0.15 59.77 -45.95
N GLU E 337 -1.41 59.59 -45.54
CA GLU E 337 -1.79 59.94 -44.18
C GLU E 337 -1.04 59.09 -43.16
N ALA E 338 -0.93 57.79 -43.42
CA ALA E 338 -0.18 56.92 -42.51
C ALA E 338 1.29 57.30 -42.49
N GLN E 339 1.84 57.66 -43.64
CA GLN E 339 3.25 58.07 -43.69
C GLN E 339 3.48 59.34 -42.86
N ARG E 340 2.56 60.30 -42.96
CA ARG E 340 2.76 61.56 -42.24
C ARG E 340 2.53 61.40 -40.74
N GLU E 341 1.48 60.65 -40.35
CA GLU E 341 1.15 60.56 -38.92
C GLU E 341 2.08 59.61 -38.19
N PHE E 342 2.14 58.34 -38.60
CA PHE E 342 2.91 57.33 -37.89
C PHE E 342 4.16 56.88 -38.64
N GLY E 343 4.27 57.15 -39.93
CA GLY E 343 5.45 56.76 -40.68
C GLY E 343 5.46 55.34 -41.19
N LEU E 344 4.35 54.61 -41.07
CA LEU E 344 4.30 53.24 -41.56
C LEU E 344 4.19 53.21 -43.08
N ASP E 345 4.48 52.04 -43.65
CA ASP E 345 4.35 51.80 -45.08
C ASP E 345 3.33 50.68 -45.27
N LEU E 346 2.25 50.99 -45.99
CA LEU E 346 1.15 50.03 -46.12
C LEU E 346 1.52 48.88 -47.04
N GLY E 347 2.24 49.16 -48.12
CA GLY E 347 2.53 48.12 -49.10
C GLY E 347 3.33 46.97 -48.53
N SER E 348 4.41 47.29 -47.80
CA SER E 348 5.23 46.24 -47.21
C SER E 348 4.46 45.45 -46.17
N LEU E 349 3.66 46.15 -45.35
CA LEU E 349 2.87 45.48 -44.32
C LEU E 349 1.88 44.50 -44.94
N GLN E 350 1.17 44.95 -45.99
CA GLN E 350 0.21 44.07 -46.66
C GLN E 350 0.91 42.89 -47.33
N PHE E 351 2.06 43.13 -47.95
CA PHE E 351 2.82 42.05 -48.58
C PHE E 351 3.21 41.00 -47.55
N ARG E 352 3.75 41.45 -46.40
CA ARG E 352 4.16 40.52 -45.36
C ARG E 352 2.98 39.74 -44.80
N THR E 353 1.85 40.43 -44.57
CA THR E 353 0.68 39.76 -44.02
C THR E 353 0.17 38.70 -44.98
N LEU E 354 0.10 39.01 -46.28
CA LEU E 354 -0.34 38.02 -47.25
C LEU E 354 0.60 36.82 -47.28
N LYS E 355 1.91 37.09 -47.30
CA LYS E 355 2.90 36.02 -47.35
C LYS E 355 2.77 35.09 -46.16
N GLU E 356 2.58 35.66 -44.96
CA GLU E 356 2.42 34.84 -43.77
C GLU E 356 1.11 34.07 -43.78
N TYR E 357 0.01 34.75 -44.14
CA TYR E 357 -1.31 34.16 -44.00
C TYR E 357 -1.53 33.02 -44.98
N LEU E 358 -0.93 33.10 -46.19
CA LEU E 358 -1.08 31.99 -47.13
C LEU E 358 -0.55 30.69 -46.52
N SER E 359 0.68 30.73 -46.00
CA SER E 359 1.26 29.53 -45.40
C SER E 359 0.49 29.10 -44.16
N HIS E 360 0.07 30.07 -43.34
CA HIS E 360 -0.70 29.72 -42.14
C HIS E 360 -1.97 28.97 -42.48
N GLU E 361 -2.72 29.48 -43.47
CA GLU E 361 -3.98 28.84 -43.85
C GLU E 361 -3.74 27.48 -44.48
N GLN E 362 -2.68 27.34 -45.31
CA GLN E 362 -2.39 26.04 -45.88
C GLN E 362 -2.07 25.02 -44.80
N ASP E 363 -1.26 25.41 -43.81
CA ASP E 363 -0.91 24.50 -42.73
C ASP E 363 -2.14 24.11 -41.92
N MET E 364 -3.03 25.07 -41.64
CA MET E 364 -4.26 24.74 -40.91
C MET E 364 -5.15 23.81 -41.72
N LEU E 365 -5.24 24.03 -43.03
CA LEU E 365 -6.06 23.18 -43.89
C LEU E 365 -5.54 21.75 -43.90
N ARG E 366 -4.21 21.59 -43.85
CA ARG E 366 -3.65 20.24 -43.75
C ARG E 366 -4.25 19.49 -42.56
N LEU E 367 -4.19 20.11 -41.38
CA LEU E 367 -4.72 19.46 -40.17
C LEU E 367 -6.22 19.24 -40.27
N ARG E 368 -6.95 20.20 -40.86
CA ARG E 368 -8.39 20.04 -41.01
C ARG E 368 -8.73 18.81 -41.84
N ILE E 369 -8.06 18.65 -42.98
CA ILE E 369 -8.33 17.48 -43.82
C ILE E 369 -7.90 16.20 -43.11
N MET E 370 -6.79 16.25 -42.37
CA MET E 370 -6.34 15.07 -41.65
C MET E 370 -7.38 14.61 -40.62
N ILE E 371 -7.93 15.56 -39.86
CA ILE E 371 -8.87 15.16 -38.81
C ILE E 371 -10.22 14.75 -39.40
N TRP E 372 -10.67 15.42 -40.47
CA TRP E 372 -12.03 15.19 -40.94
C TRP E 372 -12.23 13.78 -41.46
N ARG E 373 -11.20 13.19 -42.09
CA ARG E 373 -11.35 11.94 -42.83
C ARG E 373 -10.82 10.73 -42.08
N THR E 374 -11.03 10.66 -40.77
CA THR E 374 -10.68 9.49 -39.98
C THR E 374 -11.93 8.69 -39.67
N LEU E 375 -11.76 7.37 -39.55
CA LEU E 375 -12.89 6.48 -39.30
C LEU E 375 -12.65 5.59 -38.10
N ALA E 376 -11.39 5.22 -37.85
CA ALA E 376 -11.07 4.36 -36.72
C ALA E 376 -11.26 5.11 -35.41
N THR E 377 -11.72 4.38 -34.39
CA THR E 377 -11.97 4.96 -33.08
C THR E 377 -11.50 4.01 -32.00
N ASP E 378 -11.19 4.57 -30.83
CA ASP E 378 -10.78 3.80 -29.68
C ASP E 378 -11.04 4.62 -28.42
N THR E 379 -11.38 3.92 -27.33
CA THR E 379 -11.68 4.56 -26.06
C THR E 379 -10.75 4.03 -24.99
N PHE E 380 -10.56 4.83 -23.95
CA PHE E 380 -9.69 4.43 -22.84
C PHE E 380 -9.99 5.33 -21.65
N ASP E 381 -9.60 4.86 -20.47
CA ASP E 381 -9.75 5.60 -19.22
C ASP E 381 -8.38 5.92 -18.66
N ILE E 382 -8.18 7.18 -18.28
CA ILE E 382 -6.84 7.68 -17.94
C ILE E 382 -6.68 8.02 -16.47
N ALA E 383 -7.77 8.09 -15.70
CA ALA E 383 -7.67 8.48 -14.30
C ALA E 383 -6.83 7.47 -13.52
N LEU E 384 -5.90 8.00 -12.73
CA LEU E 384 -5.02 7.14 -11.95
C LEU E 384 -5.77 6.49 -10.80
N PRO E 385 -5.49 5.21 -10.51
CA PRO E 385 -6.05 4.60 -9.30
C PRO E 385 -5.58 5.33 -8.05
N VAL E 386 -6.45 5.36 -7.04
CA VAL E 386 -6.18 6.15 -5.85
C VAL E 386 -5.02 5.59 -5.04
N ASN E 387 -4.70 4.31 -5.18
CA ASN E 387 -3.66 3.67 -4.38
C ASN E 387 -2.66 2.96 -5.29
N GLN E 388 -2.21 3.64 -6.33
CA GLN E 388 -1.25 3.08 -7.26
C GLN E 388 -0.15 4.10 -7.57
N SER E 389 1.04 3.60 -7.83
CA SER E 389 2.18 4.42 -8.20
C SER E 389 2.16 4.73 -9.69
N PHE E 390 3.14 5.51 -10.13
CA PHE E 390 3.11 6.04 -11.50
C PHE E 390 3.70 5.06 -12.51
N ASP E 391 4.67 4.23 -12.12
CA ASP E 391 5.34 3.37 -13.08
C ASP E 391 4.39 2.31 -13.63
N VAL E 392 3.55 1.74 -12.77
CA VAL E 392 2.59 0.73 -13.21
C VAL E 392 1.61 1.33 -14.22
N TRP E 393 1.07 2.50 -13.90
CA TRP E 393 0.14 3.17 -14.80
C TRP E 393 0.83 3.52 -16.12
N ALA E 394 2.09 3.96 -16.06
CA ALA E 394 2.83 4.27 -17.27
C ALA E 394 3.01 3.03 -18.13
N THR E 395 3.31 1.89 -17.50
CA THR E 395 3.44 0.65 -18.27
C THR E 395 2.13 0.27 -18.93
N ILE E 396 1.01 0.43 -18.21
CA ILE E 396 -0.29 0.13 -18.80
C ILE E 396 -0.56 1.04 -19.99
N ILE E 397 -0.27 2.34 -19.85
CA ILE E 397 -0.47 3.28 -20.94
C ILE E 397 0.38 2.89 -22.14
N ARG E 398 1.64 2.54 -21.89
CA ARG E 398 2.54 2.17 -22.98
C ARG E 398 2.03 0.93 -23.70
N GLY E 399 1.56 -0.07 -22.95
CA GLY E 399 1.00 -1.26 -23.59
C GLY E 399 -0.22 -0.95 -24.44
N LYS E 400 -1.14 -0.14 -23.91
CA LYS E 400 -2.33 0.22 -24.65
C LYS E 400 -1.98 0.94 -25.94
N PHE E 401 -1.06 1.91 -25.87
CA PHE E 401 -0.71 2.66 -27.07
C PHE E 401 0.09 1.81 -28.05
N GLN E 402 0.89 0.86 -27.55
CA GLN E 402 1.59 -0.06 -28.44
C GLN E 402 0.60 -0.93 -29.19
N THR E 403 -0.46 -1.41 -28.52
CA THR E 403 -1.49 -2.16 -29.21
C THR E 403 -2.19 -1.29 -30.26
N VAL E 404 -2.48 -0.04 -29.90
CA VAL E 404 -3.15 0.86 -30.85
C VAL E 404 -2.30 1.05 -32.09
N TYR E 405 -0.99 1.29 -31.91
CA TYR E 405 -0.11 1.46 -33.06
C TYR E 405 0.08 0.16 -33.83
N ARG E 406 0.04 -0.98 -33.14
CA ARG E 406 0.14 -2.26 -33.82
C ARG E 406 -1.04 -2.47 -34.76
N ASP E 407 -2.23 -2.02 -34.34
CA ASP E 407 -3.41 -2.14 -35.19
C ASP E 407 -3.22 -1.44 -36.53
N ILE E 408 -2.66 -0.24 -36.52
CA ILE E 408 -2.45 0.51 -37.76
C ILE E 408 -1.53 -0.25 -38.70
N ILE E 409 -0.42 -0.76 -38.17
CA ILE E 409 0.54 -1.49 -39.00
C ILE E 409 -0.09 -2.75 -39.56
N GLU E 410 -0.85 -3.48 -38.73
CA GLU E 410 -1.48 -4.70 -39.22
C GLU E 410 -2.50 -4.38 -40.29
N ARG E 411 -3.17 -3.23 -40.20
CA ARG E 411 -4.13 -2.83 -41.22
C ARG E 411 -3.45 -2.45 -42.52
N VAL E 412 -2.34 -1.69 -42.44
CA VAL E 412 -1.70 -1.18 -43.65
C VAL E 412 -0.63 -2.12 -44.20
N LYS E 413 -0.15 -3.07 -43.40
CA LYS E 413 0.85 -4.05 -43.83
C LYS E 413 2.11 -3.35 -44.37
N SER E 414 2.56 -2.34 -43.64
CA SER E 414 3.74 -1.57 -44.04
C SER E 414 4.42 -1.07 -42.77
N SER E 415 5.35 -0.12 -42.94
CA SER E 415 6.09 0.44 -41.81
C SER E 415 6.57 1.83 -42.20
N GLY E 416 6.99 2.59 -41.19
CA GLY E 416 7.45 3.94 -41.43
C GLY E 416 7.62 4.69 -40.13
N ALA E 417 7.62 6.02 -40.24
CA ALA E 417 7.80 6.88 -39.08
C ALA E 417 6.60 6.78 -38.14
N MET E 418 6.73 7.44 -36.99
CA MET E 418 5.71 7.40 -35.96
C MET E 418 5.46 8.80 -35.41
N GLY E 419 4.22 9.06 -35.01
CA GLY E 419 3.85 10.35 -34.47
C GLY E 419 2.47 10.30 -33.84
N MET E 420 2.08 11.42 -33.24
CA MET E 420 0.82 11.49 -32.52
C MET E 420 0.43 12.94 -32.32
N PHE E 421 -0.87 13.23 -32.42
CA PHE E 421 -1.43 14.54 -32.11
C PHE E 421 -2.24 14.45 -30.83
N ALA E 422 -1.99 15.36 -29.90
CA ALA E 422 -2.60 15.33 -28.58
C ALA E 422 -3.21 16.66 -28.23
N GLY E 423 -4.25 16.62 -27.40
CA GLY E 423 -4.90 17.83 -26.92
C GLY E 423 -4.16 18.45 -25.75
N ALA E 424 -4.75 19.54 -25.24
CA ALA E 424 -4.12 20.28 -24.15
C ALA E 424 -4.06 19.44 -22.88
N ASP E 425 -5.20 18.88 -22.46
CA ASP E 425 -5.22 18.10 -21.23
C ASP E 425 -4.46 16.79 -21.39
N ALA E 426 -4.52 16.18 -22.57
CA ALA E 426 -3.75 14.97 -22.81
C ALA E 426 -2.25 15.22 -22.69
N ALA E 427 -1.78 16.32 -23.28
CA ALA E 427 -0.37 16.68 -23.14
C ALA E 427 -0.02 17.02 -21.71
N SER E 428 -0.93 17.70 -20.99
CA SER E 428 -0.67 18.03 -19.59
C SER E 428 -0.52 16.77 -18.76
N PHE E 429 -1.36 15.76 -18.99
CA PHE E 429 -1.22 14.51 -18.27
C PHE E 429 0.05 13.77 -18.69
N PHE E 430 0.38 13.80 -19.98
CA PHE E 430 1.59 13.13 -20.45
C PHE E 430 2.84 13.74 -19.83
N LYS E 431 2.81 15.03 -19.54
CA LYS E 431 3.97 15.69 -18.92
C LYS E 431 4.25 15.19 -17.51
N GLN E 432 3.33 14.46 -16.89
CA GLN E 432 3.51 13.96 -15.54
C GLN E 432 4.20 12.60 -15.49
N LEU E 433 4.44 11.97 -16.63
CA LEU E 433 5.03 10.64 -16.65
C LEU E 433 6.49 10.70 -16.20
N PRO E 434 7.03 9.57 -15.73
CA PRO E 434 8.43 9.55 -15.30
C PRO E 434 9.38 9.88 -16.44
N LYS E 435 10.63 10.13 -16.08
CA LYS E 435 11.63 10.62 -17.03
C LYS E 435 11.92 9.59 -18.12
N ASP E 436 12.03 8.32 -17.76
CA ASP E 436 12.39 7.30 -18.76
C ASP E 436 11.26 7.07 -19.76
N PHE E 437 10.00 7.20 -19.30
CA PHE E 437 8.89 7.02 -20.23
C PHE E 437 8.76 8.21 -21.20
N PHE E 438 8.86 9.43 -20.70
CA PHE E 438 8.63 10.63 -21.50
C PHE E 438 9.88 11.50 -21.49
N GLN E 439 10.35 11.86 -22.68
CA GLN E 439 11.53 12.70 -22.83
C GLN E 439 11.10 14.11 -23.23
N PRO E 440 11.17 15.10 -22.34
CA PRO E 440 10.74 16.45 -22.69
C PRO E 440 11.68 17.10 -23.70
N ALA E 441 11.12 18.07 -24.42
CA ALA E 441 11.89 18.81 -25.41
C ALA E 441 12.95 19.68 -24.75
N GLU E 442 13.99 19.99 -25.51
CA GLU E 442 15.11 20.78 -25.01
C GLU E 442 14.69 22.24 -24.89
N ASP E 443 14.72 22.78 -23.67
CA ASP E 443 14.40 24.17 -23.39
C ASP E 443 13.03 24.56 -23.94
N TYR E 444 12.06 23.66 -23.77
CA TYR E 444 10.72 23.91 -24.28
C TYR E 444 10.06 25.02 -23.48
N ILE E 445 9.49 26.00 -24.18
CA ILE E 445 8.77 27.11 -23.57
C ILE E 445 7.37 27.14 -24.17
N GLN E 446 6.36 27.28 -23.32
CA GLN E 446 4.98 27.22 -23.78
C GLN E 446 4.68 28.36 -24.75
N THR E 447 3.91 28.03 -25.78
CA THR E 447 3.44 28.97 -26.79
C THR E 447 1.98 28.67 -27.10
N PRO E 448 1.22 29.69 -27.53
CA PRO E 448 -0.16 29.45 -27.97
C PRO E 448 -0.27 28.85 -29.37
N TYR E 449 0.83 28.41 -29.97
CA TYR E 449 0.83 27.81 -31.28
C TYR E 449 0.65 26.30 -31.18
N VAL E 450 0.68 25.63 -32.32
CA VAL E 450 0.76 24.17 -32.36
C VAL E 450 2.24 23.81 -32.49
N HIS E 451 2.81 23.25 -31.43
CA HIS E 451 4.24 23.05 -31.35
C HIS E 451 4.57 21.63 -30.90
N TYR E 452 5.87 21.37 -30.80
CA TYR E 452 6.37 20.05 -30.43
C TYR E 452 6.89 20.11 -28.99
N ILE E 453 6.41 19.21 -28.14
CA ILE E 453 6.73 19.26 -26.71
C ILE E 453 7.66 18.14 -26.27
N GLY E 454 7.93 17.17 -27.12
CA GLY E 454 8.84 16.09 -26.77
C GLY E 454 8.38 14.78 -27.39
N THR E 455 9.05 13.71 -26.96
CA THR E 455 8.76 12.37 -27.44
C THR E 455 8.65 11.42 -26.25
N LEU E 456 7.84 10.38 -26.42
CA LEU E 456 7.64 9.39 -25.37
C LEU E 456 7.89 8.01 -25.95
N PHE E 457 8.36 7.09 -25.09
CA PHE E 457 8.75 5.73 -25.43
C PHE E 457 9.95 5.69 -26.37
N GLY E 458 10.54 6.83 -26.70
CA GLY E 458 11.70 6.89 -27.55
C GLY E 458 11.44 6.84 -29.04
N ASN E 459 10.19 6.64 -29.46
CA ASN E 459 9.86 6.54 -30.88
C ASN E 459 8.80 7.55 -31.29
N VAL E 460 7.73 7.69 -30.52
CA VAL E 460 6.58 8.50 -30.93
C VAL E 460 6.85 9.96 -30.56
N LYS E 461 6.77 10.84 -31.56
CA LYS E 461 6.80 12.28 -31.32
C LYS E 461 5.38 12.79 -31.13
N VAL E 462 5.22 13.79 -30.27
CA VAL E 462 3.91 14.30 -29.93
C VAL E 462 3.86 15.79 -30.18
N TYR E 463 2.66 16.30 -30.44
CA TYR E 463 2.42 17.72 -30.65
C TYR E 463 1.19 18.13 -29.86
N GLU E 464 1.18 19.40 -29.42
CA GLU E 464 0.13 19.91 -28.56
C GLU E 464 -0.75 20.89 -29.32
N VAL E 465 -2.07 20.70 -29.22
CA VAL E 465 -3.05 21.59 -29.83
C VAL E 465 -3.67 22.43 -28.71
N PRO E 466 -3.56 23.76 -28.76
CA PRO E 466 -4.10 24.58 -27.68
C PRO E 466 -5.63 24.48 -27.59
N ALA E 467 -6.15 24.83 -26.42
CA ALA E 467 -7.59 24.75 -26.18
C ALA E 467 -8.37 25.68 -27.10
N GLY E 468 -7.81 26.87 -27.37
CA GLY E 468 -8.50 27.80 -28.25
C GLY E 468 -8.65 27.28 -29.66
N ILE E 469 -7.59 26.68 -30.20
CA ILE E 469 -7.66 26.09 -31.53
C ILE E 469 -8.67 24.94 -31.55
N CYS E 470 -8.68 24.12 -30.50
CA CYS E 470 -9.63 23.02 -30.41
C CYS E 470 -11.07 23.54 -30.39
N LYS E 471 -11.33 24.61 -29.63
CA LYS E 471 -12.68 25.16 -29.57
C LYS E 471 -13.08 25.76 -30.91
N ASN E 472 -12.15 26.45 -31.57
CA ASN E 472 -12.45 27.01 -32.89
C ASN E 472 -12.71 25.93 -33.92
N LEU E 473 -12.02 24.79 -33.80
CA LEU E 473 -12.36 23.64 -34.64
C LEU E 473 -13.74 23.10 -34.31
N THR E 474 -14.07 23.02 -33.02
CA THR E 474 -15.34 22.44 -32.60
C THR E 474 -16.53 23.28 -33.03
N THR E 475 -16.39 24.61 -33.03
CA THR E 475 -17.51 25.45 -33.46
C THR E 475 -17.80 25.27 -34.95
N GLU E 476 -16.86 24.73 -35.71
CA GLU E 476 -17.13 24.33 -37.08
C GLU E 476 -17.77 22.94 -37.11
N ASN E 477 -17.98 22.43 -38.33
CA ASN E 477 -18.53 21.08 -38.46
C ASN E 477 -17.52 20.02 -38.06
N ILE E 478 -16.22 20.34 -38.04
CA ILE E 478 -15.22 19.40 -37.56
C ILE E 478 -15.36 19.23 -36.07
N GLN E 479 -15.34 17.99 -35.60
CA GLN E 479 -15.52 17.66 -34.20
C GLN E 479 -14.19 17.29 -33.58
N PHE E 480 -13.87 17.91 -32.45
CA PHE E 480 -12.64 17.63 -31.72
C PHE E 480 -12.73 18.18 -30.30
N SER E 481 -12.38 17.37 -29.31
CA SER E 481 -12.36 17.80 -27.92
C SER E 481 -10.92 17.83 -27.44
N SER E 482 -10.68 18.66 -26.42
CA SER E 482 -9.33 18.83 -25.89
C SER E 482 -8.80 17.55 -25.26
N MET E 483 -9.67 16.59 -24.96
CA MET E 483 -9.24 15.29 -24.43
C MET E 483 -8.93 14.28 -25.53
N ASP E 484 -9.25 14.59 -26.78
CA ASP E 484 -9.03 13.65 -27.87
C ASP E 484 -7.55 13.55 -28.21
N VAL E 485 -7.14 12.40 -28.74
CA VAL E 485 -5.77 12.15 -29.17
C VAL E 485 -5.81 11.52 -30.55
N LEU E 486 -4.99 12.02 -31.47
CA LEU E 486 -4.91 11.51 -32.83
C LEU E 486 -3.56 10.85 -33.04
N CYS E 487 -3.57 9.67 -33.65
CA CYS E 487 -2.36 8.90 -33.91
C CYS E 487 -2.21 8.67 -35.41
N TYR E 488 -0.97 8.72 -35.88
CA TYR E 488 -0.70 8.58 -37.30
C TYR E 488 0.63 7.87 -37.51
N VAL E 489 0.80 7.30 -38.70
CA VAL E 489 2.04 6.66 -39.11
C VAL E 489 2.40 7.18 -40.49
N ARG E 490 3.58 7.79 -40.60
CA ARG E 490 4.07 8.30 -41.87
C ARG E 490 4.90 7.24 -42.57
N ASP E 491 4.59 6.99 -43.84
CA ASP E 491 5.25 5.96 -44.63
C ASP E 491 6.12 6.61 -45.70
N GLU E 492 7.34 6.11 -45.85
CA GLU E 492 8.29 6.64 -46.83
C GLU E 492 8.56 5.65 -47.95
N ASN E 493 7.77 4.57 -48.06
CA ASN E 493 7.98 3.61 -49.12
C ASN E 493 7.67 4.24 -50.48
N PRO E 494 8.32 3.76 -51.55
CA PRO E 494 8.17 4.42 -52.85
C PRO E 494 6.74 4.49 -53.36
N GLY E 495 5.93 3.47 -53.11
CA GLY E 495 4.60 3.43 -53.70
C GLY E 495 3.46 3.68 -52.75
N LYS E 496 3.74 3.76 -51.45
CA LYS E 496 2.70 3.89 -50.42
C LYS E 496 3.01 5.09 -49.54
N ALA E 497 1.96 5.86 -49.23
CA ALA E 497 2.08 6.99 -48.32
C ALA E 497 0.71 7.29 -47.73
N GLY E 498 0.70 7.78 -46.50
CA GLY E 498 -0.54 8.09 -45.83
C GLY E 498 -1.16 9.40 -46.28
N PHE E 499 -0.47 10.50 -46.03
CA PHE E 499 -0.90 11.83 -46.47
C PHE E 499 0.18 12.41 -47.37
N VAL E 500 -0.22 12.83 -48.57
CA VAL E 500 0.73 13.34 -49.56
C VAL E 500 0.51 14.83 -49.74
N THR E 501 1.60 15.52 -50.07
CA THR E 501 1.56 16.96 -50.32
C THR E 501 2.66 17.31 -51.30
N GLY E 502 2.51 18.47 -51.93
CA GLY E 502 3.49 18.92 -52.91
C GLY E 502 3.17 20.33 -53.36
N ASP E 503 4.10 20.89 -54.12
CA ASP E 503 4.00 22.26 -54.61
C ASP E 503 4.06 22.18 -56.14
N ALA E 504 2.89 22.16 -56.78
CA ALA E 504 2.84 22.12 -58.23
C ALA E 504 3.39 23.42 -58.83
N VAL E 505 2.90 24.56 -58.36
CA VAL E 505 3.36 25.86 -58.83
C VAL E 505 3.47 26.79 -57.63
N PRO E 506 4.66 27.32 -57.34
CA PRO E 506 4.81 28.22 -56.18
C PRO E 506 4.09 29.54 -56.41
N ALA E 507 3.85 30.24 -55.30
CA ALA E 507 3.16 31.52 -55.36
C ALA E 507 3.97 32.53 -56.15
N ILE E 508 3.30 33.28 -57.01
CA ILE E 508 3.92 34.28 -57.87
C ILE E 508 3.23 35.62 -57.61
N PRO E 509 3.92 36.61 -57.07
CA PRO E 509 3.29 37.91 -56.85
C PRO E 509 2.97 38.62 -58.15
N PHE E 510 1.93 39.44 -58.13
CA PHE E 510 1.58 40.32 -59.24
C PHE E 510 1.43 41.73 -58.71
N GLN E 511 2.15 42.67 -59.31
CA GLN E 511 2.09 44.07 -58.92
C GLN E 511 1.43 44.88 -60.03
N HIS E 512 0.21 45.34 -59.78
CA HIS E 512 -0.53 46.11 -60.77
C HIS E 512 -0.13 47.58 -60.71
N PRO E 513 -0.07 48.25 -61.86
CA PRO E 513 0.24 49.69 -61.85
C PRO E 513 -0.88 50.49 -61.21
N THR E 514 -0.51 51.66 -60.70
CA THR E 514 -1.46 52.53 -60.02
C THR E 514 -2.60 52.90 -60.96
N THR E 515 -3.81 52.48 -60.58
CA THR E 515 -4.98 52.74 -61.40
C THR E 515 -5.26 54.25 -61.45
N PRO E 516 -5.73 54.77 -62.58
CA PRO E 516 -6.16 56.17 -62.62
C PRO E 516 -7.27 56.51 -61.64
N ALA E 517 -7.85 55.51 -60.96
CA ALA E 517 -8.76 55.74 -59.86
C ALA E 517 -8.04 55.82 -58.53
N LEU E 518 -6.70 55.93 -58.56
CA LEU E 518 -5.86 56.05 -57.36
C LEU E 518 -6.06 54.87 -56.41
N VAL E 519 -5.84 53.68 -56.96
CA VAL E 519 -5.92 52.43 -56.20
C VAL E 519 -4.72 51.56 -56.59
N ASN E 520 -4.05 51.00 -55.59
CA ASN E 520 -2.96 50.06 -55.79
C ASN E 520 -3.39 48.69 -55.29
N ARG E 521 -3.05 47.65 -56.06
CA ARG E 521 -3.53 46.30 -55.80
C ARG E 521 -2.40 45.30 -55.99
N THR E 522 -2.41 44.25 -55.17
CA THR E 522 -1.45 43.16 -55.25
C THR E 522 -2.18 41.84 -55.13
N THR E 523 -1.73 40.84 -55.88
CA THR E 523 -2.39 39.53 -55.91
C THR E 523 -1.34 38.43 -55.81
N LEU E 524 -1.76 37.30 -55.25
CA LEU E 524 -0.95 36.10 -55.15
C LEU E 524 -1.71 34.92 -55.74
N TRP E 525 -0.98 34.04 -56.42
CA TRP E 525 -1.60 32.90 -57.08
C TRP E 525 -0.60 31.75 -57.15
N GLY E 526 -1.13 30.53 -57.11
CA GLY E 526 -0.28 29.35 -57.17
C GLY E 526 -1.13 28.10 -57.10
N SER E 527 -0.47 26.97 -57.36
CA SER E 527 -1.13 25.67 -57.37
C SER E 527 -0.37 24.70 -56.48
N ALA E 528 -1.12 23.91 -55.72
CA ALA E 528 -0.53 22.93 -54.81
C ALA E 528 -1.54 21.81 -54.59
N ILE E 529 -1.06 20.70 -54.04
CA ILE E 529 -1.89 19.54 -53.74
C ILE E 529 -1.78 19.24 -52.26
N ASN E 530 -2.94 19.13 -51.59
CA ASN E 530 -3.01 18.78 -50.17
C ASN E 530 -4.23 17.87 -50.00
N ASP E 531 -4.00 16.56 -50.08
CA ASP E 531 -5.08 15.59 -49.98
C ASP E 531 -4.48 14.25 -49.60
N MET E 532 -5.34 13.35 -49.16
CA MET E 532 -4.93 12.00 -48.78
C MET E 532 -4.70 11.13 -50.01
N HIS E 533 -3.94 10.07 -49.82
CA HIS E 533 -3.58 9.20 -50.94
C HIS E 533 -4.83 8.54 -51.51
N PRO E 534 -4.97 8.45 -52.84
CA PRO E 534 -6.16 7.82 -53.42
C PRO E 534 -6.33 6.36 -53.03
N ARG E 535 -5.24 5.63 -52.85
CA ARG E 535 -5.30 4.21 -52.53
C ARG E 535 -4.95 4.01 -51.06
N ASN E 536 -5.94 3.54 -50.28
CA ASN E 536 -5.73 3.14 -48.89
C ASN E 536 -5.11 4.28 -48.08
N GLY E 537 -5.77 5.44 -48.09
CA GLY E 537 -5.23 6.62 -47.43
C GLY E 537 -5.66 6.80 -45.99
N ALA E 538 -6.96 6.80 -45.74
CA ALA E 538 -7.49 7.10 -44.40
C ALA E 538 -7.18 6.01 -43.38
N ASP E 539 -6.69 4.85 -43.82
CA ASP E 539 -6.42 3.75 -42.90
C ASP E 539 -5.23 4.04 -41.99
N TYR E 540 -4.42 5.05 -42.30
CA TYR E 540 -3.23 5.36 -41.54
C TYR E 540 -3.51 6.14 -40.26
N PHE E 541 -4.76 6.44 -39.97
CA PHE E 541 -5.09 7.29 -38.83
C PHE E 541 -6.14 6.62 -37.96
N THR E 542 -5.99 6.77 -36.64
CA THR E 542 -7.01 6.38 -35.68
C THR E 542 -7.22 7.51 -34.69
N ARG E 543 -8.46 7.66 -34.23
CA ARG E 543 -8.82 8.67 -33.26
C ARG E 543 -9.09 8.03 -31.91
N VAL E 544 -8.44 8.54 -30.88
CA VAL E 544 -8.57 8.01 -29.53
C VAL E 544 -9.12 9.10 -28.63
N THR E 545 -10.20 8.79 -27.92
CA THR E 545 -10.78 9.68 -26.93
C THR E 545 -10.63 9.05 -25.56
N LEU E 546 -10.21 9.86 -24.58
CA LEU E 546 -9.93 9.38 -23.24
C LEU E 546 -11.03 9.84 -22.29
N THR E 547 -11.77 8.88 -21.75
CA THR E 547 -12.73 9.13 -20.70
C THR E 547 -12.00 9.18 -19.36
N MET E 548 -12.59 9.88 -18.40
CA MET E 548 -11.87 10.11 -17.15
C MET E 548 -12.85 9.97 -15.98
N ALA E 549 -13.60 8.86 -15.96
CA ALA E 549 -14.59 8.60 -14.93
C ALA E 549 -14.53 7.12 -14.55
N LYS E 550 -13.97 6.83 -13.37
CA LYS E 550 -13.86 5.46 -12.90
C LYS E 550 -13.91 5.45 -11.38
N LYS E 551 -14.45 4.37 -10.82
CA LYS E 551 -14.53 4.24 -9.37
C LYS E 551 -13.13 4.17 -8.77
N GLY E 552 -12.94 4.86 -7.66
CA GLY E 552 -11.64 4.88 -7.01
C GLY E 552 -10.54 5.52 -7.84
N GLY E 553 -10.85 6.63 -8.51
CA GLY E 553 -9.89 7.34 -9.33
C GLY E 553 -9.69 8.77 -8.86
N LEU E 554 -8.64 9.39 -9.39
CA LEU E 554 -8.28 10.77 -9.08
C LEU E 554 -8.22 11.57 -10.36
N ASN E 555 -8.87 12.73 -10.36
CA ASN E 555 -8.81 13.64 -11.50
C ASN E 555 -7.91 14.82 -11.15
N PHE E 556 -6.83 14.99 -11.93
CA PHE E 556 -5.89 16.06 -11.65
C PHE E 556 -6.47 17.43 -11.94
N ILE E 557 -7.61 17.50 -12.64
CA ILE E 557 -8.27 18.77 -12.86
C ILE E 557 -8.78 19.34 -11.54
N SER E 558 -9.42 18.51 -10.71
CA SER E 558 -9.96 18.94 -9.43
C SER E 558 -9.25 18.32 -8.23
N GLY E 559 -8.50 17.24 -8.42
CA GLY E 559 -7.83 16.58 -7.31
C GLY E 559 -8.79 16.00 -6.29
N ASP E 560 -9.81 15.29 -6.76
CA ASP E 560 -10.83 14.73 -5.90
C ASP E 560 -11.06 13.27 -6.25
N THR E 561 -11.53 12.51 -5.26
CA THR E 561 -11.90 11.13 -5.49
C THR E 561 -13.20 11.05 -6.30
N ILE E 562 -13.38 9.93 -7.00
CA ILE E 562 -14.53 9.75 -7.88
C ILE E 562 -15.33 8.58 -7.32
N ASP E 563 -16.45 8.90 -6.68
CA ASP E 563 -17.40 7.90 -6.17
C ASP E 563 -16.72 6.87 -5.27
N ALA E 564 -15.78 7.34 -4.45
CA ALA E 564 -15.06 6.47 -3.53
C ALA E 564 -14.48 7.27 -2.36
N GLU F 125 -10.29 27.82 -74.70
CA GLU F 125 -9.57 26.75 -75.36
C GLU F 125 -8.41 27.30 -76.18
N MET F 126 -7.60 28.14 -75.55
CA MET F 126 -6.43 28.73 -76.17
C MET F 126 -5.17 28.01 -75.72
N MET F 127 -4.22 27.89 -76.64
CA MET F 127 -3.00 27.13 -76.38
C MET F 127 -1.92 27.94 -75.68
N SER F 128 -2.16 29.23 -75.41
CA SER F 128 -1.16 30.06 -74.75
C SER F 128 -0.96 29.68 -73.28
N VAL F 129 -1.99 29.16 -72.61
CA VAL F 129 -1.90 28.75 -71.22
C VAL F 129 -2.01 27.23 -71.15
N SER F 130 -1.84 26.70 -69.92
CA SER F 130 -1.82 25.26 -69.75
C SER F 130 -3.20 24.64 -69.91
N ASP F 131 -4.25 25.46 -69.97
CA ASP F 131 -5.61 24.94 -70.11
C ASP F 131 -5.88 24.32 -71.48
N GLY F 132 -5.41 24.95 -72.56
CA GLY F 132 -5.75 24.48 -73.89
C GLY F 132 -5.20 23.09 -74.18
N VAL F 133 -3.95 22.85 -73.83
CA VAL F 133 -3.31 21.56 -74.11
C VAL F 133 -3.96 20.48 -73.27
N MET F 134 -4.17 19.31 -73.88
CA MET F 134 -4.67 18.15 -73.16
C MET F 134 -3.59 17.60 -72.26
N ARG F 135 -3.97 16.68 -71.37
CA ARG F 135 -3.07 16.17 -70.35
C ARG F 135 -2.62 14.76 -70.71
N LEU F 136 -1.34 14.49 -70.44
CA LEU F 136 -0.75 13.17 -70.65
C LEU F 136 -0.43 12.58 -69.28
N PRO F 137 -1.08 11.50 -68.88
CA PRO F 137 -0.77 10.89 -67.59
C PRO F 137 0.60 10.25 -67.59
N LEU F 138 1.14 10.04 -66.38
CA LEU F 138 2.48 9.51 -66.21
C LEU F 138 2.44 8.25 -65.36
N PHE F 139 3.09 7.20 -65.84
CA PHE F 139 3.23 5.94 -65.10
C PHE F 139 4.24 6.17 -64.00
N LEU F 140 3.78 6.15 -62.75
CA LEU F 140 4.65 6.50 -61.62
C LEU F 140 5.48 5.30 -61.15
N ALA F 141 4.81 4.27 -60.66
CA ALA F 141 5.52 3.12 -60.07
C ALA F 141 4.62 1.90 -60.13
N MET F 142 5.18 0.78 -59.69
CA MET F 142 4.51 -0.51 -59.66
C MET F 142 4.59 -1.07 -58.24
N ILE F 143 3.51 -1.69 -57.79
CA ILE F 143 3.46 -2.32 -56.48
C ILE F 143 3.17 -3.80 -56.66
N LEU F 144 4.05 -4.64 -56.15
CA LEU F 144 3.94 -6.08 -56.29
C LEU F 144 3.47 -6.71 -55.00
N PRO F 145 2.83 -7.88 -55.08
CA PRO F 145 2.29 -8.51 -53.86
C PRO F 145 3.39 -8.86 -52.87
N VAL F 146 3.04 -8.81 -51.59
CA VAL F 146 3.99 -9.08 -50.52
C VAL F 146 4.19 -10.59 -50.37
N GLN F 147 5.23 -10.95 -49.62
CA GLN F 147 5.56 -12.35 -49.42
C GLN F 147 4.56 -13.02 -48.50
N LEU F 148 4.47 -14.35 -48.60
CA LEU F 148 3.59 -15.15 -47.77
C LEU F 148 4.41 -16.15 -46.97
N GLY F 149 3.95 -16.44 -45.77
CA GLY F 149 4.60 -17.43 -44.94
C GLY F 149 4.09 -17.37 -43.52
N ALA F 150 4.63 -18.27 -42.70
CA ALA F 150 4.28 -18.37 -41.29
C ALA F 150 5.41 -19.13 -40.58
N ALA F 151 5.26 -19.27 -39.26
CA ALA F 151 6.25 -19.99 -38.46
C ALA F 151 5.50 -20.88 -37.46
N THR F 152 5.25 -22.13 -37.87
CA THR F 152 4.59 -23.10 -37.00
C THR F 152 5.36 -24.42 -36.90
N ALA F 153 6.59 -24.47 -37.42
CA ALA F 153 7.35 -25.72 -37.42
C ALA F 153 7.90 -26.06 -36.04
N ASP F 154 7.86 -25.13 -35.09
CA ASP F 154 8.41 -25.39 -33.77
C ASP F 154 7.60 -26.45 -33.02
N ALA F 155 6.32 -26.59 -33.34
CA ALA F 155 5.44 -27.52 -32.65
C ALA F 155 5.43 -28.91 -33.30
N CYS F 156 6.23 -29.13 -34.33
CA CYS F 156 6.24 -30.38 -35.07
C CYS F 156 7.54 -31.13 -34.86
N THR F 157 7.52 -32.42 -35.18
CA THR F 157 8.71 -33.27 -35.17
C THR F 157 8.82 -33.92 -36.55
N PHE F 158 10.04 -34.20 -36.98
CA PHE F 158 10.26 -34.70 -38.32
C PHE F 158 10.73 -36.15 -38.30
N ILE F 159 10.06 -36.99 -39.08
CA ILE F 159 10.43 -38.40 -39.19
C ILE F 159 10.46 -38.77 -40.66
N PRO F 160 11.32 -39.71 -41.05
CA PRO F 160 11.40 -40.10 -42.46
C PRO F 160 10.35 -41.15 -42.83
N VAL F 161 9.74 -40.94 -43.99
CA VAL F 161 8.74 -41.86 -44.52
C VAL F 161 9.25 -42.42 -45.84
N THR F 162 9.32 -43.75 -45.93
CA THR F 162 9.79 -44.41 -47.13
C THR F 162 8.81 -45.43 -47.69
N ARG F 163 7.67 -45.63 -47.04
CA ARG F 163 6.66 -46.56 -47.51
C ARG F 163 5.30 -46.10 -47.00
N ASP F 164 4.25 -46.66 -47.61
CA ASP F 164 2.89 -46.18 -47.34
C ASP F 164 2.49 -46.44 -45.89
N GLN F 165 2.73 -47.65 -45.39
CA GLN F 165 2.26 -48.06 -44.07
C GLN F 165 3.43 -48.27 -43.13
N SER F 166 3.25 -47.80 -41.89
CA SER F 166 4.21 -48.00 -40.81
C SER F 166 3.46 -48.45 -39.58
N ASP F 167 4.15 -49.15 -38.68
CA ASP F 167 3.52 -49.74 -37.50
C ASP F 167 4.32 -49.41 -36.25
N ILE F 168 3.63 -49.35 -35.10
CA ILE F 168 4.24 -49.14 -33.80
C ILE F 168 3.63 -50.13 -32.83
N TYR F 169 4.46 -50.74 -31.99
CA TYR F 169 4.03 -51.70 -30.99
C TYR F 169 4.48 -51.27 -29.61
N GLU F 170 3.62 -51.52 -28.61
CA GLU F 170 3.91 -51.14 -27.24
C GLU F 170 3.34 -52.19 -26.29
N VAL F 171 4.08 -52.49 -25.23
CA VAL F 171 3.70 -53.51 -24.26
C VAL F 171 3.29 -52.83 -22.96
N PHE F 172 2.47 -53.52 -22.18
CA PHE F 172 1.94 -53.01 -20.91
C PHE F 172 2.25 -54.01 -19.80
N ASN F 173 2.00 -53.58 -18.57
CA ASN F 173 2.03 -54.45 -17.40
C ASN F 173 0.62 -54.61 -16.85
N VAL F 174 0.17 -55.85 -16.71
CA VAL F 174 -1.21 -56.16 -16.35
C VAL F 174 -1.22 -57.12 -15.17
N ALA F 175 -2.07 -56.83 -14.18
CA ALA F 175 -2.22 -57.72 -13.04
C ALA F 175 -2.77 -59.06 -13.49
N GLY F 176 -2.11 -60.15 -13.09
CA GLY F 176 -2.51 -61.47 -13.54
C GLY F 176 -3.86 -61.91 -13.03
N SER F 177 -4.13 -61.70 -11.74
CA SER F 177 -5.32 -62.22 -11.11
C SER F 177 -5.99 -61.15 -10.28
N SER F 178 -7.30 -61.34 -10.06
CA SER F 178 -8.10 -60.40 -9.27
C SER F 178 -7.92 -60.73 -7.79
N PHE F 179 -7.01 -60.03 -7.14
CA PHE F 179 -6.74 -60.21 -5.73
C PHE F 179 -6.45 -58.87 -5.09
N GLY F 180 -6.67 -58.80 -3.77
CA GLY F 180 -6.45 -57.54 -3.07
C GLY F 180 -7.37 -56.46 -3.58
N SER F 181 -6.80 -55.28 -3.85
CA SER F 181 -7.56 -54.15 -4.35
C SER F 181 -7.57 -54.06 -5.86
N TYR F 182 -6.93 -54.99 -6.56
CA TYR F 182 -6.86 -54.98 -8.01
C TYR F 182 -7.73 -56.09 -8.60
N ALA F 183 -7.99 -55.98 -9.89
CA ALA F 183 -8.76 -56.96 -10.63
C ALA F 183 -7.99 -57.37 -11.88
N ALA F 184 -8.31 -58.55 -12.40
CA ALA F 184 -7.65 -59.05 -13.59
C ALA F 184 -7.90 -58.12 -14.77
N GLY F 185 -6.83 -57.79 -15.49
CA GLY F 185 -6.92 -56.93 -16.65
C GLY F 185 -6.61 -55.47 -16.41
N ASP F 186 -6.22 -55.10 -15.19
CA ASP F 186 -5.90 -53.71 -14.90
C ASP F 186 -4.49 -53.37 -15.40
N VAL F 187 -4.12 -52.11 -15.24
CA VAL F 187 -2.84 -51.60 -15.71
C VAL F 187 -2.01 -51.15 -14.51
N LEU F 188 -0.74 -51.54 -14.50
CA LEU F 188 0.19 -51.18 -13.44
C LEU F 188 1.20 -50.18 -13.99
N ASP F 189 1.41 -49.09 -13.26
CA ASP F 189 2.34 -48.05 -13.66
C ASP F 189 2.94 -47.41 -12.41
N MET F 190 3.64 -46.29 -12.62
CA MET F 190 4.33 -45.61 -11.53
C MET F 190 3.37 -45.05 -10.49
N GLN F 191 2.14 -44.72 -10.88
CA GLN F 191 1.17 -44.13 -9.98
C GLN F 191 0.20 -45.14 -9.40
N SER F 192 0.43 -46.43 -9.62
CA SER F 192 -0.49 -47.44 -9.13
C SER F 192 -0.30 -47.66 -7.63
N VAL F 193 -1.37 -47.46 -6.87
CA VAL F 193 -1.36 -47.65 -5.42
C VAL F 193 -2.41 -48.69 -5.07
N GLY F 194 -2.03 -49.68 -4.28
CA GLY F 194 -2.96 -50.71 -3.86
C GLY F 194 -2.26 -51.76 -3.02
N VAL F 195 -3.07 -52.70 -2.54
CA VAL F 195 -2.58 -53.82 -1.73
C VAL F 195 -2.48 -55.04 -2.62
N TYR F 196 -1.33 -55.70 -2.60
CA TYR F 196 -1.03 -56.79 -3.53
C TYR F 196 0.22 -57.50 -3.06
N SER F 197 0.17 -58.83 -3.07
CA SER F 197 1.32 -59.66 -2.72
C SER F 197 1.80 -59.43 -1.29
N GLN F 198 1.05 -58.67 -0.50
CA GLN F 198 1.39 -58.41 0.89
C GLN F 198 0.38 -59.10 1.78
N LEU F 199 0.87 -59.87 2.74
CA LEU F 199 0.00 -60.74 3.54
C LEU F 199 -0.56 -60.04 4.77
N ARG F 200 0.01 -58.93 5.22
CA ARG F 200 -0.46 -58.20 6.38
C ARG F 200 -1.30 -57.02 5.92
N ARG F 201 -2.55 -56.98 6.33
CA ARG F 201 -3.48 -55.94 5.91
C ARG F 201 -4.31 -55.47 7.10
N ARG F 202 -4.99 -54.35 6.91
CA ARG F 202 -5.86 -53.78 7.92
C ARG F 202 -7.21 -53.46 7.28
N TYR F 203 -8.28 -53.62 8.06
CA TYR F 203 -9.63 -53.41 7.59
C TYR F 203 -10.39 -52.56 8.59
N VAL F 204 -11.35 -51.79 8.08
CA VAL F 204 -12.22 -50.96 8.91
C VAL F 204 -13.51 -51.72 9.15
N LEU F 205 -13.79 -52.05 10.40
CA LEU F 205 -14.99 -52.82 10.73
C LEU F 205 -16.23 -51.94 10.68
N VAL F 206 -16.25 -50.87 11.47
CA VAL F 206 -17.34 -49.90 11.47
C VAL F 206 -16.76 -48.51 11.26
N ALA F 207 -17.40 -47.73 10.39
CA ALA F 207 -16.95 -46.36 10.14
C ALA F 207 -17.32 -45.45 11.32
N SER F 208 -18.60 -45.34 11.62
CA SER F 208 -19.09 -44.57 12.75
C SER F 208 -20.10 -45.39 13.53
N SER F 209 -19.93 -45.45 14.85
CA SER F 209 -20.83 -46.23 15.67
C SER F 209 -22.22 -45.63 15.69
N ASP F 210 -23.22 -46.48 15.92
CA ASP F 210 -24.61 -46.04 15.99
C ASP F 210 -25.06 -45.75 17.41
N GLY F 211 -24.24 -46.05 18.41
CA GLY F 211 -24.57 -45.78 19.79
C GLY F 211 -25.48 -46.78 20.46
N THR F 212 -25.93 -47.81 19.74
CA THR F 212 -26.82 -48.81 20.31
C THR F 212 -26.37 -50.26 20.05
N SER F 213 -25.53 -50.50 19.05
CA SER F 213 -25.07 -51.85 18.74
C SER F 213 -23.94 -52.22 19.70
N LYS F 214 -24.12 -53.32 20.42
CA LYS F 214 -23.15 -53.76 21.42
C LYS F 214 -22.31 -54.95 20.94
N THR F 215 -22.48 -55.39 19.70
CA THR F 215 -21.75 -56.52 19.16
C THR F 215 -21.10 -56.13 17.84
N ALA F 216 -20.01 -56.82 17.52
CA ALA F 216 -19.32 -56.63 16.26
C ALA F 216 -18.77 -57.96 15.77
N THR F 217 -18.86 -58.17 14.46
CA THR F 217 -18.43 -59.43 13.85
C THR F 217 -17.62 -59.12 12.60
N PHE F 218 -16.48 -59.80 12.47
CA PHE F 218 -15.58 -59.63 11.33
C PHE F 218 -15.69 -60.86 10.44
N LYS F 219 -16.16 -60.64 9.21
CA LYS F 219 -16.24 -61.68 8.19
C LYS F 219 -15.41 -61.26 7.00
N MET F 220 -14.23 -61.87 6.85
CA MET F 220 -13.33 -61.51 5.76
C MET F 220 -13.80 -62.02 4.41
N GLU F 221 -14.84 -62.85 4.37
CA GLU F 221 -15.47 -63.17 3.10
C GLU F 221 -16.25 -61.99 2.54
N ASP F 222 -16.43 -60.92 3.34
CA ASP F 222 -17.02 -59.70 2.83
C ASP F 222 -15.98 -58.75 2.26
N PHE F 223 -14.70 -59.00 2.55
CA PHE F 223 -13.62 -58.16 2.03
C PHE F 223 -12.87 -58.81 0.89
N GLU F 224 -12.70 -60.13 0.91
CA GLU F 224 -12.22 -60.88 -0.24
C GLU F 224 -13.29 -61.89 -0.64
N GLY F 225 -13.05 -62.57 -1.76
CA GLY F 225 -14.07 -63.44 -2.33
C GLY F 225 -14.51 -64.55 -1.39
N GLN F 226 -13.54 -65.25 -0.78
CA GLN F 226 -13.87 -66.40 0.04
C GLN F 226 -13.19 -66.34 1.40
N ASN F 227 -13.30 -67.42 2.17
CA ASN F 227 -12.68 -67.52 3.49
C ASN F 227 -11.25 -68.00 3.36
N VAL F 228 -10.35 -67.37 4.10
CA VAL F 228 -8.95 -67.78 4.11
C VAL F 228 -8.45 -67.80 5.55
N PRO F 229 -7.54 -68.71 5.90
CA PRO F 229 -7.04 -68.76 7.28
C PRO F 229 -6.12 -67.59 7.59
N ILE F 230 -5.93 -67.35 8.89
CA ILE F 230 -5.04 -66.31 9.38
C ILE F 230 -4.06 -66.92 10.36
N ARG F 231 -2.93 -66.24 10.52
CA ARG F 231 -1.89 -66.71 11.42
C ARG F 231 -2.24 -66.39 12.88
N LYS F 232 -1.56 -67.06 13.80
CA LYS F 232 -1.87 -66.97 15.21
C LYS F 232 -0.91 -66.00 15.91
N GLY F 233 -1.45 -65.19 16.82
CA GLY F 233 -0.66 -64.27 17.58
C GLY F 233 -0.15 -63.07 16.81
N ARG F 234 -0.79 -62.72 15.70
CA ARG F 234 -0.40 -61.58 14.87
C ARG F 234 -1.60 -60.70 14.56
N THR F 235 -2.48 -60.53 15.56
CA THR F 235 -3.72 -59.78 15.38
C THR F 235 -3.75 -58.63 16.38
N ASN F 236 -4.28 -57.49 15.93
CA ASN F 236 -4.40 -56.31 16.77
C ASN F 236 -5.76 -55.68 16.56
N ILE F 237 -6.18 -54.88 17.54
CA ILE F 237 -7.47 -54.20 17.52
C ILE F 237 -7.22 -52.71 17.64
N TYR F 238 -7.84 -51.93 16.77
CA TYR F 238 -7.66 -50.49 16.73
C TYR F 238 -8.94 -49.80 17.17
N VAL F 239 -8.82 -48.93 18.17
CA VAL F 239 -9.92 -48.08 18.62
C VAL F 239 -9.50 -46.64 18.43
N ASN F 240 -10.19 -45.93 17.54
CA ASN F 240 -9.82 -44.57 17.16
C ASN F 240 -8.37 -44.49 16.72
N ARG F 241 -7.96 -45.48 15.91
CA ARG F 241 -6.60 -45.57 15.39
C ARG F 241 -5.56 -45.63 16.51
N ILE F 242 -5.84 -46.44 17.52
CA ILE F 242 -4.90 -46.72 18.61
C ILE F 242 -4.72 -48.23 18.69
N LYS F 243 -3.48 -48.68 18.53
CA LYS F 243 -3.20 -50.11 18.51
C LYS F 243 -3.29 -50.71 19.91
N SER F 244 -3.81 -51.94 19.98
CA SER F 244 -3.92 -52.66 21.23
C SER F 244 -2.81 -53.71 21.33
N VAL F 245 -2.87 -54.53 22.38
CA VAL F 245 -1.89 -55.59 22.55
C VAL F 245 -2.21 -56.74 21.60
N VAL F 246 -1.16 -57.45 21.18
CA VAL F 246 -1.34 -58.58 20.28
C VAL F 246 -2.19 -59.66 20.96
N ASP F 247 -2.88 -60.43 20.13
CA ASP F 247 -3.80 -61.44 20.65
C ASP F 247 -3.03 -62.59 21.30
N ASN F 248 -3.74 -63.31 22.17
CA ASN F 248 -3.17 -64.49 22.80
C ASN F 248 -2.82 -65.53 21.74
N GLY F 249 -1.91 -66.44 22.11
CA GLY F 249 -1.53 -67.50 21.20
C GLY F 249 -2.71 -68.31 20.70
N SER F 250 -3.77 -68.42 21.51
CA SER F 250 -5.00 -69.05 21.09
C SER F 250 -6.16 -68.50 21.89
N GLY F 251 -7.37 -68.67 21.36
CA GLY F 251 -8.59 -68.34 22.07
C GLY F 251 -9.15 -66.95 21.88
N SER F 252 -8.56 -65.93 22.51
CA SER F 252 -9.21 -64.63 22.58
C SER F 252 -8.19 -63.53 22.84
N LEU F 253 -8.68 -62.29 22.79
CA LEU F 253 -7.91 -61.09 23.10
C LEU F 253 -8.71 -60.23 24.06
N LEU F 254 -8.01 -59.59 24.99
CA LEU F 254 -8.60 -58.71 25.99
C LEU F 254 -8.02 -57.32 25.85
N HIS F 255 -8.89 -56.31 25.88
CA HIS F 255 -8.45 -54.92 25.78
C HIS F 255 -9.43 -54.05 26.53
N SER F 256 -8.96 -52.87 26.93
CA SER F 256 -9.80 -51.90 27.63
C SER F 256 -9.41 -50.50 27.21
N PHE F 257 -10.38 -49.59 27.31
CA PHE F 257 -10.18 -48.18 26.97
C PHE F 257 -11.24 -47.36 27.69
N THR F 258 -11.12 -46.04 27.60
CA THR F 258 -11.99 -45.13 28.31
C THR F 258 -12.84 -44.32 27.34
N ASN F 259 -14.04 -43.98 27.78
CA ASN F 259 -14.97 -43.19 27.00
C ASN F 259 -14.75 -41.71 27.35
N ALA F 260 -15.39 -40.82 26.59
CA ALA F 260 -15.24 -39.38 26.82
C ALA F 260 -15.71 -39.01 28.21
N ALA F 261 -16.79 -39.64 28.67
CA ALA F 261 -17.28 -39.41 30.02
C ALA F 261 -16.33 -39.93 31.09
N GLY F 262 -15.36 -40.77 30.74
CA GLY F 262 -14.38 -41.27 31.68
C GLY F 262 -14.58 -42.69 32.15
N GLU F 263 -15.77 -43.26 31.95
CA GLU F 263 -15.99 -44.64 32.36
C GLU F 263 -15.26 -45.61 31.44
N GLN F 264 -14.96 -46.79 31.98
CA GLN F 264 -14.13 -47.78 31.31
C GLN F 264 -14.98 -48.76 30.51
N ILE F 265 -14.44 -49.23 29.40
CA ILE F 265 -15.08 -50.20 28.53
C ILE F 265 -14.11 -51.32 28.27
N THR F 266 -14.59 -52.57 28.30
CA THR F 266 -13.77 -53.74 28.07
C THR F 266 -14.35 -54.53 26.89
N VAL F 267 -13.45 -55.11 26.09
CA VAL F 267 -13.83 -55.86 24.89
C VAL F 267 -13.30 -57.27 25.00
N THR F 268 -14.03 -58.23 24.44
CA THR F 268 -13.61 -59.61 24.36
C THR F 268 -13.71 -60.09 22.91
N CYS F 269 -12.90 -61.08 22.58
CA CYS F 269 -12.78 -61.55 21.20
C CYS F 269 -12.96 -63.06 21.14
N SER F 270 -13.26 -63.55 19.94
CA SER F 270 -13.35 -64.97 19.68
C SER F 270 -12.78 -65.23 18.30
N LEU F 271 -11.84 -66.16 18.20
CA LEU F 271 -11.09 -66.39 16.97
C LEU F 271 -11.11 -67.86 16.60
N ASN F 272 -11.28 -68.13 15.30
CA ASN F 272 -11.13 -69.47 14.73
C ASN F 272 -10.24 -69.33 13.51
N TYR F 273 -8.93 -69.51 13.72
CA TYR F 273 -7.94 -69.20 12.69
C TYR F 273 -8.13 -70.04 11.44
N ASN F 274 -8.67 -71.26 11.57
CA ASN F 274 -8.79 -72.14 10.42
C ASN F 274 -9.75 -71.60 9.37
N ILE F 275 -10.69 -70.73 9.77
CA ILE F 275 -11.67 -70.19 8.84
C ILE F 275 -11.55 -68.67 8.82
N GLY F 276 -11.00 -68.10 9.89
CA GLY F 276 -10.70 -66.67 9.91
C GLY F 276 -11.89 -65.77 10.16
N GLN F 277 -12.53 -65.91 11.32
CA GLN F 277 -13.59 -65.00 11.74
C GLN F 277 -13.31 -64.52 13.16
N ILE F 278 -13.57 -63.23 13.40
CA ILE F 278 -13.36 -62.62 14.70
C ILE F 278 -14.69 -62.10 15.21
N ALA F 279 -15.07 -62.50 16.42
CA ALA F 279 -16.29 -62.05 17.06
C ALA F 279 -15.93 -61.08 18.18
N LEU F 280 -16.47 -59.88 18.11
CA LEU F 280 -16.15 -58.80 19.05
C LEU F 280 -17.36 -58.53 19.94
N SER F 281 -17.11 -58.46 21.24
CA SER F 281 -18.16 -58.18 22.22
C SER F 281 -17.77 -56.97 23.06
N PHE F 282 -18.75 -56.12 23.33
CA PHE F 282 -18.53 -54.88 24.06
C PHE F 282 -19.21 -54.95 25.43
N SER F 283 -18.53 -54.41 26.44
CA SER F 283 -19.15 -54.31 27.76
C SER F 283 -20.31 -53.33 27.73
N LYS F 284 -20.15 -52.20 27.05
CA LYS F 284 -21.22 -51.24 26.83
C LYS F 284 -21.04 -50.62 25.46
N ALA F 285 -22.12 -50.04 24.94
CA ALA F 285 -22.08 -49.44 23.62
C ALA F 285 -21.19 -48.20 23.63
N PRO F 286 -20.21 -48.10 22.73
CA PRO F 286 -19.38 -46.89 22.66
C PRO F 286 -20.15 -45.65 22.27
N ASP F 287 -19.45 -44.52 22.17
CA ASP F 287 -20.08 -43.25 21.82
C ASP F 287 -20.52 -43.26 20.36
N LYS F 288 -21.12 -42.13 19.94
CA LYS F 288 -21.58 -41.99 18.57
C LYS F 288 -20.42 -42.10 17.57
N GLY F 289 -19.45 -41.18 17.67
CA GLY F 289 -18.34 -41.21 16.75
C GLY F 289 -17.20 -42.08 17.22
N THR F 290 -17.16 -43.31 16.72
CA THR F 290 -16.09 -44.26 17.04
C THR F 290 -15.93 -45.21 15.88
N GLU F 291 -14.69 -45.63 15.61
CA GLU F 291 -14.39 -46.56 14.54
C GLU F 291 -13.53 -47.70 15.08
N ILE F 292 -13.74 -48.90 14.56
CA ILE F 292 -13.01 -50.09 14.96
C ILE F 292 -12.30 -50.65 13.74
N ALA F 293 -11.00 -50.89 13.88
CA ALA F 293 -10.19 -51.43 12.80
C ALA F 293 -9.46 -52.68 13.28
N ILE F 294 -9.26 -53.61 12.36
CA ILE F 294 -8.64 -54.89 12.67
C ILE F 294 -7.46 -55.08 11.71
N GLU F 295 -6.31 -55.45 12.27
CA GLU F 295 -5.11 -55.72 11.49
C GLU F 295 -4.71 -57.17 11.68
N THR F 296 -4.57 -57.90 10.58
CA THR F 296 -4.25 -59.31 10.62
C THR F 296 -3.41 -59.67 9.40
N GLU F 297 -2.65 -60.76 9.52
CA GLU F 297 -1.80 -61.24 8.45
C GLU F 297 -2.28 -62.61 7.98
N ILE F 298 -2.41 -62.77 6.68
CA ILE F 298 -3.00 -63.97 6.10
C ILE F 298 -2.00 -65.11 6.15
N ASN F 299 -2.46 -66.29 6.57
CA ASN F 299 -1.63 -67.48 6.63
C ASN F 299 -1.52 -68.08 5.24
N ILE F 300 -0.55 -67.57 4.47
CA ILE F 300 -0.38 -68.05 3.10
C ILE F 300 0.08 -69.50 3.06
N GLU F 301 0.90 -69.91 4.03
CA GLU F 301 1.43 -71.28 4.02
C GLU F 301 0.34 -72.31 4.21
N ALA F 302 -0.79 -71.94 4.80
CA ALA F 302 -1.89 -72.89 4.95
C ALA F 302 -2.60 -73.13 3.62
N ALA F 303 -2.77 -72.08 2.82
CA ALA F 303 -3.42 -72.18 1.52
C ALA F 303 -2.42 -71.85 0.42
N PRO F 304 -1.85 -72.86 -0.26
CA PRO F 304 -0.83 -72.57 -1.27
C PRO F 304 -1.32 -71.75 -2.45
N GLU F 305 -2.63 -71.72 -2.68
CA GLU F 305 -3.19 -70.95 -3.78
C GLU F 305 -3.30 -69.48 -3.36
N LEU F 306 -4.05 -68.70 -4.16
CA LEU F 306 -4.30 -67.27 -3.99
C LEU F 306 -3.08 -66.40 -4.27
N ILE F 307 -1.98 -66.98 -4.74
CA ILE F 307 -0.81 -66.18 -5.10
C ILE F 307 -1.09 -65.42 -6.38
N PRO F 308 -0.99 -64.09 -6.36
CA PRO F 308 -1.29 -63.31 -7.58
C PRO F 308 -0.23 -63.52 -8.65
N LEU F 309 -0.59 -63.16 -9.88
CA LEU F 309 0.26 -63.37 -11.05
C LEU F 309 0.44 -62.04 -11.78
N ILE F 310 1.26 -62.07 -12.82
CA ILE F 310 1.57 -60.88 -13.63
C ILE F 310 1.76 -61.33 -15.07
N ASN F 311 1.19 -60.57 -16.01
CA ASN F 311 1.33 -60.83 -17.44
C ASN F 311 1.41 -59.51 -18.18
N HIS F 312 1.45 -59.60 -19.51
CA HIS F 312 1.64 -58.41 -20.35
C HIS F 312 0.76 -58.51 -21.59
N GLU F 313 0.46 -57.36 -22.17
CA GLU F 313 -0.33 -57.25 -23.39
C GLU F 313 0.30 -56.23 -24.32
N MET F 314 -0.01 -56.35 -25.61
CA MET F 314 0.57 -55.50 -26.64
C MET F 314 -0.51 -54.95 -27.55
N LYS F 315 -0.15 -53.90 -28.30
CA LYS F 315 -1.09 -53.20 -29.18
C LYS F 315 -0.37 -52.78 -30.46
N LYS F 316 -1.11 -52.13 -31.35
CA LYS F 316 -0.59 -51.75 -32.67
C LYS F 316 -1.18 -50.41 -33.10
N TYR F 317 -0.36 -49.63 -33.80
CA TYR F 317 -0.78 -48.35 -34.38
C TYR F 317 -0.19 -48.23 -35.77
N THR F 318 -0.76 -47.34 -36.59
CA THR F 318 -0.40 -47.27 -38.01
C THR F 318 -0.39 -45.82 -38.48
N LEU F 319 0.29 -45.61 -39.62
CA LEU F 319 0.42 -44.30 -40.26
C LEU F 319 0.25 -44.46 -41.76
N PHE F 320 -0.10 -43.35 -42.43
CA PHE F 320 -0.22 -43.30 -43.87
C PHE F 320 -0.28 -41.85 -44.31
N PRO F 321 0.43 -41.48 -45.40
CA PRO F 321 0.48 -40.06 -45.81
C PRO F 321 -0.62 -39.63 -46.75
N SER F 322 -0.57 -38.38 -47.20
CA SER F 322 -1.55 -37.82 -48.12
C SER F 322 -0.87 -37.16 -49.32
N GLN F 323 -1.63 -36.46 -50.16
CA GLN F 323 -1.13 -35.88 -51.39
C GLN F 323 -1.65 -34.45 -51.56
N PHE F 324 -1.08 -33.76 -52.56
CA PHE F 324 -1.52 -32.41 -52.93
C PHE F 324 -1.15 -32.15 -54.38
N VAL F 325 -1.82 -31.17 -54.99
CA VAL F 325 -1.60 -30.85 -56.40
C VAL F 325 -2.10 -29.44 -56.66
N ILE F 326 -1.35 -28.67 -57.46
CA ILE F 326 -1.72 -27.31 -57.81
C ILE F 326 -1.05 -26.96 -59.13
N ALA F 327 -1.71 -26.13 -59.94
CA ALA F 327 -1.21 -25.77 -61.25
C ALA F 327 -1.55 -24.31 -61.55
N ALA F 328 -0.89 -23.76 -62.56
CA ALA F 328 -1.13 -22.39 -62.99
C ALA F 328 -1.25 -22.37 -64.51
N GLU F 329 -1.96 -21.37 -65.01
CA GLU F 329 -2.26 -21.24 -66.43
C GLU F 329 -2.18 -19.78 -66.83
N HIS F 330 -1.63 -19.55 -68.03
CA HIS F 330 -1.61 -18.22 -68.63
C HIS F 330 -1.73 -18.37 -70.13
N THR F 331 -2.53 -17.50 -70.74
CA THR F 331 -2.73 -17.52 -72.18
C THR F 331 -1.56 -16.85 -72.89
N VAL F 332 -1.55 -16.96 -74.22
CA VAL F 332 -0.45 -16.39 -75.00
C VAL F 332 -0.79 -14.95 -75.41
N GLN F 333 -2.03 -14.71 -75.82
CA GLN F 333 -2.42 -13.38 -76.26
C GLN F 333 -2.28 -12.36 -75.13
N ALA F 334 -2.86 -12.66 -73.96
CA ALA F 334 -2.78 -11.75 -72.83
C ALA F 334 -1.35 -11.61 -72.34
N ALA F 335 -0.58 -12.70 -72.38
CA ALA F 335 0.83 -12.62 -71.95
C ALA F 335 1.62 -11.68 -72.85
N TYR F 336 1.46 -11.81 -74.17
CA TYR F 336 2.16 -10.92 -75.09
C TYR F 336 1.70 -9.47 -74.92
N GLU F 337 0.40 -9.26 -74.73
CA GLU F 337 -0.11 -7.91 -74.52
C GLU F 337 0.50 -7.29 -73.27
N ALA F 338 0.54 -8.05 -72.17
CA ALA F 338 1.10 -7.54 -70.93
C ALA F 338 2.59 -7.28 -71.06
N GLN F 339 3.31 -8.17 -71.75
CA GLN F 339 4.74 -7.97 -71.95
C GLN F 339 5.01 -6.71 -72.76
N ARG F 340 4.22 -6.48 -73.81
CA ARG F 340 4.38 -5.27 -74.61
C ARG F 340 4.07 -4.02 -73.81
N GLU F 341 2.97 -4.06 -73.04
CA GLU F 341 2.51 -2.85 -72.36
C GLU F 341 3.38 -2.49 -71.16
N PHE F 342 3.80 -3.48 -70.36
CA PHE F 342 4.49 -3.22 -69.11
C PHE F 342 5.86 -3.87 -69.00
N GLY F 343 6.18 -4.87 -69.83
CA GLY F 343 7.47 -5.51 -69.75
C GLY F 343 7.65 -6.45 -68.58
N LEU F 344 6.58 -7.13 -68.15
CA LEU F 344 6.66 -8.05 -67.03
C LEU F 344 6.97 -9.46 -67.51
N ASP F 345 6.89 -10.42 -66.59
CA ASP F 345 7.12 -11.83 -66.92
C ASP F 345 6.08 -12.63 -66.16
N LEU F 346 5.00 -13.01 -66.86
CA LEU F 346 3.90 -13.72 -66.22
C LEU F 346 4.32 -15.10 -65.76
N GLY F 347 5.12 -15.80 -66.56
CA GLY F 347 5.51 -17.16 -66.22
C GLY F 347 6.29 -17.24 -64.92
N SER F 348 7.29 -16.38 -64.77
CA SER F 348 8.10 -16.39 -63.55
C SER F 348 7.26 -16.02 -62.33
N LEU F 349 6.39 -15.00 -62.47
CA LEU F 349 5.55 -14.59 -61.36
C LEU F 349 4.62 -15.72 -60.94
N GLN F 350 4.01 -16.40 -61.91
CA GLN F 350 3.11 -17.51 -61.60
C GLN F 350 3.87 -18.65 -60.93
N PHE F 351 5.07 -18.98 -61.43
CA PHE F 351 5.85 -20.06 -60.84
C PHE F 351 6.22 -19.74 -59.39
N ARG F 352 6.66 -18.50 -59.14
CA ARG F 352 7.02 -18.10 -57.79
C ARG F 352 5.81 -18.11 -56.86
N THR F 353 4.66 -17.64 -57.34
CA THR F 353 3.45 -17.66 -56.51
C THR F 353 3.04 -19.08 -56.17
N LEU F 354 3.13 -19.99 -57.15
CA LEU F 354 2.84 -21.40 -56.87
C LEU F 354 3.77 -21.94 -55.80
N LYS F 355 5.07 -21.70 -55.95
CA LYS F 355 6.04 -22.24 -55.00
C LYS F 355 5.82 -21.70 -53.60
N GLU F 356 5.48 -20.41 -53.49
CA GLU F 356 5.24 -19.82 -52.18
C GLU F 356 3.95 -20.37 -51.56
N TYR F 357 2.86 -20.38 -52.33
CA TYR F 357 1.58 -20.80 -51.78
C TYR F 357 1.58 -22.27 -51.39
N LEU F 358 2.37 -23.10 -52.07
CA LEU F 358 2.42 -24.51 -51.70
C LEU F 358 2.88 -24.69 -50.26
N SER F 359 3.91 -23.93 -49.84
CA SER F 359 4.36 -24.00 -48.46
C SER F 359 3.40 -23.26 -47.53
N HIS F 360 2.84 -22.14 -48.00
CA HIS F 360 1.99 -21.34 -47.13
C HIS F 360 0.73 -22.11 -46.70
N GLU F 361 0.12 -22.82 -47.64
CA GLU F 361 -1.09 -23.58 -47.29
C GLU F 361 -0.80 -24.66 -46.27
N GLN F 362 0.32 -25.38 -46.43
CA GLN F 362 0.67 -26.42 -45.46
C GLN F 362 0.96 -25.82 -44.09
N ASP F 363 1.61 -24.64 -44.07
CA ASP F 363 1.86 -23.96 -42.81
C ASP F 363 0.55 -23.60 -42.12
N MET F 364 -0.43 -23.12 -42.88
CA MET F 364 -1.75 -22.85 -42.30
C MET F 364 -2.42 -24.14 -41.83
N LEU F 365 -2.30 -25.22 -42.60
CA LEU F 365 -3.00 -26.46 -42.30
C LEU F 365 -2.51 -27.07 -41.00
N ARG F 366 -1.19 -27.00 -40.74
CA ARG F 366 -0.65 -27.51 -39.48
C ARG F 366 -1.35 -26.86 -38.29
N LEU F 367 -1.41 -25.52 -38.29
CA LEU F 367 -2.05 -24.80 -37.21
C LEU F 367 -3.53 -25.16 -37.14
N ARG F 368 -4.18 -25.27 -38.29
CA ARG F 368 -5.60 -25.59 -38.30
C ARG F 368 -5.89 -26.93 -37.63
N ILE F 369 -5.16 -27.98 -38.00
CA ILE F 369 -5.42 -29.29 -37.41
C ILE F 369 -5.05 -29.29 -35.94
N MET F 370 -3.95 -28.59 -35.59
CA MET F 370 -3.52 -28.54 -34.21
C MET F 370 -4.59 -27.90 -33.32
N ILE F 371 -5.19 -26.80 -33.78
CA ILE F 371 -6.19 -26.14 -32.95
C ILE F 371 -7.52 -26.90 -32.98
N TRP F 372 -7.79 -27.62 -34.07
CA TRP F 372 -9.04 -28.37 -34.15
C TRP F 372 -9.03 -29.60 -33.25
N ARG F 373 -7.88 -30.26 -33.12
CA ARG F 373 -7.85 -31.55 -32.44
C ARG F 373 -7.71 -31.43 -30.92
N THR F 374 -7.46 -30.24 -30.40
CA THR F 374 -7.24 -30.10 -28.96
C THR F 374 -8.48 -30.44 -28.17
N LEU F 375 -8.28 -31.00 -26.96
CA LEU F 375 -9.38 -31.42 -26.11
C LEU F 375 -9.19 -31.08 -24.64
N ALA F 376 -8.13 -30.38 -24.25
CA ALA F 376 -7.87 -30.03 -22.87
C ALA F 376 -8.10 -28.54 -22.66
N THR F 377 -8.79 -28.20 -21.57
CA THR F 377 -9.20 -26.83 -21.32
C THR F 377 -8.75 -26.39 -19.92
N ASP F 378 -8.55 -25.09 -19.77
CA ASP F 378 -8.20 -24.50 -18.48
C ASP F 378 -8.59 -23.03 -18.51
N THR F 379 -8.78 -22.45 -17.32
CA THR F 379 -9.22 -21.08 -17.18
C THR F 379 -8.32 -20.34 -16.19
N PHE F 380 -8.27 -19.02 -16.35
CA PHE F 380 -7.51 -18.17 -15.44
C PHE F 380 -7.99 -16.73 -15.57
N ASP F 381 -7.96 -16.02 -14.45
CA ASP F 381 -8.30 -14.60 -14.41
C ASP F 381 -7.00 -13.81 -14.35
N ILE F 382 -6.78 -12.95 -15.35
CA ILE F 382 -5.50 -12.27 -15.54
C ILE F 382 -5.54 -10.82 -15.09
N ALA F 383 -6.70 -10.29 -14.70
CA ALA F 383 -6.80 -8.90 -14.32
C ALA F 383 -5.96 -8.61 -13.08
N LEU F 384 -5.28 -7.45 -13.09
CA LEU F 384 -4.36 -7.07 -12.04
C LEU F 384 -5.11 -6.37 -10.90
N PRO F 385 -4.89 -6.80 -9.66
CA PRO F 385 -5.55 -6.14 -8.52
C PRO F 385 -5.16 -4.68 -8.40
N VAL F 386 -6.07 -3.89 -7.85
CA VAL F 386 -5.92 -2.43 -7.83
C VAL F 386 -4.76 -1.96 -6.96
N ASN F 387 -4.10 -2.85 -6.23
CA ASN F 387 -3.01 -2.45 -5.35
C ASN F 387 -1.72 -3.24 -5.54
N GLN F 388 -1.76 -4.40 -6.18
CA GLN F 388 -0.56 -5.21 -6.31
C GLN F 388 0.39 -4.64 -7.36
N SER F 389 1.68 -4.93 -7.18
CA SER F 389 2.69 -4.59 -8.15
C SER F 389 2.76 -5.65 -9.24
N PHE F 390 3.67 -5.45 -10.19
CA PHE F 390 3.74 -6.36 -11.33
C PHE F 390 4.54 -7.62 -11.03
N ASP F 391 5.51 -7.54 -10.11
CA ASP F 391 6.35 -8.70 -9.83
C ASP F 391 5.57 -9.82 -9.16
N VAL F 392 4.69 -9.49 -8.22
CA VAL F 392 3.88 -10.52 -7.55
C VAL F 392 2.97 -11.20 -8.55
N TRP F 393 2.31 -10.41 -9.39
CA TRP F 393 1.42 -10.98 -10.39
C TRP F 393 2.19 -11.84 -11.39
N ALA F 394 3.40 -11.41 -11.76
CA ALA F 394 4.23 -12.20 -12.66
C ALA F 394 4.61 -13.52 -12.02
N THR F 395 4.95 -13.52 -10.74
CA THR F 395 5.26 -14.77 -10.05
C THR F 395 4.05 -15.69 -10.02
N ILE F 396 2.85 -15.14 -9.76
CA ILE F 396 1.65 -15.96 -9.73
C ILE F 396 1.38 -16.57 -11.10
N ILE F 397 1.53 -15.77 -12.16
CA ILE F 397 1.32 -16.27 -13.52
C ILE F 397 2.33 -17.36 -13.86
N ARG F 398 3.59 -17.15 -13.47
CA ARG F 398 4.61 -18.17 -13.71
C ARG F 398 4.26 -19.46 -12.99
N GLY F 399 3.80 -19.37 -11.75
CA GLY F 399 3.39 -20.56 -11.04
C GLY F 399 2.23 -21.28 -11.71
N LYS F 400 1.24 -20.51 -12.17
CA LYS F 400 0.08 -21.12 -12.82
C LYS F 400 0.50 -21.86 -14.10
N PHE F 401 1.34 -21.22 -14.91
CA PHE F 401 1.80 -21.87 -16.13
C PHE F 401 2.69 -23.07 -15.84
N GLN F 402 3.47 -23.01 -14.76
CA GLN F 402 4.26 -24.16 -14.35
C GLN F 402 3.36 -25.34 -13.97
N THR F 403 2.27 -25.06 -13.25
CA THR F 403 1.31 -26.12 -12.95
C THR F 403 0.69 -26.68 -14.21
N VAL F 404 0.36 -25.83 -15.18
CA VAL F 404 -0.23 -26.30 -16.42
C VAL F 404 0.73 -27.25 -17.14
N TYR F 405 2.00 -26.86 -17.25
CA TYR F 405 2.97 -27.69 -17.93
C TYR F 405 3.27 -28.97 -17.15
N ARG F 406 3.26 -28.89 -15.82
CA ARG F 406 3.41 -30.09 -15.00
C ARG F 406 2.27 -31.06 -15.24
N ASP F 407 1.04 -30.55 -15.32
CA ASP F 407 -0.10 -31.40 -15.61
C ASP F 407 0.05 -32.07 -16.97
N ILE F 408 0.50 -31.30 -17.97
CA ILE F 408 0.71 -31.87 -19.31
C ILE F 408 1.74 -32.99 -19.25
N ILE F 409 2.86 -32.73 -18.57
CA ILE F 409 3.93 -33.73 -18.49
C ILE F 409 3.44 -34.99 -17.78
N GLU F 410 2.72 -34.82 -16.67
CA GLU F 410 2.21 -35.97 -15.92
C GLU F 410 1.22 -36.77 -16.75
N ARG F 411 0.37 -36.09 -17.53
CA ARG F 411 -0.55 -36.79 -18.41
C ARG F 411 0.20 -37.58 -19.47
N VAL F 412 1.25 -36.99 -20.03
CA VAL F 412 1.97 -37.63 -21.13
C VAL F 412 2.98 -38.65 -20.61
N LYS F 413 3.62 -38.35 -19.47
CA LYS F 413 4.64 -39.21 -18.88
C LYS F 413 5.88 -39.31 -19.77
N SER F 414 6.35 -38.18 -20.29
CA SER F 414 7.62 -38.11 -21.00
C SER F 414 8.13 -36.69 -20.96
N SER F 415 9.41 -36.52 -21.27
CA SER F 415 10.05 -35.23 -21.23
C SER F 415 10.04 -34.58 -22.62
N GLY F 416 10.52 -33.35 -22.69
CA GLY F 416 10.60 -32.65 -23.96
C GLY F 416 10.64 -31.16 -23.75
N ALA F 417 10.71 -30.45 -24.89
CA ALA F 417 10.73 -29.00 -24.89
C ALA F 417 9.31 -28.46 -24.74
N MET F 418 9.21 -27.16 -24.52
CA MET F 418 7.93 -26.50 -24.31
C MET F 418 7.76 -25.35 -25.30
N GLY F 419 6.50 -25.08 -25.63
CA GLY F 419 6.17 -23.98 -26.52
C GLY F 419 4.80 -23.45 -26.16
N MET F 420 4.40 -22.39 -26.86
CA MET F 420 3.14 -21.73 -26.53
C MET F 420 2.66 -20.93 -27.73
N PHE F 421 1.36 -21.02 -28.00
CA PHE F 421 0.69 -20.23 -29.02
C PHE F 421 -0.28 -19.27 -28.31
N ALA F 422 -0.14 -17.98 -28.57
CA ALA F 422 -0.88 -16.96 -27.86
C ALA F 422 -1.56 -16.02 -28.83
N GLY F 423 -2.70 -15.45 -28.39
CA GLY F 423 -3.38 -14.45 -29.18
C GLY F 423 -2.71 -13.10 -29.11
N ALA F 424 -3.30 -12.12 -29.82
CA ALA F 424 -2.71 -10.79 -29.87
C ALA F 424 -2.71 -10.12 -28.51
N ASP F 425 -3.84 -10.15 -27.80
CA ASP F 425 -3.92 -9.49 -26.51
C ASP F 425 -3.14 -10.25 -25.44
N ALA F 426 -3.11 -11.58 -25.54
CA ALA F 426 -2.27 -12.36 -24.63
C ALA F 426 -0.79 -12.02 -24.82
N ALA F 427 -0.34 -11.88 -26.07
CA ALA F 427 1.03 -11.45 -26.33
C ALA F 427 1.26 -10.04 -25.82
N SER F 428 0.26 -9.16 -25.96
CA SER F 428 0.39 -7.79 -25.45
C SER F 428 0.59 -7.79 -23.94
N PHE F 429 -0.18 -8.62 -23.22
CA PHE F 429 0.04 -8.75 -21.79
C PHE F 429 1.42 -9.31 -21.47
N PHE F 430 1.84 -10.35 -22.21
CA PHE F 430 3.13 -10.96 -21.93
C PHE F 430 4.28 -9.99 -22.19
N LYS F 431 4.07 -9.01 -23.08
CA LYS F 431 5.11 -8.02 -23.35
C LYS F 431 5.26 -7.04 -22.19
N GLN F 432 4.26 -6.96 -21.30
CA GLN F 432 4.30 -6.01 -20.21
C GLN F 432 5.11 -6.49 -19.01
N LEU F 433 5.47 -7.76 -18.96
CA LEU F 433 6.18 -8.30 -17.82
C LEU F 433 7.59 -7.72 -17.75
N PRO F 434 8.19 -7.68 -16.55
CA PRO F 434 9.56 -7.13 -16.42
C PRO F 434 10.60 -7.92 -17.18
N LYS F 435 11.85 -7.44 -17.15
CA LYS F 435 12.88 -7.95 -18.06
C LYS F 435 13.25 -9.40 -17.73
N ASP F 436 13.27 -9.77 -16.45
CA ASP F 436 13.72 -11.11 -16.09
C ASP F 436 12.65 -12.16 -16.37
N PHE F 437 11.36 -11.82 -16.19
CA PHE F 437 10.31 -12.80 -16.43
C PHE F 437 10.15 -13.11 -17.92
N PHE F 438 10.17 -12.08 -18.77
CA PHE F 438 9.98 -12.25 -20.20
C PHE F 438 11.17 -11.66 -20.95
N GLN F 439 11.66 -12.39 -21.94
CA GLN F 439 12.83 -11.98 -22.71
C GLN F 439 12.42 -11.62 -24.12
N PRO F 440 12.36 -10.33 -24.47
CA PRO F 440 11.96 -9.96 -25.83
C PRO F 440 12.96 -10.45 -26.87
N ALA F 441 12.44 -10.75 -28.06
CA ALA F 441 13.29 -11.21 -29.14
C ALA F 441 14.24 -10.10 -29.60
N GLU F 442 15.45 -10.49 -29.99
CA GLU F 442 16.44 -9.53 -30.44
C GLU F 442 16.02 -8.93 -31.78
N ASP F 443 16.13 -7.62 -31.89
CA ASP F 443 15.76 -6.87 -33.10
C ASP F 443 14.33 -7.20 -33.53
N TYR F 444 13.44 -7.21 -32.54
CA TYR F 444 12.03 -7.51 -32.80
C TYR F 444 11.39 -6.39 -33.60
N ILE F 445 10.80 -6.75 -34.73
CA ILE F 445 10.02 -5.83 -35.55
C ILE F 445 8.64 -6.43 -35.77
N GLN F 446 7.60 -5.65 -35.50
CA GLN F 446 6.24 -6.16 -35.62
C GLN F 446 5.89 -6.38 -37.09
N THR F 447 5.36 -7.56 -37.38
CA THR F 447 4.86 -7.89 -38.71
C THR F 447 3.50 -8.56 -38.59
N PRO F 448 2.63 -8.36 -39.58
CA PRO F 448 1.31 -9.02 -39.53
C PRO F 448 1.35 -10.51 -39.81
N TYR F 449 2.53 -11.12 -39.90
CA TYR F 449 2.64 -12.56 -40.03
C TYR F 449 2.43 -13.23 -38.67
N VAL F 450 2.50 -14.56 -38.67
CA VAL F 450 2.61 -15.34 -37.43
C VAL F 450 4.10 -15.53 -37.16
N HIS F 451 4.62 -14.84 -36.16
CA HIS F 451 6.06 -14.77 -35.94
C HIS F 451 6.38 -15.13 -34.50
N TYR F 452 7.67 -15.13 -34.20
CA TYR F 452 8.19 -15.43 -32.87
C TYR F 452 8.61 -14.14 -32.20
N ILE F 453 8.15 -13.93 -30.97
CA ILE F 453 8.33 -12.65 -30.29
C ILE F 453 9.25 -12.72 -29.08
N GLY F 454 9.57 -13.90 -28.59
CA GLY F 454 10.48 -14.03 -27.47
C GLY F 454 10.14 -15.23 -26.63
N THR F 455 10.92 -15.41 -25.56
CA THR F 455 10.73 -16.49 -24.62
C THR F 455 10.52 -15.93 -23.22
N LEU F 456 9.65 -16.59 -22.47
CA LEU F 456 9.34 -16.19 -21.10
C LEU F 456 9.67 -17.33 -20.15
N PHE F 457 10.13 -16.97 -18.95
CA PHE F 457 10.63 -17.87 -17.93
C PHE F 457 11.89 -18.61 -18.35
N GLY F 458 12.47 -18.26 -19.50
CA GLY F 458 13.70 -18.87 -19.97
C GLY F 458 13.56 -20.23 -20.61
N ASN F 459 12.38 -20.83 -20.59
CA ASN F 459 12.16 -22.15 -21.17
C ASN F 459 11.15 -22.13 -22.30
N VAL F 460 9.98 -21.53 -22.10
CA VAL F 460 8.91 -21.58 -23.08
C VAL F 460 9.11 -20.50 -24.11
N LYS F 461 9.06 -20.90 -25.38
CA LYS F 461 9.08 -19.96 -26.51
C LYS F 461 7.65 -19.70 -26.95
N VAL F 462 7.30 -18.43 -27.11
CA VAL F 462 5.93 -18.01 -27.38
C VAL F 462 5.84 -17.45 -28.79
N TYR F 463 4.72 -17.71 -29.45
CA TYR F 463 4.43 -17.19 -30.78
C TYR F 463 3.14 -16.39 -30.76
N GLU F 464 3.03 -15.43 -31.68
CA GLU F 464 1.90 -14.51 -31.73
C GLU F 464 1.08 -14.77 -32.99
N VAL F 465 -0.24 -14.77 -32.82
CA VAL F 465 -1.20 -14.92 -33.90
C VAL F 465 -1.94 -13.60 -34.06
N PRO F 466 -1.91 -12.96 -35.22
CA PRO F 466 -2.59 -11.67 -35.38
C PRO F 466 -4.09 -11.79 -35.24
N ALA F 467 -4.71 -10.66 -34.89
CA ALA F 467 -6.15 -10.64 -34.65
C ALA F 467 -6.91 -10.97 -35.93
N GLY F 468 -6.41 -10.53 -37.08
CA GLY F 468 -7.07 -10.85 -38.34
C GLY F 468 -7.12 -12.35 -38.61
N ILE F 469 -6.02 -13.05 -38.32
CA ILE F 469 -5.99 -14.49 -38.52
C ILE F 469 -6.94 -15.18 -37.54
N CYS F 470 -7.02 -14.67 -36.31
CA CYS F 470 -7.96 -15.21 -35.34
C CYS F 470 -9.40 -15.05 -35.82
N LYS F 471 -9.73 -13.87 -36.36
CA LYS F 471 -11.08 -13.65 -36.87
C LYS F 471 -11.37 -14.56 -38.06
N ASN F 472 -10.38 -14.73 -38.95
CA ASN F 472 -10.58 -15.61 -40.10
C ASN F 472 -10.79 -17.05 -39.65
N LEU F 473 -10.03 -17.50 -38.64
CA LEU F 473 -10.22 -18.85 -38.12
C LEU F 473 -11.59 -19.02 -37.50
N THR F 474 -12.04 -18.03 -36.73
CA THR F 474 -13.37 -18.10 -36.14
C THR F 474 -14.46 -18.07 -37.21
N THR F 475 -14.18 -17.45 -38.36
CA THR F 475 -15.16 -17.41 -39.43
C THR F 475 -15.40 -18.80 -40.02
N GLU F 476 -14.37 -19.65 -40.04
CA GLU F 476 -14.45 -20.96 -40.65
C GLU F 476 -14.76 -22.07 -39.65
N ASN F 477 -15.52 -21.77 -38.60
CA ASN F 477 -16.00 -22.74 -37.61
C ASN F 477 -14.87 -23.33 -36.77
N ILE F 478 -13.72 -22.67 -36.69
CA ILE F 478 -12.67 -23.04 -35.75
C ILE F 478 -12.65 -21.97 -34.67
N GLN F 479 -13.06 -22.34 -33.46
CA GLN F 479 -13.17 -21.38 -32.37
C GLN F 479 -11.79 -21.05 -31.82
N PHE F 480 -11.38 -19.80 -31.96
CA PHE F 480 -10.09 -19.34 -31.41
C PHE F 480 -10.23 -17.85 -31.13
N SER F 481 -10.51 -17.51 -29.87
CA SER F 481 -10.64 -16.12 -29.48
C SER F 481 -9.27 -15.45 -29.44
N SER F 482 -9.27 -14.12 -29.53
CA SER F 482 -8.02 -13.37 -29.40
C SER F 482 -7.47 -13.42 -27.98
N MET F 483 -8.29 -13.84 -27.01
CA MET F 483 -7.81 -14.05 -25.64
C MET F 483 -7.31 -15.47 -25.42
N ASP F 484 -7.45 -16.35 -26.41
CA ASP F 484 -7.14 -17.76 -26.24
C ASP F 484 -5.64 -17.99 -26.27
N VAL F 485 -5.20 -18.99 -25.52
CA VAL F 485 -3.79 -19.36 -25.43
C VAL F 485 -3.69 -20.88 -25.59
N LEU F 486 -2.74 -21.31 -26.43
CA LEU F 486 -2.52 -22.72 -26.70
C LEU F 486 -1.10 -23.09 -26.27
N CYS F 487 -0.98 -24.19 -25.52
CA CYS F 487 0.30 -24.68 -25.04
C CYS F 487 0.55 -26.09 -25.57
N TYR F 488 1.82 -26.43 -25.72
CA TYR F 488 2.20 -27.73 -26.28
C TYR F 488 3.57 -28.13 -25.78
N VAL F 489 3.88 -29.41 -25.93
CA VAL F 489 5.18 -29.97 -25.57
C VAL F 489 5.65 -30.81 -26.76
N ARG F 490 6.85 -30.52 -27.25
CA ARG F 490 7.43 -31.25 -28.37
C ARG F 490 8.26 -32.41 -27.85
N ASP F 491 8.00 -33.61 -28.38
CA ASP F 491 8.69 -34.80 -27.93
C ASP F 491 9.99 -35.01 -28.71
N GLU F 492 10.94 -35.68 -28.06
CA GLU F 492 12.24 -35.96 -28.65
C GLU F 492 12.60 -37.44 -28.64
N ASN F 493 11.95 -38.26 -27.83
CA ASN F 493 12.25 -39.69 -27.81
C ASN F 493 11.85 -40.33 -29.14
N PRO F 494 12.52 -41.42 -29.54
CA PRO F 494 12.23 -42.02 -30.85
C PRO F 494 10.80 -42.52 -30.99
N GLY F 495 10.34 -43.35 -30.05
CA GLY F 495 9.05 -44.00 -30.20
C GLY F 495 7.84 -43.12 -29.92
N LYS F 496 8.03 -42.01 -29.21
CA LYS F 496 6.92 -41.16 -28.79
C LYS F 496 7.01 -39.80 -29.48
N ALA F 497 5.87 -39.32 -29.95
CA ALA F 497 5.78 -38.01 -30.58
C ALA F 497 4.38 -37.45 -30.35
N GLY F 498 4.27 -36.13 -30.43
CA GLY F 498 2.99 -35.47 -30.25
C GLY F 498 2.30 -35.10 -31.55
N PHE F 499 3.03 -34.42 -32.43
CA PHE F 499 2.54 -34.05 -33.75
C PHE F 499 3.57 -34.47 -34.78
N VAL F 500 3.12 -35.11 -35.85
CA VAL F 500 3.99 -35.76 -36.82
C VAL F 500 3.95 -35.00 -38.13
N THR F 501 5.12 -34.63 -38.64
CA THR F 501 5.26 -34.02 -39.94
C THR F 501 6.42 -34.67 -40.68
N GLY F 502 6.36 -34.66 -42.01
CA GLY F 502 7.41 -35.21 -42.83
C GLY F 502 7.10 -35.11 -44.30
N ASP F 503 8.12 -35.32 -45.14
CA ASP F 503 7.98 -35.23 -46.59
C ASP F 503 8.24 -36.62 -47.16
N ALA F 504 7.21 -37.23 -47.74
CA ALA F 504 7.38 -38.52 -48.40
C ALA F 504 7.98 -38.34 -49.79
N VAL F 505 7.28 -37.62 -50.65
CA VAL F 505 7.79 -37.31 -51.99
C VAL F 505 7.76 -35.79 -52.18
N PRO F 506 8.91 -35.16 -52.38
CA PRO F 506 8.92 -33.70 -52.54
C PRO F 506 8.20 -33.27 -53.80
N ALA F 507 7.83 -32.00 -53.85
CA ALA F 507 7.10 -31.47 -55.00
C ALA F 507 7.96 -31.54 -56.26
N ILE F 508 7.38 -32.12 -57.31
CA ILE F 508 8.04 -32.26 -58.62
C ILE F 508 7.33 -31.33 -59.58
N PRO F 509 8.03 -30.40 -60.22
CA PRO F 509 7.38 -29.50 -61.18
C PRO F 509 7.24 -30.11 -62.56
N PHE F 510 6.10 -29.86 -63.19
CA PHE F 510 5.81 -30.30 -64.54
C PHE F 510 5.49 -29.10 -65.41
N GLN F 511 5.93 -29.14 -66.66
CA GLN F 511 5.69 -28.08 -67.62
C GLN F 511 5.13 -28.67 -68.90
N HIS F 512 3.80 -28.70 -69.01
CA HIS F 512 3.22 -29.15 -70.26
C HIS F 512 3.53 -28.16 -71.37
N PRO F 513 3.94 -28.61 -72.55
CA PRO F 513 4.34 -27.69 -73.61
C PRO F 513 3.13 -26.99 -74.22
N THR F 514 3.42 -26.16 -75.22
CA THR F 514 2.37 -25.36 -75.86
C THR F 514 1.43 -26.25 -76.68
N THR F 515 0.14 -26.19 -76.36
CA THR F 515 -0.86 -26.91 -77.10
C THR F 515 -1.16 -26.22 -78.43
N PRO F 516 -1.76 -26.95 -79.38
CA PRO F 516 -2.20 -26.30 -80.61
C PRO F 516 -3.02 -25.04 -80.38
N ALA F 517 -3.85 -25.00 -79.34
CA ALA F 517 -4.66 -23.82 -79.03
C ALA F 517 -3.86 -22.72 -78.36
N LEU F 518 -2.53 -22.82 -78.34
CA LEU F 518 -1.65 -21.83 -77.72
C LEU F 518 -1.97 -21.67 -76.23
N VAL F 519 -1.81 -22.76 -75.48
CA VAL F 519 -2.08 -22.79 -74.06
C VAL F 519 -0.83 -23.27 -73.32
N ASN F 520 -0.49 -22.58 -72.23
CA ASN F 520 0.62 -22.94 -71.37
C ASN F 520 0.10 -23.31 -69.98
N ARG F 521 0.58 -24.44 -69.45
CA ARG F 521 0.13 -24.89 -68.15
C ARG F 521 1.25 -25.65 -67.45
N THR F 522 1.53 -25.28 -66.20
CA THR F 522 2.52 -25.95 -65.38
C THR F 522 1.88 -26.40 -64.09
N THR F 523 2.19 -27.64 -63.67
CA THR F 523 1.55 -28.26 -62.52
C THR F 523 2.61 -28.70 -61.52
N LEU F 524 2.25 -28.64 -60.24
CA LEU F 524 3.08 -29.13 -59.15
C LEU F 524 2.33 -30.23 -58.41
N TRP F 525 3.02 -31.32 -58.12
CA TRP F 525 2.42 -32.45 -57.42
C TRP F 525 3.43 -33.03 -56.44
N GLY F 526 2.92 -33.59 -55.34
CA GLY F 526 3.78 -34.21 -54.35
C GLY F 526 2.94 -34.83 -53.25
N SER F 527 3.64 -35.50 -52.34
CA SER F 527 2.99 -36.16 -51.21
C SER F 527 3.79 -35.88 -49.94
N ALA F 528 3.10 -35.89 -48.80
CA ALA F 528 3.73 -35.64 -47.52
C ALA F 528 2.77 -36.12 -46.43
N ILE F 529 3.26 -36.10 -45.19
CA ILE F 529 2.48 -36.48 -44.02
C ILE F 529 2.34 -35.27 -43.11
N ASN F 530 1.11 -34.94 -42.76
CA ASN F 530 0.82 -33.86 -41.82
C ASN F 530 -0.43 -34.28 -41.05
N ASP F 531 -0.21 -34.93 -39.90
CA ASP F 531 -1.30 -35.45 -39.10
C ASP F 531 -0.79 -35.67 -37.68
N MET F 532 -1.73 -35.77 -36.75
CA MET F 532 -1.41 -35.91 -35.35
C MET F 532 -1.17 -37.38 -35.01
N HIS F 533 -0.27 -37.63 -34.06
CA HIS F 533 0.19 -38.99 -33.82
C HIS F 533 -0.96 -39.85 -33.31
N PRO F 534 -1.12 -41.08 -33.84
CA PRO F 534 -2.26 -41.91 -33.42
C PRO F 534 -2.23 -42.31 -31.96
N ARG F 535 -1.04 -42.52 -31.39
CA ARG F 535 -0.91 -42.90 -29.99
C ARG F 535 -0.95 -41.64 -29.14
N ASN F 536 -2.01 -41.50 -28.34
CA ASN F 536 -2.23 -40.43 -27.36
C ASN F 536 -1.71 -39.07 -27.83
N GLY F 537 -1.91 -38.74 -29.10
CA GLY F 537 -1.43 -37.47 -29.61
C GLY F 537 -2.16 -36.28 -28.98
N ALA F 538 -3.47 -36.39 -28.82
CA ALA F 538 -4.27 -35.28 -28.31
C ALA F 538 -3.88 -34.89 -26.88
N ASP F 539 -3.23 -35.79 -26.14
CA ASP F 539 -2.81 -35.48 -24.78
C ASP F 539 -1.65 -34.50 -24.72
N TYR F 540 -0.94 -34.29 -25.82
CA TYR F 540 0.23 -33.42 -25.81
C TYR F 540 -0.14 -31.94 -25.85
N PHE F 541 -1.37 -31.60 -26.19
CA PHE F 541 -1.79 -30.22 -26.34
C PHE F 541 -2.88 -29.85 -25.35
N THR F 542 -2.96 -28.57 -25.03
CA THR F 542 -3.98 -28.04 -24.14
C THR F 542 -4.28 -26.60 -24.51
N ARG F 543 -5.47 -26.14 -24.14
CA ARG F 543 -5.90 -24.77 -24.37
C ARG F 543 -6.20 -24.10 -23.05
N VAL F 544 -5.67 -22.89 -22.88
CA VAL F 544 -5.91 -22.08 -21.69
C VAL F 544 -6.67 -20.83 -22.13
N THR F 545 -7.82 -20.59 -21.50
CA THR F 545 -8.65 -19.44 -21.81
C THR F 545 -8.56 -18.41 -20.69
N LEU F 546 -8.06 -17.23 -21.02
CA LEU F 546 -7.92 -16.15 -20.07
C LEU F 546 -9.24 -15.40 -19.93
N THR F 547 -9.58 -15.06 -18.69
CA THR F 547 -10.81 -14.37 -18.39
C THR F 547 -10.49 -13.12 -17.57
N MET F 548 -11.38 -12.14 -17.65
CA MET F 548 -11.24 -10.88 -16.92
C MET F 548 -12.57 -10.59 -16.24
N ALA F 549 -12.74 -11.15 -15.04
CA ALA F 549 -13.99 -11.02 -14.31
C ALA F 549 -13.82 -10.81 -12.81
N LYS F 550 -12.60 -10.66 -12.31
CA LYS F 550 -12.39 -10.54 -10.88
C LYS F 550 -12.94 -9.22 -10.37
N LYS F 551 -13.35 -9.20 -9.10
CA LYS F 551 -13.77 -7.96 -8.45
C LYS F 551 -12.55 -7.21 -7.95
N GLY F 552 -12.57 -5.89 -8.09
CA GLY F 552 -11.45 -5.08 -7.66
C GLY F 552 -10.18 -5.29 -8.45
N GLY F 553 -10.28 -5.34 -9.79
CA GLY F 553 -9.13 -5.46 -10.64
C GLY F 553 -9.00 -4.31 -11.61
N LEU F 554 -8.01 -4.41 -12.49
CA LEU F 554 -7.74 -3.41 -13.52
C LEU F 554 -8.02 -3.98 -14.90
N ASN F 555 -8.79 -3.25 -15.69
CA ASN F 555 -8.98 -3.57 -17.11
C ASN F 555 -7.92 -2.82 -17.89
N PHE F 556 -7.07 -3.55 -18.60
CA PHE F 556 -6.03 -2.90 -19.41
C PHE F 556 -6.52 -2.48 -20.78
N ILE F 557 -7.58 -3.11 -21.29
CA ILE F 557 -8.15 -2.67 -22.56
C ILE F 557 -8.86 -1.33 -22.40
N SER F 558 -9.63 -1.16 -21.32
CA SER F 558 -10.39 0.06 -21.09
C SER F 558 -9.70 1.05 -20.17
N GLY F 559 -8.81 0.58 -19.29
CA GLY F 559 -8.10 1.46 -18.38
C GLY F 559 -8.87 1.91 -17.17
N ASP F 560 -9.87 1.15 -16.74
CA ASP F 560 -10.67 1.51 -15.58
C ASP F 560 -10.81 0.27 -14.70
N THR F 561 -11.28 0.48 -13.46
CA THR F 561 -11.57 -0.64 -12.58
C THR F 561 -12.71 -1.47 -13.15
N ILE F 562 -12.54 -2.80 -13.11
CA ILE F 562 -13.47 -3.72 -13.76
C ILE F 562 -14.73 -3.80 -12.90
N ASP F 563 -15.75 -3.05 -13.32
CA ASP F 563 -17.03 -2.95 -12.63
C ASP F 563 -16.78 -2.67 -11.15
N ALA F 564 -16.25 -1.46 -10.88
CA ALA F 564 -15.94 -0.99 -9.53
C ALA F 564 -14.99 -1.94 -8.79
#